data_1R48
#
_entry.id   1R48
#
_entity_poly.entity_id   1
_entity_poly.type   'polypeptide(L)'
_entity_poly.pdbx_seq_one_letter_code
;CGGDNIEQKIDDIDHEIADLQAKRTRLVQQHPR
;
_entity_poly.pdbx_strand_id   A,B
#
# COMPACT_ATOMS: atom_id res chain seq x y z
N CYS A 1 -10.22 13.08 -21.94
CA CYS A 1 -11.20 12.02 -22.28
C CYS A 1 -11.16 10.88 -21.26
N GLY A 2 -12.12 9.97 -21.37
CA GLY A 2 -12.17 8.84 -20.46
C GLY A 2 -13.12 9.07 -19.30
N GLY A 3 -13.19 10.32 -18.84
CA GLY A 3 -14.07 10.66 -17.74
C GLY A 3 -13.53 10.16 -16.40
N ASP A 4 -13.70 8.87 -16.15
CA ASP A 4 -13.23 8.27 -14.89
C ASP A 4 -12.55 6.93 -15.13
N ASN A 5 -12.24 6.64 -16.39
CA ASN A 5 -11.58 5.39 -16.75
C ASN A 5 -10.34 5.19 -15.88
N ILE A 6 -9.76 6.31 -15.48
CA ILE A 6 -8.57 6.29 -14.63
C ILE A 6 -8.97 6.13 -13.17
N GLU A 7 -9.99 6.88 -12.76
CA GLU A 7 -10.50 6.82 -11.40
C GLU A 7 -10.86 5.40 -11.01
N GLN A 8 -11.25 4.60 -12.01
CA GLN A 8 -11.61 3.21 -11.78
C GLN A 8 -10.37 2.36 -11.58
N LYS A 9 -9.36 2.62 -12.40
CA LYS A 9 -8.09 1.89 -12.31
C LYS A 9 -7.43 2.11 -10.95
N ILE A 10 -7.51 3.34 -10.46
CA ILE A 10 -6.92 3.68 -9.17
C ILE A 10 -7.69 3.03 -8.03
N ASP A 11 -9.02 3.10 -8.10
CA ASP A 11 -9.86 2.51 -7.05
C ASP A 11 -9.41 1.08 -6.78
N ASP A 12 -8.95 0.42 -7.83
CA ASP A 12 -8.46 -0.95 -7.71
C ASP A 12 -7.19 -0.96 -6.89
N ILE A 13 -6.28 -0.05 -7.22
CA ILE A 13 -5.04 0.09 -6.50
C ILE A 13 -5.31 0.41 -5.04
N ASP A 14 -6.19 1.37 -4.80
CA ASP A 14 -6.55 1.77 -3.43
C ASP A 14 -6.86 0.56 -2.58
N HIS A 15 -7.42 -0.48 -3.20
CA HIS A 15 -7.75 -1.70 -2.48
C HIS A 15 -6.50 -2.51 -2.20
N GLU A 16 -5.51 -2.35 -3.07
CA GLU A 16 -4.26 -3.07 -2.92
C GLU A 16 -3.30 -2.33 -1.99
N ILE A 17 -3.36 -1.01 -2.03
CA ILE A 17 -2.51 -0.16 -1.19
C ILE A 17 -2.84 -0.37 0.28
N ALA A 18 -4.12 -0.63 0.56
CA ALA A 18 -4.58 -0.84 1.92
C ALA A 18 -4.27 -2.25 2.40
N ASP A 19 -4.40 -3.22 1.50
CA ASP A 19 -4.13 -4.61 1.84
C ASP A 19 -2.72 -4.77 2.42
N LEU A 20 -1.75 -4.12 1.79
CA LEU A 20 -0.38 -4.19 2.25
C LEU A 20 -0.20 -3.50 3.60
N GLN A 21 -0.68 -2.26 3.69
CA GLN A 21 -0.59 -1.49 4.92
C GLN A 21 -1.13 -2.28 6.12
N ALA A 22 -2.15 -3.09 5.86
CA ALA A 22 -2.77 -3.89 6.91
C ALA A 22 -1.84 -5.02 7.35
N LYS A 23 -1.07 -5.55 6.41
CA LYS A 23 -0.15 -6.64 6.69
C LYS A 23 1.01 -6.15 7.57
N ARG A 24 1.40 -4.91 7.39
CA ARG A 24 2.49 -4.33 8.18
C ARG A 24 2.07 -4.08 9.63
N THR A 25 0.90 -3.48 9.80
CA THR A 25 0.38 -3.19 11.13
C THR A 25 0.19 -4.45 11.95
N ARG A 26 -0.59 -5.38 11.40
CA ARG A 26 -0.86 -6.65 12.08
C ARG A 26 0.44 -7.28 12.54
N LEU A 27 1.44 -7.27 11.66
CA LEU A 27 2.74 -7.83 11.99
C LEU A 27 3.37 -7.06 13.15
N VAL A 28 3.15 -5.75 13.16
CA VAL A 28 3.69 -4.91 14.23
C VAL A 28 3.10 -5.32 15.57
N GLN A 29 1.79 -5.54 15.58
CA GLN A 29 1.10 -5.97 16.79
C GLN A 29 1.80 -7.19 17.37
N GLN A 30 2.34 -8.01 16.48
CA GLN A 30 3.07 -9.20 16.90
C GLN A 30 4.37 -8.82 17.59
N HIS A 31 4.96 -7.70 17.15
CA HIS A 31 6.21 -7.22 17.74
C HIS A 31 6.18 -5.70 17.92
N PRO A 32 5.42 -5.20 18.90
CA PRO A 32 5.31 -3.76 19.17
C PRO A 32 6.61 -3.17 19.72
N ARG A 33 7.39 -4.01 20.40
CA ARG A 33 8.65 -3.58 20.97
C ARG A 33 9.83 -4.29 20.32
N CYS B 1 11.64 -15.75 21.22
CA CYS B 1 12.12 -16.43 20.03
C CYS B 1 11.80 -15.62 18.78
N GLY B 2 11.85 -14.30 18.90
CA GLY B 2 11.57 -13.44 17.77
C GLY B 2 11.98 -12.00 18.02
N GLY B 3 13.27 -11.73 17.94
CA GLY B 3 13.77 -10.38 18.16
C GLY B 3 13.19 -9.39 17.17
N ASP B 4 13.63 -9.45 15.93
CA ASP B 4 13.15 -8.54 14.89
C ASP B 4 12.85 -9.29 13.59
N ASN B 5 12.80 -10.61 13.67
CA ASN B 5 12.50 -11.44 12.51
C ASN B 5 11.23 -10.95 11.83
N ILE B 6 10.35 -10.38 12.64
CA ILE B 6 9.09 -9.84 12.16
C ILE B 6 9.31 -8.46 11.56
N GLU B 7 10.06 -7.63 12.27
CA GLU B 7 10.36 -6.28 11.82
C GLU B 7 10.98 -6.30 10.43
N GLN B 8 11.66 -7.39 10.10
CA GLN B 8 12.29 -7.54 8.79
C GLN B 8 11.25 -7.86 7.73
N LYS B 9 10.35 -8.77 8.08
CA LYS B 9 9.28 -9.17 7.16
C LYS B 9 8.41 -7.98 6.80
N ILE B 10 8.13 -7.13 7.78
CA ILE B 10 7.29 -5.96 7.55
C ILE B 10 8.02 -4.93 6.68
N ASP B 11 9.30 -4.70 6.97
CA ASP B 11 10.08 -3.75 6.20
C ASP B 11 9.92 -4.02 4.71
N ASP B 12 9.77 -5.29 4.39
CA ASP B 12 9.57 -5.70 3.00
C ASP B 12 8.23 -5.19 2.53
N ILE B 13 7.21 -5.41 3.34
CA ILE B 13 5.87 -4.96 3.03
C ILE B 13 5.86 -3.44 2.87
N ASP B 14 6.50 -2.74 3.81
CA ASP B 14 6.57 -1.28 3.76
C ASP B 14 6.99 -0.80 2.38
N HIS B 15 7.83 -1.58 1.72
CA HIS B 15 8.32 -1.23 0.39
C HIS B 15 7.22 -1.47 -0.64
N GLU B 16 6.34 -2.42 -0.34
CA GLU B 16 5.24 -2.76 -1.24
C GLU B 16 4.04 -1.86 -1.00
N ILE B 17 3.84 -1.48 0.26
CA ILE B 17 2.72 -0.61 0.62
C ILE B 17 2.88 0.76 -0.02
N ALA B 18 4.12 1.19 -0.18
CA ALA B 18 4.41 2.49 -0.78
C ALA B 18 4.33 2.43 -2.31
N ASP B 19 4.80 1.33 -2.88
CA ASP B 19 4.79 1.15 -4.33
C ASP B 19 3.37 1.34 -4.88
N LEU B 20 2.39 0.77 -4.19
CA LEU B 20 1.00 0.88 -4.60
C LEU B 20 0.49 2.30 -4.45
N GLN B 21 0.67 2.87 -3.26
CA GLN B 21 0.23 4.23 -2.98
C GLN B 21 0.76 5.21 -4.03
N ALA B 22 1.96 4.93 -4.53
CA ALA B 22 2.58 5.80 -5.54
C ALA B 22 1.88 5.66 -6.89
N LYS B 23 1.38 4.46 -7.17
CA LYS B 23 0.68 4.20 -8.42
C LYS B 23 -0.66 4.91 -8.47
N ARG B 24 -1.30 5.04 -7.32
CA ARG B 24 -2.59 5.70 -7.23
C ARG B 24 -2.46 7.19 -7.46
N THR B 25 -1.46 7.80 -6.86
CA THR B 25 -1.23 9.24 -6.98
C THR B 25 -0.93 9.62 -8.42
N ARG B 26 0.08 8.97 -9.00
CA ARG B 26 0.48 9.25 -10.38
C ARG B 26 -0.74 9.20 -11.30
N LEU B 27 -1.60 8.21 -11.08
CA LEU B 27 -2.80 8.06 -11.87
C LEU B 27 -3.72 9.26 -11.65
N VAL B 28 -3.76 9.74 -10.41
CA VAL B 28 -4.59 10.90 -10.07
C VAL B 28 -4.11 12.12 -10.84
N GLN B 29 -2.79 12.30 -10.87
CA GLN B 29 -2.20 13.42 -11.59
C GLN B 29 -2.74 13.45 -13.02
N GLN B 30 -3.02 12.26 -13.55
CA GLN B 30 -3.55 12.13 -14.89
C GLN B 30 -5.00 12.63 -14.94
N HIS B 31 -5.71 12.45 -13.82
CA HIS B 31 -7.11 12.90 -13.74
C HIS B 31 -7.40 13.52 -12.37
N PRO B 32 -6.85 14.71 -12.10
CA PRO B 32 -7.05 15.41 -10.83
C PRO B 32 -8.48 15.91 -10.66
N ARG B 33 -9.14 16.18 -11.79
CA ARG B 33 -10.52 16.66 -11.78
C ARG B 33 -11.48 15.58 -12.24
N CYS A 1 -12.67 7.42 -24.72
CA CYS A 1 -11.84 7.13 -23.51
C CYS A 1 -11.12 8.38 -23.01
N GLY A 2 -11.74 9.05 -22.04
CA GLY A 2 -11.15 10.26 -21.49
C GLY A 2 -11.98 10.84 -20.36
N GLY A 3 -12.52 9.97 -19.52
CA GLY A 3 -13.34 10.43 -18.40
C GLY A 3 -12.79 9.97 -17.07
N ASP A 4 -13.58 9.20 -16.33
CA ASP A 4 -13.17 8.70 -15.03
C ASP A 4 -12.53 7.31 -15.14
N ASN A 5 -12.19 6.92 -16.36
CA ASN A 5 -11.55 5.63 -16.60
C ASN A 5 -10.34 5.46 -15.69
N ILE A 6 -9.73 6.59 -15.36
CA ILE A 6 -8.57 6.61 -14.49
C ILE A 6 -8.99 6.49 -13.03
N GLU A 7 -10.02 7.24 -12.67
CA GLU A 7 -10.55 7.23 -11.31
C GLU A 7 -10.98 5.82 -10.91
N GLN A 8 -11.34 5.01 -11.90
CA GLN A 8 -11.76 3.65 -11.65
C GLN A 8 -10.54 2.74 -11.44
N LYS A 9 -9.53 2.94 -12.28
CA LYS A 9 -8.31 2.16 -12.19
C LYS A 9 -7.64 2.35 -10.83
N ILE A 10 -7.72 3.57 -10.31
CA ILE A 10 -7.12 3.87 -9.01
C ILE A 10 -7.88 3.19 -7.88
N ASP A 11 -9.22 3.24 -7.95
CA ASP A 11 -10.05 2.62 -6.93
C ASP A 11 -9.58 1.20 -6.68
N ASP A 12 -9.12 0.55 -7.75
CA ASP A 12 -8.61 -0.81 -7.66
C ASP A 12 -7.33 -0.83 -6.84
N ILE A 13 -6.43 0.10 -7.17
CA ILE A 13 -5.17 0.21 -6.46
C ILE A 13 -5.41 0.52 -4.98
N ASP A 14 -6.28 1.50 -4.73
CA ASP A 14 -6.62 1.90 -3.36
C ASP A 14 -6.94 0.69 -2.50
N HIS A 15 -7.52 -0.33 -3.13
CA HIS A 15 -7.88 -1.56 -2.42
C HIS A 15 -6.63 -2.40 -2.16
N GLU A 16 -5.65 -2.27 -3.04
CA GLU A 16 -4.41 -3.02 -2.92
C GLU A 16 -3.43 -2.30 -1.98
N ILE A 17 -3.48 -0.97 -2.00
CA ILE A 17 -2.61 -0.17 -1.16
C ILE A 17 -2.93 -0.40 0.31
N ALA A 18 -4.20 -0.62 0.60
CA ALA A 18 -4.66 -0.85 1.97
C ALA A 18 -4.36 -2.28 2.41
N ASP A 19 -4.49 -3.23 1.48
CA ASP A 19 -4.24 -4.63 1.79
C ASP A 19 -2.86 -4.82 2.40
N LEU A 20 -1.86 -4.16 1.80
CA LEU A 20 -0.49 -4.26 2.29
C LEU A 20 -0.34 -3.58 3.64
N GLN A 21 -0.82 -2.33 3.74
CA GLN A 21 -0.74 -1.57 4.98
C GLN A 21 -1.29 -2.37 6.16
N ALA A 22 -2.31 -3.19 5.89
CA ALA A 22 -2.92 -4.01 6.93
C ALA A 22 -2.01 -5.15 7.33
N LYS A 23 -1.25 -5.67 6.37
CA LYS A 23 -0.33 -6.78 6.63
C LYS A 23 0.86 -6.31 7.46
N ARG A 24 1.26 -5.07 7.28
CA ARG A 24 2.40 -4.51 8.02
C ARG A 24 2.02 -4.26 9.48
N THR A 25 0.83 -3.71 9.70
CA THR A 25 0.35 -3.41 11.04
C THR A 25 0.20 -4.69 11.86
N ARG A 26 -0.56 -5.64 11.34
CA ARG A 26 -0.79 -6.91 12.03
C ARG A 26 0.54 -7.50 12.51
N LEU A 27 1.54 -7.44 11.65
CA LEU A 27 2.85 -7.95 12.00
C LEU A 27 3.45 -7.15 13.15
N VAL A 28 3.20 -5.84 13.13
CA VAL A 28 3.70 -4.96 14.19
C VAL A 28 3.11 -5.37 15.53
N GLN A 29 1.80 -5.62 15.53
CA GLN A 29 1.11 -6.03 16.74
C GLN A 29 1.83 -7.22 17.36
N GLN A 30 2.41 -8.06 16.50
CA GLN A 30 3.15 -9.22 16.95
C GLN A 30 4.42 -8.79 17.66
N HIS A 31 4.99 -7.68 17.22
CA HIS A 31 6.22 -7.15 17.83
C HIS A 31 6.14 -5.63 18.00
N PRO A 32 5.47 -5.17 19.07
CA PRO A 32 5.33 -3.73 19.35
C PRO A 32 6.65 -3.09 19.74
N ARG A 33 6.67 -1.76 19.75
CA ARG A 33 7.88 -1.02 20.11
C ARG A 33 9.02 -1.34 19.15
N CYS B 1 15.34 -17.76 17.99
CA CYS B 1 14.65 -16.74 17.22
C CYS B 1 13.56 -16.07 18.06
N GLY B 2 12.84 -15.13 17.44
CA GLY B 2 11.79 -14.43 18.15
C GLY B 2 12.16 -13.01 18.49
N GLY B 3 13.04 -12.42 17.69
CA GLY B 3 13.47 -11.05 17.94
C GLY B 3 12.85 -10.06 16.96
N ASP B 4 13.64 -9.59 16.01
CA ASP B 4 13.16 -8.63 15.02
C ASP B 4 12.85 -9.32 13.69
N ASN B 5 12.78 -10.65 13.71
CA ASN B 5 12.47 -11.42 12.51
C ASN B 5 11.20 -10.89 11.86
N ILE B 6 10.32 -10.36 12.69
CA ILE B 6 9.06 -9.80 12.22
C ILE B 6 9.29 -8.41 11.65
N GLU B 7 10.07 -7.61 12.37
CA GLU B 7 10.38 -6.25 11.95
C GLU B 7 11.01 -6.24 10.56
N GLN B 8 11.67 -7.34 10.22
CA GLN B 8 12.30 -7.47 8.92
C GLN B 8 11.26 -7.80 7.86
N LYS B 9 10.37 -8.73 8.19
CA LYS B 9 9.31 -9.14 7.28
C LYS B 9 8.43 -7.95 6.90
N ILE B 10 8.17 -7.08 7.87
CA ILE B 10 7.34 -5.91 7.62
C ILE B 10 8.06 -4.92 6.72
N ASP B 11 9.35 -4.70 6.99
CA ASP B 11 10.13 -3.77 6.17
C ASP B 11 9.91 -4.06 4.70
N ASP B 12 9.74 -5.34 4.38
CA ASP B 12 9.48 -5.76 3.02
C ASP B 12 8.13 -5.25 2.57
N ILE B 13 7.13 -5.46 3.41
CA ILE B 13 5.77 -5.00 3.12
C ILE B 13 5.75 -3.49 2.95
N ASP B 14 6.39 -2.79 3.89
CA ASP B 14 6.45 -1.32 3.84
C ASP B 14 6.87 -0.84 2.46
N HIS B 15 7.71 -1.63 1.80
CA HIS B 15 8.19 -1.28 0.47
C HIS B 15 7.10 -1.53 -0.57
N GLU B 16 6.22 -2.48 -0.27
CA GLU B 16 5.13 -2.82 -1.16
C GLU B 16 3.92 -1.91 -0.93
N ILE B 17 3.72 -1.53 0.33
CA ILE B 17 2.61 -0.67 0.71
C ILE B 17 2.76 0.71 0.06
N ALA B 18 4.01 1.14 -0.11
CA ALA B 18 4.31 2.43 -0.72
C ALA B 18 4.24 2.36 -2.23
N ASP B 19 4.69 1.23 -2.79
CA ASP B 19 4.68 1.03 -4.24
C ASP B 19 3.28 1.27 -4.81
N LEU B 20 2.27 0.70 -4.14
CA LEU B 20 0.89 0.85 -4.59
C LEU B 20 0.42 2.28 -4.41
N GLN B 21 0.63 2.83 -3.21
CA GLN B 21 0.22 4.21 -2.92
C GLN B 21 0.75 5.18 -3.96
N ALA B 22 1.92 4.85 -4.51
CA ALA B 22 2.55 5.71 -5.52
C ALA B 22 1.82 5.59 -6.85
N LYS B 23 1.30 4.39 -7.14
CA LYS B 23 0.59 4.15 -8.39
C LYS B 23 -0.76 4.86 -8.38
N ARG B 24 -1.37 4.98 -7.22
CA ARG B 24 -2.66 5.65 -7.09
C ARG B 24 -2.52 7.16 -7.27
N THR B 25 -1.47 7.72 -6.70
CA THR B 25 -1.23 9.16 -6.80
C THR B 25 -0.94 9.58 -8.23
N ARG B 26 0.06 8.94 -8.86
CA ARG B 26 0.42 9.26 -10.23
C ARG B 26 -0.81 9.28 -11.13
N LEU B 27 -1.68 8.31 -10.92
CA LEU B 27 -2.91 8.23 -11.70
C LEU B 27 -3.78 9.44 -11.41
N VAL B 28 -3.80 9.88 -10.15
CA VAL B 28 -4.58 11.05 -9.76
C VAL B 28 -4.08 12.28 -10.51
N GLN B 29 -2.76 12.43 -10.56
CA GLN B 29 -2.15 13.56 -11.25
C GLN B 29 -2.70 13.64 -12.68
N GLN B 30 -3.03 12.48 -13.24
CA GLN B 30 -3.58 12.40 -14.58
C GLN B 30 -5.01 12.94 -14.59
N HIS B 31 -5.72 12.78 -13.47
CA HIS B 31 -7.09 13.27 -13.36
C HIS B 31 -7.35 13.88 -11.98
N PRO B 32 -6.76 15.05 -11.70
CA PRO B 32 -6.93 15.73 -10.42
C PRO B 32 -8.31 16.34 -10.26
N ARG B 33 -8.93 16.69 -11.39
CA ARG B 33 -10.25 17.29 -11.37
C ARG B 33 -11.26 16.41 -12.12
N CYS A 1 -13.29 10.39 -24.81
CA CYS A 1 -14.09 11.15 -23.81
C CYS A 1 -14.02 10.49 -22.44
N GLY A 2 -12.90 9.83 -22.14
CA GLY A 2 -12.73 9.17 -20.87
C GLY A 2 -12.81 10.14 -19.70
N GLY A 3 -13.80 9.95 -18.84
CA GLY A 3 -13.95 10.82 -17.69
C GLY A 3 -13.30 10.26 -16.44
N ASP A 4 -13.95 9.28 -15.82
CA ASP A 4 -13.44 8.65 -14.61
C ASP A 4 -12.82 7.29 -14.91
N ASN A 5 -12.57 7.02 -16.19
CA ASN A 5 -11.98 5.75 -16.60
C ASN A 5 -10.69 5.49 -15.81
N ILE A 6 -10.04 6.58 -15.42
CA ILE A 6 -8.82 6.49 -14.64
C ILE A 6 -9.14 6.29 -13.16
N GLU A 7 -10.11 7.06 -12.68
CA GLU A 7 -10.55 6.98 -11.29
C GLU A 7 -10.94 5.56 -10.94
N GLN A 8 -11.36 4.80 -11.94
CA GLN A 8 -11.76 3.41 -11.74
C GLN A 8 -10.52 2.53 -11.56
N LYS A 9 -9.52 2.77 -12.40
CA LYS A 9 -8.28 2.01 -12.35
C LYS A 9 -7.61 2.19 -11.00
N ILE A 10 -7.58 3.43 -10.51
CA ILE A 10 -6.95 3.71 -9.24
C ILE A 10 -7.72 3.08 -8.09
N ASP A 11 -9.05 3.17 -8.15
CA ASP A 11 -9.90 2.58 -7.11
C ASP A 11 -9.45 1.15 -6.83
N ASP A 12 -9.01 0.48 -7.87
CA ASP A 12 -8.53 -0.89 -7.75
C ASP A 12 -7.24 -0.90 -6.94
N ILE A 13 -6.34 0.00 -7.29
CA ILE A 13 -5.07 0.11 -6.59
C ILE A 13 -5.31 0.47 -5.13
N ASP A 14 -6.17 1.47 -4.89
CA ASP A 14 -6.49 1.89 -3.53
C ASP A 14 -6.83 0.71 -2.64
N HIS A 15 -7.40 -0.33 -3.24
CA HIS A 15 -7.77 -1.53 -2.51
C HIS A 15 -6.54 -2.38 -2.24
N GLU A 16 -5.56 -2.29 -3.13
CA GLU A 16 -4.32 -3.05 -2.99
C GLU A 16 -3.33 -2.33 -2.08
N ILE A 17 -3.36 -0.99 -2.13
CA ILE A 17 -2.48 -0.17 -1.31
C ILE A 17 -2.78 -0.36 0.16
N ALA A 18 -4.07 -0.52 0.47
CA ALA A 18 -4.52 -0.71 1.85
C ALA A 18 -4.27 -2.14 2.32
N ASP A 19 -4.40 -3.09 1.41
CA ASP A 19 -4.19 -4.50 1.74
C ASP A 19 -2.81 -4.71 2.35
N LEU A 20 -1.79 -4.14 1.71
CA LEU A 20 -0.43 -4.26 2.20
C LEU A 20 -0.28 -3.57 3.55
N GLN A 21 -0.71 -2.32 3.64
CA GLN A 21 -0.61 -1.56 4.87
C GLN A 21 -1.16 -2.37 6.06
N ALA A 22 -2.13 -3.23 5.77
CA ALA A 22 -2.74 -4.06 6.80
C ALA A 22 -1.78 -5.16 7.24
N LYS A 23 -1.03 -5.70 6.29
CA LYS A 23 -0.07 -6.77 6.58
C LYS A 23 1.07 -6.26 7.45
N ARG A 24 1.44 -4.99 7.26
CA ARG A 24 2.52 -4.39 8.03
C ARG A 24 2.10 -4.15 9.47
N THR A 25 0.89 -3.65 9.66
CA THR A 25 0.37 -3.36 10.99
C THR A 25 0.23 -4.64 11.81
N ARG A 26 -0.49 -5.61 11.27
CA ARG A 26 -0.70 -6.88 11.96
C ARG A 26 0.62 -7.44 12.46
N LEU A 27 1.63 -7.39 11.59
CA LEU A 27 2.96 -7.87 11.96
C LEU A 27 3.50 -7.07 13.14
N VAL A 28 3.22 -5.76 13.14
CA VAL A 28 3.66 -4.90 14.22
C VAL A 28 3.02 -5.32 15.52
N GLN A 29 1.71 -5.59 15.46
CA GLN A 29 0.98 -6.02 16.65
C GLN A 29 1.68 -7.21 17.29
N GLN A 30 2.39 -7.98 16.46
CA GLN A 30 3.12 -9.13 16.94
C GLN A 30 4.40 -8.71 17.65
N HIS A 31 4.97 -7.58 17.21
CA HIS A 31 6.20 -7.07 17.81
C HIS A 31 6.14 -5.55 17.98
N PRO A 32 5.16 -5.06 18.75
CA PRO A 32 4.98 -3.63 18.99
C PRO A 32 5.93 -3.10 20.06
N ARG A 33 6.26 -3.97 21.02
CA ARG A 33 7.16 -3.59 22.11
C ARG A 33 8.61 -3.74 21.69
N CYS B 1 12.89 -17.14 21.13
CA CYS B 1 13.66 -17.64 19.99
C CYS B 1 13.90 -16.53 18.97
N GLY B 2 12.82 -15.92 18.48
CA GLY B 2 12.94 -14.85 17.51
C GLY B 2 12.93 -13.48 18.16
N GLY B 3 13.36 -12.48 17.40
CA GLY B 3 13.39 -11.12 17.92
C GLY B 3 12.78 -10.12 16.96
N ASP B 4 13.63 -9.50 16.13
CA ASP B 4 13.17 -8.52 15.17
C ASP B 4 12.89 -9.16 13.81
N ASN B 5 12.82 -10.48 13.79
CA ASN B 5 12.55 -11.22 12.55
C ASN B 5 11.30 -10.67 11.88
N ILE B 6 10.39 -10.15 12.71
CA ILE B 6 9.16 -9.57 12.22
C ILE B 6 9.40 -8.18 11.68
N GLU B 7 10.16 -7.39 12.43
CA GLU B 7 10.49 -6.03 12.05
C GLU B 7 11.14 -6.00 10.66
N GLN B 8 11.82 -7.08 10.32
CA GLN B 8 12.47 -7.19 9.03
C GLN B 8 11.45 -7.53 7.95
N LYS B 9 10.56 -8.47 8.28
CA LYS B 9 9.52 -8.90 7.36
C LYS B 9 8.62 -7.73 6.98
N ILE B 10 8.36 -6.84 7.95
CA ILE B 10 7.51 -5.69 7.70
C ILE B 10 8.20 -4.68 6.79
N ASP B 11 9.49 -4.43 7.06
CA ASP B 11 10.25 -3.48 6.24
C ASP B 11 10.05 -3.80 4.77
N ASP B 12 9.92 -5.08 4.48
CA ASP B 12 9.70 -5.54 3.11
C ASP B 12 8.33 -5.07 2.64
N ILE B 13 7.32 -5.29 3.49
CA ILE B 13 5.96 -4.88 3.18
C ILE B 13 5.90 -3.37 2.99
N ASP B 14 6.48 -2.63 3.93
CA ASP B 14 6.50 -1.16 3.85
C ASP B 14 6.94 -0.69 2.47
N HIS B 15 7.81 -1.47 1.84
CA HIS B 15 8.30 -1.13 0.50
C HIS B 15 7.23 -1.43 -0.55
N GLU B 16 6.39 -2.41 -0.25
CA GLU B 16 5.33 -2.80 -1.17
C GLU B 16 4.09 -1.93 -0.98
N ILE B 17 3.85 -1.53 0.27
CA ILE B 17 2.71 -0.69 0.59
C ILE B 17 2.83 0.67 -0.08
N ALA B 18 4.05 1.15 -0.19
CA ALA B 18 4.32 2.44 -0.81
C ALA B 18 4.30 2.35 -2.33
N ASP B 19 4.80 1.23 -2.86
CA ASP B 19 4.83 1.01 -4.30
C ASP B 19 3.45 1.21 -4.91
N LEU B 20 2.43 0.67 -4.25
CA LEU B 20 1.07 0.79 -4.73
C LEU B 20 0.56 2.22 -4.59
N GLN B 21 0.75 2.80 -3.42
CA GLN B 21 0.32 4.17 -3.16
C GLN B 21 0.84 5.12 -4.23
N ALA B 22 2.04 4.84 -4.73
CA ALA B 22 2.65 5.67 -5.77
C ALA B 22 1.92 5.50 -7.10
N LYS B 23 1.48 4.27 -7.37
CA LYS B 23 0.77 3.98 -8.61
C LYS B 23 -0.58 4.68 -8.65
N ARG B 24 -1.20 4.84 -7.49
CA ARG B 24 -2.50 5.49 -7.39
C ARG B 24 -2.37 7.00 -7.58
N THR B 25 -1.36 7.59 -6.97
CA THR B 25 -1.12 9.02 -7.08
C THR B 25 -0.84 9.44 -8.51
N ARG B 26 0.14 8.78 -9.13
CA ARG B 26 0.51 9.08 -10.52
C ARG B 26 -0.73 9.10 -11.40
N LEU B 27 -1.58 8.10 -11.22
CA LEU B 27 -2.81 8.00 -12.00
C LEU B 27 -3.68 9.22 -11.72
N VAL B 28 -3.69 9.66 -10.47
CA VAL B 28 -4.47 10.83 -10.09
C VAL B 28 -3.96 12.07 -10.80
N GLN B 29 -2.63 12.20 -10.84
CA GLN B 29 -2.00 13.33 -11.51
C GLN B 29 -2.52 13.45 -12.93
N GLN B 30 -2.92 12.30 -13.50
CA GLN B 30 -3.45 12.27 -14.85
C GLN B 30 -4.88 12.78 -14.87
N HIS B 31 -5.61 12.56 -13.77
CA HIS B 31 -7.00 13.00 -13.67
C HIS B 31 -7.28 13.59 -12.29
N PRO B 32 -6.57 14.67 -11.91
CA PRO B 32 -6.75 15.33 -10.62
C PRO B 32 -8.02 16.18 -10.57
N ARG B 33 -8.39 16.73 -11.72
CA ARG B 33 -9.59 17.57 -11.82
C ARG B 33 -10.69 16.87 -12.60
N CYS A 1 -11.64 11.80 -25.61
CA CYS A 1 -11.59 10.57 -24.80
C CYS A 1 -11.24 10.87 -23.35
N GLY A 2 -12.00 10.28 -22.43
CA GLY A 2 -11.76 10.50 -21.02
C GLY A 2 -12.73 9.73 -20.13
N GLY A 3 -13.22 10.39 -19.08
CA GLY A 3 -14.15 9.75 -18.18
C GLY A 3 -13.49 9.31 -16.88
N ASP A 4 -14.18 8.48 -16.12
CA ASP A 4 -13.65 7.98 -14.86
C ASP A 4 -12.94 6.64 -15.03
N ASN A 5 -12.64 6.29 -16.29
CA ASN A 5 -11.96 5.04 -16.59
C ASN A 5 -10.67 4.95 -15.77
N ILE A 6 -10.12 6.11 -15.44
CA ILE A 6 -8.90 6.19 -14.66
C ILE A 6 -9.21 6.01 -13.17
N GLU A 7 -10.26 6.70 -12.72
CA GLU A 7 -10.69 6.65 -11.33
C GLU A 7 -10.97 5.21 -10.91
N GLN A 8 -11.37 4.38 -11.88
CA GLN A 8 -11.68 2.98 -11.61
C GLN A 8 -10.38 2.20 -11.42
N LYS A 9 -9.39 2.52 -12.24
CA LYS A 9 -8.09 1.85 -12.17
C LYS A 9 -7.44 2.07 -10.81
N ILE A 10 -7.57 3.28 -10.28
CA ILE A 10 -7.00 3.60 -8.99
C ILE A 10 -7.74 2.89 -7.87
N ASP A 11 -9.07 2.89 -7.94
CA ASP A 11 -9.88 2.23 -6.93
C ASP A 11 -9.34 0.83 -6.66
N ASP A 12 -8.83 0.21 -7.71
CA ASP A 12 -8.26 -1.13 -7.60
C ASP A 12 -6.98 -1.06 -6.78
N ILE A 13 -6.12 -0.11 -7.12
CA ILE A 13 -4.87 0.08 -6.41
C ILE A 13 -5.14 0.38 -4.94
N ASP A 14 -6.05 1.31 -4.69
CA ASP A 14 -6.41 1.71 -3.34
C ASP A 14 -6.70 0.48 -2.47
N HIS A 15 -7.24 -0.56 -3.09
CA HIS A 15 -7.55 -1.79 -2.38
C HIS A 15 -6.29 -2.58 -2.09
N GLU A 16 -5.28 -2.39 -2.95
CA GLU A 16 -4.01 -3.08 -2.79
C GLU A 16 -3.09 -2.30 -1.85
N ILE A 17 -3.16 -0.99 -1.93
CA ILE A 17 -2.34 -0.12 -1.09
C ILE A 17 -2.66 -0.34 0.38
N ALA A 18 -3.93 -0.65 0.65
CA ALA A 18 -4.39 -0.89 2.02
C ALA A 18 -4.04 -2.31 2.48
N ASP A 19 -4.15 -3.26 1.55
CA ASP A 19 -3.86 -4.65 1.87
C ASP A 19 -2.46 -4.80 2.47
N LEU A 20 -1.50 -4.10 1.88
CA LEU A 20 -0.12 -4.15 2.36
C LEU A 20 0.02 -3.44 3.70
N GLN A 21 -0.47 -2.20 3.75
CA GLN A 21 -0.40 -1.41 4.97
C GLN A 21 -1.00 -2.15 6.16
N ALA A 22 -2.01 -2.97 5.88
CA ALA A 22 -2.68 -3.74 6.92
C ALA A 22 -1.80 -4.87 7.42
N LYS A 23 -1.00 -5.44 6.51
CA LYS A 23 -0.11 -6.54 6.85
C LYS A 23 1.09 -6.03 7.67
N ARG A 24 1.55 -4.83 7.35
CA ARG A 24 2.68 -4.24 8.05
C ARG A 24 2.34 -3.93 9.49
N THR A 25 1.16 -3.35 9.71
CA THR A 25 0.72 -3.00 11.06
C THR A 25 0.53 -4.25 11.93
N ARG A 26 -0.27 -5.18 11.45
CA ARG A 26 -0.53 -6.42 12.18
C ARG A 26 0.79 -7.04 12.63
N LEU A 27 1.77 -7.04 11.75
CA LEU A 27 3.09 -7.58 12.07
C LEU A 27 3.72 -6.78 13.20
N VAL A 28 3.53 -5.46 13.16
CA VAL A 28 4.07 -4.60 14.19
C VAL A 28 3.44 -4.92 15.53
N GLN A 29 2.12 -5.10 15.53
CA GLN A 29 1.39 -5.45 16.75
C GLN A 29 2.04 -6.66 17.41
N GLN A 30 2.64 -7.52 16.58
CA GLN A 30 3.30 -8.71 17.07
C GLN A 30 4.62 -8.34 17.74
N HIS A 31 5.26 -7.28 17.27
CA HIS A 31 6.52 -6.82 17.84
C HIS A 31 6.56 -5.29 17.94
N PRO A 32 5.70 -4.70 18.78
CA PRO A 32 5.64 -3.26 18.97
C PRO A 32 6.83 -2.72 19.76
N ARG A 33 7.38 -3.56 20.62
CA ARG A 33 8.52 -3.17 21.45
C ARG A 33 9.01 -4.35 22.29
N CYS B 1 7.03 -15.43 16.19
CA CYS B 1 8.01 -14.91 17.13
C CYS B 1 9.42 -15.40 16.78
N GLY B 2 10.41 -14.58 17.13
CA GLY B 2 11.79 -14.94 16.84
C GLY B 2 12.68 -13.73 16.66
N GLY B 3 12.70 -12.86 17.67
CA GLY B 3 13.52 -11.67 17.61
C GLY B 3 12.95 -10.62 16.68
N ASP B 4 13.80 -10.06 15.82
CA ASP B 4 13.38 -9.04 14.88
C ASP B 4 12.99 -9.66 13.53
N ASN B 5 12.83 -10.98 13.51
CA ASN B 5 12.45 -11.68 12.29
C ASN B 5 11.20 -11.05 11.70
N ILE B 6 10.38 -10.47 12.57
CA ILE B 6 9.15 -9.80 12.15
C ILE B 6 9.45 -8.42 11.60
N GLU B 7 10.32 -7.70 12.31
CA GLU B 7 10.73 -6.35 11.91
C GLU B 7 11.30 -6.35 10.50
N GLN B 8 11.95 -7.45 10.14
CA GLN B 8 12.54 -7.58 8.82
C GLN B 8 11.47 -7.87 7.78
N LYS B 9 10.53 -8.74 8.14
CA LYS B 9 9.44 -9.10 7.25
C LYS B 9 8.59 -7.89 6.90
N ILE B 10 8.41 -6.99 7.87
CA ILE B 10 7.62 -5.79 7.65
C ILE B 10 8.35 -4.81 6.76
N ASP B 11 9.64 -4.61 7.01
CA ASP B 11 10.44 -3.69 6.19
C ASP B 11 10.22 -3.98 4.72
N ASP B 12 10.03 -5.25 4.41
CA ASP B 12 9.78 -5.67 3.03
C ASP B 12 8.43 -5.14 2.58
N ILE B 13 7.42 -5.33 3.44
CA ILE B 13 6.08 -4.86 3.14
C ILE B 13 6.07 -3.35 2.98
N ASP B 14 6.70 -2.65 3.91
CA ASP B 14 6.77 -1.19 3.88
C ASP B 14 7.19 -0.70 2.50
N HIS B 15 8.03 -1.48 1.83
CA HIS B 15 8.50 -1.12 0.49
C HIS B 15 7.41 -1.37 -0.54
N GLU B 16 6.55 -2.35 -0.26
CA GLU B 16 5.46 -2.70 -1.15
C GLU B 16 4.25 -1.80 -0.91
N ILE B 17 4.05 -1.40 0.34
CA ILE B 17 2.93 -0.54 0.70
C ILE B 17 3.08 0.82 0.04
N ALA B 18 4.31 1.27 -0.11
CA ALA B 18 4.60 2.56 -0.72
C ALA B 18 4.50 2.49 -2.24
N ASP B 19 4.95 1.38 -2.81
CA ASP B 19 4.91 1.18 -4.25
C ASP B 19 3.50 1.39 -4.80
N LEU B 20 2.52 0.81 -4.12
CA LEU B 20 1.13 0.94 -4.54
C LEU B 20 0.63 2.38 -4.39
N GLN B 21 0.81 2.94 -3.19
CA GLN B 21 0.37 4.30 -2.92
C GLN B 21 0.87 5.27 -4.00
N ALA B 22 2.05 4.99 -4.53
CA ALA B 22 2.64 5.83 -5.57
C ALA B 22 1.90 5.66 -6.90
N LYS B 23 1.42 4.45 -7.14
CA LYS B 23 0.70 4.16 -8.38
C LYS B 23 -0.67 4.82 -8.39
N ARG B 24 -1.27 4.94 -7.21
CA ARG B 24 -2.59 5.55 -7.09
C ARG B 24 -2.52 7.07 -7.28
N THR B 25 -1.50 7.69 -6.69
CA THR B 25 -1.31 9.13 -6.80
C THR B 25 -1.06 9.56 -8.24
N ARG B 26 -0.06 8.94 -8.88
CA ARG B 26 0.28 9.27 -10.25
C ARG B 26 -0.97 9.25 -11.13
N LEU B 27 -1.78 8.22 -10.94
CA LEU B 27 -3.02 8.09 -11.71
C LEU B 27 -3.94 9.26 -11.41
N VAL B 28 -3.94 9.71 -10.16
CA VAL B 28 -4.78 10.83 -9.76
C VAL B 28 -4.34 12.09 -10.50
N GLN B 29 -3.03 12.29 -10.59
CA GLN B 29 -2.49 13.45 -11.29
C GLN B 29 -3.08 13.52 -12.69
N GLN B 30 -3.34 12.35 -13.26
CA GLN B 30 -3.92 12.28 -14.59
C GLN B 30 -5.37 12.75 -14.56
N HIS B 31 -6.04 12.53 -13.43
CA HIS B 31 -7.43 12.95 -13.29
C HIS B 31 -7.69 13.47 -11.87
N PRO B 32 -7.17 14.66 -11.54
CA PRO B 32 -7.36 15.27 -10.22
C PRO B 32 -8.80 15.71 -9.97
N ARG B 33 -9.50 16.04 -11.06
CA ARG B 33 -10.88 16.49 -10.96
C ARG B 33 -11.71 15.93 -12.12
N CYS A 1 -11.52 8.49 -26.65
CA CYS A 1 -12.22 8.04 -25.43
C CYS A 1 -11.44 8.39 -24.17
N GLY A 2 -12.09 9.09 -23.25
CA GLY A 2 -11.43 9.47 -22.01
C GLY A 2 -12.40 10.06 -21.00
N GLY A 3 -12.20 9.73 -19.73
CA GLY A 3 -13.06 10.23 -18.68
C GLY A 3 -12.58 9.84 -17.29
N ASP A 4 -13.44 9.14 -16.56
CA ASP A 4 -13.10 8.69 -15.21
C ASP A 4 -12.50 7.29 -15.22
N ASN A 5 -12.14 6.81 -16.40
CA ASN A 5 -11.54 5.49 -16.54
C ASN A 5 -10.36 5.35 -15.59
N ILE A 6 -9.73 6.48 -15.29
CA ILE A 6 -8.59 6.52 -14.40
C ILE A 6 -9.06 6.47 -12.95
N GLU A 7 -10.07 7.27 -12.66
CA GLU A 7 -10.64 7.34 -11.31
C GLU A 7 -11.09 5.96 -10.84
N GLN A 8 -11.47 5.11 -11.79
CA GLN A 8 -11.92 3.77 -11.48
C GLN A 8 -10.71 2.86 -11.26
N LYS A 9 -9.71 3.01 -12.13
CA LYS A 9 -8.50 2.22 -12.05
C LYS A 9 -7.80 2.44 -10.71
N ILE A 10 -7.88 3.66 -10.20
CA ILE A 10 -7.25 3.98 -8.93
C ILE A 10 -8.00 3.34 -7.77
N ASP A 11 -9.33 3.42 -7.80
CA ASP A 11 -10.15 2.83 -6.76
C ASP A 11 -9.69 1.40 -6.48
N ASP A 12 -9.26 0.73 -7.55
CA ASP A 12 -8.77 -0.63 -7.43
C ASP A 12 -7.48 -0.65 -6.65
N ILE A 13 -6.55 0.23 -7.03
CA ILE A 13 -5.28 0.35 -6.35
C ILE A 13 -5.48 0.70 -4.88
N ASP A 14 -6.33 1.69 -4.63
CA ASP A 14 -6.63 2.12 -3.27
C ASP A 14 -6.96 0.93 -2.36
N HIS A 15 -7.56 -0.09 -2.96
CA HIS A 15 -7.91 -1.29 -2.21
C HIS A 15 -6.68 -2.15 -1.97
N GLU A 16 -5.71 -2.04 -2.86
CA GLU A 16 -4.48 -2.80 -2.75
C GLU A 16 -3.49 -2.07 -1.84
N ILE A 17 -3.51 -0.75 -1.89
CA ILE A 17 -2.61 0.07 -1.08
C ILE A 17 -2.90 -0.14 0.41
N ALA A 18 -4.18 -0.35 0.72
CA ALA A 18 -4.61 -0.55 2.10
C ALA A 18 -4.33 -1.98 2.57
N ASP A 19 -4.49 -2.94 1.66
CA ASP A 19 -4.26 -4.34 1.98
C ASP A 19 -2.86 -4.55 2.56
N LEU A 20 -1.88 -3.90 1.94
CA LEU A 20 -0.50 -4.02 2.40
C LEU A 20 -0.32 -3.32 3.74
N GLN A 21 -0.76 -2.07 3.82
CA GLN A 21 -0.64 -1.29 5.05
C GLN A 21 -1.18 -2.07 6.25
N ALA A 22 -2.23 -2.85 6.01
CA ALA A 22 -2.83 -3.65 7.06
C ALA A 22 -1.94 -4.83 7.45
N LYS A 23 -1.19 -5.33 6.49
CA LYS A 23 -0.29 -6.46 6.72
C LYS A 23 0.89 -6.04 7.59
N ARG A 24 1.31 -4.79 7.45
CA ARG A 24 2.43 -4.27 8.23
C ARG A 24 2.06 -4.10 9.69
N THR A 25 0.90 -3.48 9.93
CA THR A 25 0.43 -3.23 11.29
C THR A 25 0.20 -4.54 12.04
N ARG A 26 -0.63 -5.42 11.46
CA ARG A 26 -0.92 -6.70 12.07
C ARG A 26 0.36 -7.41 12.50
N LEU A 27 1.35 -7.36 11.61
CA LEU A 27 2.64 -7.98 11.89
C LEU A 27 3.28 -7.30 13.10
N VAL A 28 3.13 -5.98 13.17
CA VAL A 28 3.69 -5.22 14.28
C VAL A 28 3.07 -5.67 15.59
N GLN A 29 1.75 -5.82 15.59
CA GLN A 29 1.03 -6.27 16.77
C GLN A 29 1.66 -7.54 17.31
N GLN A 30 2.22 -8.33 16.40
CA GLN A 30 2.88 -9.58 16.77
C GLN A 30 4.19 -9.29 17.49
N HIS A 31 4.84 -8.19 17.09
CA HIS A 31 6.11 -7.80 17.71
C HIS A 31 6.14 -6.30 18.02
N PRO A 32 5.34 -5.87 19.02
CA PRO A 32 5.27 -4.46 19.40
C PRO A 32 6.48 -4.04 20.25
N ARG A 33 7.03 -4.98 20.99
CA ARG A 33 8.18 -4.70 21.84
C ARG A 33 9.26 -5.77 21.66
N CYS B 1 12.55 -15.33 21.04
CA CYS B 1 13.53 -16.06 20.25
C CYS B 1 13.93 -15.26 19.01
N GLY B 2 12.99 -15.10 18.09
CA GLY B 2 13.27 -14.35 16.87
C GLY B 2 13.70 -12.93 17.14
N GLY B 3 14.86 -12.55 16.62
CA GLY B 3 15.35 -11.19 16.83
C GLY B 3 14.90 -10.24 15.75
N ASP B 4 13.71 -9.66 15.94
CA ASP B 4 13.16 -8.71 14.98
C ASP B 4 12.92 -9.38 13.63
N ASN B 5 12.87 -10.71 13.62
CA ASN B 5 12.64 -11.46 12.40
C ASN B 5 11.36 -10.98 11.73
N ILE B 6 10.43 -10.51 12.54
CA ILE B 6 9.16 -10.01 12.06
C ILE B 6 9.31 -8.58 11.54
N GLU B 7 10.02 -7.76 12.31
CA GLU B 7 10.26 -6.37 11.95
C GLU B 7 10.91 -6.28 10.57
N GLN B 8 11.62 -7.33 10.19
CA GLN B 8 12.28 -7.37 8.89
C GLN B 8 11.27 -7.69 7.79
N LYS B 9 10.37 -8.63 8.09
CA LYS B 9 9.34 -9.03 7.14
C LYS B 9 8.43 -7.86 6.81
N ILE B 10 8.12 -7.04 7.81
CA ILE B 10 7.26 -5.89 7.61
C ILE B 10 7.96 -4.83 6.77
N ASP B 11 9.23 -4.58 7.07
CA ASP B 11 10.01 -3.59 6.31
C ASP B 11 9.85 -3.85 4.82
N ASP B 12 9.75 -5.12 4.46
CA ASP B 12 9.56 -5.51 3.08
C ASP B 12 8.21 -5.02 2.60
N ILE B 13 7.20 -5.24 3.44
CA ILE B 13 5.85 -4.81 3.12
C ILE B 13 5.82 -3.30 2.96
N ASP B 14 6.46 -2.59 3.90
CA ASP B 14 6.51 -1.13 3.86
C ASP B 14 6.92 -0.64 2.48
N HIS B 15 7.76 -1.41 1.81
CA HIS B 15 8.22 -1.06 0.47
C HIS B 15 7.12 -1.32 -0.55
N GLU B 16 6.26 -2.29 -0.26
CA GLU B 16 5.16 -2.64 -1.15
C GLU B 16 3.96 -1.74 -0.91
N ILE B 17 3.76 -1.35 0.34
CA ILE B 17 2.65 -0.48 0.72
C ILE B 17 2.78 0.88 0.06
N ALA B 18 4.02 1.33 -0.09
CA ALA B 18 4.31 2.62 -0.71
C ALA B 18 4.23 2.53 -2.23
N ASP B 19 4.68 1.41 -2.78
CA ASP B 19 4.66 1.20 -4.22
C ASP B 19 3.26 1.42 -4.79
N LEU B 20 2.26 0.86 -4.11
CA LEU B 20 0.88 1.00 -4.55
C LEU B 20 0.41 2.45 -4.40
N GLN B 21 0.61 3.02 -3.22
CA GLN B 21 0.20 4.39 -2.96
C GLN B 21 0.73 5.34 -4.02
N ALA B 22 1.89 5.00 -4.59
CA ALA B 22 2.49 5.82 -5.64
C ALA B 22 1.76 5.66 -6.95
N LYS B 23 1.24 4.45 -7.20
CA LYS B 23 0.51 4.18 -8.42
C LYS B 23 -0.83 4.92 -8.44
N ARG B 24 -1.44 5.05 -7.27
CA ARG B 24 -2.72 5.72 -7.15
C ARG B 24 -2.57 7.23 -7.39
N THR B 25 -1.50 7.81 -6.84
CA THR B 25 -1.24 9.23 -6.98
C THR B 25 -0.96 9.59 -8.45
N ARG B 26 0.02 8.92 -9.04
CA ARG B 26 0.39 9.17 -10.43
C ARG B 26 -0.86 9.17 -11.31
N LEU B 27 -1.74 8.21 -11.07
CA LEU B 27 -2.97 8.12 -11.83
C LEU B 27 -3.83 9.37 -11.60
N VAL B 28 -3.83 9.84 -10.36
CA VAL B 28 -4.60 11.03 -10.01
C VAL B 28 -4.10 12.23 -10.81
N GLN B 29 -2.79 12.35 -10.90
CA GLN B 29 -2.17 13.44 -11.66
C GLN B 29 -2.75 13.47 -13.07
N GLN B 30 -3.07 12.29 -13.58
CA GLN B 30 -3.65 12.17 -14.91
C GLN B 30 -5.06 12.75 -14.93
N HIS B 31 -5.75 12.64 -13.78
CA HIS B 31 -7.10 13.17 -13.67
C HIS B 31 -7.31 13.87 -12.33
N PRO B 32 -6.88 15.14 -12.23
CA PRO B 32 -7.01 15.93 -11.00
C PRO B 32 -8.46 16.32 -10.70
N ARG B 33 -9.34 16.09 -11.67
CA ARG B 33 -10.76 16.41 -11.50
C ARG B 33 -11.35 15.73 -10.27
N CYS A 1 -12.65 12.18 -25.11
CA CYS A 1 -13.27 11.68 -23.85
C CYS A 1 -12.26 11.64 -22.72
N GLY A 2 -12.68 11.10 -21.57
CA GLY A 2 -11.80 11.01 -20.43
C GLY A 2 -12.45 11.51 -19.15
N GLY A 3 -13.25 10.65 -18.52
CA GLY A 3 -13.91 11.03 -17.29
C GLY A 3 -13.28 10.41 -16.07
N ASP A 4 -13.87 9.32 -15.58
CA ASP A 4 -13.35 8.63 -14.41
C ASP A 4 -12.73 7.29 -14.78
N ASN A 5 -12.47 7.09 -16.06
CA ASN A 5 -11.86 5.86 -16.55
C ASN A 5 -10.58 5.56 -15.77
N ILE A 6 -9.94 6.63 -15.32
CA ILE A 6 -8.72 6.51 -14.53
C ILE A 6 -9.05 6.23 -13.08
N GLU A 7 -10.03 6.97 -12.56
CA GLU A 7 -10.46 6.80 -11.17
C GLU A 7 -10.84 5.35 -10.89
N GLN A 8 -11.25 4.64 -11.94
CA GLN A 8 -11.63 3.24 -11.80
C GLN A 8 -10.38 2.37 -11.64
N LYS A 9 -9.38 2.63 -12.46
CA LYS A 9 -8.14 1.89 -12.42
C LYS A 9 -7.47 2.03 -11.05
N ILE A 10 -7.45 3.25 -10.53
CA ILE A 10 -6.84 3.50 -9.23
C ILE A 10 -7.63 2.83 -8.11
N ASP A 11 -8.96 2.92 -8.19
CA ASP A 11 -9.82 2.32 -7.17
C ASP A 11 -9.37 0.88 -6.91
N ASP A 12 -8.93 0.23 -7.97
CA ASP A 12 -8.44 -1.15 -7.87
C ASP A 12 -7.17 -1.17 -7.04
N ILE A 13 -6.25 -0.28 -7.38
CA ILE A 13 -4.99 -0.18 -6.66
C ILE A 13 -5.24 0.15 -5.20
N ASP A 14 -6.10 1.14 -4.95
CA ASP A 14 -6.45 1.56 -3.59
C ASP A 14 -6.78 0.35 -2.72
N HIS A 15 -7.36 -0.68 -3.33
CA HIS A 15 -7.73 -1.88 -2.61
C HIS A 15 -6.48 -2.72 -2.33
N GLU A 16 -5.49 -2.61 -3.21
CA GLU A 16 -4.25 -3.35 -3.06
C GLU A 16 -3.28 -2.62 -2.14
N ILE A 17 -3.32 -1.29 -2.19
CA ILE A 17 -2.46 -0.47 -1.36
C ILE A 17 -2.78 -0.65 0.12
N ALA A 18 -4.06 -0.90 0.41
CA ALA A 18 -4.51 -1.09 1.78
C ALA A 18 -4.22 -2.50 2.27
N ASP A 19 -4.37 -3.48 1.37
CA ASP A 19 -4.11 -4.87 1.72
C ASP A 19 -2.72 -5.04 2.33
N LEU A 20 -1.73 -4.41 1.71
CA LEU A 20 -0.37 -4.48 2.19
C LEU A 20 -0.21 -3.75 3.52
N GLN A 21 -0.70 -2.53 3.57
CA GLN A 21 -0.62 -1.72 4.79
C GLN A 21 -1.14 -2.49 5.99
N ALA A 22 -2.18 -3.28 5.78
CA ALA A 22 -2.78 -4.07 6.85
C ALA A 22 -1.82 -5.17 7.30
N LYS A 23 -1.08 -5.72 6.34
CA LYS A 23 -0.12 -6.79 6.64
C LYS A 23 1.00 -6.28 7.53
N ARG A 24 1.37 -5.02 7.37
CA ARG A 24 2.44 -4.42 8.16
C ARG A 24 1.97 -4.16 9.60
N THR A 25 0.80 -3.57 9.74
CA THR A 25 0.24 -3.26 11.05
C THR A 25 0.10 -4.51 11.90
N ARG A 26 -0.56 -5.52 11.36
CA ARG A 26 -0.78 -6.77 12.07
C ARG A 26 0.55 -7.30 12.61
N LEU A 27 1.56 -7.32 11.76
CA LEU A 27 2.87 -7.79 12.16
C LEU A 27 3.41 -6.93 13.29
N VAL A 28 3.10 -5.63 13.25
CA VAL A 28 3.55 -4.71 14.27
C VAL A 28 2.90 -5.05 15.61
N GLN A 29 1.60 -5.33 15.56
CA GLN A 29 0.85 -5.70 16.76
C GLN A 29 1.58 -6.82 17.49
N GLN A 30 2.28 -7.64 16.73
CA GLN A 30 3.04 -8.75 17.29
C GLN A 30 4.31 -8.25 17.95
N HIS A 31 4.89 -7.17 17.39
CA HIS A 31 6.11 -6.60 17.93
C HIS A 31 6.04 -5.07 17.93
N PRO A 32 5.08 -4.49 18.67
CA PRO A 32 4.91 -3.04 18.75
C PRO A 32 5.98 -2.38 19.60
N ARG A 33 6.47 -3.10 20.60
CA ARG A 33 7.50 -2.59 21.49
C ARG A 33 8.60 -3.62 21.71
N CYS B 1 10.86 -16.07 16.27
CA CYS B 1 10.20 -14.78 16.04
C CYS B 1 11.02 -13.64 16.61
N GLY B 2 11.67 -13.89 17.75
CA GLY B 2 12.48 -12.87 18.38
C GLY B 2 13.64 -12.42 17.50
N GLY B 3 14.29 -11.33 17.90
CA GLY B 3 15.41 -10.81 17.13
C GLY B 3 14.96 -9.89 16.01
N ASP B 4 13.82 -9.23 16.20
CA ASP B 4 13.29 -8.32 15.19
C ASP B 4 12.96 -9.04 13.89
N ASN B 5 12.86 -10.36 13.97
CA ASN B 5 12.55 -11.17 12.80
C ASN B 5 11.27 -10.66 12.13
N ILE B 6 10.39 -10.10 12.95
CA ILE B 6 9.14 -9.55 12.47
C ILE B 6 9.37 -8.20 11.81
N GLU B 7 10.14 -7.35 12.50
CA GLU B 7 10.46 -6.02 11.98
C GLU B 7 11.07 -6.11 10.59
N GLN B 8 11.75 -7.21 10.32
CA GLN B 8 12.37 -7.42 9.01
C GLN B 8 11.32 -7.82 7.98
N LYS B 9 10.40 -8.68 8.40
CA LYS B 9 9.33 -9.14 7.52
C LYS B 9 8.46 -7.97 7.09
N ILE B 10 8.17 -7.07 8.02
CA ILE B 10 7.34 -5.90 7.72
C ILE B 10 8.07 -4.94 6.80
N ASP B 11 9.36 -4.70 7.07
CA ASP B 11 10.15 -3.79 6.25
C ASP B 11 9.98 -4.14 4.78
N ASP B 12 9.83 -5.42 4.51
CA ASP B 12 9.63 -5.90 3.15
C ASP B 12 8.28 -5.42 2.64
N ILE B 13 7.26 -5.61 3.47
CA ILE B 13 5.91 -5.18 3.13
C ILE B 13 5.89 -3.68 2.90
N ASP B 14 6.50 -2.92 3.82
CA ASP B 14 6.55 -1.47 3.72
C ASP B 14 6.99 -1.04 2.33
N HIS B 15 7.85 -1.84 1.71
CA HIS B 15 8.33 -1.53 0.37
C HIS B 15 7.25 -1.83 -0.67
N GLU B 16 6.39 -2.78 -0.35
CA GLU B 16 5.31 -3.17 -1.24
C GLU B 16 4.10 -2.26 -1.06
N ILE B 17 3.88 -1.82 0.18
CA ILE B 17 2.76 -0.95 0.50
C ILE B 17 2.90 0.40 -0.19
N ALA B 18 4.15 0.83 -0.36
CA ALA B 18 4.44 2.10 -1.00
C ALA B 18 4.38 1.98 -2.52
N ASP B 19 4.84 0.84 -3.03
CA ASP B 19 4.84 0.60 -4.48
C ASP B 19 3.44 0.83 -5.06
N LEU B 20 2.44 0.31 -4.36
CA LEU B 20 1.05 0.45 -4.82
C LEU B 20 0.58 1.89 -4.68
N GLN B 21 0.79 2.47 -3.50
CA GLN B 21 0.38 3.84 -3.24
C GLN B 21 0.94 4.79 -4.29
N ALA B 22 2.16 4.54 -4.72
CA ALA B 22 2.81 5.37 -5.73
C ALA B 22 2.11 5.27 -7.07
N LYS B 23 1.63 4.07 -7.39
CA LYS B 23 0.92 3.84 -8.65
C LYS B 23 -0.44 4.51 -8.65
N ARG B 24 -1.06 4.59 -7.48
CA ARG B 24 -2.37 5.20 -7.34
C ARG B 24 -2.29 6.72 -7.48
N THR B 25 -1.29 7.31 -6.83
CA THR B 25 -1.10 8.76 -6.87
C THR B 25 -0.82 9.24 -8.29
N ARG B 26 0.18 8.64 -8.93
CA ARG B 26 0.55 9.00 -10.30
C ARG B 26 -0.68 9.04 -11.18
N LEU B 27 -1.53 8.02 -11.04
CA LEU B 27 -2.76 7.95 -11.81
C LEU B 27 -3.67 9.13 -11.48
N VAL B 28 -3.69 9.50 -10.20
CA VAL B 28 -4.52 10.62 -9.76
C VAL B 28 -4.04 11.90 -10.41
N GLN B 29 -2.73 12.09 -10.43
CA GLN B 29 -2.13 13.27 -11.04
C GLN B 29 -2.65 13.45 -12.46
N GLN B 30 -2.94 12.31 -13.10
CA GLN B 30 -3.47 12.33 -14.46
C GLN B 30 -4.91 12.83 -14.47
N HIS B 31 -5.63 12.54 -13.39
CA HIS B 31 -7.02 12.98 -13.27
C HIS B 31 -7.32 13.52 -11.88
N PRO B 32 -6.77 14.71 -11.54
CA PRO B 32 -6.98 15.34 -10.23
C PRO B 32 -8.41 15.81 -10.04
N ARG B 33 -9.09 16.12 -11.13
CA ARG B 33 -10.47 16.58 -11.08
C ARG B 33 -11.42 15.42 -10.80
N CYS A 1 -9.87 6.79 -24.64
CA CYS A 1 -9.73 6.56 -23.18
C CYS A 1 -9.78 7.88 -22.40
N GLY A 2 -10.99 8.28 -22.02
CA GLY A 2 -11.16 9.52 -21.29
C GLY A 2 -12.22 9.41 -20.21
N GLY A 3 -12.39 10.49 -19.45
CA GLY A 3 -13.39 10.50 -18.39
C GLY A 3 -12.82 10.03 -17.06
N ASP A 4 -13.65 9.33 -16.27
CA ASP A 4 -13.21 8.83 -14.98
C ASP A 4 -12.67 7.41 -15.08
N ASN A 5 -12.41 6.96 -16.30
CA ASN A 5 -11.89 5.62 -16.53
C ASN A 5 -10.65 5.39 -15.68
N ILE A 6 -9.94 6.48 -15.39
CA ILE A 6 -8.74 6.44 -14.58
C ILE A 6 -9.11 6.35 -13.10
N GLU A 7 -10.08 7.17 -12.70
CA GLU A 7 -10.54 7.20 -11.32
C GLU A 7 -10.98 5.81 -10.87
N GLN A 8 -11.40 4.99 -11.84
CA GLN A 8 -11.83 3.64 -11.55
C GLN A 8 -10.63 2.73 -11.34
N LYS A 9 -9.61 2.91 -12.16
CA LYS A 9 -8.39 2.13 -12.07
C LYS A 9 -7.72 2.34 -10.73
N ILE A 10 -7.73 3.57 -10.24
CA ILE A 10 -7.12 3.90 -8.96
C ILE A 10 -7.90 3.28 -7.81
N ASP A 11 -9.23 3.37 -7.87
CA ASP A 11 -10.08 2.81 -6.84
C ASP A 11 -9.65 1.38 -6.54
N ASP A 12 -9.23 0.69 -7.59
CA ASP A 12 -8.76 -0.68 -7.46
C ASP A 12 -7.48 -0.69 -6.66
N ILE A 13 -6.59 0.24 -6.99
CA ILE A 13 -5.32 0.37 -6.29
C ILE A 13 -5.56 0.67 -4.82
N ASP A 14 -6.44 1.63 -4.56
CA ASP A 14 -6.77 2.02 -3.19
C ASP A 14 -7.08 0.79 -2.33
N HIS A 15 -7.64 -0.23 -2.96
CA HIS A 15 -7.97 -1.46 -2.25
C HIS A 15 -6.72 -2.28 -2.00
N GLU A 16 -5.73 -2.12 -2.88
CA GLU A 16 -4.47 -2.84 -2.76
C GLU A 16 -3.52 -2.12 -1.83
N ILE A 17 -3.56 -0.79 -1.88
CA ILE A 17 -2.69 0.04 -1.04
C ILE A 17 -3.00 -0.18 0.44
N ALA A 18 -4.27 -0.45 0.73
CA ALA A 18 -4.71 -0.69 2.10
C ALA A 18 -4.41 -2.11 2.54
N ASP A 19 -4.55 -3.05 1.61
CA ASP A 19 -4.30 -4.46 1.90
C ASP A 19 -2.90 -4.65 2.49
N LEU A 20 -1.92 -3.98 1.90
CA LEU A 20 -0.54 -4.06 2.36
C LEU A 20 -0.38 -3.39 3.71
N GLN A 21 -0.85 -2.15 3.81
CA GLN A 21 -0.75 -1.38 5.05
C GLN A 21 -1.27 -2.20 6.23
N ALA A 22 -2.30 -3.00 5.98
CA ALA A 22 -2.88 -3.84 7.03
C ALA A 22 -1.95 -4.98 7.40
N LYS A 23 -1.21 -5.48 6.42
CA LYS A 23 -0.28 -6.57 6.64
C LYS A 23 0.90 -6.12 7.49
N ARG A 24 1.32 -4.87 7.30
CA ARG A 24 2.44 -4.30 8.05
C ARG A 24 2.05 -4.08 9.52
N THR A 25 0.85 -3.58 9.74
CA THR A 25 0.37 -3.31 11.09
C THR A 25 0.23 -4.59 11.90
N ARG A 26 -0.53 -5.56 11.37
CA ARG A 26 -0.73 -6.83 12.05
C ARG A 26 0.60 -7.41 12.50
N LEU A 27 1.58 -7.36 11.61
CA LEU A 27 2.91 -7.86 11.93
C LEU A 27 3.49 -7.09 13.12
N VAL A 28 3.22 -5.78 13.15
CA VAL A 28 3.70 -4.94 14.23
C VAL A 28 3.05 -5.36 15.54
N GLN A 29 1.75 -5.65 15.48
CA GLN A 29 1.01 -6.08 16.65
C GLN A 29 1.72 -7.27 17.32
N GLN A 30 2.42 -8.05 16.49
CA GLN A 30 3.16 -9.20 16.99
C GLN A 30 4.45 -8.75 17.66
N HIS A 31 5.02 -7.65 17.18
CA HIS A 31 6.27 -7.12 17.75
C HIS A 31 6.20 -5.59 17.88
N PRO A 32 5.23 -5.08 18.66
CA PRO A 32 5.06 -3.65 18.87
C PRO A 32 6.06 -3.08 19.88
N ARG A 33 6.44 -3.92 20.84
CA ARG A 33 7.39 -3.51 21.88
C ARG A 33 8.67 -4.32 21.80
N CYS B 1 13.21 -16.22 20.26
CA CYS B 1 13.10 -17.22 19.20
C CYS B 1 12.78 -16.56 17.87
N GLY B 2 13.27 -15.34 17.68
CA GLY B 2 13.03 -14.62 16.44
C GLY B 2 14.16 -13.67 16.10
N GLY B 3 14.21 -12.55 16.79
CA GLY B 3 15.26 -11.57 16.54
C GLY B 3 14.85 -10.55 15.49
N ASP B 4 13.75 -9.85 15.74
CA ASP B 4 13.26 -8.84 14.81
C ASP B 4 12.90 -9.45 13.45
N ASN B 5 12.73 -10.77 13.43
CA ASN B 5 12.38 -11.48 12.21
C ASN B 5 11.11 -10.88 11.60
N ILE B 6 10.28 -10.32 12.47
CA ILE B 6 9.04 -9.69 12.04
C ILE B 6 9.31 -8.29 11.52
N GLU B 7 10.12 -7.54 12.24
CA GLU B 7 10.47 -6.18 11.85
C GLU B 7 11.07 -6.16 10.45
N GLN B 8 11.73 -7.25 10.09
CA GLN B 8 12.34 -7.36 8.77
C GLN B 8 11.27 -7.67 7.72
N LYS B 9 10.36 -8.58 8.08
CA LYS B 9 9.28 -8.97 7.18
C LYS B 9 8.40 -7.77 6.85
N ILE B 10 8.19 -6.89 7.82
CA ILE B 10 7.37 -5.71 7.61
C ILE B 10 8.08 -4.71 6.71
N ASP B 11 9.36 -4.49 6.95
CA ASP B 11 10.14 -3.56 6.14
C ASP B 11 9.90 -3.84 4.66
N ASP B 12 9.73 -5.11 4.35
CA ASP B 12 9.47 -5.53 2.98
C ASP B 12 8.10 -5.03 2.55
N ILE B 13 7.10 -5.23 3.41
CA ILE B 13 5.75 -4.80 3.14
C ILE B 13 5.72 -3.28 2.98
N ASP B 14 6.34 -2.57 3.91
CA ASP B 14 6.39 -1.10 3.86
C ASP B 14 6.80 -0.62 2.49
N HIS B 15 7.65 -1.39 1.82
CA HIS B 15 8.11 -1.04 0.48
C HIS B 15 7.02 -1.29 -0.55
N GLU B 16 6.15 -2.25 -0.25
CA GLU B 16 5.06 -2.61 -1.15
C GLU B 16 3.86 -1.71 -0.90
N ILE B 17 3.65 -1.34 0.35
CA ILE B 17 2.53 -0.47 0.72
C ILE B 17 2.66 0.89 0.06
N ALA B 18 3.89 1.34 -0.09
CA ALA B 18 4.17 2.63 -0.71
C ALA B 18 4.10 2.54 -2.23
N ASP B 19 4.56 1.41 -2.78
CA ASP B 19 4.54 1.21 -4.22
C ASP B 19 3.14 1.41 -4.79
N LEU B 20 2.14 0.91 -4.07
CA LEU B 20 0.75 1.05 -4.52
C LEU B 20 0.27 2.49 -4.38
N GLN B 21 0.38 3.03 -3.18
CA GLN B 21 -0.05 4.41 -2.92
C GLN B 21 0.54 5.37 -3.95
N ALA B 22 1.79 5.13 -4.31
CA ALA B 22 2.47 5.98 -5.29
C ALA B 22 1.86 5.79 -6.68
N LYS B 23 1.34 4.59 -6.93
CA LYS B 23 0.72 4.28 -8.22
C LYS B 23 -0.64 4.95 -8.34
N ARG B 24 -1.34 5.07 -7.22
CA ARG B 24 -2.66 5.69 -7.22
C ARG B 24 -2.57 7.19 -7.42
N THR B 25 -1.62 7.82 -6.73
CA THR B 25 -1.43 9.27 -6.82
C THR B 25 -1.08 9.66 -8.25
N ARG B 26 -0.04 9.04 -8.80
CA ARG B 26 0.41 9.32 -10.16
C ARG B 26 -0.78 9.27 -11.12
N LEU B 27 -1.63 8.26 -10.93
CA LEU B 27 -2.81 8.10 -11.77
C LEU B 27 -3.75 9.29 -11.58
N VAL B 28 -3.84 9.75 -10.34
CA VAL B 28 -4.69 10.90 -10.03
C VAL B 28 -4.19 12.15 -10.73
N GLN B 29 -2.87 12.33 -10.71
CA GLN B 29 -2.26 13.48 -11.36
C GLN B 29 -2.71 13.56 -12.81
N GLN B 30 -2.95 12.39 -13.41
CA GLN B 30 -3.40 12.32 -14.79
C GLN B 30 -4.85 12.79 -14.90
N HIS B 31 -5.62 12.56 -13.84
CA HIS B 31 -7.03 12.98 -13.82
C HIS B 31 -7.38 13.67 -12.51
N PRO B 32 -6.88 14.89 -12.29
CA PRO B 32 -7.15 15.66 -11.07
C PRO B 32 -8.61 16.10 -10.97
N ARG B 33 -9.26 16.24 -12.12
CA ARG B 33 -10.66 16.65 -12.17
C ARG B 33 -11.54 15.69 -11.38
N CYS A 1 -9.92 11.45 -20.42
CA CYS A 1 -10.63 10.61 -21.41
C CYS A 1 -11.41 9.49 -20.73
N GLY A 2 -12.72 9.67 -20.62
CA GLY A 2 -13.56 8.66 -19.99
C GLY A 2 -14.08 9.10 -18.64
N GLY A 3 -14.08 10.41 -18.39
CA GLY A 3 -14.56 10.93 -17.12
C GLY A 3 -13.82 10.34 -15.94
N ASP A 4 -14.34 9.24 -15.42
CA ASP A 4 -13.73 8.57 -14.26
C ASP A 4 -13.15 7.21 -14.66
N ASN A 5 -12.99 6.99 -15.95
CA ASN A 5 -12.43 5.74 -16.46
C ASN A 5 -11.12 5.43 -15.75
N ILE A 6 -10.41 6.48 -15.38
CA ILE A 6 -9.14 6.36 -14.69
C ILE A 6 -9.39 6.15 -13.20
N GLU A 7 -10.31 6.94 -12.66
CA GLU A 7 -10.66 6.86 -11.24
C GLU A 7 -11.04 5.43 -10.86
N GLN A 8 -11.49 4.66 -11.84
CA GLN A 8 -11.87 3.28 -11.62
C GLN A 8 -10.63 2.41 -11.48
N LYS A 9 -9.66 2.65 -12.35
CA LYS A 9 -8.41 1.91 -12.34
C LYS A 9 -7.69 2.09 -11.02
N ILE A 10 -7.65 3.34 -10.54
CA ILE A 10 -6.98 3.63 -9.28
C ILE A 10 -7.72 2.99 -8.11
N ASP A 11 -9.05 3.07 -8.14
CA ASP A 11 -9.86 2.48 -7.08
C ASP A 11 -9.40 1.06 -6.79
N ASP A 12 -8.98 0.38 -7.85
CA ASP A 12 -8.48 -0.99 -7.73
C ASP A 12 -7.18 -0.97 -6.94
N ILE A 13 -6.27 -0.09 -7.34
CA ILE A 13 -4.99 0.05 -6.66
C ILE A 13 -5.20 0.41 -5.19
N ASP A 14 -6.06 1.40 -4.96
CA ASP A 14 -6.37 1.84 -3.60
C ASP A 14 -6.68 0.65 -2.69
N HIS A 15 -7.27 -0.39 -3.27
CA HIS A 15 -7.61 -1.59 -2.52
C HIS A 15 -6.36 -2.42 -2.25
N GLU A 16 -5.39 -2.31 -3.15
CA GLU A 16 -4.14 -3.05 -3.01
C GLU A 16 -3.16 -2.30 -2.13
N ILE A 17 -3.20 -0.97 -2.19
CA ILE A 17 -2.32 -0.13 -1.41
C ILE A 17 -2.61 -0.29 0.09
N ALA A 18 -3.88 -0.51 0.39
CA ALA A 18 -4.32 -0.68 1.78
C ALA A 18 -4.04 -2.09 2.27
N ASP A 19 -4.20 -3.07 1.39
CA ASP A 19 -3.97 -4.47 1.73
C ASP A 19 -2.59 -4.65 2.33
N LEU A 20 -1.59 -4.01 1.74
CA LEU A 20 -0.22 -4.10 2.21
C LEU A 20 -0.07 -3.36 3.54
N GLN A 21 -0.54 -2.12 3.57
CA GLN A 21 -0.46 -1.30 4.78
C GLN A 21 -1.04 -2.03 5.98
N ALA A 22 -2.08 -2.82 5.74
CA ALA A 22 -2.72 -3.57 6.80
C ALA A 22 -1.83 -4.72 7.27
N LYS A 23 -1.06 -5.27 6.35
CA LYS A 23 -0.16 -6.38 6.67
C LYS A 23 0.97 -5.90 7.58
N ARG A 24 1.43 -4.69 7.36
CA ARG A 24 2.51 -4.12 8.17
C ARG A 24 2.07 -3.92 9.61
N THR A 25 0.88 -3.34 9.79
CA THR A 25 0.35 -3.09 11.12
C THR A 25 0.14 -4.38 11.89
N ARG A 26 -0.63 -5.30 11.29
CA ARG A 26 -0.91 -6.59 11.93
C ARG A 26 0.38 -7.23 12.41
N LEU A 27 1.40 -7.18 11.57
CA LEU A 27 2.69 -7.74 11.90
C LEU A 27 3.28 -7.02 13.11
N VAL A 28 3.07 -5.70 13.16
CA VAL A 28 3.56 -4.90 14.28
C VAL A 28 2.88 -5.34 15.57
N GLN A 29 1.58 -5.57 15.50
CA GLN A 29 0.81 -6.02 16.66
C GLN A 29 1.47 -7.24 17.26
N GLN A 30 2.11 -8.03 16.41
CA GLN A 30 2.81 -9.23 16.86
C GLN A 30 4.09 -8.87 17.59
N HIS A 31 4.70 -7.75 17.19
CA HIS A 31 5.93 -7.29 17.83
C HIS A 31 5.90 -5.78 18.05
N PRO A 32 4.99 -5.30 18.92
CA PRO A 32 4.86 -3.88 19.22
C PRO A 32 5.84 -3.42 20.29
N ARG A 33 6.25 -4.34 21.15
CA ARG A 33 7.19 -4.04 22.23
C ARG A 33 8.49 -4.80 22.05
N CYS B 1 14.60 -17.44 17.74
CA CYS B 1 13.20 -17.78 17.55
C CYS B 1 12.39 -16.57 17.12
N GLY B 2 12.31 -15.58 18.01
CA GLY B 2 11.55 -14.37 17.70
C GLY B 2 12.45 -13.21 17.34
N GLY B 3 12.55 -12.24 18.25
CA GLY B 3 13.39 -11.08 18.00
C GLY B 3 12.74 -10.08 17.05
N ASP B 4 13.57 -9.40 16.27
CA ASP B 4 13.07 -8.41 15.31
C ASP B 4 12.86 -9.05 13.93
N ASN B 5 12.87 -10.37 13.88
CA ASN B 5 12.67 -11.08 12.61
C ASN B 5 11.40 -10.61 11.95
N ILE B 6 10.45 -10.16 12.76
CA ILE B 6 9.19 -9.65 12.27
C ILE B 6 9.35 -8.22 11.76
N GLU B 7 10.04 -7.41 12.56
CA GLU B 7 10.30 -6.01 12.21
C GLU B 7 10.98 -5.91 10.85
N GLN B 8 11.71 -6.96 10.48
CA GLN B 8 12.39 -7.00 9.20
C GLN B 8 11.42 -7.37 8.09
N LYS B 9 10.53 -8.30 8.38
CA LYS B 9 9.53 -8.74 7.42
C LYS B 9 8.62 -7.58 7.03
N ILE B 10 8.30 -6.73 8.01
CA ILE B 10 7.42 -5.59 7.75
C ILE B 10 8.13 -4.55 6.89
N ASP B 11 9.40 -4.27 7.20
CA ASP B 11 10.17 -3.30 6.43
C ASP B 11 10.06 -3.61 4.95
N ASP B 12 9.99 -4.90 4.64
CA ASP B 12 9.85 -5.34 3.26
C ASP B 12 8.50 -4.90 2.73
N ILE B 13 7.47 -5.10 3.54
CA ILE B 13 6.13 -4.70 3.17
C ILE B 13 6.06 -3.19 2.98
N ASP B 14 6.64 -2.44 3.92
CA ASP B 14 6.65 -0.98 3.84
C ASP B 14 7.10 -0.52 2.46
N HIS B 15 7.96 -1.30 1.83
CA HIS B 15 8.46 -0.97 0.50
C HIS B 15 7.41 -1.28 -0.55
N GLU B 16 6.59 -2.29 -0.28
CA GLU B 16 5.54 -2.70 -1.20
C GLU B 16 4.30 -1.83 -1.02
N ILE B 17 4.06 -1.40 0.21
CA ILE B 17 2.90 -0.57 0.52
C ILE B 17 3.02 0.78 -0.17
N ALA B 18 4.24 1.29 -0.25
CA ALA B 18 4.50 2.58 -0.88
C ALA B 18 4.48 2.47 -2.40
N ASP B 19 4.95 1.35 -2.92
CA ASP B 19 4.98 1.12 -4.36
C ASP B 19 3.60 1.31 -4.97
N LEU B 20 2.60 0.69 -4.35
CA LEU B 20 1.22 0.80 -4.83
C LEU B 20 0.72 2.23 -4.74
N GLN B 21 0.89 2.83 -3.56
CA GLN B 21 0.45 4.21 -3.33
C GLN B 21 0.95 5.12 -4.45
N ALA B 22 2.10 4.79 -5.02
CA ALA B 22 2.68 5.58 -6.09
C ALA B 22 1.90 5.38 -7.40
N LYS B 23 1.44 4.16 -7.62
CA LYS B 23 0.68 3.83 -8.82
C LYS B 23 -0.67 4.56 -8.83
N ARG B 24 -1.23 4.78 -7.64
CA ARG B 24 -2.51 5.46 -7.51
C ARG B 24 -2.37 6.96 -7.77
N THR B 25 -1.31 7.55 -7.22
CA THR B 25 -1.06 8.97 -7.38
C THR B 25 -0.82 9.34 -8.84
N ARG B 26 0.13 8.66 -9.48
CA ARG B 26 0.46 8.91 -10.87
C ARG B 26 -0.82 8.91 -11.72
N LEU B 27 -1.66 7.91 -11.48
CA LEU B 27 -2.91 7.80 -12.21
C LEU B 27 -3.77 9.04 -11.95
N VAL B 28 -3.71 9.55 -10.72
CA VAL B 28 -4.48 10.73 -10.36
C VAL B 28 -3.97 11.94 -11.14
N GLN B 29 -2.65 12.04 -11.25
CA GLN B 29 -2.03 13.14 -11.99
C GLN B 29 -2.62 13.22 -13.40
N GLN B 30 -3.05 12.06 -13.91
CA GLN B 30 -3.65 12.00 -15.23
C GLN B 30 -5.08 12.51 -15.19
N HIS B 31 -5.75 12.33 -14.06
CA HIS B 31 -7.13 12.79 -13.90
C HIS B 31 -7.35 13.41 -12.51
N PRO B 32 -6.62 14.48 -12.19
CA PRO B 32 -6.73 15.16 -10.90
C PRO B 32 -8.02 15.98 -10.78
N ARG B 33 -8.51 16.44 -11.93
CA ARG B 33 -9.74 17.25 -11.96
C ARG B 33 -10.80 16.58 -12.82
N CYS A 1 -8.30 6.85 -24.54
CA CYS A 1 -9.40 7.83 -24.30
C CYS A 1 -10.33 7.37 -23.20
N GLY A 2 -11.12 8.29 -22.66
CA GLY A 2 -12.05 7.96 -21.60
C GLY A 2 -12.24 9.10 -20.63
N GLY A 3 -13.21 8.96 -19.73
CA GLY A 3 -13.48 9.98 -18.75
C GLY A 3 -12.94 9.63 -17.37
N ASP A 4 -13.74 8.88 -16.61
CA ASP A 4 -13.35 8.47 -15.27
C ASP A 4 -12.69 7.10 -15.29
N ASN A 5 -12.30 6.64 -16.47
CA ASN A 5 -11.66 5.34 -16.62
C ASN A 5 -10.45 5.24 -15.69
N ILE A 6 -9.88 6.40 -15.40
CA ILE A 6 -8.72 6.48 -14.51
C ILE A 6 -9.18 6.45 -13.06
N GLU A 7 -10.21 7.21 -12.75
CA GLU A 7 -10.76 7.27 -11.41
C GLU A 7 -11.19 5.89 -10.92
N GLN A 8 -11.57 5.04 -11.87
CA GLN A 8 -11.99 3.68 -11.55
C GLN A 8 -10.77 2.80 -11.33
N LYS A 9 -9.77 2.99 -12.18
CA LYS A 9 -8.53 2.22 -12.10
C LYS A 9 -7.85 2.45 -10.75
N ILE A 10 -7.93 3.69 -10.25
CA ILE A 10 -7.32 4.01 -8.97
C ILE A 10 -8.07 3.37 -7.82
N ASP A 11 -9.39 3.42 -7.87
CA ASP A 11 -10.22 2.83 -6.82
C ASP A 11 -9.75 1.41 -6.55
N ASP A 12 -9.31 0.74 -7.61
CA ASP A 12 -8.81 -0.62 -7.49
C ASP A 12 -7.51 -0.62 -6.70
N ILE A 13 -6.63 0.31 -7.05
CA ILE A 13 -5.35 0.44 -6.38
C ILE A 13 -5.57 0.76 -4.90
N ASP A 14 -6.43 1.74 -4.64
CA ASP A 14 -6.73 2.15 -3.27
C ASP A 14 -7.05 0.94 -2.39
N HIS A 15 -7.65 -0.08 -3.00
CA HIS A 15 -7.99 -1.29 -2.27
C HIS A 15 -6.76 -2.14 -2.03
N GLU A 16 -5.78 -2.01 -2.92
CA GLU A 16 -4.54 -2.76 -2.81
C GLU A 16 -3.56 -2.05 -1.88
N ILE A 17 -3.59 -0.72 -1.91
CA ILE A 17 -2.73 0.08 -1.07
C ILE A 17 -3.02 -0.14 0.41
N ALA A 18 -4.30 -0.35 0.71
CA ALA A 18 -4.75 -0.58 2.07
C ALA A 18 -4.46 -2.02 2.53
N ASP A 19 -4.59 -2.96 1.59
CA ASP A 19 -4.35 -4.36 1.90
C ASP A 19 -2.95 -4.55 2.49
N LEU A 20 -1.96 -3.97 1.84
CA LEU A 20 -0.57 -4.08 2.29
C LEU A 20 -0.41 -3.42 3.66
N GLN A 21 -0.84 -2.17 3.77
CA GLN A 21 -0.74 -1.44 5.03
C GLN A 21 -1.25 -2.27 6.20
N ALA A 22 -2.22 -3.14 5.92
CA ALA A 22 -2.80 -4.00 6.95
C ALA A 22 -1.83 -5.11 7.34
N LYS A 23 -1.07 -5.59 6.36
CA LYS A 23 -0.10 -6.66 6.59
C LYS A 23 1.04 -6.19 7.48
N ARG A 24 1.37 -4.91 7.38
CA ARG A 24 2.46 -4.35 8.18
C ARG A 24 2.06 -4.21 9.65
N THR A 25 0.83 -3.76 9.89
CA THR A 25 0.32 -3.59 11.25
C THR A 25 0.21 -4.93 11.98
N ARG A 26 -0.56 -5.84 11.39
CA ARG A 26 -0.75 -7.16 12.00
C ARG A 26 0.59 -7.77 12.40
N LEU A 27 1.59 -7.58 11.55
CA LEU A 27 2.93 -8.10 11.83
C LEU A 27 3.52 -7.37 13.03
N VAL A 28 3.27 -6.06 13.13
CA VAL A 28 3.77 -5.28 14.23
C VAL A 28 3.23 -5.81 15.55
N GLN A 29 1.93 -6.08 15.57
CA GLN A 29 1.28 -6.61 16.76
C GLN A 29 2.04 -7.84 17.24
N GLN A 30 2.57 -8.60 16.28
CA GLN A 30 3.34 -9.80 16.59
C GLN A 30 4.63 -9.42 17.30
N HIS A 31 5.16 -8.24 17.00
CA HIS A 31 6.39 -7.77 17.62
C HIS A 31 6.32 -6.26 17.90
N PRO A 32 5.79 -5.88 19.08
CA PRO A 32 5.67 -4.48 19.47
C PRO A 32 7.00 -3.88 19.91
N ARG A 33 7.98 -3.91 19.02
CA ARG A 33 9.31 -3.36 19.32
C ARG A 33 10.12 -3.17 18.04
N CYS B 1 13.22 -16.21 22.12
CA CYS B 1 12.72 -16.84 20.90
C CYS B 1 11.85 -15.88 20.10
N GLY B 2 12.46 -15.19 19.14
CA GLY B 2 11.72 -14.26 18.32
C GLY B 2 12.33 -12.86 18.34
N GLY B 3 13.35 -12.65 17.52
CA GLY B 3 14.01 -11.36 17.46
C GLY B 3 13.28 -10.38 16.55
N ASP B 4 14.05 -9.69 15.72
CA ASP B 4 13.48 -8.71 14.79
C ASP B 4 13.22 -9.34 13.43
N ASN B 5 13.25 -10.67 13.36
CA ASN B 5 13.02 -11.38 12.11
C ASN B 5 11.71 -10.92 11.49
N ILE B 6 10.78 -10.51 12.35
CA ILE B 6 9.49 -10.03 11.90
C ILE B 6 9.60 -8.59 11.41
N GLU B 7 10.31 -7.77 12.17
CA GLU B 7 10.52 -6.38 11.81
C GLU B 7 11.12 -6.25 10.41
N GLN B 8 11.81 -7.30 9.98
CA GLN B 8 12.42 -7.32 8.66
C GLN B 8 11.37 -7.63 7.59
N LYS B 9 10.48 -8.55 7.92
CA LYS B 9 9.41 -8.94 7.01
C LYS B 9 8.50 -7.75 6.71
N ILE B 10 8.27 -6.92 7.71
CA ILE B 10 7.41 -5.75 7.54
C ILE B 10 8.09 -4.70 6.66
N ASP B 11 9.37 -4.47 6.90
CA ASP B 11 10.13 -3.49 6.12
C ASP B 11 9.91 -3.76 4.63
N ASP B 12 9.78 -5.03 4.29
CA ASP B 12 9.55 -5.42 2.91
C ASP B 12 8.16 -4.95 2.48
N ILE B 13 7.18 -5.17 3.35
CA ILE B 13 5.82 -4.74 3.09
C ILE B 13 5.76 -3.23 2.93
N ASP B 14 6.38 -2.52 3.87
CA ASP B 14 6.40 -1.05 3.83
C ASP B 14 6.81 -0.55 2.45
N HIS B 15 7.65 -1.32 1.77
CA HIS B 15 8.11 -0.95 0.43
C HIS B 15 7.02 -1.21 -0.59
N GLU B 16 6.16 -2.19 -0.29
CA GLU B 16 5.07 -2.55 -1.18
C GLU B 16 3.85 -1.67 -0.93
N ILE B 17 3.64 -1.30 0.33
CA ILE B 17 2.51 -0.46 0.71
C ILE B 17 2.63 0.91 0.07
N ALA B 18 3.87 1.38 -0.06
CA ALA B 18 4.13 2.69 -0.66
C ALA B 18 4.07 2.62 -2.19
N ASP B 19 4.54 1.51 -2.75
CA ASP B 19 4.53 1.33 -4.20
C ASP B 19 3.13 1.55 -4.77
N LEU B 20 2.13 0.99 -4.09
CA LEU B 20 0.75 1.13 -4.52
C LEU B 20 0.26 2.57 -4.34
N GLN B 21 0.46 3.11 -3.14
CA GLN B 21 0.05 4.47 -2.84
C GLN B 21 0.58 5.46 -3.88
N ALA B 22 1.77 5.17 -4.40
CA ALA B 22 2.38 6.02 -5.40
C ALA B 22 1.69 5.87 -6.75
N LYS B 23 1.17 4.68 -7.01
CA LYS B 23 0.48 4.40 -8.27
C LYS B 23 -0.88 5.10 -8.31
N ARG B 24 -1.54 5.15 -7.16
CA ARG B 24 -2.85 5.78 -7.06
C ARG B 24 -2.75 7.30 -7.27
N THR B 25 -1.75 7.90 -6.64
CA THR B 25 -1.54 9.35 -6.75
C THR B 25 -1.22 9.75 -8.19
N ARG B 26 -0.21 9.12 -8.77
CA ARG B 26 0.20 9.42 -10.13
C ARG B 26 -1.01 9.41 -11.06
N LEU B 27 -1.86 8.40 -10.89
CA LEU B 27 -3.05 8.28 -11.70
C LEU B 27 -3.96 9.48 -11.46
N VAL B 28 -4.01 9.94 -10.21
CA VAL B 28 -4.83 11.10 -9.86
C VAL B 28 -4.30 12.34 -10.57
N GLN B 29 -2.98 12.50 -10.55
CA GLN B 29 -2.35 13.63 -11.21
C GLN B 29 -2.81 13.72 -12.65
N GLN B 30 -3.17 12.58 -13.22
CA GLN B 30 -3.66 12.51 -14.59
C GLN B 30 -5.10 13.01 -14.67
N HIS B 31 -5.86 12.79 -13.59
CA HIS B 31 -7.26 13.23 -13.55
C HIS B 31 -7.59 13.84 -12.19
N PRO B 32 -6.91 14.94 -11.82
CA PRO B 32 -7.14 15.62 -10.54
C PRO B 32 -8.41 16.45 -10.56
N ARG B 33 -8.77 16.96 -11.72
CA ARG B 33 -9.97 17.78 -11.87
C ARG B 33 -10.23 18.10 -13.34
N CYS A 1 -9.57 13.58 -18.53
CA CYS A 1 -9.75 13.59 -20.01
C CYS A 1 -10.81 12.57 -20.44
N GLY A 2 -10.53 11.30 -20.15
CA GLY A 2 -11.46 10.24 -20.52
C GLY A 2 -12.43 9.91 -19.39
N GLY A 3 -12.97 10.94 -18.76
CA GLY A 3 -13.92 10.73 -17.67
C GLY A 3 -13.26 10.14 -16.45
N ASP A 4 -14.00 9.29 -15.74
CA ASP A 4 -13.47 8.65 -14.53
C ASP A 4 -12.90 7.28 -14.84
N ASN A 5 -12.67 7.00 -16.11
CA ASN A 5 -12.12 5.72 -16.54
C ASN A 5 -10.83 5.43 -15.76
N ILE A 6 -10.13 6.49 -15.39
CA ILE A 6 -8.91 6.38 -14.63
C ILE A 6 -9.21 6.16 -13.16
N GLU A 7 -10.17 6.90 -12.65
CA GLU A 7 -10.58 6.79 -11.25
C GLU A 7 -10.99 5.35 -10.92
N GLN A 8 -11.43 4.62 -11.94
CA GLN A 8 -11.84 3.24 -11.76
C GLN A 8 -10.62 2.34 -11.61
N LYS A 9 -9.62 2.57 -12.47
CA LYS A 9 -8.39 1.79 -12.43
C LYS A 9 -7.69 1.95 -11.08
N ILE A 10 -7.65 3.18 -10.58
CA ILE A 10 -7.00 3.44 -9.31
C ILE A 10 -7.78 2.81 -8.16
N ASP A 11 -9.10 2.92 -8.20
CA ASP A 11 -9.95 2.35 -7.17
C ASP A 11 -9.52 0.92 -6.88
N ASP A 12 -9.11 0.24 -7.94
CA ASP A 12 -8.64 -1.14 -7.83
C ASP A 12 -7.35 -1.17 -7.02
N ILE A 13 -6.42 -0.28 -7.39
CA ILE A 13 -5.15 -0.17 -6.69
C ILE A 13 -5.38 0.17 -5.23
N ASP A 14 -6.23 1.15 -4.98
CA ASP A 14 -6.55 1.57 -3.62
C ASP A 14 -6.87 0.38 -2.73
N HIS A 15 -7.46 -0.64 -3.33
CA HIS A 15 -7.81 -1.85 -2.59
C HIS A 15 -6.57 -2.69 -2.33
N GLU A 16 -5.60 -2.59 -3.22
CA GLU A 16 -4.36 -3.33 -3.09
C GLU A 16 -3.37 -2.60 -2.20
N ILE A 17 -3.41 -1.27 -2.24
CA ILE A 17 -2.52 -0.44 -1.44
C ILE A 17 -2.83 -0.62 0.05
N ALA A 18 -4.09 -0.85 0.35
CA ALA A 18 -4.53 -1.04 1.73
C ALA A 18 -4.24 -2.46 2.22
N ASP A 19 -4.41 -3.43 1.33
CA ASP A 19 -4.17 -4.83 1.67
C ASP A 19 -2.77 -5.01 2.27
N LEU A 20 -1.78 -4.39 1.63
CA LEU A 20 -0.40 -4.47 2.10
C LEU A 20 -0.22 -3.73 3.42
N GLN A 21 -0.71 -2.48 3.47
CA GLN A 21 -0.60 -1.67 4.67
C GLN A 21 -1.11 -2.43 5.90
N ALA A 22 -2.16 -3.23 5.70
CA ALA A 22 -2.74 -4.01 6.78
C ALA A 22 -1.79 -5.11 7.22
N LYS A 23 -1.07 -5.68 6.27
CA LYS A 23 -0.11 -6.74 6.56
C LYS A 23 1.02 -6.23 7.44
N ARG A 24 1.39 -4.97 7.26
CA ARG A 24 2.46 -4.37 8.04
C ARG A 24 2.01 -4.07 9.46
N THR A 25 0.83 -3.46 9.59
CA THR A 25 0.28 -3.11 10.89
C THR A 25 0.11 -4.33 11.77
N ARG A 26 -0.60 -5.33 11.25
CA ARG A 26 -0.84 -6.57 11.99
C ARG A 26 0.46 -7.14 12.51
N LEU A 27 1.46 -7.17 11.65
CA LEU A 27 2.77 -7.67 12.03
C LEU A 27 3.35 -6.83 13.16
N VAL A 28 3.07 -5.52 13.12
CA VAL A 28 3.56 -4.61 14.15
C VAL A 28 2.92 -4.96 15.49
N GLN A 29 1.61 -5.21 15.44
CA GLN A 29 0.88 -5.57 16.66
C GLN A 29 1.60 -6.70 17.38
N GLN A 30 2.25 -7.56 16.60
CA GLN A 30 2.99 -8.67 17.15
C GLN A 30 4.27 -8.18 17.82
N HIS A 31 4.86 -7.13 17.26
CA HIS A 31 6.08 -6.56 17.82
C HIS A 31 6.02 -5.02 17.82
N PRO A 32 5.13 -4.45 18.65
CA PRO A 32 4.97 -3.00 18.75
C PRO A 32 6.10 -2.34 19.53
N ARG A 33 6.69 -3.09 20.44
CA ARG A 33 7.79 -2.59 21.26
C ARG A 33 8.89 -3.64 21.41
N CYS B 1 12.98 -17.07 16.74
CA CYS B 1 12.72 -17.05 18.17
C CYS B 1 12.12 -15.71 18.59
N GLY B 2 12.87 -14.64 18.39
CA GLY B 2 12.40 -13.32 18.75
C GLY B 2 13.29 -12.21 18.22
N GLY B 3 13.08 -10.99 18.71
CA GLY B 3 13.87 -9.87 18.26
C GLY B 3 13.17 -9.04 17.21
N ASP B 4 13.90 -8.67 16.16
CA ASP B 4 13.34 -7.86 15.08
C ASP B 4 13.06 -8.71 13.84
N ASN B 5 13.07 -10.03 14.02
CA ASN B 5 12.81 -10.95 12.91
C ASN B 5 11.50 -10.59 12.23
N ILE B 6 10.60 -9.99 12.99
CA ILE B 6 9.30 -9.57 12.48
C ILE B 6 9.44 -8.23 11.79
N GLU B 7 10.16 -7.32 12.42
CA GLU B 7 10.39 -5.98 11.87
C GLU B 7 11.02 -6.07 10.49
N GLN B 8 11.68 -7.18 10.21
CA GLN B 8 12.32 -7.38 8.92
C GLN B 8 11.29 -7.77 7.87
N LYS B 9 10.40 -8.67 8.25
CA LYS B 9 9.35 -9.14 7.34
C LYS B 9 8.46 -7.97 6.91
N ILE B 10 8.15 -7.09 7.85
CA ILE B 10 7.32 -5.93 7.54
C ILE B 10 8.04 -4.97 6.61
N ASP B 11 9.31 -4.72 6.88
CA ASP B 11 10.11 -3.81 6.05
C ASP B 11 9.94 -4.16 4.58
N ASP B 12 9.80 -5.47 4.32
CA ASP B 12 9.59 -5.94 2.97
C ASP B 12 8.24 -5.45 2.45
N ILE B 13 7.22 -5.63 3.29
CA ILE B 13 5.88 -5.19 2.95
C ILE B 13 5.86 -3.69 2.72
N ASP B 14 6.49 -2.94 3.62
CA ASP B 14 6.55 -1.49 3.52
C ASP B 14 6.98 -1.07 2.12
N HIS B 15 7.82 -1.88 1.48
CA HIS B 15 8.29 -1.59 0.14
C HIS B 15 7.19 -1.88 -0.88
N GLU B 16 6.32 -2.84 -0.55
CA GLU B 16 5.24 -3.21 -1.43
C GLU B 16 4.03 -2.30 -1.23
N ILE B 17 3.83 -1.86 0.00
CA ILE B 17 2.72 -0.98 0.33
C ILE B 17 2.87 0.37 -0.37
N ALA B 18 4.11 0.80 -0.54
CA ALA B 18 4.40 2.07 -1.19
C ALA B 18 4.32 1.95 -2.71
N ASP B 19 4.76 0.81 -3.23
CA ASP B 19 4.72 0.56 -4.67
C ASP B 19 3.32 0.78 -5.23
N LEU B 20 2.32 0.28 -4.53
CA LEU B 20 0.93 0.43 -4.95
C LEU B 20 0.47 1.87 -4.83
N GLN B 21 0.72 2.47 -3.66
CA GLN B 21 0.33 3.85 -3.40
C GLN B 21 0.84 4.78 -4.49
N ALA B 22 2.06 4.53 -4.95
CA ALA B 22 2.67 5.34 -6.00
C ALA B 22 1.89 5.23 -7.31
N LYS B 23 1.45 4.01 -7.62
CA LYS B 23 0.70 3.76 -8.85
C LYS B 23 -0.66 4.45 -8.81
N ARG B 24 -1.24 4.53 -7.62
CA ARG B 24 -2.55 5.16 -7.45
C ARG B 24 -2.46 6.68 -7.59
N THR B 25 -1.44 7.27 -6.95
CA THR B 25 -1.25 8.71 -7.00
C THR B 25 -0.97 9.18 -8.42
N ARG B 26 0.05 8.61 -9.05
CA ARG B 26 0.43 8.98 -10.41
C ARG B 26 -0.79 8.99 -11.32
N LEU B 27 -1.66 7.99 -11.13
CA LEU B 27 -2.87 7.90 -11.92
C LEU B 27 -3.80 9.06 -11.60
N VAL B 28 -3.85 9.44 -10.32
CA VAL B 28 -4.68 10.55 -9.89
C VAL B 28 -4.23 11.83 -10.56
N GLN B 29 -2.92 12.06 -10.55
CA GLN B 29 -2.35 13.25 -11.17
C GLN B 29 -2.85 13.37 -12.60
N GLN B 30 -3.08 12.23 -13.23
CA GLN B 30 -3.58 12.17 -14.59
C GLN B 30 -5.02 12.69 -14.65
N HIS B 31 -5.77 12.44 -13.57
CA HIS B 31 -7.16 12.89 -13.50
C HIS B 31 -7.47 13.48 -12.13
N PRO B 32 -6.98 14.70 -11.85
CA PRO B 32 -7.21 15.38 -10.57
C PRO B 32 -8.66 15.83 -10.41
N ARG B 33 -9.32 16.10 -11.53
CA ARG B 33 -10.71 16.53 -11.52
C ARG B 33 -11.55 15.73 -12.51
N CYS A 1 -10.47 13.14 -24.71
CA CYS A 1 -11.09 11.87 -24.26
C CYS A 1 -10.42 11.35 -22.99
N GLY A 2 -11.15 11.37 -21.89
CA GLY A 2 -10.61 10.89 -20.63
C GLY A 2 -11.56 11.09 -19.47
N GLY A 3 -12.59 10.26 -19.40
CA GLY A 3 -13.57 10.37 -18.33
C GLY A 3 -13.01 9.93 -16.99
N ASP A 4 -13.58 8.88 -16.42
CA ASP A 4 -13.14 8.37 -15.13
C ASP A 4 -12.51 6.99 -15.28
N ASN A 5 -12.17 6.62 -16.50
CA ASN A 5 -11.56 5.32 -16.77
C ASN A 5 -10.34 5.12 -15.88
N ILE A 6 -9.71 6.24 -15.53
CA ILE A 6 -8.54 6.21 -14.67
C ILE A 6 -8.95 6.11 -13.21
N GLU A 7 -9.94 6.90 -12.83
CA GLU A 7 -10.46 6.90 -11.46
C GLU A 7 -10.90 5.50 -11.05
N GLN A 8 -11.26 4.69 -12.04
CA GLN A 8 -11.69 3.32 -11.77
C GLN A 8 -10.49 2.41 -11.53
N LYS A 9 -9.47 2.60 -12.36
CA LYS A 9 -8.24 1.81 -12.25
C LYS A 9 -7.59 2.03 -10.88
N ILE A 10 -7.66 3.26 -10.38
CA ILE A 10 -7.07 3.57 -9.09
C ILE A 10 -7.87 2.94 -7.96
N ASP A 11 -9.20 3.01 -8.05
CA ASP A 11 -10.06 2.42 -7.02
C ASP A 11 -9.62 0.99 -6.73
N ASP A 12 -9.15 0.31 -7.77
CA ASP A 12 -8.67 -1.05 -7.63
C ASP A 12 -7.41 -1.06 -6.79
N ILE A 13 -6.49 -0.16 -7.14
CA ILE A 13 -5.23 -0.03 -6.41
C ILE A 13 -5.51 0.32 -4.94
N ASP A 14 -6.40 1.27 -4.73
CA ASP A 14 -6.76 1.70 -3.38
C ASP A 14 -7.07 0.50 -2.49
N HIS A 15 -7.65 -0.54 -3.10
CA HIS A 15 -7.99 -1.75 -2.36
C HIS A 15 -6.74 -2.56 -2.08
N GLU A 16 -5.74 -2.43 -2.94
CA GLU A 16 -4.49 -3.15 -2.79
C GLU A 16 -3.54 -2.40 -1.85
N ILE A 17 -3.60 -1.07 -1.90
CA ILE A 17 -2.75 -0.23 -1.07
C ILE A 17 -3.09 -0.43 0.41
N ALA A 18 -4.37 -0.70 0.68
CA ALA A 18 -4.83 -0.91 2.04
C ALA A 18 -4.52 -2.32 2.53
N ASP A 19 -4.63 -3.29 1.62
CA ASP A 19 -4.37 -4.69 1.97
C ASP A 19 -2.97 -4.84 2.57
N LEU A 20 -1.99 -4.18 1.96
CA LEU A 20 -0.62 -4.24 2.45
C LEU A 20 -0.47 -3.52 3.79
N GLN A 21 -0.95 -2.28 3.84
CA GLN A 21 -0.86 -1.48 5.06
C GLN A 21 -1.41 -2.25 6.26
N ALA A 22 -2.44 -3.05 6.02
CA ALA A 22 -3.06 -3.85 7.07
C ALA A 22 -2.14 -4.98 7.52
N LYS A 23 -1.38 -5.52 6.57
CA LYS A 23 -0.46 -6.61 6.85
C LYS A 23 0.72 -6.13 7.70
N ARG A 24 1.16 -4.90 7.44
CA ARG A 24 2.29 -4.34 8.18
C ARG A 24 1.90 -4.04 9.63
N THR A 25 0.70 -3.51 9.82
CA THR A 25 0.22 -3.17 11.16
C THR A 25 0.07 -4.42 12.02
N ARG A 26 -0.70 -5.39 11.53
CA ARG A 26 -0.93 -6.63 12.27
C ARG A 26 0.39 -7.21 12.76
N LEU A 27 1.40 -7.16 11.90
CA LEU A 27 2.71 -7.67 12.25
C LEU A 27 3.32 -6.83 13.37
N VAL A 28 3.09 -5.52 13.31
CA VAL A 28 3.59 -4.62 14.34
C VAL A 28 3.01 -4.97 15.69
N GLN A 29 1.69 -5.20 15.72
CA GLN A 29 1.00 -5.57 16.94
C GLN A 29 1.71 -6.74 17.60
N GLN A 30 2.25 -7.62 16.76
CA GLN A 30 2.98 -8.78 17.24
C GLN A 30 4.28 -8.35 17.93
N HIS A 31 4.86 -7.25 17.46
CA HIS A 31 6.09 -6.73 18.04
C HIS A 31 6.05 -5.20 18.12
N PRO A 32 5.28 -4.65 19.08
CA PRO A 32 5.17 -3.21 19.27
C PRO A 32 6.49 -2.56 19.68
N ARG A 33 7.35 -3.35 20.31
CA ARG A 33 8.66 -2.86 20.75
C ARG A 33 9.47 -2.34 19.56
N CYS B 1 16.80 -16.70 17.20
CA CYS B 1 15.73 -17.51 16.64
C CYS B 1 14.63 -16.64 16.05
N GLY B 2 14.44 -15.45 16.63
CA GLY B 2 13.42 -14.54 16.14
C GLY B 2 13.74 -13.09 16.46
N GLY B 3 13.18 -12.59 17.55
CA GLY B 3 13.42 -11.21 17.93
C GLY B 3 12.79 -10.21 16.98
N ASP B 4 13.61 -9.65 16.10
CA ASP B 4 13.13 -8.68 15.12
C ASP B 4 12.76 -9.35 13.81
N ASN B 5 12.65 -10.66 13.83
CA ASN B 5 12.29 -11.43 12.62
C ASN B 5 11.02 -10.86 12.02
N ILE B 6 10.19 -10.28 12.86
CA ILE B 6 8.93 -9.69 12.44
C ILE B 6 9.18 -8.30 11.84
N GLU B 7 10.01 -7.52 12.54
CA GLU B 7 10.35 -6.17 12.10
C GLU B 7 10.94 -6.19 10.70
N GLN B 8 11.60 -7.29 10.36
CA GLN B 8 12.19 -7.44 9.03
C GLN B 8 11.13 -7.78 8.01
N LYS B 9 10.22 -8.66 8.39
CA LYS B 9 9.13 -9.08 7.52
C LYS B 9 8.26 -7.88 7.13
N ILE B 10 8.04 -6.99 8.09
CA ILE B 10 7.22 -5.81 7.82
C ILE B 10 7.95 -4.83 6.91
N ASP B 11 9.24 -4.62 7.15
CA ASP B 11 10.03 -3.70 6.32
C ASP B 11 9.80 -4.03 4.85
N ASP B 12 9.61 -5.31 4.57
CA ASP B 12 9.36 -5.75 3.21
C ASP B 12 8.01 -5.25 2.75
N ILE B 13 7.00 -5.45 3.59
CA ILE B 13 5.65 -5.00 3.29
C ILE B 13 5.63 -3.48 3.11
N ASP B 14 6.25 -2.76 4.04
CA ASP B 14 6.30 -1.30 3.99
C ASP B 14 6.73 -0.84 2.60
N HIS B 15 7.58 -1.61 1.95
CA HIS B 15 8.06 -1.28 0.62
C HIS B 15 6.97 -1.55 -0.42
N GLU B 16 6.11 -2.51 -0.12
CA GLU B 16 5.03 -2.87 -1.02
C GLU B 16 3.82 -1.97 -0.81
N ILE B 17 3.61 -1.56 0.44
CA ILE B 17 2.49 -0.69 0.78
C ILE B 17 2.64 0.66 0.10
N ALA B 18 3.89 1.10 -0.06
CA ALA B 18 4.18 2.38 -0.68
C ALA B 18 4.10 2.28 -2.21
N ASP B 19 4.56 1.15 -2.74
CA ASP B 19 4.54 0.94 -4.19
C ASP B 19 3.14 1.15 -4.76
N LEU B 20 2.14 0.61 -4.07
CA LEU B 20 0.75 0.74 -4.50
C LEU B 20 0.28 2.19 -4.36
N GLN B 21 0.49 2.77 -3.19
CA GLN B 21 0.08 4.14 -2.92
C GLN B 21 0.57 5.08 -4.02
N ALA B 22 1.80 4.87 -4.47
CA ALA B 22 2.38 5.70 -5.51
C ALA B 22 1.66 5.49 -6.84
N LYS B 23 1.17 4.27 -7.06
CA LYS B 23 0.46 3.95 -8.28
C LYS B 23 -0.86 4.70 -8.37
N ARG B 24 -1.50 4.90 -7.22
CA ARG B 24 -2.78 5.61 -7.16
C ARG B 24 -2.59 7.11 -7.39
N THR B 25 -1.58 7.68 -6.75
CA THR B 25 -1.30 9.11 -6.87
C THR B 25 -0.96 9.48 -8.31
N ARG B 26 0.06 8.83 -8.85
CA ARG B 26 0.49 9.10 -10.22
C ARG B 26 -0.69 9.08 -11.17
N LEU B 27 -1.56 8.09 -10.98
CA LEU B 27 -2.75 7.96 -11.81
C LEU B 27 -3.65 9.17 -11.62
N VAL B 28 -3.73 9.64 -10.38
CA VAL B 28 -4.55 10.81 -10.07
C VAL B 28 -4.06 12.03 -10.85
N GLN B 29 -2.75 12.20 -10.88
CA GLN B 29 -2.15 13.32 -11.61
C GLN B 29 -2.66 13.32 -13.04
N GLN B 30 -2.90 12.12 -13.56
CA GLN B 30 -3.41 11.97 -14.92
C GLN B 30 -4.85 12.48 -15.01
N HIS B 31 -5.59 12.35 -13.89
CA HIS B 31 -6.97 12.82 -13.85
C HIS B 31 -7.27 13.49 -12.51
N PRO B 32 -6.87 14.76 -12.35
CA PRO B 32 -7.11 15.52 -11.12
C PRO B 32 -8.59 15.79 -10.88
N ARG B 33 -9.37 15.82 -11.94
CA ARG B 33 -10.81 16.06 -11.84
C ARG B 33 -11.51 14.86 -11.23
N CYS A 1 -13.67 11.75 -25.10
CA CYS A 1 -13.70 10.28 -25.13
C CYS A 1 -13.51 9.68 -23.74
N GLY A 2 -12.28 9.74 -23.24
CA GLY A 2 -11.98 9.21 -21.93
C GLY A 2 -12.66 9.99 -20.82
N GLY A 3 -12.79 9.36 -19.65
CA GLY A 3 -13.43 10.02 -18.53
C GLY A 3 -12.86 9.57 -17.19
N ASP A 4 -13.63 8.78 -16.46
CA ASP A 4 -13.19 8.29 -15.16
C ASP A 4 -12.58 6.89 -15.27
N ASN A 5 -12.25 6.49 -16.49
CA ASN A 5 -11.64 5.19 -16.73
C ASN A 5 -10.41 5.01 -15.84
N ILE A 6 -9.77 6.14 -15.53
CA ILE A 6 -8.59 6.14 -14.69
C ILE A 6 -8.99 6.02 -13.23
N GLU A 7 -10.01 6.79 -12.85
CA GLU A 7 -10.51 6.78 -11.47
C GLU A 7 -10.87 5.36 -11.05
N GLN A 8 -11.24 4.53 -12.02
CA GLN A 8 -11.61 3.15 -11.76
C GLN A 8 -10.36 2.31 -11.50
N LYS A 9 -9.33 2.56 -12.31
CA LYS A 9 -8.07 1.84 -12.17
C LYS A 9 -7.44 2.10 -10.81
N ILE A 10 -7.54 3.33 -10.34
CA ILE A 10 -6.97 3.70 -9.04
C ILE A 10 -7.75 3.07 -7.91
N ASP A 11 -9.08 3.10 -8.00
CA ASP A 11 -9.93 2.51 -6.97
C ASP A 11 -9.46 1.10 -6.66
N ASP A 12 -8.99 0.42 -7.70
CA ASP A 12 -8.47 -0.94 -7.55
C ASP A 12 -7.21 -0.91 -6.70
N ILE A 13 -6.33 0.03 -7.04
CA ILE A 13 -5.09 0.19 -6.31
C ILE A 13 -5.37 0.52 -4.85
N ASP A 14 -6.31 1.44 -4.62
CA ASP A 14 -6.67 1.84 -3.27
C ASP A 14 -6.96 0.62 -2.40
N HIS A 15 -7.50 -0.42 -3.01
CA HIS A 15 -7.80 -1.65 -2.30
C HIS A 15 -6.53 -2.43 -2.00
N GLU A 16 -5.53 -2.25 -2.86
CA GLU A 16 -4.25 -2.94 -2.70
C GLU A 16 -3.34 -2.16 -1.76
N ILE A 17 -3.43 -0.84 -1.80
CA ILE A 17 -2.62 0.02 -0.95
C ILE A 17 -2.95 -0.19 0.51
N ALA A 18 -4.22 -0.51 0.79
CA ALA A 18 -4.68 -0.74 2.15
C ALA A 18 -4.32 -2.14 2.62
N ASP A 19 -4.44 -3.12 1.73
CA ASP A 19 -4.13 -4.51 2.07
C ASP A 19 -2.72 -4.63 2.64
N LEU A 20 -1.77 -3.93 2.03
CA LEU A 20 -0.39 -3.96 2.48
C LEU A 20 -0.24 -3.27 3.84
N GLN A 21 -0.69 -2.03 3.91
CA GLN A 21 -0.60 -1.25 5.16
C GLN A 21 -1.18 -2.02 6.34
N ALA A 22 -2.21 -2.83 6.07
CA ALA A 22 -2.84 -3.62 7.11
C ALA A 22 -1.96 -4.79 7.53
N LYS A 23 -1.16 -5.28 6.60
CA LYS A 23 -0.26 -6.40 6.86
C LYS A 23 0.90 -5.97 7.75
N ARG A 24 1.37 -4.75 7.55
CA ARG A 24 2.50 -4.22 8.32
C ARG A 24 2.12 -4.04 9.79
N THR A 25 0.93 -3.48 10.03
CA THR A 25 0.46 -3.25 11.40
C THR A 25 0.28 -4.56 12.15
N ARG A 26 -0.54 -5.45 11.59
CA ARG A 26 -0.79 -6.74 12.23
C ARG A 26 0.51 -7.41 12.61
N LEU A 27 1.51 -7.28 11.75
CA LEU A 27 2.83 -7.86 12.00
C LEU A 27 3.48 -7.15 13.17
N VAL A 28 3.32 -5.84 13.24
CA VAL A 28 3.89 -5.04 14.34
C VAL A 28 3.33 -5.51 15.67
N GLN A 29 2.00 -5.67 15.72
CA GLN A 29 1.34 -6.13 16.93
C GLN A 29 2.00 -7.41 17.42
N GLN A 30 2.47 -8.22 16.47
CA GLN A 30 3.14 -9.46 16.78
C GLN A 30 4.46 -9.18 17.49
N HIS A 31 5.09 -8.07 17.14
CA HIS A 31 6.36 -7.68 17.76
C HIS A 31 6.40 -6.19 18.08
N PRO A 32 5.88 -5.82 19.27
CA PRO A 32 5.85 -4.42 19.70
C PRO A 32 7.24 -3.87 20.01
N ARG A 33 8.18 -4.77 20.26
CA ARG A 33 9.55 -4.38 20.57
C ARG A 33 10.15 -3.56 19.43
N CYS B 1 11.96 -16.12 21.35
CA CYS B 1 12.21 -16.86 20.12
C CYS B 1 11.91 -16.00 18.90
N GLY B 2 12.82 -16.02 17.93
CA GLY B 2 12.64 -15.24 16.71
C GLY B 2 13.39 -13.93 16.75
N GLY B 3 12.83 -12.94 17.41
CA GLY B 3 13.47 -11.64 17.51
C GLY B 3 12.85 -10.61 16.60
N ASP B 4 13.67 -9.99 15.75
CA ASP B 4 13.19 -8.98 14.82
C ASP B 4 12.86 -9.59 13.46
N ASN B 5 12.77 -10.92 13.41
CA ASN B 5 12.45 -11.62 12.17
C ASN B 5 11.18 -11.04 11.55
N ILE B 6 10.31 -10.51 12.40
CA ILE B 6 9.07 -9.91 11.97
C ILE B 6 9.31 -8.48 11.50
N GLU B 7 10.10 -7.74 12.26
CA GLU B 7 10.43 -6.37 11.93
C GLU B 7 11.04 -6.28 10.54
N GLN B 8 11.74 -7.34 10.15
CA GLN B 8 12.37 -7.38 8.83
C GLN B 8 11.33 -7.68 7.76
N LYS B 9 10.41 -8.58 8.08
CA LYS B 9 9.36 -8.96 7.15
C LYS B 9 8.46 -7.77 6.84
N ILE B 10 8.21 -6.94 7.86
CA ILE B 10 7.37 -5.77 7.69
C ILE B 10 8.07 -4.71 6.84
N ASP B 11 9.35 -4.48 7.13
CA ASP B 11 10.12 -3.48 6.39
C ASP B 11 9.96 -3.73 4.89
N ASP B 12 9.84 -5.00 4.52
CA ASP B 12 9.65 -5.37 3.13
C ASP B 12 8.29 -4.87 2.66
N ILE B 13 7.28 -5.12 3.48
CA ILE B 13 5.93 -4.68 3.18
C ILE B 13 5.89 -3.16 3.05
N ASP B 14 6.52 -2.47 4.00
CA ASP B 14 6.55 -1.01 3.99
C ASP B 14 6.96 -0.49 2.62
N HIS B 15 7.82 -1.23 1.94
CA HIS B 15 8.28 -0.85 0.62
C HIS B 15 7.19 -1.09 -0.42
N GLU B 16 6.35 -2.08 -0.14
CA GLU B 16 5.25 -2.42 -1.04
C GLU B 16 4.04 -1.56 -0.79
N ILE B 17 3.84 -1.18 0.47
CA ILE B 17 2.71 -0.34 0.85
C ILE B 17 2.82 1.04 0.22
N ALA B 18 4.05 1.49 0.06
CA ALA B 18 4.32 2.80 -0.53
C ALA B 18 4.23 2.75 -2.05
N ASP B 19 4.70 1.65 -2.63
CA ASP B 19 4.67 1.48 -4.08
C ASP B 19 3.26 1.66 -4.63
N LEU B 20 2.28 1.07 -3.93
CA LEU B 20 0.90 1.17 -4.35
C LEU B 20 0.37 2.60 -4.19
N GLN B 21 0.53 3.14 -2.99
CA GLN B 21 0.07 4.51 -2.70
C GLN B 21 0.58 5.49 -3.74
N ALA B 22 1.81 5.27 -4.20
CA ALA B 22 2.41 6.14 -5.21
C ALA B 22 1.76 5.95 -6.57
N LYS B 23 1.24 4.74 -6.81
CA LYS B 23 0.58 4.42 -8.07
C LYS B 23 -0.77 5.11 -8.18
N ARG B 24 -1.46 5.24 -7.04
CA ARG B 24 -2.77 5.87 -7.02
C ARG B 24 -2.67 7.37 -7.30
N THR B 25 -1.71 8.02 -6.65
CA THR B 25 -1.52 9.45 -6.82
C THR B 25 -1.15 9.80 -8.25
N ARG B 26 -0.10 9.17 -8.77
CA ARG B 26 0.35 9.44 -10.13
C ARG B 26 -0.82 9.34 -11.09
N LEU B 27 -1.63 8.30 -10.91
CA LEU B 27 -2.80 8.11 -11.76
C LEU B 27 -3.75 9.28 -11.62
N VAL B 28 -3.87 9.80 -10.39
CA VAL B 28 -4.74 10.94 -10.13
C VAL B 28 -4.24 12.15 -10.89
N GLN B 29 -2.93 12.38 -10.84
CA GLN B 29 -2.32 13.50 -11.54
C GLN B 29 -2.75 13.50 -13.00
N GLN B 30 -3.04 12.30 -13.51
CA GLN B 30 -3.47 12.15 -14.89
C GLN B 30 -4.94 12.56 -15.04
N HIS B 31 -5.72 12.38 -13.97
CA HIS B 31 -7.13 12.75 -13.99
C HIS B 31 -7.54 13.42 -12.68
N PRO B 32 -6.92 14.56 -12.35
CA PRO B 32 -7.22 15.29 -11.12
C PRO B 32 -8.48 16.13 -11.24
N ARG B 33 -8.74 16.63 -12.45
CA ARG B 33 -9.92 17.45 -12.71
C ARG B 33 -10.07 17.74 -14.20
N CYS A 1 -14.00 15.34 -14.86
CA CYS A 1 -13.42 14.13 -15.50
C CYS A 1 -13.14 13.04 -14.46
N GLY A 2 -12.37 12.03 -14.87
CA GLY A 2 -12.06 10.94 -13.97
C GLY A 2 -12.83 9.67 -14.29
N GLY A 3 -14.09 9.63 -13.88
CA GLY A 3 -14.92 8.47 -14.13
C GLY A 3 -14.88 8.04 -15.58
N ASP A 4 -13.98 7.13 -15.91
CA ASP A 4 -13.83 6.65 -17.27
C ASP A 4 -13.14 5.28 -17.31
N ASN A 5 -11.82 5.31 -17.20
CA ASN A 5 -11.01 4.09 -17.20
C ASN A 5 -9.83 4.27 -16.25
N ILE A 6 -9.21 5.45 -16.34
CA ILE A 6 -8.09 5.77 -15.48
C ILE A 6 -8.55 5.83 -14.02
N GLU A 7 -9.61 6.61 -13.81
CA GLU A 7 -10.18 6.76 -12.48
C GLU A 7 -10.56 5.41 -11.88
N GLN A 8 -10.97 4.49 -12.73
CA GLN A 8 -11.35 3.16 -12.29
C GLN A 8 -10.12 2.31 -12.05
N LYS A 9 -9.09 2.54 -12.85
CA LYS A 9 -7.83 1.80 -12.73
C LYS A 9 -7.22 2.03 -11.36
N ILE A 10 -7.30 3.25 -10.86
CA ILE A 10 -6.75 3.58 -9.56
C ILE A 10 -7.55 2.93 -8.44
N ASP A 11 -8.88 2.99 -8.54
CA ASP A 11 -9.75 2.39 -7.54
C ASP A 11 -9.29 0.97 -7.22
N ASP A 12 -8.78 0.30 -8.25
CA ASP A 12 -8.27 -1.06 -8.10
C ASP A 12 -7.02 -1.03 -7.25
N ILE A 13 -6.10 -0.12 -7.59
CA ILE A 13 -4.87 0.02 -6.85
C ILE A 13 -5.15 0.37 -5.40
N ASP A 14 -6.04 1.34 -5.19
CA ASP A 14 -6.41 1.76 -3.84
C ASP A 14 -6.75 0.56 -2.95
N HIS A 15 -7.32 -0.48 -3.58
CA HIS A 15 -7.67 -1.68 -2.85
C HIS A 15 -6.43 -2.51 -2.53
N GLU A 16 -5.42 -2.37 -3.38
CA GLU A 16 -4.17 -3.10 -3.19
C GLU A 16 -3.24 -2.35 -2.25
N ILE A 17 -3.27 -1.02 -2.32
CA ILE A 17 -2.44 -0.18 -1.47
C ILE A 17 -2.80 -0.38 -0.01
N ALA A 18 -4.08 -0.63 0.25
CA ALA A 18 -4.57 -0.84 1.60
C ALA A 18 -4.28 -2.27 2.08
N ASP A 19 -4.39 -3.23 1.18
CA ASP A 19 -4.15 -4.63 1.51
C ASP A 19 -2.77 -4.81 2.13
N LEU A 20 -1.76 -4.16 1.55
CA LEU A 20 -0.40 -4.25 2.06
C LEU A 20 -0.27 -3.53 3.40
N GLN A 21 -0.73 -2.29 3.45
CA GLN A 21 -0.65 -1.49 4.68
C GLN A 21 -1.23 -2.26 5.87
N ALA A 22 -2.31 -3.00 5.62
CA ALA A 22 -2.96 -3.78 6.68
C ALA A 22 -2.08 -4.95 7.12
N LYS A 23 -1.32 -5.50 6.18
CA LYS A 23 -0.44 -6.63 6.47
C LYS A 23 0.75 -6.19 7.32
N ARG A 24 1.21 -4.97 7.10
CA ARG A 24 2.35 -4.43 7.84
C ARG A 24 1.96 -4.08 9.27
N THR A 25 0.80 -3.45 9.44
CA THR A 25 0.33 -3.06 10.75
C THR A 25 0.12 -4.28 11.65
N ARG A 26 -0.63 -5.26 11.15
CA ARG A 26 -0.90 -6.48 11.91
C ARG A 26 0.39 -7.06 12.45
N LEU A 27 1.40 -7.14 11.59
CA LEU A 27 2.70 -7.68 11.98
C LEU A 27 3.29 -6.82 13.09
N VAL A 28 3.07 -5.51 13.00
CA VAL A 28 3.57 -4.59 14.01
C VAL A 28 2.90 -4.86 15.34
N GLN A 29 1.59 -5.05 15.30
CA GLN A 29 0.82 -5.34 16.52
C GLN A 29 1.45 -6.51 17.26
N GLN A 30 2.11 -7.39 16.51
CA GLN A 30 2.77 -8.56 17.09
C GLN A 30 4.08 -8.14 17.75
N HIS A 31 4.73 -7.11 17.20
CA HIS A 31 5.99 -6.62 17.75
C HIS A 31 6.03 -5.09 17.77
N PRO A 32 5.08 -4.45 18.50
CA PRO A 32 5.01 -3.00 18.60
C PRO A 32 6.04 -2.43 19.56
N ARG A 33 6.38 -3.21 20.58
CA ARG A 33 7.37 -2.79 21.57
C ARG A 33 8.72 -3.44 21.31
N CYS B 1 10.92 -17.77 17.16
CA CYS B 1 11.97 -16.81 16.79
C CYS B 1 11.50 -15.38 17.08
N GLY B 2 11.96 -14.83 18.20
CA GLY B 2 11.58 -13.48 18.56
C GLY B 2 12.52 -12.44 17.98
N GLY B 3 12.65 -11.30 18.66
CA GLY B 3 13.51 -10.25 18.18
C GLY B 3 12.87 -9.39 17.12
N ASP B 4 13.68 -8.85 16.22
CA ASP B 4 13.18 -8.01 15.14
C ASP B 4 12.90 -8.83 13.87
N ASN B 5 12.88 -10.14 14.02
CA ASN B 5 12.62 -11.04 12.89
C ASN B 5 11.34 -10.62 12.18
N ILE B 6 10.43 -10.03 12.95
CA ILE B 6 9.16 -9.56 12.41
C ILE B 6 9.34 -8.23 11.71
N GLU B 7 10.09 -7.33 12.36
CA GLU B 7 10.36 -6.02 11.80
C GLU B 7 10.98 -6.13 10.42
N GLN B 8 11.66 -7.23 10.17
CA GLN B 8 12.28 -7.46 8.88
C GLN B 8 11.23 -7.84 7.84
N LYS B 9 10.30 -8.69 8.25
CA LYS B 9 9.23 -9.12 7.37
C LYS B 9 8.38 -7.94 6.92
N ILE B 10 8.06 -7.06 7.86
CA ILE B 10 7.25 -5.89 7.56
C ILE B 10 8.01 -4.92 6.67
N ASP B 11 9.29 -4.70 6.97
CA ASP B 11 10.11 -3.79 6.19
C ASP B 11 9.94 -4.09 4.71
N ASP B 12 9.77 -5.38 4.40
CA ASP B 12 9.57 -5.82 3.03
C ASP B 12 8.22 -5.30 2.54
N ILE B 13 7.20 -5.49 3.37
CA ILE B 13 5.87 -5.03 3.03
C ILE B 13 5.86 -3.52 2.84
N ASP B 14 6.46 -2.80 3.78
CA ASP B 14 6.54 -1.35 3.72
C ASP B 14 6.99 -0.88 2.34
N HIS B 15 7.84 -1.68 1.70
CA HIS B 15 8.34 -1.35 0.37
C HIS B 15 7.27 -1.62 -0.68
N GLU B 16 6.39 -2.58 -0.39
CA GLU B 16 5.33 -2.94 -1.31
C GLU B 16 4.12 -2.02 -1.12
N ILE B 17 3.89 -1.60 0.12
CA ILE B 17 2.78 -0.72 0.46
C ILE B 17 2.94 0.63 -0.22
N ALA B 18 4.20 1.06 -0.35
CA ALA B 18 4.50 2.34 -0.98
C ALA B 18 4.45 2.24 -2.50
N ASP B 19 4.90 1.10 -3.04
CA ASP B 19 4.91 0.88 -4.47
C ASP B 19 3.52 1.12 -5.07
N LEU B 20 2.50 0.60 -4.39
CA LEU B 20 1.12 0.76 -4.85
C LEU B 20 0.66 2.21 -4.71
N GLN B 21 0.85 2.77 -3.53
CA GLN B 21 0.45 4.15 -3.26
C GLN B 21 1.02 5.10 -4.30
N ALA B 22 2.19 4.76 -4.83
CA ALA B 22 2.84 5.58 -5.85
C ALA B 22 2.15 5.44 -7.20
N LYS B 23 1.64 4.23 -7.46
CA LYS B 23 0.96 3.96 -8.71
C LYS B 23 -0.41 4.64 -8.77
N ARG B 24 -1.05 4.76 -7.61
CA ARG B 24 -2.35 5.40 -7.53
C ARG B 24 -2.25 6.91 -7.76
N THR B 25 -1.23 7.52 -7.18
CA THR B 25 -1.02 8.95 -7.32
C THR B 25 -0.68 9.33 -8.77
N ARG B 26 0.38 8.73 -9.29
CA ARG B 26 0.81 9.01 -10.66
C ARG B 26 -0.38 8.93 -11.62
N LEU B 27 -1.29 8.01 -11.35
CA LEU B 27 -2.48 7.85 -12.17
C LEU B 27 -3.40 9.04 -11.98
N VAL B 28 -3.51 9.50 -10.74
CA VAL B 28 -4.34 10.65 -10.42
C VAL B 28 -3.84 11.89 -11.14
N GLN B 29 -2.52 12.09 -11.09
CA GLN B 29 -1.90 13.23 -11.76
C GLN B 29 -2.32 13.26 -13.22
N GLN B 30 -2.51 12.08 -13.78
CA GLN B 30 -2.94 11.95 -15.17
C GLN B 30 -4.37 12.43 -15.33
N HIS B 31 -5.17 12.28 -14.28
CA HIS B 31 -6.56 12.71 -14.30
C HIS B 31 -6.98 13.31 -12.97
N PRO B 32 -6.50 14.54 -12.66
CA PRO B 32 -6.82 15.22 -11.41
C PRO B 32 -8.26 15.75 -11.39
N ARG B 33 -8.77 16.06 -12.57
CA ARG B 33 -10.13 16.58 -12.70
C ARG B 33 -10.66 16.39 -14.11
N CYS A 1 -13.29 6.03 -24.37
CA CYS A 1 -12.83 7.39 -24.71
C CYS A 1 -12.04 8.02 -23.58
N GLY A 2 -12.53 7.85 -22.35
CA GLY A 2 -11.85 8.39 -21.19
C GLY A 2 -12.77 8.56 -20.01
N GLY A 3 -12.89 9.78 -19.51
CA GLY A 3 -13.74 10.05 -18.37
C GLY A 3 -13.12 9.62 -17.06
N ASP A 4 -13.85 8.81 -16.30
CA ASP A 4 -13.35 8.32 -15.02
C ASP A 4 -12.68 6.96 -15.16
N ASN A 5 -12.36 6.58 -16.39
CA ASN A 5 -11.70 5.32 -16.66
C ASN A 5 -10.44 5.20 -15.82
N ILE A 6 -9.86 6.35 -15.49
CA ILE A 6 -8.66 6.40 -14.67
C ILE A 6 -9.01 6.26 -13.20
N GLU A 7 -10.05 7.00 -12.79
CA GLU A 7 -10.51 6.97 -11.40
C GLU A 7 -10.87 5.55 -10.98
N GLN A 8 -11.24 4.72 -11.95
CA GLN A 8 -11.60 3.34 -11.67
C GLN A 8 -10.34 2.50 -11.45
N LYS A 9 -9.32 2.78 -12.25
CA LYS A 9 -8.05 2.05 -12.15
C LYS A 9 -7.42 2.28 -10.79
N ILE A 10 -7.53 3.50 -10.28
CA ILE A 10 -6.96 3.84 -8.98
C ILE A 10 -7.73 3.17 -7.85
N ASP A 11 -9.06 3.19 -7.94
CA ASP A 11 -9.89 2.57 -6.91
C ASP A 11 -9.42 1.15 -6.65
N ASP A 12 -8.95 0.50 -7.71
CA ASP A 12 -8.45 -0.86 -7.59
C ASP A 12 -7.18 -0.86 -6.77
N ILE A 13 -6.29 0.08 -7.08
CA ILE A 13 -5.05 0.23 -6.35
C ILE A 13 -5.32 0.52 -4.89
N ASP A 14 -6.24 1.45 -4.63
CA ASP A 14 -6.60 1.83 -3.26
C ASP A 14 -6.88 0.59 -2.42
N HIS A 15 -7.43 -0.44 -3.05
CA HIS A 15 -7.73 -1.69 -2.35
C HIS A 15 -6.45 -2.47 -2.09
N GLU A 16 -5.47 -2.28 -2.97
CA GLU A 16 -4.19 -2.97 -2.83
C GLU A 16 -3.26 -2.22 -1.87
N ILE A 17 -3.35 -0.89 -1.89
CA ILE A 17 -2.53 -0.06 -1.03
C ILE A 17 -2.86 -0.30 0.43
N ALA A 18 -4.12 -0.62 0.70
CA ALA A 18 -4.57 -0.88 2.06
C ALA A 18 -4.22 -2.30 2.50
N ASP A 19 -4.31 -3.24 1.57
CA ASP A 19 -4.00 -4.63 1.87
C ASP A 19 -2.61 -4.77 2.47
N LEU A 20 -1.64 -4.05 1.89
CA LEU A 20 -0.27 -4.09 2.37
C LEU A 20 -0.15 -3.40 3.72
N GLN A 21 -0.65 -2.17 3.81
CA GLN A 21 -0.60 -1.40 5.04
C GLN A 21 -1.13 -2.20 6.22
N ALA A 22 -2.12 -3.06 5.95
CA ALA A 22 -2.73 -3.87 6.99
C ALA A 22 -1.81 -5.03 7.37
N LYS A 23 -1.02 -5.50 6.42
CA LYS A 23 -0.09 -6.60 6.66
C LYS A 23 1.12 -6.13 7.46
N ARG A 24 1.51 -4.87 7.27
CA ARG A 24 2.65 -4.30 7.98
C ARG A 24 2.32 -4.06 9.44
N THR A 25 1.14 -3.49 9.69
CA THR A 25 0.72 -3.19 11.06
C THR A 25 0.51 -4.46 11.86
N ARG A 26 -0.35 -5.35 11.36
CA ARG A 26 -0.63 -6.60 12.04
C ARG A 26 0.67 -7.29 12.46
N LEU A 27 1.67 -7.21 11.58
CA LEU A 27 2.96 -7.81 11.86
C LEU A 27 3.62 -7.08 13.03
N VAL A 28 3.49 -5.75 13.05
CA VAL A 28 4.05 -4.94 14.11
C VAL A 28 3.44 -5.33 15.45
N GLN A 29 2.11 -5.45 15.47
CA GLN A 29 1.40 -5.83 16.68
C GLN A 29 2.01 -7.11 17.26
N GLN A 30 2.52 -7.95 16.37
CA GLN A 30 3.15 -9.20 16.78
C GLN A 30 4.48 -8.91 17.49
N HIS A 31 5.14 -7.84 17.08
CA HIS A 31 6.41 -7.46 17.69
C HIS A 31 6.47 -5.96 17.95
N PRO A 32 5.73 -5.48 18.96
CA PRO A 32 5.69 -4.06 19.32
C PRO A 32 7.00 -3.58 19.94
N ARG A 33 7.12 -2.27 20.16
CA ARG A 33 8.31 -1.70 20.75
C ARG A 33 9.55 -1.99 19.90
N CYS B 1 8.38 -16.13 18.85
CA CYS B 1 8.93 -16.87 17.74
C CYS B 1 10.38 -16.47 17.46
N GLY B 2 10.57 -15.24 17.01
CA GLY B 2 11.90 -14.75 16.73
C GLY B 2 12.10 -13.31 17.15
N GLY B 3 13.36 -12.88 17.20
CA GLY B 3 13.66 -11.51 17.59
C GLY B 3 13.04 -10.49 16.66
N ASP B 4 13.84 -9.95 15.76
CA ASP B 4 13.36 -8.95 14.81
C ASP B 4 13.05 -9.59 13.46
N ASN B 5 12.95 -10.90 13.43
CA ASN B 5 12.64 -11.63 12.20
C ASN B 5 11.37 -11.06 11.57
N ILE B 6 10.50 -10.53 12.42
CA ILE B 6 9.26 -9.93 11.97
C ILE B 6 9.49 -8.51 11.47
N GLU B 7 10.28 -7.76 12.24
CA GLU B 7 10.61 -6.38 11.88
C GLU B 7 11.23 -6.32 10.49
N GLN B 8 11.89 -7.40 10.10
CA GLN B 8 12.53 -7.47 8.79
C GLN B 8 11.48 -7.76 7.72
N LYS B 9 10.59 -8.69 8.02
CA LYS B 9 9.52 -9.07 7.10
C LYS B 9 8.63 -7.87 6.78
N ILE B 10 8.41 -7.01 7.77
CA ILE B 10 7.58 -5.84 7.58
C ILE B 10 8.28 -4.81 6.72
N ASP B 11 9.56 -4.58 6.97
CA ASP B 11 10.34 -3.62 6.20
C ASP B 11 10.12 -3.86 4.72
N ASP B 12 9.97 -5.12 4.37
CA ASP B 12 9.73 -5.51 2.99
C ASP B 12 8.36 -5.02 2.55
N ILE B 13 7.36 -5.27 3.40
CA ILE B 13 6.01 -4.83 3.13
C ILE B 13 5.95 -3.31 2.98
N ASP B 14 6.58 -2.62 3.93
CA ASP B 14 6.61 -1.15 3.91
C ASP B 14 7.02 -0.63 2.54
N HIS B 15 7.88 -1.38 1.85
CA HIS B 15 8.34 -1.01 0.53
C HIS B 15 7.24 -1.25 -0.50
N GLU B 16 6.39 -2.23 -0.21
CA GLU B 16 5.30 -2.56 -1.11
C GLU B 16 4.09 -1.67 -0.86
N ILE B 17 3.89 -1.30 0.40
CA ILE B 17 2.77 -0.44 0.78
C ILE B 17 2.91 0.93 0.13
N ALA B 18 4.15 1.37 -0.04
CA ALA B 18 4.43 2.66 -0.65
C ALA B 18 4.33 2.60 -2.16
N ASP B 19 4.79 1.49 -2.74
CA ASP B 19 4.75 1.32 -4.19
C ASP B 19 3.34 1.52 -4.73
N LEU B 20 2.35 0.97 -4.04
CA LEU B 20 0.96 1.09 -4.45
C LEU B 20 0.46 2.52 -4.27
N GLN B 21 0.65 3.06 -3.07
CA GLN B 21 0.22 4.42 -2.76
C GLN B 21 0.71 5.41 -3.81
N ALA B 22 1.93 5.19 -4.30
CA ALA B 22 2.52 6.05 -5.30
C ALA B 22 1.80 5.91 -6.64
N LYS B 23 1.33 4.70 -6.93
CA LYS B 23 0.62 4.42 -8.17
C LYS B 23 -0.72 5.15 -8.21
N ARG B 24 -1.38 5.24 -7.05
CA ARG B 24 -2.67 5.91 -6.96
C ARG B 24 -2.53 7.41 -7.16
N THR B 25 -1.51 8.00 -6.54
CA THR B 25 -1.28 9.44 -6.64
C THR B 25 -0.97 9.85 -8.07
N ARG B 26 0.05 9.23 -8.66
CA ARG B 26 0.44 9.54 -10.03
C ARG B 26 -0.77 9.50 -10.96
N LEU B 27 -1.67 8.56 -10.71
CA LEU B 27 -2.87 8.43 -11.51
C LEU B 27 -3.80 9.61 -11.24
N VAL B 28 -3.85 10.05 -9.99
CA VAL B 28 -4.68 11.19 -9.62
C VAL B 28 -4.21 12.43 -10.35
N GLN B 29 -2.89 12.63 -10.37
CA GLN B 29 -2.30 13.77 -11.06
C GLN B 29 -2.79 13.80 -12.51
N GLN B 30 -3.04 12.62 -13.05
CA GLN B 30 -3.52 12.49 -14.42
C GLN B 30 -4.99 12.94 -14.50
N HIS B 31 -5.73 12.76 -13.42
CA HIS B 31 -7.13 13.16 -13.37
C HIS B 31 -7.53 13.69 -12.00
N PRO B 32 -6.92 14.80 -11.57
CA PRO B 32 -7.20 15.41 -10.27
C PRO B 32 -8.51 16.20 -10.27
N ARG B 33 -8.82 16.81 -11.41
CA ARG B 33 -10.05 17.59 -11.54
C ARG B 33 -10.23 18.08 -12.97
N CYS A 1 -14.81 14.06 -11.45
CA CYS A 1 -13.90 13.62 -12.56
C CYS A 1 -13.70 12.11 -12.54
N GLY A 2 -13.12 11.59 -13.62
CA GLY A 2 -12.88 10.16 -13.71
C GLY A 2 -14.05 9.42 -14.33
N GLY A 3 -14.41 8.29 -13.71
CA GLY A 3 -15.51 7.49 -14.23
C GLY A 3 -15.35 7.17 -15.70
N ASP A 4 -14.10 7.01 -16.12
CA ASP A 4 -13.81 6.72 -17.52
C ASP A 4 -13.05 5.39 -17.66
N ASN A 5 -11.73 5.47 -17.49
CA ASN A 5 -10.88 4.30 -17.58
C ASN A 5 -9.70 4.45 -16.61
N ILE A 6 -9.11 5.64 -16.62
CA ILE A 6 -8.00 5.93 -15.73
C ILE A 6 -8.47 5.88 -14.28
N GLU A 7 -9.55 6.60 -14.02
CA GLU A 7 -10.13 6.65 -12.67
C GLU A 7 -10.43 5.25 -12.15
N GLN A 8 -10.82 4.35 -13.05
CA GLN A 8 -11.14 2.98 -12.67
C GLN A 8 -9.86 2.19 -12.42
N LYS A 9 -8.83 2.47 -13.21
CA LYS A 9 -7.56 1.79 -13.09
C LYS A 9 -6.98 1.96 -11.69
N ILE A 10 -7.03 3.18 -11.18
CA ILE A 10 -6.51 3.48 -9.85
C ILE A 10 -7.36 2.81 -8.77
N ASP A 11 -8.68 2.87 -8.93
CA ASP A 11 -9.57 2.26 -7.95
C ASP A 11 -9.10 0.86 -7.61
N ASP A 12 -8.56 0.18 -8.62
CA ASP A 12 -8.04 -1.17 -8.44
C ASP A 12 -6.81 -1.12 -7.56
N ILE A 13 -5.90 -0.20 -7.88
CA ILE A 13 -4.68 -0.03 -7.11
C ILE A 13 -5.00 0.34 -5.67
N ASP A 14 -5.88 1.31 -5.49
CA ASP A 14 -6.30 1.75 -4.16
C ASP A 14 -6.65 0.56 -3.27
N HIS A 15 -7.20 -0.47 -3.87
CA HIS A 15 -7.58 -1.67 -3.14
C HIS A 15 -6.35 -2.49 -2.78
N GLU A 16 -5.32 -2.38 -3.61
CA GLU A 16 -4.08 -3.11 -3.40
C GLU A 16 -3.17 -2.35 -2.45
N ILE A 17 -3.20 -1.03 -2.53
CA ILE A 17 -2.38 -0.18 -1.68
C ILE A 17 -2.76 -0.35 -0.21
N ALA A 18 -4.06 -0.57 0.02
CA ALA A 18 -4.57 -0.75 1.37
C ALA A 18 -4.30 -2.16 1.88
N ASP A 19 -4.39 -3.15 0.99
CA ASP A 19 -4.14 -4.53 1.36
C ASP A 19 -2.78 -4.69 2.03
N LEU A 20 -1.76 -4.12 1.40
CA LEU A 20 -0.40 -4.19 1.93
C LEU A 20 -0.30 -3.48 3.27
N GLN A 21 -0.73 -2.22 3.30
CA GLN A 21 -0.70 -1.43 4.52
C GLN A 21 -1.27 -2.21 5.70
N ALA A 22 -2.21 -3.10 5.42
CA ALA A 22 -2.83 -3.91 6.45
C ALA A 22 -1.89 -5.00 6.94
N LYS A 23 -1.09 -5.54 6.02
CA LYS A 23 -0.14 -6.58 6.36
C LYS A 23 0.98 -6.05 7.25
N ARG A 24 1.33 -4.77 7.05
CA ARG A 24 2.38 -4.14 7.83
C ARG A 24 1.93 -3.88 9.27
N THR A 25 0.71 -3.38 9.42
CA THR A 25 0.16 -3.08 10.73
C THR A 25 0.02 -4.34 11.58
N ARG A 26 -0.71 -5.32 11.05
CA ARG A 26 -0.92 -6.57 11.76
C ARG A 26 0.39 -7.12 12.30
N LEU A 27 1.41 -7.07 11.46
CA LEU A 27 2.74 -7.55 11.84
C LEU A 27 3.27 -6.72 13.00
N VAL A 28 3.01 -5.40 12.96
CA VAL A 28 3.46 -4.51 14.01
C VAL A 28 2.84 -4.92 15.34
N GLN A 29 1.54 -5.21 15.32
CA GLN A 29 0.84 -5.63 16.51
C GLN A 29 1.58 -6.79 17.17
N GLN A 30 2.19 -7.63 16.33
CA GLN A 30 2.94 -8.77 16.81
C GLN A 30 4.19 -8.30 17.55
N HIS A 31 4.74 -7.15 17.12
CA HIS A 31 5.93 -6.60 17.75
C HIS A 31 5.82 -5.08 17.87
N PRO A 32 5.11 -4.59 18.90
CA PRO A 32 4.93 -3.16 19.13
C PRO A 32 6.22 -2.48 19.57
N ARG A 33 7.10 -3.25 20.21
CA ARG A 33 8.38 -2.71 20.68
C ARG A 33 9.46 -3.79 20.66
N CYS B 1 9.68 -13.89 21.00
CA CYS B 1 10.05 -15.01 20.13
C CYS B 1 10.37 -14.52 18.72
N GLY B 2 11.64 -14.58 18.35
CA GLY B 2 12.05 -14.14 17.02
C GLY B 2 12.75 -12.80 17.05
N GLY B 3 12.43 -11.98 18.04
CA GLY B 3 13.06 -10.67 18.16
C GLY B 3 12.51 -9.67 17.16
N ASP B 4 13.28 -9.40 16.11
CA ASP B 4 12.87 -8.46 15.07
C ASP B 4 12.51 -9.18 13.77
N ASN B 5 12.37 -10.50 13.84
CA ASN B 5 12.03 -11.30 12.67
C ASN B 5 10.80 -10.71 11.98
N ILE B 6 9.95 -10.08 12.77
CA ILE B 6 8.74 -9.46 12.25
C ILE B 6 9.05 -8.09 11.67
N GLU B 7 9.86 -7.32 12.40
CA GLU B 7 10.26 -5.99 11.97
C GLU B 7 10.91 -6.04 10.59
N GLN B 8 11.52 -7.17 10.28
CA GLN B 8 12.18 -7.36 8.99
C GLN B 8 11.14 -7.70 7.92
N LYS B 9 10.22 -8.57 8.28
CA LYS B 9 9.16 -8.98 7.37
C LYS B 9 8.31 -7.78 6.94
N ILE B 10 8.13 -6.84 7.87
CA ILE B 10 7.34 -5.65 7.56
C ILE B 10 8.10 -4.71 6.62
N ASP B 11 9.39 -4.52 6.90
CA ASP B 11 10.21 -3.65 6.06
C ASP B 11 10.01 -3.99 4.59
N ASP B 12 9.79 -5.28 4.33
CA ASP B 12 9.55 -5.76 2.98
C ASP B 12 8.20 -5.24 2.48
N ILE B 13 7.18 -5.42 3.31
CA ILE B 13 5.84 -4.97 2.98
C ILE B 13 5.84 -3.45 2.76
N ASP B 14 6.43 -2.72 3.70
CA ASP B 14 6.50 -1.26 3.61
C ASP B 14 6.98 -0.82 2.22
N HIS B 15 7.85 -1.62 1.62
CA HIS B 15 8.36 -1.32 0.29
C HIS B 15 7.30 -1.59 -0.77
N GLU B 16 6.41 -2.53 -0.48
CA GLU B 16 5.34 -2.89 -1.39
C GLU B 16 4.14 -1.97 -1.23
N ILE B 17 3.90 -1.56 0.01
CA ILE B 17 2.77 -0.68 0.32
C ILE B 17 2.96 0.67 -0.37
N ALA B 18 4.21 1.09 -0.51
CA ALA B 18 4.53 2.36 -1.14
C ALA B 18 4.50 2.24 -2.67
N ASP B 19 4.98 1.10 -3.17
CA ASP B 19 5.00 0.87 -4.62
C ASP B 19 3.62 1.08 -5.23
N LEU B 20 2.60 0.58 -4.56
CA LEU B 20 1.22 0.71 -5.03
C LEU B 20 0.75 2.16 -4.93
N GLN B 21 0.94 2.75 -3.75
CA GLN B 21 0.53 4.13 -3.51
C GLN B 21 1.07 5.06 -4.60
N ALA B 22 2.31 4.85 -5.00
CA ALA B 22 2.94 5.66 -6.02
C ALA B 22 2.27 5.46 -7.38
N LYS B 23 1.81 4.24 -7.63
CA LYS B 23 1.15 3.92 -8.89
C LYS B 23 -0.20 4.61 -8.99
N ARG B 24 -0.89 4.73 -7.86
CA ARG B 24 -2.20 5.36 -7.82
C ARG B 24 -2.09 6.87 -8.00
N THR B 25 -1.07 7.47 -7.38
CA THR B 25 -0.86 8.91 -7.47
C THR B 25 -0.54 9.33 -8.90
N ARG B 26 0.47 8.70 -9.50
CA ARG B 26 0.86 9.02 -10.86
C ARG B 26 -0.35 9.02 -11.79
N LEU B 27 -1.21 8.03 -11.62
CA LEU B 27 -2.41 7.92 -12.42
C LEU B 27 -3.32 9.12 -12.17
N VAL B 28 -3.35 9.57 -10.91
CA VAL B 28 -4.17 10.71 -10.54
C VAL B 28 -3.67 11.97 -11.23
N GLN B 29 -2.35 12.16 -11.22
CA GLN B 29 -1.75 13.33 -11.86
C GLN B 29 -2.26 13.44 -13.29
N GLN B 30 -2.50 12.29 -13.91
CA GLN B 30 -3.00 12.25 -15.28
C GLN B 30 -4.45 12.72 -15.32
N HIS B 31 -5.19 12.44 -14.25
CA HIS B 31 -6.59 12.85 -14.18
C HIS B 31 -6.95 13.30 -12.76
N PRO B 32 -6.38 14.44 -12.31
CA PRO B 32 -6.65 14.98 -10.98
C PRO B 32 -7.93 15.82 -10.94
N ARG B 33 -8.07 16.62 -9.89
CA ARG B 33 -9.23 17.48 -9.73
C ARG B 33 -10.52 16.65 -9.69
N CYS A 1 -13.00 14.49 -15.83
CA CYS A 1 -13.39 13.78 -14.57
C CYS A 1 -13.13 12.28 -14.69
N GLY A 2 -13.19 11.59 -13.55
CA GLY A 2 -12.96 10.16 -13.54
C GLY A 2 -14.15 9.37 -14.07
N GLY A 3 -14.45 8.26 -13.41
CA GLY A 3 -15.57 7.44 -13.84
C GLY A 3 -15.47 7.05 -15.30
N ASP A 4 -14.24 6.92 -15.78
CA ASP A 4 -14.00 6.56 -17.17
C ASP A 4 -13.27 5.23 -17.29
N ASN A 5 -11.94 5.28 -17.16
CA ASN A 5 -11.11 4.10 -17.23
C ASN A 5 -9.91 4.25 -16.31
N ILE A 6 -9.31 5.44 -16.35
CA ILE A 6 -8.17 5.74 -15.50
C ILE A 6 -8.60 5.77 -14.05
N GLU A 7 -9.64 6.54 -13.78
CA GLU A 7 -10.19 6.68 -12.44
C GLU A 7 -10.51 5.31 -11.84
N GLN A 8 -10.94 4.39 -12.69
CA GLN A 8 -11.28 3.04 -12.25
C GLN A 8 -10.01 2.22 -12.02
N LYS A 9 -9.01 2.46 -12.85
CA LYS A 9 -7.74 1.75 -12.75
C LYS A 9 -7.13 1.96 -11.37
N ILE A 10 -7.21 3.19 -10.86
CA ILE A 10 -6.64 3.50 -9.56
C ILE A 10 -7.44 2.84 -8.45
N ASP A 11 -8.77 2.89 -8.54
CA ASP A 11 -9.63 2.27 -7.54
C ASP A 11 -9.13 0.87 -7.21
N ASP A 12 -8.62 0.19 -8.24
CA ASP A 12 -8.09 -1.15 -8.07
C ASP A 12 -6.82 -1.10 -7.23
N ILE A 13 -5.91 -0.20 -7.60
CA ILE A 13 -4.66 -0.03 -6.87
C ILE A 13 -4.95 0.34 -5.42
N ASP A 14 -5.84 1.32 -5.22
CA ASP A 14 -6.21 1.77 -3.88
C ASP A 14 -6.55 0.58 -2.98
N HIS A 15 -7.11 -0.46 -3.58
CA HIS A 15 -7.47 -1.66 -2.83
C HIS A 15 -6.22 -2.47 -2.50
N GLU A 16 -5.21 -2.34 -3.34
CA GLU A 16 -3.96 -3.06 -3.14
C GLU A 16 -3.02 -2.29 -2.22
N ILE A 17 -3.08 -0.97 -2.31
CA ILE A 17 -2.25 -0.10 -1.49
C ILE A 17 -2.60 -0.25 -0.01
N ALA A 18 -3.88 -0.52 0.25
CA ALA A 18 -4.38 -0.69 1.60
C ALA A 18 -4.09 -2.10 2.12
N ASP A 19 -4.21 -3.08 1.24
CA ASP A 19 -3.97 -4.47 1.60
C ASP A 19 -2.59 -4.63 2.26
N LEU A 20 -1.60 -3.99 1.67
CA LEU A 20 -0.24 -4.05 2.20
C LEU A 20 -0.13 -3.29 3.52
N GLN A 21 -0.59 -2.05 3.52
CA GLN A 21 -0.55 -1.21 4.72
C GLN A 21 -1.16 -1.93 5.91
N ALA A 22 -2.16 -2.76 5.65
CA ALA A 22 -2.83 -3.50 6.71
C ALA A 22 -1.96 -4.65 7.21
N LYS A 23 -1.17 -5.22 6.31
CA LYS A 23 -0.27 -6.32 6.66
C LYS A 23 0.88 -5.85 7.52
N ARG A 24 1.32 -4.61 7.28
CA ARG A 24 2.42 -4.03 8.04
C ARG A 24 2.00 -3.71 9.47
N THR A 25 0.79 -3.18 9.63
CA THR A 25 0.26 -2.82 10.93
C THR A 25 0.04 -4.06 11.79
N ARG A 26 -0.79 -4.98 11.31
CA ARG A 26 -1.09 -6.20 12.04
C ARG A 26 0.20 -6.85 12.55
N LEU A 27 1.24 -6.79 11.73
CA LEU A 27 2.52 -7.35 12.12
C LEU A 27 3.11 -6.56 13.27
N VAL A 28 2.95 -5.24 13.22
CA VAL A 28 3.44 -4.37 14.27
C VAL A 28 2.79 -4.71 15.59
N GLN A 29 1.46 -4.89 15.55
CA GLN A 29 0.71 -5.24 16.74
C GLN A 29 1.34 -6.46 17.41
N GLN A 30 1.91 -7.34 16.59
CA GLN A 30 2.57 -8.53 17.09
C GLN A 30 3.83 -8.15 17.85
N HIS A 31 4.48 -7.07 17.40
CA HIS A 31 5.70 -6.59 18.06
C HIS A 31 5.67 -5.07 18.23
N PRO A 32 4.90 -4.57 19.20
CA PRO A 32 4.78 -3.13 19.46
C PRO A 32 6.07 -2.55 20.02
N ARG A 33 6.85 -3.39 20.71
CA ARG A 33 8.10 -2.95 21.30
C ARG A 33 9.10 -4.10 21.37
N CYS B 1 10.88 -17.42 12.85
CA CYS B 1 10.58 -16.02 13.12
C CYS B 1 10.67 -15.73 14.62
N GLY B 2 11.75 -15.07 15.03
CA GLY B 2 11.92 -14.76 16.44
C GLY B 2 12.53 -13.38 16.64
N GLY B 3 12.23 -12.77 17.78
CA GLY B 3 12.76 -11.44 18.08
C GLY B 3 12.20 -10.37 17.17
N ASP B 4 13.07 -9.73 16.40
CA ASP B 4 12.67 -8.68 15.48
C ASP B 4 12.39 -9.24 14.09
N ASN B 5 12.29 -10.56 13.99
CA ASN B 5 12.01 -11.21 12.72
C ASN B 5 10.77 -10.61 12.07
N ILE B 6 9.88 -10.10 12.92
CA ILE B 6 8.66 -9.46 12.46
C ILE B 6 8.95 -8.04 11.99
N GLU B 7 9.74 -7.33 12.77
CA GLU B 7 10.13 -5.96 12.45
C GLU B 7 10.82 -5.89 11.09
N GLN B 8 11.50 -6.97 10.73
CA GLN B 8 12.20 -7.04 9.45
C GLN B 8 11.22 -7.38 8.35
N LYS B 9 10.31 -8.30 8.65
CA LYS B 9 9.30 -8.73 7.68
C LYS B 9 8.44 -7.55 7.24
N ILE B 10 8.18 -6.63 8.18
CA ILE B 10 7.37 -5.46 7.87
C ILE B 10 8.12 -4.48 6.99
N ASP B 11 9.39 -4.25 7.30
CA ASP B 11 10.20 -3.33 6.51
C ASP B 11 10.07 -3.67 5.03
N ASP B 12 9.93 -4.95 4.75
CA ASP B 12 9.76 -5.42 3.39
C ASP B 12 8.42 -4.95 2.85
N ILE B 13 7.38 -5.13 3.66
CA ILE B 13 6.05 -4.71 3.29
C ILE B 13 6.01 -3.20 3.07
N ASP B 14 6.58 -2.45 4.02
CA ASP B 14 6.62 -0.99 3.92
C ASP B 14 7.09 -0.55 2.55
N HIS B 15 7.97 -1.34 1.94
CA HIS B 15 8.50 -1.02 0.61
C HIS B 15 7.47 -1.33 -0.46
N GLU B 16 6.61 -2.31 -0.16
CA GLU B 16 5.58 -2.72 -1.11
C GLU B 16 4.34 -1.84 -0.96
N ILE B 17 4.08 -1.40 0.26
CA ILE B 17 2.93 -0.55 0.54
C ILE B 17 3.08 0.80 -0.16
N ALA B 18 4.31 1.28 -0.25
CA ALA B 18 4.61 2.55 -0.89
C ALA B 18 4.60 2.43 -2.41
N ASP B 19 5.08 1.29 -2.91
CA ASP B 19 5.13 1.04 -4.34
C ASP B 19 3.75 1.24 -4.97
N LEU B 20 2.73 0.64 -4.35
CA LEU B 20 1.37 0.76 -4.85
C LEU B 20 0.89 2.20 -4.79
N GLN B 21 1.03 2.82 -3.61
CA GLN B 21 0.61 4.19 -3.41
C GLN B 21 1.14 5.10 -4.53
N ALA B 22 2.29 4.74 -5.08
CA ALA B 22 2.90 5.51 -6.15
C ALA B 22 2.16 5.32 -7.46
N LYS B 23 1.67 4.10 -7.68
CA LYS B 23 0.93 3.78 -8.90
C LYS B 23 -0.40 4.51 -8.94
N ARG B 24 -0.98 4.75 -7.76
CA ARG B 24 -2.26 5.44 -7.66
C ARG B 24 -2.10 6.93 -7.91
N THR B 25 -1.07 7.52 -7.30
CA THR B 25 -0.81 8.95 -7.46
C THR B 25 -0.51 9.30 -8.91
N ARG B 26 0.48 8.61 -9.49
CA ARG B 26 0.87 8.85 -10.86
C ARG B 26 -0.35 8.85 -11.78
N LEU B 27 -1.23 7.87 -11.57
CA LEU B 27 -2.45 7.78 -12.36
C LEU B 27 -3.31 9.00 -12.14
N VAL B 28 -3.33 9.51 -10.91
CA VAL B 28 -4.12 10.68 -10.58
C VAL B 28 -3.62 11.89 -11.36
N GLN B 29 -2.30 12.06 -11.38
CA GLN B 29 -1.70 13.18 -12.12
C GLN B 29 -2.21 13.19 -13.55
N GLN B 30 -2.50 12.01 -14.08
CA GLN B 30 -3.01 11.87 -15.43
C GLN B 30 -4.45 12.35 -15.50
N HIS B 31 -5.17 12.22 -14.38
CA HIS B 31 -6.56 12.64 -14.32
C HIS B 31 -6.91 13.21 -12.95
N PRO B 32 -6.38 14.41 -12.62
CA PRO B 32 -6.63 15.05 -11.33
C PRO B 32 -8.06 15.56 -11.21
N ARG B 33 -8.66 15.92 -12.35
CA ARG B 33 -10.03 16.41 -12.37
C ARG B 33 -10.79 15.88 -13.58
N CYS A 1 -11.11 14.18 -20.80
CA CYS A 1 -12.28 13.32 -20.47
C CYS A 1 -12.02 11.87 -20.88
N GLY A 2 -12.07 10.97 -19.90
CA GLY A 2 -11.84 9.57 -20.18
C GLY A 2 -12.86 8.67 -19.50
N GLY A 3 -14.04 9.21 -19.24
CA GLY A 3 -15.09 8.44 -18.61
C GLY A 3 -14.67 7.90 -17.26
N ASP A 4 -13.71 8.57 -16.62
CA ASP A 4 -13.23 8.14 -15.30
C ASP A 4 -12.61 6.75 -15.37
N ASN A 5 -12.26 6.32 -16.57
CA ASN A 5 -11.64 5.01 -16.77
C ASN A 5 -10.40 4.87 -15.89
N ILE A 6 -9.78 6.01 -15.61
CA ILE A 6 -8.59 6.04 -14.77
C ILE A 6 -8.99 5.99 -13.30
N GLU A 7 -9.97 6.80 -12.94
CA GLU A 7 -10.46 6.84 -11.55
C GLU A 7 -10.89 5.47 -11.08
N GLN A 8 -11.25 4.60 -12.03
CA GLN A 8 -11.68 3.25 -11.71
C GLN A 8 -10.46 2.36 -11.48
N LYS A 9 -9.44 2.54 -12.32
CA LYS A 9 -8.21 1.77 -12.21
C LYS A 9 -7.53 2.02 -10.87
N ILE A 10 -7.62 3.26 -10.38
CA ILE A 10 -7.02 3.62 -9.10
C ILE A 10 -7.78 2.98 -7.95
N ASP A 11 -9.10 3.01 -8.02
CA ASP A 11 -9.93 2.42 -6.96
C ASP A 11 -9.47 1.01 -6.69
N ASP A 12 -9.02 0.33 -7.74
CA ASP A 12 -8.52 -1.04 -7.61
C ASP A 12 -7.24 -1.02 -6.81
N ILE A 13 -6.35 -0.10 -7.14
CA ILE A 13 -5.09 0.06 -6.44
C ILE A 13 -5.34 0.37 -4.97
N ASP A 14 -6.25 1.33 -4.73
CA ASP A 14 -6.58 1.73 -3.37
C ASP A 14 -6.88 0.51 -2.49
N HIS A 15 -7.43 -0.53 -3.11
CA HIS A 15 -7.75 -1.76 -2.40
C HIS A 15 -6.49 -2.56 -2.13
N GLU A 16 -5.50 -2.40 -3.01
CA GLU A 16 -4.23 -3.11 -2.87
C GLU A 16 -3.29 -2.36 -1.93
N ILE A 17 -3.36 -1.04 -1.97
CA ILE A 17 -2.51 -0.19 -1.13
C ILE A 17 -2.84 -0.42 0.35
N ALA A 18 -4.11 -0.69 0.63
CA ALA A 18 -4.56 -0.92 1.99
C ALA A 18 -4.25 -2.34 2.45
N ASP A 19 -4.37 -3.29 1.52
CA ASP A 19 -4.09 -4.69 1.83
C ASP A 19 -2.71 -4.86 2.44
N LEU A 20 -1.73 -4.16 1.86
CA LEU A 20 -0.35 -4.23 2.37
C LEU A 20 -0.22 -3.53 3.70
N GLN A 21 -0.73 -2.30 3.78
CA GLN A 21 -0.67 -1.51 5.01
C GLN A 21 -1.19 -2.32 6.20
N ALA A 22 -2.24 -3.09 5.96
CA ALA A 22 -2.85 -3.89 7.02
C ALA A 22 -1.91 -5.04 7.43
N LYS A 23 -1.18 -5.56 6.46
CA LYS A 23 -0.24 -6.66 6.72
C LYS A 23 0.93 -6.19 7.58
N ARG A 24 1.34 -4.94 7.37
CA ARG A 24 2.46 -4.37 8.11
C ARG A 24 2.05 -4.06 9.55
N THR A 25 0.87 -3.49 9.72
CA THR A 25 0.37 -3.13 11.05
C THR A 25 0.18 -4.37 11.92
N ARG A 26 -0.61 -5.32 11.42
CA ARG A 26 -0.87 -6.55 12.15
C ARG A 26 0.43 -7.16 12.65
N LEU A 27 1.43 -7.16 11.79
CA LEU A 27 2.74 -7.71 12.14
C LEU A 27 3.34 -6.89 13.29
N VAL A 28 3.12 -5.58 13.24
CA VAL A 28 3.63 -4.70 14.29
C VAL A 28 2.98 -5.03 15.62
N GLN A 29 1.66 -5.20 15.59
CA GLN A 29 0.92 -5.54 16.79
C GLN A 29 1.54 -6.75 17.47
N GLN A 30 2.17 -7.60 16.67
CA GLN A 30 2.83 -8.79 17.18
C GLN A 30 4.14 -8.43 17.86
N HIS A 31 4.79 -7.37 17.37
CA HIS A 31 6.05 -6.91 17.95
C HIS A 31 6.10 -5.39 18.03
N PRO A 32 5.20 -4.79 18.83
CA PRO A 32 5.15 -3.33 19.02
C PRO A 32 6.36 -2.79 19.76
N ARG A 33 6.95 -3.63 20.61
CA ARG A 33 8.11 -3.23 21.39
C ARG A 33 9.38 -3.86 20.82
N CYS B 1 9.74 -17.64 16.55
CA CYS B 1 10.09 -16.24 16.83
C CYS B 1 11.50 -15.94 16.34
N GLY B 2 11.96 -14.72 16.60
CA GLY B 2 13.30 -14.33 16.17
C GLY B 2 13.62 -12.89 16.54
N GLY B 3 14.90 -12.61 16.73
CA GLY B 3 15.32 -11.26 17.08
C GLY B 3 14.90 -10.23 16.05
N ASP B 4 13.73 -9.63 16.25
CA ASP B 4 13.22 -8.63 15.32
C ASP B 4 12.95 -9.22 13.94
N ASN B 5 12.90 -10.55 13.87
CA ASN B 5 12.66 -11.23 12.60
C ASN B 5 11.37 -10.72 11.98
N ILE B 6 10.46 -10.26 12.84
CA ILE B 6 9.18 -9.73 12.39
C ILE B 6 9.38 -8.33 11.82
N GLU B 7 10.12 -7.50 12.55
CA GLU B 7 10.40 -6.13 12.12
C GLU B 7 11.04 -6.12 10.73
N GLN B 8 11.73 -7.20 10.39
CA GLN B 8 12.38 -7.31 9.09
C GLN B 8 11.36 -7.66 8.02
N LYS B 9 10.46 -8.58 8.35
CA LYS B 9 9.43 -9.01 7.43
C LYS B 9 8.53 -7.83 7.05
N ILE B 10 8.22 -6.98 8.03
CA ILE B 10 7.37 -5.83 7.78
C ILE B 10 8.08 -4.80 6.92
N ASP B 11 9.36 -4.56 7.21
CA ASP B 11 10.14 -3.60 6.43
C ASP B 11 9.97 -3.87 4.95
N ASP B 12 9.84 -5.16 4.62
CA ASP B 12 9.65 -5.56 3.24
C ASP B 12 8.29 -5.08 2.76
N ILE B 13 7.27 -5.30 3.59
CA ILE B 13 5.92 -4.88 3.27
C ILE B 13 5.87 -3.36 3.10
N ASP B 14 6.48 -2.65 4.05
CA ASP B 14 6.50 -1.19 4.02
C ASP B 14 6.93 -0.69 2.64
N HIS B 15 7.81 -1.44 1.99
CA HIS B 15 8.28 -1.07 0.67
C HIS B 15 7.22 -1.35 -0.39
N GLU B 16 6.38 -2.35 -0.11
CA GLU B 16 5.32 -2.72 -1.03
C GLU B 16 4.09 -1.85 -0.83
N ILE B 17 3.86 -1.45 0.42
CA ILE B 17 2.72 -0.61 0.76
C ILE B 17 2.85 0.75 0.10
N ALA B 18 4.09 1.23 -0.02
CA ALA B 18 4.36 2.52 -0.64
C ALA B 18 4.30 2.44 -2.16
N ASP B 19 4.77 1.32 -2.71
CA ASP B 19 4.77 1.14 -4.15
C ASP B 19 3.37 1.34 -4.74
N LEU B 20 2.38 0.76 -4.08
CA LEU B 20 1.00 0.87 -4.53
C LEU B 20 0.50 2.31 -4.38
N GLN B 21 0.68 2.87 -3.20
CA GLN B 21 0.24 4.24 -2.92
C GLN B 21 0.74 5.19 -4.00
N ALA B 22 1.95 4.96 -4.49
CA ALA B 22 2.53 5.80 -5.52
C ALA B 22 1.83 5.59 -6.85
N LYS B 23 1.34 4.38 -7.08
CA LYS B 23 0.64 4.06 -8.33
C LYS B 23 -0.70 4.78 -8.40
N ARG B 24 -1.36 4.94 -7.26
CA ARG B 24 -2.65 5.61 -7.20
C ARG B 24 -2.50 7.11 -7.47
N THR B 25 -1.48 7.71 -6.87
CA THR B 25 -1.23 9.14 -7.04
C THR B 25 -0.92 9.48 -8.50
N ARG B 26 0.11 8.83 -9.05
CA ARG B 26 0.51 9.06 -10.43
C ARG B 26 -0.71 9.00 -11.36
N LEU B 27 -1.59 8.04 -11.09
CA LEU B 27 -2.79 7.90 -11.90
C LEU B 27 -3.69 9.11 -11.71
N VAL B 28 -3.74 9.61 -10.48
CA VAL B 28 -4.56 10.79 -10.18
C VAL B 28 -4.05 11.99 -10.96
N GLN B 29 -2.73 12.16 -10.96
CA GLN B 29 -2.10 13.27 -11.67
C GLN B 29 -2.58 13.26 -13.13
N GLN B 30 -2.90 12.08 -13.62
CA GLN B 30 -3.39 11.92 -14.98
C GLN B 30 -4.82 12.42 -15.10
N HIS B 31 -5.59 12.27 -14.01
CA HIS B 31 -6.98 12.72 -13.99
C HIS B 31 -7.32 13.39 -12.67
N PRO B 32 -6.67 14.53 -12.37
CA PRO B 32 -6.90 15.27 -11.13
C PRO B 32 -8.12 16.18 -11.21
N ARG B 33 -8.40 16.66 -12.43
CA ARG B 33 -9.54 17.55 -12.65
C ARG B 33 -10.64 16.84 -13.42
N CYS A 1 -11.99 14.70 -15.07
CA CYS A 1 -12.29 14.41 -13.65
C CYS A 1 -12.08 12.94 -13.32
N GLY A 2 -12.97 12.09 -13.86
CA GLY A 2 -12.86 10.67 -13.62
C GLY A 2 -14.06 9.90 -14.16
N GLY A 3 -14.44 8.84 -13.46
CA GLY A 3 -15.58 8.04 -13.88
C GLY A 3 -15.49 7.68 -15.36
N ASP A 4 -14.30 7.34 -15.81
CA ASP A 4 -14.09 6.97 -17.21
C ASP A 4 -13.38 5.63 -17.33
N ASN A 5 -12.05 5.65 -17.23
CA ASN A 5 -11.24 4.44 -17.32
C ASN A 5 -10.06 4.56 -16.38
N ILE A 6 -9.42 5.73 -16.39
CA ILE A 6 -8.28 6.00 -15.52
C ILE A 6 -8.73 5.97 -14.08
N GLU A 7 -9.79 6.72 -13.79
CA GLU A 7 -10.34 6.80 -12.44
C GLU A 7 -10.64 5.42 -11.89
N GLN A 8 -11.06 4.51 -12.76
CA GLN A 8 -11.37 3.15 -12.35
C GLN A 8 -10.09 2.35 -12.13
N LYS A 9 -9.07 2.65 -12.93
CA LYS A 9 -7.78 1.97 -12.83
C LYS A 9 -7.19 2.16 -11.44
N ILE A 10 -7.29 3.36 -10.90
CA ILE A 10 -6.75 3.65 -9.58
C ILE A 10 -7.54 2.93 -8.49
N ASP A 11 -8.87 2.95 -8.60
CA ASP A 11 -9.72 2.29 -7.62
C ASP A 11 -9.21 0.87 -7.36
N ASP A 12 -8.69 0.25 -8.42
CA ASP A 12 -8.14 -1.09 -8.32
C ASP A 12 -6.89 -1.06 -7.44
N ILE A 13 -6.00 -0.12 -7.75
CA ILE A 13 -4.77 0.03 -7.00
C ILE A 13 -5.08 0.33 -5.53
N ASP A 14 -5.97 1.28 -5.29
CA ASP A 14 -6.37 1.67 -3.94
C ASP A 14 -6.69 0.43 -3.10
N HIS A 15 -7.23 -0.60 -3.75
CA HIS A 15 -7.58 -1.83 -3.06
C HIS A 15 -6.33 -2.64 -2.76
N GLU A 16 -5.31 -2.49 -3.61
CA GLU A 16 -4.06 -3.20 -3.43
C GLU A 16 -3.15 -2.47 -2.45
N ILE A 17 -3.19 -1.15 -2.49
CA ILE A 17 -2.38 -0.32 -1.62
C ILE A 17 -2.75 -0.55 -0.16
N ALA A 18 -4.04 -0.79 0.07
CA ALA A 18 -4.55 -1.02 1.41
C ALA A 18 -4.26 -2.44 1.88
N ASP A 19 -4.32 -3.40 0.97
CA ASP A 19 -4.06 -4.80 1.30
C ASP A 19 -2.69 -4.94 1.96
N LEU A 20 -1.68 -4.37 1.33
CA LEU A 20 -0.32 -4.43 1.86
C LEU A 20 -0.23 -3.75 3.22
N GLN A 21 -0.74 -2.53 3.31
CA GLN A 21 -0.73 -1.77 4.55
C GLN A 21 -1.26 -2.62 5.71
N ALA A 22 -2.20 -3.52 5.40
CA ALA A 22 -2.78 -4.40 6.41
C ALA A 22 -1.77 -5.46 6.83
N LYS A 23 -0.93 -5.87 5.89
CA LYS A 23 0.09 -6.88 6.16
C LYS A 23 1.12 -6.38 7.17
N ARG A 24 1.43 -5.08 7.07
CA ARG A 24 2.40 -4.47 7.97
C ARG A 24 1.82 -4.29 9.37
N THR A 25 0.60 -3.77 9.44
CA THR A 25 -0.05 -3.54 10.72
C THR A 25 -0.14 -4.83 11.54
N ARG A 26 -0.68 -5.88 10.92
CA ARG A 26 -0.83 -7.16 11.60
C ARG A 26 0.51 -7.61 12.18
N LEU A 27 1.56 -7.46 11.40
CA LEU A 27 2.89 -7.85 11.84
C LEU A 27 3.36 -6.93 12.98
N VAL A 28 2.96 -5.66 12.92
CA VAL A 28 3.33 -4.72 13.96
C VAL A 28 2.75 -5.15 15.29
N GLN A 29 1.47 -5.50 15.28
CA GLN A 29 0.79 -5.95 16.49
C GLN A 29 1.59 -7.07 17.13
N GLN A 30 2.23 -7.89 16.29
CA GLN A 30 3.05 -8.99 16.76
C GLN A 30 4.28 -8.46 17.49
N HIS A 31 4.75 -7.28 17.07
CA HIS A 31 5.91 -6.66 17.70
C HIS A 31 5.80 -5.13 17.68
N PRO A 32 5.08 -4.55 18.65
CA PRO A 32 4.90 -3.09 18.74
C PRO A 32 6.20 -2.36 19.00
N ARG A 33 7.16 -3.06 19.62
CA ARG A 33 8.46 -2.48 19.93
C ARG A 33 9.59 -3.32 19.37
N CYS B 1 8.51 -11.40 20.56
CA CYS B 1 8.10 -12.66 19.96
C CYS B 1 9.31 -13.51 19.61
N GLY B 2 10.36 -12.86 19.14
CA GLY B 2 11.57 -13.58 18.77
C GLY B 2 12.52 -12.73 17.93
N GLY B 3 13.08 -11.70 18.54
CA GLY B 3 14.00 -10.83 17.83
C GLY B 3 13.29 -9.91 16.85
N ASP B 4 14.05 -9.34 15.92
CA ASP B 4 13.48 -8.44 14.92
C ASP B 4 13.16 -9.18 13.62
N ASN B 5 13.16 -10.51 13.68
CA ASN B 5 12.85 -11.32 12.52
C ASN B 5 11.53 -10.89 11.90
N ILE B 6 10.66 -10.35 12.74
CA ILE B 6 9.36 -9.88 12.31
C ILE B 6 9.48 -8.49 11.71
N GLU B 7 10.25 -7.63 12.37
CA GLU B 7 10.46 -6.26 11.91
C GLU B 7 11.05 -6.25 10.50
N GLN B 8 11.76 -7.31 10.15
CA GLN B 8 12.37 -7.42 8.83
C GLN B 8 11.31 -7.76 7.78
N LYS B 9 10.39 -8.64 8.16
CA LYS B 9 9.32 -9.06 7.27
C LYS B 9 8.45 -7.88 6.87
N ILE B 10 8.21 -6.97 7.83
CA ILE B 10 7.39 -5.80 7.57
C ILE B 10 8.12 -4.81 6.67
N ASP B 11 9.40 -4.58 6.94
CA ASP B 11 10.19 -3.66 6.13
C ASP B 11 10.01 -3.97 4.66
N ASP B 12 9.86 -5.25 4.36
CA ASP B 12 9.66 -5.70 3.00
C ASP B 12 8.31 -5.22 2.49
N ILE B 13 7.29 -5.45 3.30
CA ILE B 13 5.94 -5.01 2.96
C ILE B 13 5.89 -3.50 2.77
N ASP B 14 6.47 -2.77 3.73
CA ASP B 14 6.51 -1.32 3.66
C ASP B 14 6.98 -0.84 2.29
N HIS B 15 7.85 -1.62 1.67
CA HIS B 15 8.37 -1.28 0.35
C HIS B 15 7.31 -1.54 -0.71
N GLU B 16 6.45 -2.51 -0.44
CA GLU B 16 5.39 -2.87 -1.37
C GLU B 16 4.17 -1.98 -1.18
N ILE B 17 3.90 -1.62 0.06
CA ILE B 17 2.76 -0.76 0.38
C ILE B 17 2.90 0.60 -0.27
N ALA B 18 4.15 1.05 -0.38
CA ALA B 18 4.45 2.35 -0.99
C ALA B 18 4.43 2.27 -2.51
N ASP B 19 4.92 1.14 -3.04
CA ASP B 19 4.96 0.94 -4.48
C ASP B 19 3.59 1.14 -5.10
N LEU B 20 2.57 0.59 -4.46
CA LEU B 20 1.20 0.72 -4.95
C LEU B 20 0.71 2.16 -4.80
N GLN B 21 0.88 2.72 -3.61
CA GLN B 21 0.46 4.09 -3.34
C GLN B 21 0.99 5.05 -4.40
N ALA B 22 2.17 4.76 -4.90
CA ALA B 22 2.79 5.59 -5.93
C ALA B 22 2.07 5.42 -7.26
N LYS B 23 1.61 4.22 -7.54
CA LYS B 23 0.90 3.93 -8.77
C LYS B 23 -0.45 4.64 -8.81
N ARG B 24 -1.09 4.74 -7.66
CA ARG B 24 -2.39 5.40 -7.56
C ARG B 24 -2.26 6.91 -7.77
N THR B 25 -1.22 7.50 -7.16
CA THR B 25 -0.99 8.93 -7.28
C THR B 25 -0.69 9.32 -8.72
N ARG B 26 0.30 8.65 -9.32
CA ARG B 26 0.69 8.93 -10.69
C ARG B 26 -0.53 8.95 -11.60
N LEU B 27 -1.41 7.97 -11.42
CA LEU B 27 -2.62 7.89 -12.22
C LEU B 27 -3.50 9.10 -11.96
N VAL B 28 -3.50 9.58 -10.72
CA VAL B 28 -4.29 10.75 -10.36
C VAL B 28 -3.76 11.98 -11.09
N GLN B 29 -2.44 12.13 -11.10
CA GLN B 29 -1.80 13.25 -11.78
C GLN B 29 -2.31 13.34 -13.21
N GLN B 30 -2.64 12.18 -13.79
CA GLN B 30 -3.15 12.12 -15.15
C GLN B 30 -4.60 12.61 -15.19
N HIS B 31 -5.32 12.41 -14.10
CA HIS B 31 -6.72 12.86 -14.02
C HIS B 31 -7.05 13.36 -12.62
N PRO B 32 -6.42 14.46 -12.19
CA PRO B 32 -6.65 15.05 -10.86
C PRO B 32 -8.00 15.76 -10.78
N ARG B 33 -8.35 16.46 -11.85
CA ARG B 33 -9.60 17.20 -11.90
C ARG B 33 -10.25 17.07 -13.28
N CYS A 1 -13.33 9.96 -24.37
CA CYS A 1 -12.19 9.08 -24.72
C CYS A 1 -11.27 8.86 -23.52
N GLY A 2 -11.84 8.92 -22.32
CA GLY A 2 -11.05 8.73 -21.12
C GLY A 2 -11.42 9.71 -20.03
N GLY A 3 -12.61 9.57 -19.48
CA GLY A 3 -13.06 10.46 -18.43
C GLY A 3 -12.54 10.05 -17.06
N ASP A 4 -13.37 9.31 -16.32
CA ASP A 4 -12.98 8.85 -14.98
C ASP A 4 -12.37 7.46 -15.03
N ASN A 5 -12.01 7.01 -16.23
CA ASN A 5 -11.40 5.70 -16.40
C ASN A 5 -10.20 5.55 -15.48
N ILE A 6 -9.58 6.67 -15.17
CA ILE A 6 -8.43 6.71 -14.28
C ILE A 6 -8.88 6.64 -12.82
N GLU A 7 -9.91 7.42 -12.51
CA GLU A 7 -10.45 7.46 -11.16
C GLU A 7 -10.91 6.08 -10.72
N GLN A 8 -11.33 5.27 -11.67
CA GLN A 8 -11.79 3.91 -11.38
C GLN A 8 -10.59 2.98 -11.21
N LYS A 9 -9.58 3.19 -12.04
CA LYS A 9 -8.36 2.39 -11.99
C LYS A 9 -7.66 2.55 -10.65
N ILE A 10 -7.71 3.77 -10.11
CA ILE A 10 -7.07 4.05 -8.83
C ILE A 10 -7.84 3.39 -7.69
N ASP A 11 -9.16 3.50 -7.72
CA ASP A 11 -10.00 2.89 -6.69
C ASP A 11 -9.58 1.45 -6.47
N ASP A 12 -9.16 0.80 -7.55
CA ASP A 12 -8.72 -0.59 -7.48
C ASP A 12 -7.42 -0.66 -6.70
N ILE A 13 -6.50 0.25 -7.02
CA ILE A 13 -5.21 0.31 -6.34
C ILE A 13 -5.42 0.60 -4.86
N ASP A 14 -6.24 1.62 -4.57
CA ASP A 14 -6.52 2.00 -3.19
C ASP A 14 -6.88 0.79 -2.35
N HIS A 15 -7.51 -0.19 -2.97
CA HIS A 15 -7.91 -1.42 -2.28
C HIS A 15 -6.70 -2.31 -2.06
N GLU A 16 -5.73 -2.21 -2.96
CA GLU A 16 -4.52 -3.02 -2.87
C GLU A 16 -3.49 -2.36 -1.95
N ILE A 17 -3.48 -1.03 -1.94
CA ILE A 17 -2.56 -0.27 -1.11
C ILE A 17 -2.86 -0.50 0.37
N ALA A 18 -4.14 -0.67 0.68
CA ALA A 18 -4.57 -0.89 2.05
C ALA A 18 -4.34 -2.34 2.47
N ASP A 19 -4.54 -3.26 1.53
CA ASP A 19 -4.36 -4.68 1.81
C ASP A 19 -2.97 -4.95 2.39
N LEU A 20 -1.96 -4.35 1.78
CA LEU A 20 -0.59 -4.52 2.23
C LEU A 20 -0.38 -3.87 3.60
N GLN A 21 -0.80 -2.61 3.72
CA GLN A 21 -0.65 -1.88 4.98
C GLN A 21 -1.24 -2.68 6.15
N ALA A 22 -2.28 -3.47 5.85
CA ALA A 22 -2.93 -4.27 6.88
C ALA A 22 -2.06 -5.46 7.28
N LYS A 23 -1.32 -5.98 6.31
CA LYS A 23 -0.44 -7.12 6.56
C LYS A 23 0.74 -6.73 7.45
N ARG A 24 1.19 -5.48 7.32
CA ARG A 24 2.31 -4.99 8.12
C ARG A 24 1.90 -4.81 9.58
N THR A 25 0.73 -4.22 9.80
CA THR A 25 0.23 -3.99 11.15
C THR A 25 0.03 -5.30 11.89
N ARG A 26 -0.73 -6.21 11.29
CA ARG A 26 -1.00 -7.50 11.91
C ARG A 26 0.30 -8.17 12.34
N LEU A 27 1.30 -8.09 11.47
CA LEU A 27 2.60 -8.67 11.77
C LEU A 27 3.23 -7.98 12.97
N VAL A 28 2.98 -6.67 13.07
CA VAL A 28 3.51 -5.89 14.18
C VAL A 28 2.86 -6.34 15.48
N GLN A 29 1.55 -6.52 15.44
CA GLN A 29 0.80 -6.97 16.62
C GLN A 29 1.45 -8.23 17.19
N GLN A 30 2.06 -9.01 16.31
CA GLN A 30 2.74 -10.24 16.73
C GLN A 30 4.07 -9.91 17.41
N HIS A 31 4.70 -8.83 16.97
CA HIS A 31 5.97 -8.41 17.55
C HIS A 31 6.03 -6.89 17.73
N PRO A 32 5.12 -6.33 18.53
CA PRO A 32 5.06 -4.88 18.78
C PRO A 32 6.10 -4.44 19.81
N ARG A 33 6.41 -5.32 20.75
CA ARG A 33 7.38 -5.02 21.79
C ARG A 33 8.47 -6.08 21.84
N CYS B 1 13.13 -3.72 19.35
CA CYS B 1 11.81 -4.08 18.84
C CYS B 1 11.94 -5.01 17.62
N GLY B 2 11.52 -6.25 17.79
CA GLY B 2 11.59 -7.21 16.71
C GLY B 2 13.02 -7.58 16.35
N GLY B 3 13.50 -7.06 15.21
CA GLY B 3 14.85 -7.35 14.78
C GLY B 3 15.18 -8.83 14.86
N ASP B 4 14.26 -9.66 14.40
CA ASP B 4 14.44 -11.11 14.44
C ASP B 4 14.17 -11.73 13.07
N ASN B 5 12.89 -12.00 12.81
CA ASN B 5 12.48 -12.58 11.54
C ASN B 5 11.16 -11.94 11.11
N ILE B 6 10.25 -11.79 12.05
CA ILE B 6 8.97 -11.15 11.79
C ILE B 6 9.18 -9.71 11.36
N GLU B 7 9.99 -9.01 12.15
CA GLU B 7 10.30 -7.60 11.87
C GLU B 7 10.87 -7.43 10.46
N GLN B 8 11.54 -8.46 9.97
CA GLN B 8 12.12 -8.42 8.63
C GLN B 8 11.04 -8.69 7.58
N LYS B 9 10.10 -9.56 7.92
CA LYS B 9 9.02 -9.90 7.02
C LYS B 9 8.17 -8.67 6.70
N ILE B 10 7.97 -7.83 7.70
CA ILE B 10 7.17 -6.62 7.52
C ILE B 10 7.92 -5.60 6.67
N ASP B 11 9.21 -5.43 6.93
CA ASP B 11 10.02 -4.48 6.17
C ASP B 11 9.82 -4.72 4.68
N ASP B 12 9.63 -5.97 4.32
CA ASP B 12 9.41 -6.34 2.93
C ASP B 12 8.07 -5.79 2.47
N ILE B 13 7.05 -6.00 3.30
CA ILE B 13 5.72 -5.51 3.00
C ILE B 13 5.74 -3.99 2.88
N ASP B 14 6.38 -3.33 3.85
CA ASP B 14 6.48 -1.87 3.84
C ASP B 14 6.92 -1.36 2.48
N HIS B 15 7.74 -2.14 1.79
CA HIS B 15 8.22 -1.76 0.47
C HIS B 15 7.12 -1.95 -0.57
N GLU B 16 6.24 -2.91 -0.30
CA GLU B 16 5.14 -3.20 -1.22
C GLU B 16 3.95 -2.27 -0.96
N ILE B 17 3.76 -1.90 0.30
CA ILE B 17 2.67 -1.03 0.69
C ILE B 17 2.85 0.36 0.08
N ALA B 18 4.11 0.77 -0.06
CA ALA B 18 4.43 2.07 -0.62
C ALA B 18 4.37 2.04 -2.15
N ASP B 19 4.78 0.92 -2.73
CA ASP B 19 4.77 0.77 -4.18
C ASP B 19 3.37 1.06 -4.75
N LEU B 20 2.36 0.50 -4.10
CA LEU B 20 0.98 0.70 -4.53
C LEU B 20 0.55 2.15 -4.34
N GLN B 21 0.76 2.67 -3.13
CA GLN B 21 0.39 4.04 -2.81
C GLN B 21 0.93 5.01 -3.85
N ALA B 22 2.07 4.68 -4.43
CA ALA B 22 2.69 5.52 -5.45
C ALA B 22 1.93 5.44 -6.77
N LYS B 23 1.42 4.25 -7.07
CA LYS B 23 0.67 4.04 -8.31
C LYS B 23 -0.67 4.77 -8.27
N ARG B 24 -1.23 4.90 -7.06
CA ARG B 24 -2.51 5.58 -6.89
C ARG B 24 -2.35 7.09 -7.05
N THR B 25 -1.29 7.64 -6.48
CA THR B 25 -1.03 9.07 -6.56
C THR B 25 -0.74 9.50 -7.99
N ARG B 26 0.26 8.88 -8.61
CA ARG B 26 0.63 9.20 -9.98
C ARG B 26 -0.60 9.23 -10.87
N LEU B 27 -1.50 8.28 -10.65
CA LEU B 27 -2.74 8.22 -11.42
C LEU B 27 -3.59 9.44 -11.14
N VAL B 28 -3.61 9.87 -9.88
CA VAL B 28 -4.37 11.03 -9.47
C VAL B 28 -3.85 12.27 -10.19
N GLN B 29 -2.52 12.40 -10.21
CA GLN B 29 -1.88 13.53 -10.88
C GLN B 29 -2.40 13.64 -12.31
N GLN B 30 -2.73 12.50 -12.89
CA GLN B 30 -3.26 12.45 -14.24
C GLN B 30 -4.67 13.04 -14.29
N HIS B 31 -5.41 12.87 -13.19
CA HIS B 31 -6.76 13.40 -13.10
C HIS B 31 -7.04 13.99 -11.72
N PRO B 32 -6.42 15.16 -11.42
CA PRO B 32 -6.60 15.83 -10.14
C PRO B 32 -7.98 16.47 -10.00
N ARG B 33 -8.59 16.81 -11.13
CA ARG B 33 -9.91 17.42 -11.13
C ARG B 33 -10.94 16.51 -10.48
N CYS A 1 -9.61 11.64 -25.18
CA CYS A 1 -9.69 10.42 -24.34
C CYS A 1 -9.14 10.68 -22.94
N GLY A 2 -10.02 10.61 -21.94
CA GLY A 2 -9.59 10.83 -20.57
C GLY A 2 -10.75 10.75 -19.59
N GLY A 3 -11.67 9.83 -19.83
CA GLY A 3 -12.82 9.68 -18.95
C GLY A 3 -12.42 9.30 -17.54
N ASP A 4 -13.31 8.62 -16.83
CA ASP A 4 -13.04 8.19 -15.46
C ASP A 4 -12.42 6.80 -15.42
N ASN A 5 -12.00 6.30 -16.58
CA ASN A 5 -11.39 4.98 -16.67
C ASN A 5 -10.25 4.87 -15.66
N ILE A 6 -9.63 6.01 -15.39
CA ILE A 6 -8.53 6.07 -14.44
C ILE A 6 -9.07 6.01 -13.02
N GLU A 7 -10.13 6.78 -12.78
CA GLU A 7 -10.76 6.82 -11.46
C GLU A 7 -11.18 5.42 -11.02
N GLN A 8 -11.50 4.57 -11.98
CA GLN A 8 -11.90 3.21 -11.70
C GLN A 8 -10.67 2.34 -11.42
N LYS A 9 -9.63 2.55 -12.22
CA LYS A 9 -8.39 1.80 -12.07
C LYS A 9 -7.76 2.08 -10.71
N ILE A 10 -7.90 3.31 -10.23
CA ILE A 10 -7.35 3.67 -8.93
C ILE A 10 -8.12 3.02 -7.80
N ASP A 11 -9.45 3.04 -7.88
CA ASP A 11 -10.28 2.44 -6.85
C ASP A 11 -9.80 1.03 -6.55
N ASP A 12 -9.34 0.36 -7.61
CA ASP A 12 -8.82 -0.99 -7.48
C ASP A 12 -7.54 -0.97 -6.64
N ILE A 13 -6.66 -0.04 -6.96
CA ILE A 13 -5.41 0.12 -6.24
C ILE A 13 -5.68 0.44 -4.78
N ASP A 14 -6.58 1.40 -4.55
CA ASP A 14 -6.94 1.81 -3.19
C ASP A 14 -7.23 0.59 -2.31
N HIS A 15 -7.78 -0.45 -2.93
CA HIS A 15 -8.10 -1.67 -2.21
C HIS A 15 -6.83 -2.48 -1.94
N GLU A 16 -5.85 -2.33 -2.81
CA GLU A 16 -4.58 -3.04 -2.67
C GLU A 16 -3.63 -2.29 -1.74
N ILE A 17 -3.71 -0.97 -1.78
CA ILE A 17 -2.87 -0.11 -0.95
C ILE A 17 -3.19 -0.33 0.53
N ALA A 18 -4.46 -0.57 0.82
CA ALA A 18 -4.91 -0.78 2.18
C ALA A 18 -4.60 -2.20 2.65
N ASP A 19 -4.69 -3.16 1.73
CA ASP A 19 -4.41 -4.56 2.05
C ASP A 19 -3.02 -4.71 2.66
N LEU A 20 -2.03 -4.09 2.01
CA LEU A 20 -0.66 -4.16 2.48
C LEU A 20 -0.51 -3.49 3.84
N GLN A 21 -0.97 -2.24 3.94
CA GLN A 21 -0.90 -1.49 5.18
C GLN A 21 -1.39 -2.31 6.36
N ALA A 22 -2.35 -3.21 6.09
CA ALA A 22 -2.90 -4.07 7.13
C ALA A 22 -1.90 -5.13 7.55
N LYS A 23 -1.17 -5.66 6.58
CA LYS A 23 -0.17 -6.69 6.86
C LYS A 23 0.97 -6.14 7.70
N ARG A 24 1.31 -4.87 7.49
CA ARG A 24 2.40 -4.23 8.23
C ARG A 24 2.00 -4.01 9.68
N THR A 25 0.78 -3.55 9.91
CA THR A 25 0.29 -3.27 11.25
C THR A 25 0.19 -4.55 12.07
N ARG A 26 -0.55 -5.53 11.57
CA ARG A 26 -0.73 -6.80 12.27
C ARG A 26 0.62 -7.37 12.71
N LEU A 27 1.62 -7.19 11.85
CA LEU A 27 2.96 -7.67 12.17
C LEU A 27 3.55 -6.86 13.31
N VAL A 28 3.26 -5.56 13.31
CA VAL A 28 3.75 -4.67 14.36
C VAL A 28 3.18 -5.10 15.71
N GLN A 29 1.87 -5.37 15.73
CA GLN A 29 1.20 -5.80 16.94
C GLN A 29 1.93 -7.01 17.52
N GLN A 30 2.51 -7.81 16.63
CA GLN A 30 3.26 -8.98 17.05
C GLN A 30 4.57 -8.58 17.72
N HIS A 31 5.11 -7.44 17.31
CA HIS A 31 6.36 -6.93 17.89
C HIS A 31 6.35 -5.41 17.97
N PRO A 32 5.49 -4.84 18.83
CA PRO A 32 5.39 -3.39 19.01
C PRO A 32 6.44 -2.85 19.96
N ARG A 33 7.70 -3.17 19.70
CA ARG A 33 8.80 -2.71 20.54
C ARG A 33 10.13 -3.23 20.03
N CYS B 1 13.89 -17.40 19.38
CA CYS B 1 13.99 -18.00 18.05
C CYS B 1 13.36 -17.09 16.99
N GLY B 2 13.48 -15.78 17.19
CA GLY B 2 12.92 -14.83 16.25
C GLY B 2 12.90 -13.42 16.80
N GLY B 3 14.08 -12.81 16.90
CA GLY B 3 14.17 -11.46 17.40
C GLY B 3 13.45 -10.45 16.52
N ASP B 4 14.20 -9.80 15.64
CA ASP B 4 13.63 -8.81 14.74
C ASP B 4 13.24 -9.44 13.40
N ASN B 5 13.20 -10.77 13.35
CA ASN B 5 12.84 -11.49 12.14
C ASN B 5 11.51 -10.97 11.62
N ILE B 6 10.68 -10.48 12.53
CA ILE B 6 9.38 -9.93 12.18
C ILE B 6 9.52 -8.51 11.67
N GLU B 7 10.33 -7.72 12.37
CA GLU B 7 10.58 -6.33 12.00
C GLU B 7 11.11 -6.24 10.57
N GLN B 8 11.79 -7.30 10.13
CA GLN B 8 12.33 -7.34 8.78
C GLN B 8 11.23 -7.66 7.78
N LYS B 9 10.32 -8.54 8.17
CA LYS B 9 9.21 -8.94 7.32
C LYS B 9 8.34 -7.74 6.98
N ILE B 10 8.16 -6.84 7.95
CA ILE B 10 7.34 -5.65 7.72
C ILE B 10 8.05 -4.67 6.80
N ASP B 11 9.34 -4.47 7.01
CA ASP B 11 10.12 -3.55 6.18
C ASP B 11 9.85 -3.84 4.71
N ASP B 12 9.65 -5.12 4.41
CA ASP B 12 9.36 -5.54 3.05
C ASP B 12 7.98 -5.05 2.64
N ILE B 13 7.01 -5.24 3.53
CA ILE B 13 5.65 -4.80 3.28
C ILE B 13 5.61 -3.29 3.10
N ASP B 14 6.24 -2.56 4.02
CA ASP B 14 6.28 -1.10 3.97
C ASP B 14 6.69 -0.62 2.58
N HIS B 15 7.53 -1.40 1.91
CA HIS B 15 7.99 -1.06 0.57
C HIS B 15 6.88 -1.32 -0.45
N GLU B 16 6.02 -2.28 -0.14
CA GLU B 16 4.92 -2.64 -1.02
C GLU B 16 3.72 -1.74 -0.78
N ILE B 17 3.49 -1.38 0.48
CA ILE B 17 2.38 -0.52 0.86
C ILE B 17 2.51 0.85 0.21
N ALA B 18 3.75 1.30 0.03
CA ALA B 18 4.02 2.59 -0.58
C ALA B 18 3.93 2.52 -2.11
N ASP B 19 4.41 1.41 -2.66
CA ASP B 19 4.39 1.22 -4.11
C ASP B 19 2.98 1.42 -4.66
N LEU B 20 2.00 0.86 -3.97
CA LEU B 20 0.60 0.97 -4.39
C LEU B 20 0.10 2.40 -4.21
N GLN B 21 0.29 2.95 -3.02
CA GLN B 21 -0.15 4.31 -2.72
C GLN B 21 0.38 5.30 -3.76
N ALA B 22 1.58 5.04 -4.27
CA ALA B 22 2.19 5.90 -5.27
C ALA B 22 1.51 5.74 -6.63
N LYS B 23 1.00 4.54 -6.89
CA LYS B 23 0.32 4.26 -8.15
C LYS B 23 -1.04 4.96 -8.21
N ARG B 24 -1.69 5.08 -7.06
CA ARG B 24 -3.00 5.73 -7.00
C ARG B 24 -2.88 7.23 -7.28
N THR B 25 -1.91 7.87 -6.63
CA THR B 25 -1.69 9.30 -6.79
C THR B 25 -1.36 9.65 -8.23
N ARG B 26 -0.33 8.99 -8.77
CA ARG B 26 0.09 9.23 -10.15
C ARG B 26 -1.10 9.16 -11.09
N LEU B 27 -1.93 8.13 -10.89
CA LEU B 27 -3.12 7.97 -11.72
C LEU B 27 -4.05 9.17 -11.56
N VAL B 28 -4.12 9.68 -10.32
CA VAL B 28 -4.96 10.83 -10.04
C VAL B 28 -4.46 12.05 -10.82
N GLN B 29 -3.15 12.25 -10.79
CA GLN B 29 -2.54 13.36 -11.50
C GLN B 29 -3.00 13.36 -12.96
N GLN B 30 -3.32 12.16 -13.45
CA GLN B 30 -3.78 12.01 -14.82
C GLN B 30 -5.23 12.46 -14.96
N HIS B 31 -6.00 12.29 -13.88
CA HIS B 31 -7.41 12.69 -13.88
C HIS B 31 -7.78 13.39 -12.57
N PRO B 32 -7.12 14.53 -12.28
CA PRO B 32 -7.39 15.30 -11.06
C PRO B 32 -8.67 16.13 -11.15
N ARG B 33 -8.95 16.60 -12.35
CA ARG B 33 -10.15 17.42 -12.58
C ARG B 33 -10.28 17.78 -14.05
N CYS A 1 -11.62 12.00 -24.08
CA CYS A 1 -10.51 11.06 -23.73
C CYS A 1 -11.07 9.71 -23.29
N GLY A 2 -11.76 9.70 -22.15
CA GLY A 2 -12.33 8.47 -21.64
C GLY A 2 -13.29 8.71 -20.50
N GLY A 3 -12.93 9.63 -19.60
CA GLY A 3 -13.78 9.93 -18.47
C GLY A 3 -13.16 9.51 -17.15
N ASP A 4 -13.90 8.72 -16.37
CA ASP A 4 -13.41 8.25 -15.08
C ASP A 4 -12.74 6.89 -15.20
N ASN A 5 -12.42 6.49 -16.42
CA ASN A 5 -11.76 5.20 -16.66
C ASN A 5 -10.52 5.09 -15.81
N ILE A 6 -9.93 6.23 -15.48
CA ILE A 6 -8.74 6.28 -14.65
C ILE A 6 -9.11 6.19 -13.18
N GLU A 7 -10.13 6.95 -12.80
CA GLU A 7 -10.61 6.96 -11.43
C GLU A 7 -10.97 5.55 -10.96
N GLN A 8 -11.38 4.71 -11.91
CA GLN A 8 -11.74 3.34 -11.60
C GLN A 8 -10.49 2.50 -11.39
N LYS A 9 -9.47 2.76 -12.20
CA LYS A 9 -8.22 2.04 -12.11
C LYS A 9 -7.54 2.28 -10.76
N ILE A 10 -7.66 3.52 -10.26
CA ILE A 10 -7.06 3.87 -8.99
C ILE A 10 -7.82 3.24 -7.83
N ASP A 11 -9.14 3.27 -7.90
CA ASP A 11 -9.97 2.69 -6.84
C ASP A 11 -9.52 1.26 -6.56
N ASP A 12 -9.06 0.58 -7.62
CA ASP A 12 -8.58 -0.77 -7.50
C ASP A 12 -7.30 -0.78 -6.69
N ILE A 13 -6.40 0.13 -7.04
CA ILE A 13 -5.13 0.26 -6.34
C ILE A 13 -5.38 0.59 -4.88
N ASP A 14 -6.27 1.54 -4.63
CA ASP A 14 -6.60 1.95 -3.27
C ASP A 14 -6.89 0.73 -2.39
N HIS A 15 -7.47 -0.30 -2.99
CA HIS A 15 -7.78 -1.52 -2.27
C HIS A 15 -6.52 -2.33 -2.01
N GLU A 16 -5.54 -2.17 -2.89
CA GLU A 16 -4.27 -2.88 -2.76
C GLU A 16 -3.32 -2.13 -1.84
N ILE A 17 -3.39 -0.80 -1.88
CA ILE A 17 -2.53 0.03 -1.05
C ILE A 17 -2.84 -0.18 0.42
N ALA A 18 -4.10 -0.47 0.72
CA ALA A 18 -4.54 -0.69 2.09
C ALA A 18 -4.20 -2.11 2.55
N ASP A 19 -4.34 -3.07 1.64
CA ASP A 19 -4.05 -4.47 1.97
C ASP A 19 -2.64 -4.62 2.52
N LEU A 20 -1.68 -3.94 1.90
CA LEU A 20 -0.29 -4.00 2.33
C LEU A 20 -0.11 -3.31 3.68
N GLN A 21 -0.54 -2.06 3.76
CA GLN A 21 -0.42 -1.28 5.01
C GLN A 21 -0.98 -2.05 6.19
N ALA A 22 -2.03 -2.83 5.95
CA ALA A 22 -2.66 -3.61 7.00
C ALA A 22 -1.79 -4.82 7.38
N LYS A 23 -1.01 -5.29 6.42
CA LYS A 23 -0.13 -6.45 6.65
C LYS A 23 1.06 -6.06 7.51
N ARG A 24 1.53 -4.83 7.36
CA ARG A 24 2.68 -4.34 8.13
C ARG A 24 2.32 -4.18 9.61
N THR A 25 1.16 -3.58 9.86
CA THR A 25 0.69 -3.36 11.23
C THR A 25 0.49 -4.67 11.97
N ARG A 26 -0.33 -5.55 11.40
CA ARG A 26 -0.62 -6.84 12.01
C ARG A 26 0.67 -7.54 12.40
N LEU A 27 1.66 -7.49 11.52
CA LEU A 27 2.95 -8.10 11.78
C LEU A 27 3.62 -7.42 12.97
N VAL A 28 3.46 -6.10 13.06
CA VAL A 28 4.03 -5.33 14.16
C VAL A 28 3.46 -5.81 15.49
N GLN A 29 2.15 -5.97 15.53
CA GLN A 29 1.48 -6.44 16.74
C GLN A 29 2.15 -7.73 17.22
N GLN A 30 2.64 -8.52 16.27
CA GLN A 30 3.31 -9.77 16.58
C GLN A 30 4.66 -9.49 17.25
N HIS A 31 5.28 -8.37 16.88
CA HIS A 31 6.57 -7.99 17.46
C HIS A 31 6.61 -6.50 17.80
N PRO A 32 5.89 -6.08 18.86
CA PRO A 32 5.84 -4.68 19.28
C PRO A 32 7.18 -4.22 19.87
N ARG A 33 7.16 -3.05 20.51
CA ARG A 33 8.36 -2.49 21.12
C ARG A 33 9.43 -2.23 20.07
N CYS B 1 12.38 -14.54 22.70
CA CYS B 1 11.19 -15.28 22.30
C CYS B 1 10.88 -15.05 20.82
N GLY B 2 10.99 -13.80 20.39
CA GLY B 2 10.72 -13.48 19.00
C GLY B 2 11.69 -12.44 18.45
N GLY B 3 12.66 -12.90 17.67
CA GLY B 3 13.64 -12.00 17.09
C GLY B 3 13.01 -10.95 16.20
N ASP B 4 13.82 -10.31 15.37
CA ASP B 4 13.33 -9.28 14.46
C ASP B 4 12.99 -9.86 13.10
N ASN B 5 12.89 -11.18 13.02
CA ASN B 5 12.56 -11.85 11.77
C ASN B 5 11.30 -11.26 11.17
N ILE B 6 10.42 -10.77 12.04
CA ILE B 6 9.18 -10.14 11.62
C ILE B 6 9.43 -8.71 11.15
N GLU B 7 10.23 -7.99 11.93
CA GLU B 7 10.58 -6.60 11.60
C GLU B 7 11.17 -6.52 10.20
N GLN B 8 11.87 -7.59 9.80
CA GLN B 8 12.48 -7.63 8.48
C GLN B 8 11.43 -7.93 7.43
N LYS B 9 10.50 -8.82 7.76
CA LYS B 9 9.42 -9.20 6.86
C LYS B 9 8.55 -8.01 6.54
N ILE B 10 8.30 -7.18 7.56
CA ILE B 10 7.47 -5.99 7.38
C ILE B 10 8.18 -4.94 6.53
N ASP B 11 9.47 -4.74 6.81
CA ASP B 11 10.26 -3.76 6.07
C ASP B 11 10.07 -3.98 4.57
N ASP B 12 9.92 -5.25 4.19
CA ASP B 12 9.70 -5.61 2.80
C ASP B 12 8.34 -5.10 2.36
N ILE B 13 7.34 -5.34 3.21
CA ILE B 13 5.99 -4.88 2.92
C ILE B 13 5.96 -3.36 2.79
N ASP B 14 6.63 -2.68 3.72
CA ASP B 14 6.70 -1.22 3.70
C ASP B 14 7.09 -0.70 2.33
N HIS B 15 7.93 -1.46 1.64
CA HIS B 15 8.37 -1.09 0.30
C HIS B 15 7.25 -1.32 -0.71
N GLU B 16 6.38 -2.28 -0.41
CA GLU B 16 5.26 -2.60 -1.28
C GLU B 16 4.07 -1.68 -1.01
N ILE B 17 3.90 -1.31 0.25
CA ILE B 17 2.81 -0.43 0.65
C ILE B 17 2.95 0.94 0.01
N ALA B 18 4.20 1.36 -0.20
CA ALA B 18 4.48 2.65 -0.80
C ALA B 18 4.36 2.60 -2.31
N ASP B 19 4.79 1.49 -2.91
CA ASP B 19 4.72 1.31 -4.35
C ASP B 19 3.30 1.53 -4.86
N LEU B 20 2.33 0.97 -4.14
CA LEU B 20 0.93 1.11 -4.53
C LEU B 20 0.45 2.54 -4.35
N GLN B 21 0.65 3.09 -3.16
CA GLN B 21 0.23 4.45 -2.85
C GLN B 21 0.74 5.44 -3.91
N ALA B 22 1.93 5.18 -4.43
CA ALA B 22 2.53 6.04 -5.44
C ALA B 22 1.83 5.88 -6.78
N LYS B 23 1.30 4.69 -7.03
CA LYS B 23 0.60 4.40 -8.27
C LYS B 23 -0.76 5.10 -8.32
N ARG B 24 -1.39 5.24 -7.17
CA ARG B 24 -2.69 5.89 -7.08
C ARG B 24 -2.58 7.39 -7.32
N THR B 25 -1.57 8.01 -6.72
CA THR B 25 -1.35 9.44 -6.86
C THR B 25 -1.06 9.81 -8.31
N ARG B 26 -0.02 9.21 -8.87
CA ARG B 26 0.37 9.49 -10.25
C ARG B 26 -0.84 9.39 -11.17
N LEU B 27 -1.73 8.45 -10.86
CA LEU B 27 -2.94 8.28 -11.66
C LEU B 27 -3.89 9.44 -11.43
N VAL B 28 -3.97 9.91 -10.18
CA VAL B 28 -4.83 11.03 -9.86
C VAL B 28 -4.39 12.27 -10.63
N GLN B 29 -3.08 12.51 -10.63
CA GLN B 29 -2.53 13.65 -11.36
C GLN B 29 -3.02 13.62 -12.80
N GLN B 30 -3.16 12.41 -13.33
CA GLN B 30 -3.64 12.23 -14.70
C GLN B 30 -5.09 12.72 -14.82
N HIS B 31 -5.83 12.60 -13.72
CA HIS B 31 -7.23 13.03 -13.72
C HIS B 31 -7.60 13.68 -12.38
N PRO B 32 -7.17 14.94 -12.17
CA PRO B 32 -7.45 15.67 -10.93
C PRO B 32 -8.93 16.06 -10.81
N ARG B 33 -9.57 16.24 -11.95
CA ARG B 33 -10.99 16.61 -11.98
C ARG B 33 -11.85 15.47 -12.51
N CYS A 1 -12.46 10.31 -25.24
CA CYS A 1 -13.10 8.97 -25.36
C CYS A 1 -12.98 8.19 -24.06
N GLY A 2 -13.15 8.88 -22.93
CA GLY A 2 -13.06 8.23 -21.64
C GLY A 2 -13.78 9.01 -20.55
N GLY A 3 -14.43 8.28 -19.65
CA GLY A 3 -15.15 8.92 -18.57
C GLY A 3 -14.75 8.38 -17.21
N ASP A 4 -13.76 9.03 -16.58
CA ASP A 4 -13.28 8.62 -15.28
C ASP A 4 -12.67 7.22 -15.32
N ASN A 5 -12.36 6.75 -16.52
CA ASN A 5 -11.76 5.44 -16.70
C ASN A 5 -10.49 5.32 -15.86
N ILE A 6 -9.87 6.47 -15.61
CA ILE A 6 -8.66 6.53 -14.81
C ILE A 6 -8.99 6.44 -13.33
N GLU A 7 -9.99 7.20 -12.92
CA GLU A 7 -10.44 7.21 -11.53
C GLU A 7 -10.80 5.80 -11.07
N GLN A 8 -11.19 4.96 -12.01
CA GLN A 8 -11.55 3.58 -11.69
C GLN A 8 -10.30 2.74 -11.48
N LYS A 9 -9.29 3.00 -12.31
CA LYS A 9 -8.03 2.28 -12.22
C LYS A 9 -7.39 2.46 -10.85
N ILE A 10 -7.49 3.68 -10.32
CA ILE A 10 -6.91 3.96 -9.00
C ILE A 10 -7.68 3.26 -7.90
N ASP A 11 -9.02 3.29 -7.98
CA ASP A 11 -9.86 2.65 -6.98
C ASP A 11 -9.36 1.23 -6.72
N ASP A 12 -8.87 0.60 -7.78
CA ASP A 12 -8.33 -0.75 -7.68
C ASP A 12 -7.05 -0.73 -6.84
N ILE A 13 -6.16 0.18 -7.19
CA ILE A 13 -4.90 0.31 -6.46
C ILE A 13 -5.17 0.63 -5.00
N ASP A 14 -6.05 1.60 -4.75
CA ASP A 14 -6.40 1.99 -3.39
C ASP A 14 -6.73 0.79 -2.53
N HIS A 15 -7.30 -0.24 -3.16
CA HIS A 15 -7.65 -1.46 -2.45
C HIS A 15 -6.40 -2.28 -2.16
N GLU A 16 -5.40 -2.15 -3.02
CA GLU A 16 -4.15 -2.87 -2.86
C GLU A 16 -3.21 -2.14 -1.91
N ILE A 17 -3.25 -0.80 -1.97
CA ILE A 17 -2.40 0.02 -1.12
C ILE A 17 -2.74 -0.19 0.34
N ALA A 18 -4.01 -0.46 0.61
CA ALA A 18 -4.48 -0.68 1.98
C ALA A 18 -4.18 -2.11 2.44
N ASP A 19 -4.32 -3.06 1.52
CA ASP A 19 -4.06 -4.46 1.84
C ASP A 19 -2.67 -4.65 2.44
N LEU A 20 -1.68 -3.96 1.87
CA LEU A 20 -0.32 -4.04 2.36
C LEU A 20 -0.17 -3.34 3.71
N GLN A 21 -0.65 -2.10 3.78
CA GLN A 21 -0.58 -1.33 5.01
C GLN A 21 -1.07 -2.14 6.21
N ALA A 22 -2.17 -2.84 6.03
CA ALA A 22 -2.74 -3.65 7.09
C ALA A 22 -1.79 -4.77 7.49
N LYS A 23 -1.12 -5.35 6.49
CA LYS A 23 -0.18 -6.43 6.74
C LYS A 23 0.96 -5.96 7.65
N ARG A 24 1.35 -4.71 7.49
CA ARG A 24 2.43 -4.14 8.30
C ARG A 24 1.96 -3.89 9.73
N THR A 25 0.77 -3.34 9.88
CA THR A 25 0.22 -3.04 11.19
C THR A 25 0.01 -4.30 12.01
N ARG A 26 -0.76 -5.24 11.46
CA ARG A 26 -1.03 -6.49 12.15
C ARG A 26 0.27 -7.13 12.63
N LEU A 27 1.29 -7.06 11.80
CA LEU A 27 2.59 -7.62 12.16
C LEU A 27 3.17 -6.85 13.33
N VAL A 28 2.95 -5.54 13.34
CA VAL A 28 3.44 -4.69 14.43
C VAL A 28 2.80 -5.11 15.74
N GLN A 29 1.49 -5.33 15.70
CA GLN A 29 0.75 -5.75 16.89
C GLN A 29 1.43 -6.97 17.50
N GLN A 30 2.05 -7.79 16.64
CA GLN A 30 2.75 -8.98 17.09
C GLN A 30 4.05 -8.59 17.80
N HIS A 31 4.64 -7.47 17.38
CA HIS A 31 5.88 -7.00 17.99
C HIS A 31 5.89 -5.47 18.10
N PRO A 32 5.02 -4.91 18.96
CA PRO A 32 4.93 -3.47 19.16
C PRO A 32 6.11 -2.91 19.96
N ARG A 33 6.68 -3.75 20.81
CA ARG A 33 7.82 -3.35 21.63
C ARG A 33 9.05 -4.19 21.31
N CYS B 1 13.63 -18.63 17.66
CA CYS B 1 14.32 -17.38 17.99
C CYS B 1 13.73 -16.21 17.21
N GLY B 2 12.79 -15.50 17.83
CA GLY B 2 12.17 -14.36 17.17
C GLY B 2 13.02 -13.11 17.24
N GLY B 3 14.20 -13.17 16.62
CA GLY B 3 15.09 -12.02 16.63
C GLY B 3 14.67 -10.97 15.62
N ASP B 4 13.58 -10.28 15.90
CA ASP B 4 13.08 -9.23 15.02
C ASP B 4 12.70 -9.79 13.66
N ASN B 5 12.51 -11.10 13.59
CA ASN B 5 12.14 -11.76 12.35
C ASN B 5 10.86 -11.14 11.78
N ILE B 6 10.07 -10.58 12.67
CA ILE B 6 8.82 -9.93 12.30
C ILE B 6 9.09 -8.51 11.82
N GLU B 7 9.90 -7.78 12.57
CA GLU B 7 10.26 -6.41 12.24
C GLU B 7 10.89 -6.33 10.85
N GLN B 8 11.57 -7.41 10.45
CA GLN B 8 12.20 -7.46 9.14
C GLN B 8 11.16 -7.78 8.06
N LYS B 9 10.23 -8.67 8.40
CA LYS B 9 9.18 -9.06 7.46
C LYS B 9 8.33 -7.85 7.09
N ILE B 10 8.08 -6.98 8.05
CA ILE B 10 7.28 -5.79 7.80
C ILE B 10 8.02 -4.78 6.92
N ASP B 11 9.32 -4.60 7.20
CA ASP B 11 10.12 -3.67 6.43
C ASP B 11 9.96 -3.96 4.94
N ASP B 12 9.80 -5.24 4.63
CA ASP B 12 9.60 -5.67 3.25
C ASP B 12 8.27 -5.14 2.75
N ILE B 13 7.23 -5.32 3.57
CA ILE B 13 5.90 -4.86 3.24
C ILE B 13 5.90 -3.34 3.06
N ASP B 14 6.54 -2.63 3.99
CA ASP B 14 6.63 -1.18 3.93
C ASP B 14 7.07 -0.72 2.54
N HIS B 15 7.91 -1.52 1.90
CA HIS B 15 8.40 -1.20 0.57
C HIS B 15 7.31 -1.43 -0.47
N GLU B 16 6.43 -2.39 -0.17
CA GLU B 16 5.34 -2.73 -1.08
C GLU B 16 4.15 -1.80 -0.87
N ILE B 17 3.93 -1.39 0.38
CA ILE B 17 2.83 -0.50 0.72
C ILE B 17 3.01 0.86 0.06
N ALA B 18 4.26 1.27 -0.10
CA ALA B 18 4.58 2.55 -0.72
C ALA B 18 4.50 2.46 -2.24
N ASP B 19 4.93 1.33 -2.79
CA ASP B 19 4.90 1.12 -4.23
C ASP B 19 3.50 1.37 -4.80
N LEU B 20 2.50 0.83 -4.12
CA LEU B 20 1.11 0.98 -4.56
C LEU B 20 0.65 2.43 -4.41
N GLN B 21 0.87 2.99 -3.22
CA GLN B 21 0.48 4.37 -2.94
C GLN B 21 1.01 5.32 -4.01
N ALA B 22 2.17 4.99 -4.56
CA ALA B 22 2.78 5.82 -5.60
C ALA B 22 2.03 5.67 -6.93
N LYS B 23 1.52 4.48 -7.18
CA LYS B 23 0.78 4.21 -8.41
C LYS B 23 -0.56 4.94 -8.41
N ARG B 24 -1.18 5.03 -7.24
CA ARG B 24 -2.47 5.70 -7.11
C ARG B 24 -2.33 7.21 -7.33
N THR B 25 -1.31 7.80 -6.72
CA THR B 25 -1.06 9.23 -6.85
C THR B 25 -0.80 9.62 -8.30
N ARG B 26 0.17 8.95 -8.92
CA ARG B 26 0.54 9.24 -10.30
C ARG B 26 -0.72 9.25 -11.19
N LEU B 27 -1.61 8.29 -10.96
CA LEU B 27 -2.83 8.20 -11.72
C LEU B 27 -3.71 9.42 -11.44
N VAL B 28 -3.70 9.87 -10.18
CA VAL B 28 -4.48 11.03 -9.78
C VAL B 28 -3.99 12.27 -10.51
N GLN B 29 -2.67 12.43 -10.56
CA GLN B 29 -2.06 13.56 -11.24
C GLN B 29 -2.62 13.67 -12.65
N GLN B 30 -2.91 12.52 -13.24
CA GLN B 30 -3.46 12.47 -14.59
C GLN B 30 -4.87 13.03 -14.59
N HIS B 31 -5.59 12.80 -13.50
CA HIS B 31 -6.96 13.29 -13.38
C HIS B 31 -7.23 13.85 -11.98
N PRO B 32 -6.67 15.03 -11.68
CA PRO B 32 -6.85 15.67 -10.37
C PRO B 32 -8.24 16.28 -10.20
N ARG B 33 -8.84 16.68 -11.32
CA ARG B 33 -10.16 17.29 -11.29
C ARG B 33 -11.00 16.78 -12.46
N CYS A 1 -9.49 14.03 -22.87
CA CYS A 1 -9.22 12.67 -23.39
C CYS A 1 -9.23 11.64 -22.26
N GLY A 2 -10.16 10.71 -22.34
CA GLY A 2 -10.25 9.67 -21.32
C GLY A 2 -11.27 10.00 -20.25
N GLY A 3 -12.18 9.06 -19.99
CA GLY A 3 -13.20 9.27 -18.98
C GLY A 3 -12.73 8.93 -17.59
N ASP A 4 -13.53 8.15 -16.87
CA ASP A 4 -13.18 7.75 -15.51
C ASP A 4 -12.46 6.41 -15.50
N ASN A 5 -12.00 5.96 -16.66
CA ASN A 5 -11.29 4.69 -16.78
C ASN A 5 -10.13 4.65 -15.79
N ILE A 6 -9.61 5.83 -15.46
CA ILE A 6 -8.53 5.96 -14.52
C ILE A 6 -9.04 5.90 -13.09
N GLU A 7 -10.13 6.62 -12.84
CA GLU A 7 -10.75 6.64 -11.52
C GLU A 7 -11.13 5.24 -11.07
N GLN A 8 -11.44 4.38 -12.03
CA GLN A 8 -11.80 3.01 -11.73
C GLN A 8 -10.55 2.17 -11.47
N LYS A 9 -9.52 2.41 -12.28
CA LYS A 9 -8.26 1.69 -12.13
C LYS A 9 -7.63 1.98 -10.77
N ILE A 10 -7.82 3.20 -10.28
CA ILE A 10 -7.26 3.58 -8.99
C ILE A 10 -8.02 2.93 -7.85
N ASP A 11 -9.34 2.93 -7.93
CA ASP A 11 -10.17 2.32 -6.90
C ASP A 11 -9.67 0.91 -6.60
N ASP A 12 -9.18 0.25 -7.64
CA ASP A 12 -8.65 -1.10 -7.50
C ASP A 12 -7.37 -1.05 -6.67
N ILE A 13 -6.49 -0.13 -7.02
CA ILE A 13 -5.24 0.05 -6.30
C ILE A 13 -5.51 0.38 -4.84
N ASP A 14 -6.43 1.33 -4.61
CA ASP A 14 -6.80 1.73 -3.25
C ASP A 14 -7.06 0.52 -2.37
N HIS A 15 -7.61 -0.53 -2.97
CA HIS A 15 -7.92 -1.75 -2.24
C HIS A 15 -6.64 -2.51 -1.95
N GLU A 16 -5.65 -2.35 -2.82
CA GLU A 16 -4.38 -3.04 -2.66
C GLU A 16 -3.44 -2.25 -1.75
N ILE A 17 -3.53 -0.93 -1.80
CA ILE A 17 -2.71 -0.06 -0.99
C ILE A 17 -3.02 -0.26 0.49
N ALA A 18 -4.28 -0.58 0.79
CA ALA A 18 -4.72 -0.79 2.15
C ALA A 18 -4.35 -2.19 2.65
N ASP A 19 -4.49 -3.18 1.77
CA ASP A 19 -4.16 -4.55 2.12
C ASP A 19 -2.75 -4.66 2.68
N LEU A 20 -1.80 -3.98 2.04
CA LEU A 20 -0.42 -4.00 2.48
C LEU A 20 -0.25 -3.27 3.81
N GLN A 21 -0.70 -2.02 3.86
CA GLN A 21 -0.59 -1.22 5.08
C GLN A 21 -1.18 -1.95 6.28
N ALA A 22 -2.21 -2.76 6.04
CA ALA A 22 -2.85 -3.51 7.12
C ALA A 22 -1.98 -4.67 7.57
N LYS A 23 -1.18 -5.20 6.65
CA LYS A 23 -0.30 -6.33 6.96
C LYS A 23 0.89 -5.88 7.81
N ARG A 24 1.38 -4.67 7.55
CA ARG A 24 2.53 -4.13 8.28
C ARG A 24 2.18 -3.90 9.75
N THR A 25 1.03 -3.27 9.99
CA THR A 25 0.59 -2.97 11.34
C THR A 25 0.40 -4.25 12.15
N ARG A 26 -0.43 -5.15 11.64
CA ARG A 26 -0.70 -6.42 12.31
C ARG A 26 0.61 -7.10 12.70
N LEU A 27 1.59 -7.02 11.82
CA LEU A 27 2.90 -7.60 12.07
C LEU A 27 3.60 -6.86 13.20
N VAL A 28 3.45 -5.53 13.21
CA VAL A 28 4.07 -4.71 14.25
C VAL A 28 3.53 -5.10 15.61
N GLN A 29 2.19 -5.21 15.71
CA GLN A 29 1.56 -5.58 16.96
C GLN A 29 2.18 -6.87 17.49
N GLN A 30 2.61 -7.73 16.56
CA GLN A 30 3.25 -8.97 16.93
C GLN A 30 4.59 -8.70 17.60
N HIS A 31 5.25 -7.62 17.17
CA HIS A 31 6.54 -7.25 17.75
C HIS A 31 6.61 -5.74 17.99
N PRO A 32 6.10 -5.28 19.15
CA PRO A 32 6.11 -3.85 19.50
C PRO A 32 7.51 -3.33 19.76
N ARG A 33 8.40 -4.22 20.19
CA ARG A 33 9.78 -3.84 20.47
C ARG A 33 10.53 -3.49 19.19
N CYS B 1 13.48 -16.57 20.50
CA CYS B 1 12.35 -17.26 19.88
C CYS B 1 12.12 -16.75 18.46
N GLY B 2 11.72 -15.48 18.35
CA GLY B 2 11.47 -14.90 17.04
C GLY B 2 12.44 -13.78 16.71
N GLY B 3 12.53 -12.81 17.61
CA GLY B 3 13.42 -11.69 17.39
C GLY B 3 12.84 -10.63 16.46
N ASP B 4 13.68 -10.05 15.62
CA ASP B 4 13.24 -9.03 14.68
C ASP B 4 12.85 -9.64 13.34
N ASN B 5 12.71 -10.96 13.30
CA ASN B 5 12.33 -11.65 12.07
C ASN B 5 11.08 -11.03 11.48
N ILE B 6 10.25 -10.47 12.36
CA ILE B 6 9.02 -9.82 11.94
C ILE B 6 9.31 -8.42 11.42
N GLU B 7 10.16 -7.70 12.15
CA GLU B 7 10.53 -6.35 11.78
C GLU B 7 11.11 -6.31 10.36
N GLN B 8 11.76 -7.40 9.97
CA GLN B 8 12.36 -7.50 8.65
C GLN B 8 11.28 -7.79 7.61
N LYS B 9 10.34 -8.66 7.99
CA LYS B 9 9.25 -9.02 7.09
C LYS B 9 8.37 -7.81 6.78
N ILE B 10 8.19 -6.94 7.78
CA ILE B 10 7.38 -5.76 7.59
C ILE B 10 8.09 -4.73 6.72
N ASP B 11 9.37 -4.53 6.95
CA ASP B 11 10.15 -3.58 6.16
C ASP B 11 9.94 -3.85 4.68
N ASP B 12 9.78 -5.13 4.35
CA ASP B 12 9.55 -5.54 2.98
C ASP B 12 8.19 -5.02 2.52
N ILE B 13 7.20 -5.23 3.37
CA ILE B 13 5.85 -4.78 3.07
C ILE B 13 5.83 -3.26 2.91
N ASP B 14 6.49 -2.56 3.83
CA ASP B 14 6.55 -1.10 3.79
C ASP B 14 6.93 -0.61 2.40
N HIS B 15 7.78 -1.39 1.72
CA HIS B 15 8.21 -1.03 0.38
C HIS B 15 7.10 -1.28 -0.63
N GLU B 16 6.25 -2.25 -0.31
CA GLU B 16 5.13 -2.61 -1.19
C GLU B 16 3.93 -1.70 -0.93
N ILE B 17 3.76 -1.30 0.33
CA ILE B 17 2.65 -0.44 0.72
C ILE B 17 2.78 0.93 0.06
N ALA B 18 4.01 1.37 -0.15
CA ALA B 18 4.29 2.65 -0.77
C ALA B 18 4.15 2.58 -2.28
N ASP B 19 4.60 1.47 -2.86
CA ASP B 19 4.51 1.27 -4.31
C ASP B 19 3.09 1.48 -4.82
N LEU B 20 2.13 0.91 -4.10
CA LEU B 20 0.72 1.03 -4.48
C LEU B 20 0.23 2.45 -4.31
N GLN B 21 0.41 3.01 -3.11
CA GLN B 21 -0.03 4.37 -2.82
C GLN B 21 0.49 5.36 -3.86
N ALA B 22 1.69 5.10 -4.39
CA ALA B 22 2.30 5.96 -5.39
C ALA B 22 1.60 5.80 -6.74
N LYS B 23 1.07 4.61 -6.98
CA LYS B 23 0.40 4.32 -8.25
C LYS B 23 -0.97 5.01 -8.31
N ARG B 24 -1.64 5.10 -7.16
CA ARG B 24 -2.95 5.73 -7.08
C ARG B 24 -2.86 7.23 -7.33
N THR B 25 -1.91 7.88 -6.67
CA THR B 25 -1.73 9.32 -6.80
C THR B 25 -1.41 9.70 -8.25
N ARG B 26 -0.38 9.07 -8.80
CA ARG B 26 0.04 9.35 -10.18
C ARG B 26 -1.16 9.26 -11.11
N LEU B 27 -1.97 8.24 -10.93
CA LEU B 27 -3.16 8.05 -11.74
C LEU B 27 -4.13 9.21 -11.53
N VAL B 28 -4.23 9.68 -10.29
CA VAL B 28 -5.11 10.79 -9.97
C VAL B 28 -4.67 12.04 -10.71
N GLN B 29 -3.37 12.31 -10.67
CA GLN B 29 -2.81 13.47 -11.36
C GLN B 29 -3.27 13.47 -12.82
N GLN B 30 -3.49 12.28 -13.35
CA GLN B 30 -3.94 12.12 -14.73
C GLN B 30 -5.40 12.54 -14.85
N HIS B 31 -6.17 12.34 -13.78
CA HIS B 31 -7.58 12.72 -13.78
C HIS B 31 -7.97 13.38 -12.45
N PRO B 32 -7.47 14.59 -12.19
CA PRO B 32 -7.76 15.32 -10.96
C PRO B 32 -9.18 15.88 -10.94
N ARG B 33 -9.65 16.33 -12.10
CA ARG B 33 -10.99 16.89 -12.23
C ARG B 33 -11.28 17.28 -13.67
N CYS A 1 -10.77 13.82 -21.41
CA CYS A 1 -9.74 12.77 -21.56
C CYS A 1 -10.33 11.38 -21.40
N GLY A 2 -11.25 11.24 -20.46
CA GLY A 2 -11.89 9.95 -20.22
C GLY A 2 -12.98 10.04 -19.18
N GLY A 3 -13.92 9.09 -19.24
CA GLY A 3 -15.02 9.08 -18.28
C GLY A 3 -14.62 8.43 -16.97
N ASP A 4 -13.65 9.01 -16.29
CA ASP A 4 -13.17 8.49 -15.01
C ASP A 4 -12.60 7.08 -15.16
N ASN A 5 -12.28 6.70 -16.39
CA ASN A 5 -11.72 5.39 -16.67
C ASN A 5 -10.48 5.16 -15.81
N ILE A 6 -9.81 6.25 -15.47
CA ILE A 6 -8.62 6.20 -14.64
C ILE A 6 -9.00 6.07 -13.18
N GLU A 7 -9.97 6.88 -12.75
CA GLU A 7 -10.45 6.87 -11.37
C GLU A 7 -10.90 5.47 -10.98
N GLN A 8 -11.34 4.69 -11.95
CA GLN A 8 -11.79 3.33 -11.70
C GLN A 8 -10.60 2.40 -11.50
N LYS A 9 -9.58 2.59 -12.33
CA LYS A 9 -8.36 1.78 -12.24
C LYS A 9 -7.67 1.98 -10.91
N ILE A 10 -7.63 3.23 -10.45
CA ILE A 10 -6.99 3.55 -9.18
C ILE A 10 -7.78 2.97 -8.01
N ASP A 11 -9.11 3.10 -8.07
CA ASP A 11 -9.96 2.57 -7.00
C ASP A 11 -9.60 1.13 -6.71
N ASP A 12 -9.21 0.42 -7.76
CA ASP A 12 -8.82 -0.97 -7.63
C ASP A 12 -7.54 -1.05 -6.80
N ILE A 13 -6.59 -0.19 -7.15
CA ILE A 13 -5.33 -0.12 -6.44
C ILE A 13 -5.56 0.25 -4.98
N ASP A 14 -6.41 1.26 -4.76
CA ASP A 14 -6.73 1.70 -3.40
C ASP A 14 -7.07 0.51 -2.50
N HIS A 15 -7.67 -0.51 -3.09
CA HIS A 15 -8.03 -1.71 -2.34
C HIS A 15 -6.80 -2.56 -2.07
N GLU A 16 -5.84 -2.49 -2.98
CA GLU A 16 -4.60 -3.26 -2.84
C GLU A 16 -3.59 -2.53 -1.96
N ILE A 17 -3.64 -1.21 -2.00
CA ILE A 17 -2.73 -0.38 -1.20
C ILE A 17 -3.02 -0.55 0.29
N ALA A 18 -4.30 -0.72 0.61
CA ALA A 18 -4.73 -0.89 1.99
C ALA A 18 -4.44 -2.30 2.48
N ASP A 19 -4.62 -3.29 1.61
CA ASP A 19 -4.38 -4.68 1.97
C ASP A 19 -2.98 -4.87 2.55
N LEU A 20 -1.99 -4.27 1.90
CA LEU A 20 -0.61 -4.35 2.35
C LEU A 20 -0.42 -3.65 3.68
N GLN A 21 -0.87 -2.40 3.76
CA GLN A 21 -0.75 -1.60 4.97
C GLN A 21 -1.27 -2.38 6.18
N ALA A 22 -2.31 -3.18 5.96
CA ALA A 22 -2.89 -3.97 7.04
C ALA A 22 -1.96 -5.08 7.48
N LYS A 23 -1.22 -5.64 6.52
CA LYS A 23 -0.28 -6.72 6.81
C LYS A 23 0.86 -6.23 7.69
N ARG A 24 1.28 -4.99 7.47
CA ARG A 24 2.38 -4.40 8.24
C ARG A 24 1.96 -4.18 9.69
N THR A 25 0.76 -3.64 9.89
CA THR A 25 0.26 -3.35 11.23
C THR A 25 0.12 -4.63 12.05
N ARG A 26 -0.63 -5.60 11.52
CA ARG A 26 -0.85 -6.86 12.21
C ARG A 26 0.47 -7.45 12.68
N LEU A 27 1.47 -7.39 11.81
CA LEU A 27 2.79 -7.90 12.15
C LEU A 27 3.39 -7.10 13.29
N VAL A 28 3.15 -5.78 13.29
CA VAL A 28 3.65 -4.92 14.35
C VAL A 28 3.06 -5.33 15.69
N GLN A 29 1.76 -5.57 15.70
CA GLN A 29 1.08 -5.99 16.92
C GLN A 29 1.80 -7.19 17.52
N GLN A 30 2.38 -8.02 16.64
CA GLN A 30 3.11 -9.19 17.07
C GLN A 30 4.42 -8.78 17.74
N HIS A 31 4.98 -7.65 17.31
CA HIS A 31 6.23 -7.16 17.90
C HIS A 31 6.17 -5.63 18.10
N PRO A 32 5.39 -5.17 19.08
CA PRO A 32 5.25 -3.74 19.37
C PRO A 32 6.47 -3.17 20.07
N ARG A 33 7.16 -4.01 20.83
CA ARG A 33 8.36 -3.59 21.54
C ARG A 33 9.26 -4.78 21.83
N CYS B 1 13.02 -16.74 14.40
CA CYS B 1 12.22 -15.53 14.42
C CYS B 1 12.16 -14.93 15.82
N GLY B 2 13.12 -14.07 16.13
CA GLY B 2 13.16 -13.44 17.43
C GLY B 2 13.78 -12.05 17.39
N GLY B 3 13.39 -11.21 18.35
CA GLY B 3 13.92 -9.85 18.40
C GLY B 3 13.24 -8.93 17.42
N ASP B 4 13.83 -8.77 16.24
CA ASP B 4 13.27 -7.91 15.21
C ASP B 4 13.05 -8.67 13.90
N ASN B 5 13.09 -9.99 13.97
CA ASN B 5 12.89 -10.84 12.80
C ASN B 5 11.60 -10.45 12.10
N ILE B 6 10.63 -9.98 12.90
CA ILE B 6 9.35 -9.56 12.38
C ILE B 6 9.46 -8.17 11.75
N GLU B 7 10.16 -7.28 12.45
CA GLU B 7 10.37 -5.92 11.97
C GLU B 7 10.99 -5.93 10.58
N GLN B 8 11.74 -6.99 10.28
CA GLN B 8 12.38 -7.12 8.98
C GLN B 8 11.35 -7.54 7.94
N LYS B 9 10.48 -8.46 8.33
CA LYS B 9 9.43 -8.96 7.45
C LYS B 9 8.51 -7.82 7.03
N ILE B 10 8.13 -6.99 7.98
CA ILE B 10 7.25 -5.86 7.71
C ILE B 10 7.93 -4.84 6.81
N ASP B 11 9.20 -4.55 7.10
CA ASP B 11 9.96 -3.60 6.30
C ASP B 11 9.80 -3.92 4.82
N ASP B 12 9.71 -5.21 4.52
CA ASP B 12 9.54 -5.66 3.15
C ASP B 12 8.17 -5.21 2.66
N ILE B 13 7.15 -5.44 3.49
CA ILE B 13 5.80 -5.04 3.15
C ILE B 13 5.74 -3.53 2.95
N ASP B 14 6.36 -2.78 3.86
CA ASP B 14 6.38 -1.33 3.78
C ASP B 14 6.79 -0.87 2.38
N HIS B 15 7.65 -1.65 1.74
CA HIS B 15 8.11 -1.33 0.40
C HIS B 15 7.02 -1.64 -0.63
N GLU B 16 6.17 -2.60 -0.30
CA GLU B 16 5.09 -3.00 -1.18
C GLU B 16 3.86 -2.11 -0.96
N ILE B 17 3.66 -1.69 0.28
CA ILE B 17 2.52 -0.84 0.62
C ILE B 17 2.64 0.52 -0.06
N ALA B 18 3.89 0.97 -0.23
CA ALA B 18 4.16 2.25 -0.88
C ALA B 18 4.09 2.13 -2.40
N ASP B 19 4.56 1.01 -2.92
CA ASP B 19 4.55 0.77 -4.36
C ASP B 19 3.15 0.97 -4.93
N LEU B 20 2.14 0.43 -4.25
CA LEU B 20 0.76 0.55 -4.68
C LEU B 20 0.27 2.00 -4.52
N GLN B 21 0.48 2.56 -3.35
CA GLN B 21 0.05 3.93 -3.06
C GLN B 21 0.63 4.90 -4.09
N ALA B 22 1.84 4.61 -4.56
CA ALA B 22 2.50 5.46 -5.54
C ALA B 22 1.82 5.36 -6.90
N LYS B 23 1.30 4.19 -7.21
CA LYS B 23 0.62 3.96 -8.48
C LYS B 23 -0.72 4.69 -8.52
N ARG B 24 -1.37 4.81 -7.37
CA ARG B 24 -2.65 5.48 -7.28
C ARG B 24 -2.51 6.98 -7.51
N THR B 25 -1.51 7.58 -6.86
CA THR B 25 -1.27 9.01 -6.99
C THR B 25 -0.93 9.39 -8.43
N ARG B 26 0.10 8.76 -8.98
CA ARG B 26 0.52 9.03 -10.35
C ARG B 26 -0.68 8.99 -11.28
N LEU B 27 -1.53 8.00 -11.09
CA LEU B 27 -2.73 7.86 -11.90
C LEU B 27 -3.64 9.07 -11.70
N VAL B 28 -3.72 9.54 -10.46
CA VAL B 28 -4.54 10.70 -10.15
C VAL B 28 -4.00 11.93 -10.86
N GLN B 29 -2.68 12.08 -10.82
CA GLN B 29 -2.02 13.21 -11.48
C GLN B 29 -2.48 13.29 -12.93
N GLN B 30 -2.83 12.14 -13.49
CA GLN B 30 -3.29 12.07 -14.87
C GLN B 30 -4.73 12.54 -14.98
N HIS B 31 -5.51 12.32 -13.91
CA HIS B 31 -6.90 12.74 -13.90
C HIS B 31 -7.27 13.39 -12.56
N PRO B 32 -6.57 14.48 -12.20
CA PRO B 32 -6.82 15.19 -10.94
C PRO B 32 -8.00 16.16 -11.05
N ARG B 33 -8.12 16.79 -12.20
CA ARG B 33 -9.20 17.75 -12.44
C ARG B 33 -9.31 18.09 -13.92
N CYS A 1 -11.31 14.72 -13.07
CA CYS A 1 -12.06 14.19 -14.25
C CYS A 1 -12.11 12.67 -14.22
N GLY A 2 -12.33 12.11 -13.04
CA GLY A 2 -12.39 10.66 -12.91
C GLY A 2 -13.71 10.09 -13.41
N GLY A 3 -14.21 9.06 -12.73
CA GLY A 3 -15.46 8.44 -13.13
C GLY A 3 -15.51 8.15 -14.62
N ASP A 4 -14.37 7.74 -15.17
CA ASP A 4 -14.28 7.44 -16.59
C ASP A 4 -13.73 6.04 -16.82
N ASN A 5 -12.40 5.94 -16.80
CA ASN A 5 -11.72 4.66 -17.01
C ASN A 5 -10.47 4.61 -16.14
N ILE A 6 -9.71 5.70 -16.16
CA ILE A 6 -8.50 5.80 -15.36
C ILE A 6 -8.85 5.75 -13.88
N GLU A 7 -9.83 6.57 -13.50
CA GLU A 7 -10.29 6.63 -12.12
C GLU A 7 -10.67 5.26 -11.61
N GLN A 8 -11.11 4.38 -12.51
CA GLN A 8 -11.50 3.03 -12.14
C GLN A 8 -10.27 2.16 -11.95
N LYS A 9 -9.28 2.36 -12.81
CA LYS A 9 -8.04 1.60 -12.73
C LYS A 9 -7.36 1.82 -11.40
N ILE A 10 -7.37 3.05 -10.91
CA ILE A 10 -6.76 3.37 -9.64
C ILE A 10 -7.52 2.74 -8.48
N ASP A 11 -8.84 2.79 -8.53
CA ASP A 11 -9.67 2.21 -7.48
C ASP A 11 -9.22 0.78 -7.20
N ASP A 12 -8.78 0.10 -8.25
CA ASP A 12 -8.29 -1.26 -8.14
C ASP A 12 -7.00 -1.26 -7.32
N ILE A 13 -6.10 -0.35 -7.68
CA ILE A 13 -4.84 -0.22 -6.96
C ILE A 13 -5.10 0.11 -5.50
N ASP A 14 -6.00 1.06 -5.26
CA ASP A 14 -6.35 1.47 -3.90
C ASP A 14 -6.65 0.25 -3.04
N HIS A 15 -7.19 -0.79 -3.65
CA HIS A 15 -7.52 -2.01 -2.94
C HIS A 15 -6.25 -2.81 -2.64
N GLU A 16 -5.26 -2.65 -3.51
CA GLU A 16 -3.99 -3.36 -3.36
C GLU A 16 -3.06 -2.59 -2.44
N ILE A 17 -3.14 -1.27 -2.48
CA ILE A 17 -2.29 -0.42 -1.65
C ILE A 17 -2.63 -0.61 -0.17
N ALA A 18 -3.90 -0.90 0.11
CA ALA A 18 -4.36 -1.10 1.47
C ALA A 18 -4.05 -2.50 1.96
N ASP A 19 -4.16 -3.49 1.05
CA ASP A 19 -3.89 -4.88 1.39
C ASP A 19 -2.51 -5.02 2.02
N LEU A 20 -1.53 -4.35 1.44
CA LEU A 20 -0.16 -4.40 1.94
C LEU A 20 -0.05 -3.66 3.26
N GLN A 21 -0.57 -2.43 3.30
CA GLN A 21 -0.53 -1.62 4.51
C GLN A 21 -1.14 -2.36 5.70
N ALA A 22 -2.16 -3.16 5.42
CA ALA A 22 -2.82 -3.93 6.47
C ALA A 22 -1.92 -5.03 6.99
N LYS A 23 -1.10 -5.59 6.10
CA LYS A 23 -0.18 -6.66 6.47
C LYS A 23 0.93 -6.14 7.38
N ARG A 24 1.33 -4.89 7.17
CA ARG A 24 2.38 -4.27 7.97
C ARG A 24 1.91 -4.02 9.40
N THR A 25 0.71 -3.46 9.53
CA THR A 25 0.14 -3.15 10.84
C THR A 25 -0.03 -4.42 11.66
N ARG A 26 -0.77 -5.39 11.11
CA ARG A 26 -1.00 -6.65 11.80
C ARG A 26 0.30 -7.22 12.33
N LEU A 27 1.33 -7.16 11.50
CA LEU A 27 2.64 -7.66 11.88
C LEU A 27 3.19 -6.85 13.05
N VAL A 28 2.95 -5.54 13.02
CA VAL A 28 3.41 -4.66 14.09
C VAL A 28 2.76 -5.05 15.40
N GLN A 29 1.45 -5.27 15.36
CA GLN A 29 0.70 -5.67 16.54
C GLN A 29 1.37 -6.88 17.19
N GLN A 30 2.00 -7.71 16.37
CA GLN A 30 2.69 -8.89 16.84
C GLN A 30 3.97 -8.49 17.58
N HIS A 31 4.57 -7.38 17.16
CA HIS A 31 5.80 -6.89 17.79
C HIS A 31 5.75 -5.38 17.99
N PRO A 32 4.90 -4.89 18.93
CA PRO A 32 4.77 -3.47 19.21
C PRO A 32 6.03 -2.88 19.85
N ARG A 33 6.82 -3.74 20.48
CA ARG A 33 8.04 -3.30 21.13
C ARG A 33 8.98 -2.62 20.14
N CYS B 1 10.97 -16.99 15.35
CA CYS B 1 10.26 -15.73 15.58
C CYS B 1 10.69 -15.11 16.91
N GLY B 2 10.88 -13.79 16.90
CA GLY B 2 11.29 -13.10 18.10
C GLY B 2 12.17 -11.90 17.81
N GLY B 3 12.39 -11.06 18.83
CA GLY B 3 13.22 -9.89 18.65
C GLY B 3 12.65 -8.91 17.64
N ASP B 4 13.27 -8.86 16.47
CA ASP B 4 12.82 -7.97 15.40
C ASP B 4 12.61 -8.70 14.09
N ASN B 5 12.60 -10.04 14.16
CA ASN B 5 12.41 -10.86 12.97
C ASN B 5 11.16 -10.41 12.22
N ILE B 6 10.21 -9.88 12.96
CA ILE B 6 8.96 -9.39 12.39
C ILE B 6 9.16 -8.01 11.80
N GLU B 7 9.87 -7.16 12.55
CA GLU B 7 10.15 -5.80 12.12
C GLU B 7 10.85 -5.79 10.77
N GLN B 8 11.59 -6.86 10.49
CA GLN B 8 12.30 -6.98 9.22
C GLN B 8 11.34 -7.37 8.11
N LYS B 9 10.45 -8.30 8.43
CA LYS B 9 9.46 -8.77 7.46
C LYS B 9 8.54 -7.63 7.03
N ILE B 10 8.19 -6.77 7.98
CA ILE B 10 7.32 -5.64 7.68
C ILE B 10 8.04 -4.61 6.81
N ASP B 11 9.29 -4.31 7.14
CA ASP B 11 10.07 -3.35 6.38
C ASP B 11 10.00 -3.68 4.90
N ASP B 12 9.94 -4.98 4.60
CA ASP B 12 9.84 -5.43 3.23
C ASP B 12 8.50 -5.01 2.65
N ILE B 13 7.45 -5.23 3.44
CA ILE B 13 6.11 -4.86 3.03
C ILE B 13 6.02 -3.35 2.82
N ASP B 14 6.57 -2.59 3.77
CA ASP B 14 6.57 -1.14 3.70
C ASP B 14 7.03 -0.66 2.33
N HIS B 15 7.94 -1.42 1.72
CA HIS B 15 8.46 -1.08 0.40
C HIS B 15 7.44 -1.41 -0.67
N GLU B 16 6.62 -2.43 -0.40
CA GLU B 16 5.59 -2.85 -1.35
C GLU B 16 4.33 -2.01 -1.19
N ILE B 17 4.06 -1.58 0.03
CA ILE B 17 2.88 -0.76 0.32
C ILE B 17 2.99 0.59 -0.36
N ALA B 18 4.21 1.10 -0.45
CA ALA B 18 4.46 2.40 -1.08
C ALA B 18 4.45 2.28 -2.60
N ASP B 19 4.98 1.18 -3.12
CA ASP B 19 5.03 0.95 -4.55
C ASP B 19 3.65 1.11 -5.17
N LEU B 20 2.64 0.54 -4.52
CA LEU B 20 1.27 0.61 -5.01
C LEU B 20 0.74 2.05 -4.91
N GLN B 21 0.89 2.65 -3.74
CA GLN B 21 0.42 4.02 -3.52
C GLN B 21 0.86 4.95 -4.65
N ALA B 22 2.11 4.77 -5.09
CA ALA B 22 2.65 5.58 -6.17
C ALA B 22 1.88 5.35 -7.46
N LYS B 23 1.54 4.09 -7.72
CA LYS B 23 0.79 3.72 -8.91
C LYS B 23 -0.54 4.47 -8.97
N ARG B 24 -1.14 4.68 -7.82
CA ARG B 24 -2.43 5.38 -7.74
C ARG B 24 -2.27 6.87 -8.00
N THR B 25 -1.26 7.47 -7.37
CA THR B 25 -0.99 8.90 -7.53
C THR B 25 -0.66 9.24 -8.97
N ARG B 26 0.34 8.56 -9.52
CA ARG B 26 0.76 8.81 -10.90
C ARG B 26 -0.44 8.76 -11.84
N LEU B 27 -1.31 7.78 -11.63
CA LEU B 27 -2.51 7.64 -12.43
C LEU B 27 -3.40 8.86 -12.26
N VAL B 28 -3.44 9.38 -11.02
CA VAL B 28 -4.25 10.55 -10.73
C VAL B 28 -3.72 11.75 -11.49
N GLN B 29 -2.40 11.91 -11.49
CA GLN B 29 -1.75 13.00 -12.20
C GLN B 29 -2.24 13.05 -13.64
N GLN B 30 -2.59 11.88 -14.17
CA GLN B 30 -3.10 11.77 -15.52
C GLN B 30 -4.54 12.25 -15.60
N HIS B 31 -5.28 12.07 -14.52
CA HIS B 31 -6.67 12.50 -14.46
C HIS B 31 -7.01 13.12 -13.11
N PRO B 32 -6.31 14.22 -12.74
CA PRO B 32 -6.54 14.91 -11.47
C PRO B 32 -7.70 15.88 -11.53
N ARG B 33 -7.79 16.63 -12.63
CA ARG B 33 -8.85 17.61 -12.81
C ARG B 33 -9.52 17.42 -14.17
N CYS A 1 -14.08 10.90 -23.74
CA CYS A 1 -13.17 9.74 -23.97
C CYS A 1 -12.33 9.46 -22.74
N GLY A 2 -12.90 9.71 -21.57
CA GLY A 2 -12.18 9.47 -20.32
C GLY A 2 -13.06 9.65 -19.10
N GLY A 3 -13.13 10.88 -18.61
CA GLY A 3 -13.94 11.16 -17.44
C GLY A 3 -13.34 10.60 -16.17
N ASP A 4 -13.76 9.40 -15.79
CA ASP A 4 -13.26 8.76 -14.58
C ASP A 4 -12.63 7.40 -14.90
N ASN A 5 -12.35 7.16 -16.17
CA ASN A 5 -11.75 5.90 -16.59
C ASN A 5 -10.48 5.63 -15.79
N ILE A 6 -9.86 6.70 -15.35
CA ILE A 6 -8.64 6.62 -14.55
C ILE A 6 -8.98 6.41 -13.08
N GLU A 7 -9.96 7.18 -12.60
CA GLU A 7 -10.40 7.09 -11.22
C GLU A 7 -10.85 5.68 -10.88
N GLN A 8 -11.23 4.91 -11.89
CA GLN A 8 -11.67 3.54 -11.69
C GLN A 8 -10.47 2.62 -11.49
N LYS A 9 -9.47 2.82 -12.34
CA LYS A 9 -8.25 2.01 -12.27
C LYS A 9 -7.56 2.18 -10.92
N ILE A 10 -7.56 3.40 -10.41
CA ILE A 10 -6.94 3.67 -9.12
C ILE A 10 -7.72 3.04 -7.98
N ASP A 11 -9.05 3.13 -8.04
CA ASP A 11 -9.90 2.55 -7.01
C ASP A 11 -9.46 1.11 -6.74
N ASP A 12 -9.04 0.44 -7.81
CA ASP A 12 -8.58 -0.93 -7.70
C ASP A 12 -7.28 -0.95 -6.91
N ILE A 13 -6.40 -0.01 -7.24
CA ILE A 13 -5.12 0.11 -6.54
C ILE A 13 -5.35 0.40 -5.07
N ASP A 14 -6.20 1.38 -4.78
CA ASP A 14 -6.52 1.76 -3.41
C ASP A 14 -6.83 0.53 -2.56
N HIS A 15 -7.40 -0.48 -3.19
CA HIS A 15 -7.74 -1.71 -2.49
C HIS A 15 -6.50 -2.56 -2.26
N GLU A 16 -5.53 -2.42 -3.15
CA GLU A 16 -4.29 -3.17 -3.05
C GLU A 16 -3.29 -2.46 -2.15
N ILE A 17 -3.30 -1.13 -2.19
CA ILE A 17 -2.41 -0.32 -1.38
C ILE A 17 -2.71 -0.52 0.10
N ALA A 18 -3.98 -0.72 0.41
CA ALA A 18 -4.42 -0.93 1.79
C ALA A 18 -4.15 -2.35 2.24
N ASP A 19 -4.33 -3.30 1.33
CA ASP A 19 -4.11 -4.72 1.64
C ASP A 19 -2.72 -4.93 2.24
N LEU A 20 -1.73 -4.28 1.66
CA LEU A 20 -0.35 -4.40 2.13
C LEU A 20 -0.17 -3.70 3.47
N GLN A 21 -0.62 -2.44 3.54
CA GLN A 21 -0.51 -1.66 4.76
C GLN A 21 -1.12 -2.42 5.95
N ALA A 22 -2.24 -3.08 5.70
CA ALA A 22 -2.92 -3.84 6.75
C ALA A 22 -2.08 -5.03 7.18
N LYS A 23 -1.32 -5.58 6.24
CA LYS A 23 -0.46 -6.72 6.52
C LYS A 23 0.73 -6.31 7.38
N ARG A 24 1.20 -5.09 7.18
CA ARG A 24 2.34 -4.58 7.94
C ARG A 24 1.93 -4.23 9.37
N THR A 25 0.78 -3.59 9.52
CA THR A 25 0.28 -3.20 10.83
C THR A 25 0.09 -4.43 11.71
N ARG A 26 -0.68 -5.39 11.20
CA ARG A 26 -0.95 -6.61 11.95
C ARG A 26 0.36 -7.21 12.47
N LEU A 27 1.36 -7.23 11.60
CA LEU A 27 2.67 -7.75 11.97
C LEU A 27 3.26 -6.93 13.10
N VAL A 28 3.04 -5.61 13.04
CA VAL A 28 3.55 -4.72 14.08
C VAL A 28 2.88 -5.02 15.41
N GLN A 29 1.56 -5.21 15.37
CA GLN A 29 0.81 -5.54 16.57
C GLN A 29 1.42 -6.75 17.27
N GLN A 30 2.08 -7.59 16.48
CA GLN A 30 2.74 -8.78 17.01
C GLN A 30 4.05 -8.41 17.69
N HIS A 31 4.70 -7.35 17.20
CA HIS A 31 5.95 -6.89 17.78
C HIS A 31 5.99 -5.37 17.91
N PRO A 32 5.05 -4.79 18.67
CA PRO A 32 4.97 -3.35 18.87
C PRO A 32 6.03 -2.83 19.85
N ARG A 33 6.42 -3.70 20.77
CA ARG A 33 7.42 -3.33 21.78
C ARG A 33 8.76 -4.01 21.47
N CYS B 1 14.38 -17.16 19.75
CA CYS B 1 15.15 -16.94 18.54
C CYS B 1 14.36 -16.15 17.51
N GLY B 2 13.57 -15.19 17.99
CA GLY B 2 12.77 -14.38 17.10
C GLY B 2 12.41 -13.04 17.70
N GLY B 3 13.35 -12.10 17.66
CA GLY B 3 13.11 -10.78 18.21
C GLY B 3 12.50 -9.82 17.20
N ASP B 4 13.36 -9.19 16.39
CA ASP B 4 12.90 -8.26 15.37
C ASP B 4 12.69 -8.96 14.03
N ASN B 5 12.67 -10.28 14.05
CA ASN B 5 12.47 -11.06 12.83
C ASN B 5 11.21 -10.59 12.11
N ILE B 6 10.26 -10.10 12.89
CA ILE B 6 9.01 -9.59 12.36
C ILE B 6 9.23 -8.22 11.73
N GLU B 7 9.97 -7.37 12.44
CA GLU B 7 10.27 -6.02 11.97
C GLU B 7 10.92 -6.07 10.59
N GLN B 8 11.62 -7.17 10.31
CA GLN B 8 12.29 -7.35 9.03
C GLN B 8 11.27 -7.70 7.95
N LYS B 9 10.35 -8.59 8.30
CA LYS B 9 9.31 -9.02 7.38
C LYS B 9 8.44 -7.85 6.96
N ILE B 10 8.11 -6.99 7.91
CA ILE B 10 7.28 -5.83 7.63
C ILE B 10 8.01 -4.83 6.77
N ASP B 11 9.28 -4.58 7.07
CA ASP B 11 10.08 -3.64 6.29
C ASP B 11 9.94 -3.94 4.81
N ASP B 12 9.83 -5.23 4.50
CA ASP B 12 9.66 -5.68 3.13
C ASP B 12 8.30 -5.21 2.63
N ILE B 13 7.30 -5.37 3.47
CA ILE B 13 5.95 -4.94 3.13
C ILE B 13 5.91 -3.44 2.90
N ASP B 14 6.50 -2.69 3.84
CA ASP B 14 6.53 -1.23 3.74
C ASP B 14 6.99 -0.78 2.36
N HIS B 15 7.83 -1.58 1.73
CA HIS B 15 8.32 -1.27 0.40
C HIS B 15 7.26 -1.58 -0.66
N GLU B 16 6.43 -2.57 -0.36
CA GLU B 16 5.36 -2.97 -1.27
C GLU B 16 4.13 -2.10 -1.09
N ILE B 17 3.89 -1.67 0.14
CA ILE B 17 2.74 -0.83 0.47
C ILE B 17 2.85 0.52 -0.23
N ALA B 18 4.09 1.02 -0.32
CA ALA B 18 4.35 2.30 -0.95
C ALA B 18 4.33 2.19 -2.47
N ASP B 19 4.82 1.06 -2.99
CA ASP B 19 4.85 0.83 -4.43
C ASP B 19 3.46 1.02 -5.04
N LEU B 20 2.45 0.47 -4.37
CA LEU B 20 1.07 0.58 -4.85
C LEU B 20 0.58 2.03 -4.76
N GLN B 21 0.74 2.63 -3.59
CA GLN B 21 0.31 4.00 -3.37
C GLN B 21 0.82 4.92 -4.48
N ALA B 22 2.07 4.73 -4.87
CA ALA B 22 2.68 5.53 -5.91
C ALA B 22 1.93 5.37 -7.23
N LYS B 23 1.53 4.15 -7.52
CA LYS B 23 0.79 3.85 -8.75
C LYS B 23 -0.54 4.60 -8.77
N ARG B 24 -1.15 4.74 -7.60
CA ARG B 24 -2.43 5.42 -7.49
C ARG B 24 -2.26 6.93 -7.61
N THR B 25 -1.25 7.47 -6.93
CA THR B 25 -0.99 8.90 -6.95
C THR B 25 -0.70 9.37 -8.37
N ARG B 26 0.28 8.74 -9.01
CA ARG B 26 0.64 9.10 -10.38
C ARG B 26 -0.59 9.14 -11.27
N LEU B 27 -1.45 8.14 -11.12
CA LEU B 27 -2.67 8.07 -11.90
C LEU B 27 -3.56 9.28 -11.58
N VAL B 28 -3.55 9.69 -10.31
CA VAL B 28 -4.34 10.84 -9.88
C VAL B 28 -3.85 12.09 -10.59
N GLN B 29 -2.53 12.26 -10.63
CA GLN B 29 -1.93 13.41 -11.28
C GLN B 29 -2.48 13.54 -12.69
N GLN B 30 -2.82 12.40 -13.30
CA GLN B 30 -3.37 12.36 -14.64
C GLN B 30 -4.80 12.90 -14.63
N HIS B 31 -5.51 12.67 -13.52
CA HIS B 31 -6.88 13.15 -13.39
C HIS B 31 -7.14 13.72 -12.00
N PRO B 32 -6.55 14.88 -11.69
CA PRO B 32 -6.72 15.54 -10.40
C PRO B 32 -8.14 16.06 -10.18
N ARG B 33 -8.90 16.17 -11.27
CA ARG B 33 -10.26 16.66 -11.19
C ARG B 33 -11.24 15.64 -11.77
N CYS A 1 -11.29 12.31 -9.70
CA CYS A 1 -12.44 12.73 -10.54
C CYS A 1 -12.19 12.38 -12.01
N GLY A 2 -12.76 11.26 -12.46
CA GLY A 2 -12.59 10.84 -13.83
C GLY A 2 -13.80 10.10 -14.36
N GLY A 3 -14.21 9.04 -13.65
CA GLY A 3 -15.36 8.26 -14.09
C GLY A 3 -15.29 7.88 -15.56
N ASP A 4 -14.14 7.35 -15.96
CA ASP A 4 -13.93 6.96 -17.35
C ASP A 4 -13.27 5.59 -17.45
N ASN A 5 -11.94 5.58 -17.35
CA ASN A 5 -11.17 4.36 -17.41
C ASN A 5 -9.99 4.46 -16.45
N ILE A 6 -9.33 5.61 -16.46
CA ILE A 6 -8.21 5.87 -15.56
C ILE A 6 -8.68 5.84 -14.12
N GLU A 7 -9.74 6.60 -13.87
CA GLU A 7 -10.31 6.69 -12.52
C GLU A 7 -10.63 5.30 -11.97
N GLN A 8 -11.01 4.39 -12.86
CA GLN A 8 -11.33 3.03 -12.46
C GLN A 8 -10.06 2.23 -12.22
N LYS A 9 -9.05 2.49 -13.03
CA LYS A 9 -7.77 1.81 -12.91
C LYS A 9 -7.16 2.02 -11.53
N ILE A 10 -7.29 3.24 -11.02
CA ILE A 10 -6.75 3.57 -9.71
C ILE A 10 -7.53 2.87 -8.60
N ASP A 11 -8.86 2.88 -8.72
CA ASP A 11 -9.72 2.24 -7.72
C ASP A 11 -9.20 0.83 -7.42
N ASP A 12 -8.66 0.19 -8.46
CA ASP A 12 -8.10 -1.14 -8.32
C ASP A 12 -6.85 -1.08 -7.45
N ILE A 13 -5.96 -0.15 -7.79
CA ILE A 13 -4.74 0.03 -7.04
C ILE A 13 -5.05 0.36 -5.58
N ASP A 14 -5.97 1.30 -5.37
CA ASP A 14 -6.36 1.70 -4.03
C ASP A 14 -6.67 0.49 -3.16
N HIS A 15 -7.20 -0.56 -3.78
CA HIS A 15 -7.54 -1.77 -3.06
C HIS A 15 -6.27 -2.56 -2.73
N GLU A 16 -5.25 -2.39 -3.57
CA GLU A 16 -3.98 -3.07 -3.37
C GLU A 16 -3.08 -2.29 -2.42
N ILE A 17 -3.16 -0.97 -2.49
CA ILE A 17 -2.37 -0.11 -1.63
C ILE A 17 -2.73 -0.30 -0.17
N ALA A 18 -4.00 -0.61 0.07
CA ALA A 18 -4.49 -0.82 1.42
C ALA A 18 -4.16 -2.22 1.92
N ASP A 19 -4.25 -3.20 1.03
CA ASP A 19 -3.95 -4.59 1.38
C ASP A 19 -2.57 -4.71 2.01
N LEU A 20 -1.60 -4.02 1.43
CA LEU A 20 -0.23 -4.04 1.93
C LEU A 20 -0.12 -3.32 3.27
N GLN A 21 -0.56 -2.07 3.30
CA GLN A 21 -0.51 -1.26 4.50
C GLN A 21 -1.15 -1.99 5.69
N ALA A 22 -2.16 -2.80 5.40
CA ALA A 22 -2.85 -3.56 6.44
C ALA A 22 -2.00 -4.73 6.91
N LYS A 23 -1.16 -5.25 6.01
CA LYS A 23 -0.30 -6.38 6.33
C LYS A 23 0.86 -5.94 7.23
N ARG A 24 1.32 -4.72 7.04
CA ARG A 24 2.43 -4.19 7.85
C ARG A 24 2.01 -3.97 9.29
N THR A 25 0.83 -3.37 9.47
CA THR A 25 0.32 -3.09 10.82
C THR A 25 0.10 -4.37 11.59
N ARG A 26 -0.71 -5.27 11.03
CA ARG A 26 -1.01 -6.55 11.67
C ARG A 26 0.28 -7.21 12.13
N LEU A 27 1.30 -7.16 11.29
CA LEU A 27 2.59 -7.74 11.62
C LEU A 27 3.21 -7.02 12.80
N VAL A 28 3.04 -5.70 12.83
CA VAL A 28 3.58 -4.89 13.93
C VAL A 28 2.96 -5.31 15.24
N GLN A 29 1.63 -5.46 15.25
CA GLN A 29 0.92 -5.88 16.44
C GLN A 29 1.55 -7.15 17.00
N GLN A 30 2.08 -7.97 16.10
CA GLN A 30 2.73 -9.21 16.49
C GLN A 30 4.04 -8.91 17.21
N HIS A 31 4.69 -7.81 16.83
CA HIS A 31 5.95 -7.42 17.46
C HIS A 31 5.99 -5.92 17.74
N PRO A 32 5.22 -5.46 18.75
CA PRO A 32 5.17 -4.05 19.11
C PRO A 32 6.55 -3.49 19.47
N ARG A 33 7.06 -3.89 20.62
CA ARG A 33 8.36 -3.44 21.08
C ARG A 33 9.38 -4.58 21.08
N CYS B 1 11.35 -13.63 22.88
CA CYS B 1 11.57 -14.70 21.91
C CYS B 1 11.55 -14.15 20.49
N GLY B 2 10.58 -13.29 20.20
CA GLY B 2 10.48 -12.70 18.88
C GLY B 2 11.34 -11.46 18.72
N GLY B 3 12.54 -11.64 18.17
CA GLY B 3 13.44 -10.53 17.98
C GLY B 3 12.91 -9.52 17.00
N ASP B 4 13.33 -9.63 15.73
CA ASP B 4 12.88 -8.71 14.69
C ASP B 4 12.55 -9.46 13.40
N ASN B 5 12.44 -10.78 13.49
CA ASN B 5 12.12 -11.60 12.33
C ASN B 5 10.89 -11.06 11.63
N ILE B 6 10.02 -10.43 12.40
CA ILE B 6 8.80 -9.85 11.89
C ILE B 6 9.06 -8.44 11.35
N GLU B 7 9.84 -7.67 12.11
CA GLU B 7 10.18 -6.31 11.73
C GLU B 7 10.85 -6.30 10.35
N GLN B 8 11.53 -7.38 10.02
CA GLN B 8 12.20 -7.51 8.73
C GLN B 8 11.19 -7.82 7.63
N LYS B 9 10.26 -8.70 7.95
CA LYS B 9 9.22 -9.09 6.99
C LYS B 9 8.37 -7.89 6.62
N ILE B 10 8.09 -7.03 7.60
CA ILE B 10 7.28 -5.85 7.35
C ILE B 10 8.03 -4.83 6.51
N ASP B 11 9.30 -4.62 6.83
CA ASP B 11 10.12 -3.68 6.08
C ASP B 11 9.98 -3.94 4.59
N ASP B 12 9.84 -5.21 4.24
CA ASP B 12 9.68 -5.61 2.85
C ASP B 12 8.34 -5.10 2.33
N ILE B 13 7.31 -5.32 3.15
CA ILE B 13 5.97 -4.87 2.80
C ILE B 13 5.95 -3.36 2.64
N ASP B 14 6.59 -2.65 3.58
CA ASP B 14 6.65 -1.20 3.54
C ASP B 14 7.09 -0.71 2.17
N HIS B 15 7.97 -1.47 1.52
CA HIS B 15 8.46 -1.12 0.19
C HIS B 15 7.39 -1.37 -0.84
N GLU B 16 6.52 -2.34 -0.57
CA GLU B 16 5.44 -2.68 -1.49
C GLU B 16 4.24 -1.77 -1.28
N ILE B 17 4.01 -1.36 -0.03
CA ILE B 17 2.90 -0.48 0.30
C ILE B 17 3.06 0.87 -0.37
N ALA B 18 4.32 1.29 -0.53
CA ALA B 18 4.63 2.58 -1.15
C ALA B 18 4.56 2.48 -2.66
N ASP B 19 5.01 1.35 -3.21
CA ASP B 19 4.99 1.15 -4.65
C ASP B 19 3.60 1.35 -5.23
N LEU B 20 2.60 0.80 -4.55
CA LEU B 20 1.22 0.91 -5.00
C LEU B 20 0.72 2.35 -4.87
N GLN B 21 0.87 2.92 -3.67
CA GLN B 21 0.43 4.29 -3.42
C GLN B 21 0.99 5.25 -4.48
N ALA B 22 2.16 4.92 -5.00
CA ALA B 22 2.80 5.76 -6.03
C ALA B 22 2.11 5.58 -7.38
N LYS B 23 1.60 4.37 -7.62
CA LYS B 23 0.93 4.07 -8.88
C LYS B 23 -0.44 4.74 -8.95
N ARG B 24 -1.08 4.88 -7.79
CA ARG B 24 -2.40 5.51 -7.72
C ARG B 24 -2.31 7.02 -7.96
N THR B 25 -1.29 7.64 -7.38
CA THR B 25 -1.09 9.08 -7.52
C THR B 25 -0.79 9.46 -8.96
N ARG B 26 0.25 8.86 -9.53
CA ARG B 26 0.64 9.15 -10.91
C ARG B 26 -0.57 9.08 -11.84
N LEU B 27 -1.42 8.07 -11.62
CA LEU B 27 -2.62 7.93 -12.42
C LEU B 27 -3.54 9.13 -12.21
N VAL B 28 -3.59 9.61 -10.97
CA VAL B 28 -4.42 10.76 -10.64
C VAL B 28 -3.92 11.99 -11.39
N GLN B 29 -2.61 12.19 -11.38
CA GLN B 29 -2.00 13.32 -12.07
C GLN B 29 -2.48 13.36 -13.52
N GLN B 30 -2.78 12.18 -14.05
CA GLN B 30 -3.27 12.07 -15.42
C GLN B 30 -4.73 12.51 -15.51
N HIS B 31 -5.47 12.31 -14.43
CA HIS B 31 -6.87 12.70 -14.38
C HIS B 31 -7.25 13.26 -13.02
N PRO B 32 -6.61 14.38 -12.61
CA PRO B 32 -6.88 15.02 -11.32
C PRO B 32 -8.16 15.84 -11.34
N ARG B 33 -8.40 16.53 -12.44
CA ARG B 33 -9.60 17.35 -12.59
C ARG B 33 -10.65 16.64 -13.43
N CYS A 1 -14.54 15.03 -14.29
CA CYS A 1 -13.64 14.07 -14.96
C CYS A 1 -13.70 12.70 -14.29
N GLY A 2 -12.80 11.81 -14.71
CA GLY A 2 -12.76 10.47 -14.13
C GLY A 2 -13.93 9.63 -14.58
N GLY A 3 -14.28 8.62 -13.77
CA GLY A 3 -15.39 7.75 -14.11
C GLY A 3 -15.31 7.26 -15.54
N ASP A 4 -14.10 6.95 -16.00
CA ASP A 4 -13.90 6.49 -17.36
C ASP A 4 -13.18 5.14 -17.38
N ASN A 5 -11.86 5.19 -17.30
CA ASN A 5 -11.03 3.98 -17.30
C ASN A 5 -9.86 4.18 -16.35
N ILE A 6 -9.24 5.35 -16.45
CA ILE A 6 -8.12 5.69 -15.59
C ILE A 6 -8.58 5.78 -14.14
N GLU A 7 -9.63 6.55 -13.93
CA GLU A 7 -10.20 6.74 -12.60
C GLU A 7 -10.56 5.39 -11.98
N GLN A 8 -10.99 4.45 -12.80
CA GLN A 8 -11.36 3.13 -12.33
C GLN A 8 -10.12 2.28 -12.08
N LYS A 9 -9.08 2.52 -12.88
CA LYS A 9 -7.82 1.78 -12.74
C LYS A 9 -7.20 2.04 -11.37
N ILE A 10 -7.29 3.28 -10.91
CA ILE A 10 -6.74 3.64 -9.61
C ILE A 10 -7.54 3.02 -8.48
N ASP A 11 -8.86 3.08 -8.58
CA ASP A 11 -9.72 2.52 -7.54
C ASP A 11 -9.29 1.09 -7.21
N ASP A 12 -8.81 0.40 -8.24
CA ASP A 12 -8.34 -0.96 -8.08
C ASP A 12 -7.08 -0.95 -7.23
N ILE A 13 -6.17 -0.04 -7.57
CA ILE A 13 -4.92 0.09 -6.83
C ILE A 13 -5.21 0.46 -5.38
N ASP A 14 -6.10 1.43 -5.18
CA ASP A 14 -6.47 1.87 -3.83
C ASP A 14 -6.79 0.67 -2.94
N HIS A 15 -7.35 -0.37 -3.55
CA HIS A 15 -7.70 -1.58 -2.81
C HIS A 15 -6.46 -2.39 -2.49
N GLU A 16 -5.45 -2.28 -3.35
CA GLU A 16 -4.20 -3.01 -3.17
C GLU A 16 -3.26 -2.25 -2.24
N ILE A 17 -3.31 -0.92 -2.32
CA ILE A 17 -2.47 -0.07 -1.48
C ILE A 17 -2.81 -0.26 -0.01
N ALA A 18 -4.10 -0.47 0.26
CA ALA A 18 -4.58 -0.65 1.62
C ALA A 18 -4.29 -2.07 2.13
N ASP A 19 -4.39 -3.05 1.23
CA ASP A 19 -4.13 -4.44 1.60
C ASP A 19 -2.76 -4.59 2.22
N LEU A 20 -1.75 -4.00 1.58
CA LEU A 20 -0.38 -4.07 2.07
C LEU A 20 -0.25 -3.37 3.42
N GLN A 21 -0.71 -2.13 3.48
CA GLN A 21 -0.64 -1.33 4.71
C GLN A 21 -1.20 -2.11 5.90
N ALA A 22 -2.19 -2.95 5.64
CA ALA A 22 -2.80 -3.75 6.70
C ALA A 22 -1.88 -4.89 7.11
N LYS A 23 -1.07 -5.38 6.18
CA LYS A 23 -0.15 -6.46 6.45
C LYS A 23 0.99 -6.00 7.35
N ARG A 24 1.36 -4.72 7.23
CA ARG A 24 2.44 -4.17 8.04
C ARG A 24 2.01 -3.97 9.49
N THR A 25 0.84 -3.36 9.67
CA THR A 25 0.32 -3.10 11.01
C THR A 25 0.11 -4.40 11.78
N ARG A 26 -0.64 -5.31 11.19
CA ARG A 26 -0.92 -6.60 11.82
C ARG A 26 0.37 -7.24 12.30
N LEU A 27 1.39 -7.21 11.45
CA LEU A 27 2.68 -7.77 11.79
C LEU A 27 3.28 -7.02 12.98
N VAL A 28 3.07 -5.71 13.02
CA VAL A 28 3.58 -4.90 14.12
C VAL A 28 2.95 -5.33 15.42
N GLN A 29 1.64 -5.57 15.39
CA GLN A 29 0.91 -6.01 16.58
C GLN A 29 1.59 -7.23 17.17
N GLN A 30 2.19 -8.03 16.30
CA GLN A 30 2.90 -9.24 16.73
C GLN A 30 4.18 -8.85 17.45
N HIS A 31 4.78 -7.73 17.04
CA HIS A 31 6.01 -7.25 17.67
C HIS A 31 5.97 -5.75 17.91
N PRO A 32 5.16 -5.30 18.88
CA PRO A 32 5.03 -3.87 19.21
C PRO A 32 6.25 -3.32 19.92
N ARG A 33 6.89 -4.16 20.71
CA ARG A 33 8.09 -3.77 21.45
C ARG A 33 8.66 -4.94 22.24
N CYS B 1 12.39 -15.99 21.73
CA CYS B 1 11.93 -16.52 20.44
C CYS B 1 11.12 -15.48 19.69
N GLY B 2 11.69 -14.97 18.60
CA GLY B 2 11.00 -13.97 17.81
C GLY B 2 11.93 -12.91 17.28
N GLY B 3 12.45 -12.07 18.17
CA GLY B 3 13.36 -11.02 17.77
C GLY B 3 12.72 -10.03 16.81
N ASP B 4 13.54 -9.38 16.00
CA ASP B 4 13.04 -8.41 15.02
C ASP B 4 12.81 -9.05 13.67
N ASN B 5 12.78 -10.39 13.64
CA ASN B 5 12.55 -11.12 12.39
C ASN B 5 11.28 -10.61 11.73
N ILE B 6 10.35 -10.16 12.55
CA ILE B 6 9.09 -9.63 12.06
C ILE B 6 9.27 -8.21 11.53
N GLU B 7 10.01 -7.40 12.30
CA GLU B 7 10.28 -6.03 11.92
C GLU B 7 10.94 -5.97 10.54
N GLN B 8 11.66 -7.02 10.20
CA GLN B 8 12.34 -7.09 8.91
C GLN B 8 11.34 -7.45 7.82
N LYS B 9 10.45 -8.38 8.13
CA LYS B 9 9.44 -8.83 7.19
C LYS B 9 8.52 -7.67 6.81
N ILE B 10 8.19 -6.83 7.79
CA ILE B 10 7.33 -5.69 7.54
C ILE B 10 8.03 -4.64 6.68
N ASP B 11 9.30 -4.38 6.99
CA ASP B 11 10.08 -3.41 6.23
C ASP B 11 9.95 -3.69 4.74
N ASP B 12 9.85 -4.97 4.42
CA ASP B 12 9.69 -5.39 3.03
C ASP B 12 8.34 -4.92 2.52
N ILE B 13 7.31 -5.15 3.33
CA ILE B 13 5.97 -4.74 2.99
C ILE B 13 5.91 -3.23 2.81
N ASP B 14 6.51 -2.51 3.74
CA ASP B 14 6.54 -1.04 3.68
C ASP B 14 6.98 -0.57 2.30
N HIS B 15 7.85 -1.34 1.66
CA HIS B 15 8.34 -1.01 0.33
C HIS B 15 7.28 -1.29 -0.71
N GLU B 16 6.42 -2.26 -0.42
CA GLU B 16 5.35 -2.64 -1.33
C GLU B 16 4.13 -1.76 -1.12
N ILE B 17 3.89 -1.35 0.12
CA ILE B 17 2.75 -0.51 0.45
C ILE B 17 2.89 0.86 -0.22
N ALA B 18 4.12 1.31 -0.35
CA ALA B 18 4.40 2.60 -0.98
C ALA B 18 4.37 2.49 -2.50
N ASP B 19 4.85 1.37 -3.03
CA ASP B 19 4.87 1.15 -4.46
C ASP B 19 3.49 1.34 -5.07
N LEU B 20 2.48 0.78 -4.39
CA LEU B 20 1.10 0.90 -4.86
C LEU B 20 0.60 2.33 -4.74
N GLN B 21 0.77 2.92 -3.55
CA GLN B 21 0.33 4.28 -3.30
C GLN B 21 0.89 5.24 -4.36
N ALA B 22 2.07 4.92 -4.86
CA ALA B 22 2.71 5.75 -5.88
C ALA B 22 2.04 5.56 -7.23
N LYS B 23 1.52 4.36 -7.47
CA LYS B 23 0.85 4.03 -8.71
C LYS B 23 -0.49 4.77 -8.82
N ARG B 24 -1.13 4.99 -7.67
CA ARG B 24 -2.42 5.67 -7.65
C ARG B 24 -2.25 7.17 -7.93
N THR B 25 -1.25 7.78 -7.30
CA THR B 25 -0.99 9.20 -7.48
C THR B 25 -0.64 9.52 -8.93
N ARG B 26 0.35 8.81 -9.46
CA ARG B 26 0.79 9.02 -10.84
C ARG B 26 -0.41 8.98 -11.79
N LEU B 27 -1.28 7.99 -11.57
CA LEU B 27 -2.47 7.85 -12.40
C LEU B 27 -3.36 9.07 -12.24
N VAL B 28 -3.40 9.62 -11.02
CA VAL B 28 -4.21 10.80 -10.75
C VAL B 28 -3.68 11.99 -11.54
N GLN B 29 -2.36 12.16 -11.52
CA GLN B 29 -1.72 13.25 -12.24
C GLN B 29 -2.18 13.24 -13.70
N GLN B 30 -2.50 12.06 -14.20
CA GLN B 30 -2.98 11.90 -15.57
C GLN B 30 -4.42 12.37 -15.69
N HIS B 31 -5.19 12.23 -14.60
CA HIS B 31 -6.58 12.64 -14.59
C HIS B 31 -6.97 13.25 -13.24
N PRO B 32 -6.31 14.35 -12.86
CA PRO B 32 -6.59 15.03 -11.58
C PRO B 32 -7.85 15.88 -11.64
N ARG B 33 -8.01 16.62 -12.73
CA ARG B 33 -9.17 17.48 -12.91
C ARG B 33 -9.94 17.10 -14.17
N CYS A 1 -10.70 8.52 -25.55
CA CYS A 1 -11.46 7.71 -24.56
C CYS A 1 -11.08 8.09 -23.13
N GLY A 2 -12.02 7.87 -22.20
CA GLY A 2 -11.77 8.20 -20.81
C GLY A 2 -12.97 7.97 -19.94
N GLY A 3 -13.55 9.05 -19.42
CA GLY A 3 -14.72 8.94 -18.57
C GLY A 3 -14.38 8.37 -17.20
N ASP A 4 -13.46 9.03 -16.49
CA ASP A 4 -13.06 8.58 -15.16
C ASP A 4 -12.41 7.21 -15.21
N ASN A 5 -12.01 6.79 -16.40
CA ASN A 5 -11.37 5.50 -16.58
C ASN A 5 -10.17 5.36 -15.64
N ILE A 6 -9.59 6.51 -15.30
CA ILE A 6 -8.44 6.55 -14.41
C ILE A 6 -8.89 6.44 -12.97
N GLU A 7 -9.93 7.21 -12.62
CA GLU A 7 -10.48 7.20 -11.27
C GLU A 7 -10.88 5.79 -10.87
N GLN A 8 -11.27 4.98 -11.84
CA GLN A 8 -11.68 3.61 -11.59
C GLN A 8 -10.45 2.72 -11.39
N LYS A 9 -9.42 2.97 -12.22
CA LYS A 9 -8.19 2.20 -12.14
C LYS A 9 -7.51 2.42 -10.78
N ILE A 10 -7.60 3.64 -10.27
CA ILE A 10 -7.00 3.97 -8.99
C ILE A 10 -7.76 3.31 -7.84
N ASP A 11 -9.08 3.37 -7.90
CA ASP A 11 -9.92 2.76 -6.86
C ASP A 11 -9.48 1.33 -6.62
N ASP A 12 -9.05 0.67 -7.68
CA ASP A 12 -8.58 -0.70 -7.60
C ASP A 12 -7.29 -0.74 -6.79
N ILE A 13 -6.38 0.17 -7.11
CA ILE A 13 -5.11 0.27 -6.41
C ILE A 13 -5.36 0.57 -4.94
N ASP A 14 -6.25 1.53 -4.67
CA ASP A 14 -6.58 1.91 -3.30
C ASP A 14 -6.88 0.68 -2.44
N HIS A 15 -7.46 -0.33 -3.07
CA HIS A 15 -7.79 -1.56 -2.37
C HIS A 15 -6.53 -2.38 -2.12
N GLU A 16 -5.56 -2.23 -3.01
CA GLU A 16 -4.30 -2.95 -2.90
C GLU A 16 -3.33 -2.23 -1.98
N ILE A 17 -3.41 -0.90 -1.96
CA ILE A 17 -2.53 -0.09 -1.13
C ILE A 17 -2.84 -0.32 0.34
N ALA A 18 -4.11 -0.59 0.64
CA ALA A 18 -4.55 -0.82 2.00
C ALA A 18 -4.22 -2.25 2.46
N ASP A 19 -4.36 -3.20 1.54
CA ASP A 19 -4.09 -4.60 1.85
C ASP A 19 -2.68 -4.76 2.44
N LEU A 20 -1.71 -4.10 1.81
CA LEU A 20 -0.33 -4.16 2.26
C LEU A 20 -0.16 -3.47 3.62
N GLN A 21 -0.62 -2.23 3.70
CA GLN A 21 -0.52 -1.46 4.93
C GLN A 21 -1.09 -2.23 6.13
N ALA A 22 -2.13 -3.02 5.86
CA ALA A 22 -2.76 -3.81 6.92
C ALA A 22 -1.85 -4.95 7.36
N LYS A 23 -1.08 -5.50 6.43
CA LYS A 23 -0.17 -6.59 6.73
C LYS A 23 0.97 -6.13 7.62
N ARG A 24 1.42 -4.89 7.42
CA ARG A 24 2.52 -4.34 8.20
C ARG A 24 2.10 -4.09 9.65
N THR A 25 0.93 -3.48 9.82
CA THR A 25 0.43 -3.19 11.16
C THR A 25 0.24 -4.45 11.98
N ARG A 26 -0.53 -5.39 11.45
CA ARG A 26 -0.78 -6.65 12.13
C ARG A 26 0.53 -7.28 12.60
N LEU A 27 1.53 -7.25 11.72
CA LEU A 27 2.84 -7.81 12.04
C LEU A 27 3.46 -7.03 13.19
N VAL A 28 3.25 -5.70 13.18
CA VAL A 28 3.79 -4.85 14.24
C VAL A 28 3.22 -5.26 15.59
N GLN A 29 1.91 -5.44 15.64
CA GLN A 29 1.24 -5.85 16.86
C GLN A 29 1.93 -7.08 17.44
N GLN A 30 2.45 -7.92 16.54
CA GLN A 30 3.16 -9.12 16.95
C GLN A 30 4.48 -8.76 17.62
N HIS A 31 5.08 -7.66 17.19
CA HIS A 31 6.35 -7.20 17.77
C HIS A 31 6.35 -5.70 17.98
N PRO A 32 5.62 -5.21 18.99
CA PRO A 32 5.54 -3.77 19.30
C PRO A 32 6.86 -3.21 19.79
N ARG A 33 7.67 -4.07 20.40
CA ARG A 33 8.98 -3.65 20.91
C ARG A 33 9.78 -4.86 21.37
N CYS B 1 9.31 -16.67 19.45
CA CYS B 1 9.69 -15.31 19.08
C CYS B 1 11.00 -15.31 18.30
N GLY B 2 11.15 -14.34 17.40
CA GLY B 2 12.35 -14.24 16.61
C GLY B 2 13.04 -12.90 16.76
N GLY B 3 14.35 -12.88 16.54
CA GLY B 3 15.10 -11.63 16.65
C GLY B 3 14.72 -10.62 15.59
N ASP B 4 13.61 -9.92 15.81
CA ASP B 4 13.14 -8.91 14.85
C ASP B 4 12.79 -9.54 13.51
N ASN B 5 12.62 -10.87 13.51
CA ASN B 5 12.27 -11.58 12.29
C ASN B 5 11.02 -10.98 11.66
N ILE B 6 10.18 -10.40 12.51
CA ILE B 6 8.95 -9.78 12.06
C ILE B 6 9.24 -8.39 11.51
N GLU B 7 10.05 -7.62 12.24
CA GLU B 7 10.42 -6.27 11.84
C GLU B 7 11.03 -6.28 10.44
N GLN B 8 11.72 -7.36 10.10
CA GLN B 8 12.35 -7.49 8.79
C GLN B 8 11.30 -7.82 7.74
N LYS B 9 10.36 -8.69 8.10
CA LYS B 9 9.30 -9.09 7.19
C LYS B 9 8.43 -7.90 6.82
N ILE B 10 8.18 -7.02 7.80
CA ILE B 10 7.37 -5.84 7.55
C ILE B 10 8.10 -4.83 6.68
N ASP B 11 9.38 -4.61 6.96
CA ASP B 11 10.18 -3.68 6.17
C ASP B 11 10.00 -3.96 4.69
N ASP B 12 9.86 -5.23 4.36
CA ASP B 12 9.66 -5.65 2.98
C ASP B 12 8.31 -5.14 2.50
N ILE B 13 7.29 -5.38 3.30
CA ILE B 13 5.94 -4.94 2.97
C ILE B 13 5.92 -3.41 2.83
N ASP B 14 6.56 -2.73 3.76
CA ASP B 14 6.62 -1.27 3.74
C ASP B 14 7.02 -0.76 2.37
N HIS B 15 7.89 -1.51 1.69
CA HIS B 15 8.33 -1.15 0.36
C HIS B 15 7.24 -1.39 -0.67
N GLU B 16 6.38 -2.37 -0.38
CA GLU B 16 5.29 -2.71 -1.27
C GLU B 16 4.08 -1.83 -1.01
N ILE B 17 3.89 -1.43 0.25
CA ILE B 17 2.77 -0.59 0.63
C ILE B 17 2.90 0.80 0.00
N ALA B 18 4.14 1.24 -0.19
CA ALA B 18 4.43 2.54 -0.78
C ALA B 18 4.31 2.49 -2.30
N ASP B 19 4.76 1.39 -2.89
CA ASP B 19 4.71 1.22 -4.34
C ASP B 19 3.30 1.45 -4.87
N LEU B 20 2.32 0.88 -4.18
CA LEU B 20 0.93 1.03 -4.57
C LEU B 20 0.44 2.46 -4.37
N GLN B 21 0.63 2.97 -3.16
CA GLN B 21 0.21 4.33 -2.83
C GLN B 21 0.77 5.34 -3.82
N ALA B 22 1.95 5.05 -4.35
CA ALA B 22 2.59 5.94 -5.32
C ALA B 22 1.90 5.86 -6.67
N LYS B 23 1.37 4.68 -6.99
CA LYS B 23 0.68 4.48 -8.26
C LYS B 23 -0.67 5.19 -8.29
N ARG B 24 -1.32 5.27 -7.13
CA ARG B 24 -2.62 5.91 -7.03
C ARG B 24 -2.51 7.42 -7.23
N THR B 25 -1.55 8.04 -6.55
CA THR B 25 -1.35 9.48 -6.64
C THR B 25 -1.04 9.89 -8.08
N ARG B 26 0.01 9.29 -8.65
CA ARG B 26 0.41 9.61 -10.01
C ARG B 26 -0.79 9.54 -10.95
N LEU B 27 -1.63 8.54 -10.74
CA LEU B 27 -2.83 8.37 -11.54
C LEU B 27 -3.78 9.54 -11.31
N VAL B 28 -3.87 9.97 -10.06
CA VAL B 28 -4.74 11.10 -9.71
C VAL B 28 -4.25 12.37 -10.39
N GLN B 29 -2.95 12.61 -10.30
CA GLN B 29 -2.35 13.79 -10.93
C GLN B 29 -2.79 13.89 -12.39
N GLN B 30 -3.03 12.74 -13.00
CA GLN B 30 -3.46 12.69 -14.39
C GLN B 30 -4.91 13.13 -14.50
N HIS B 31 -5.71 12.83 -13.48
CA HIS B 31 -7.12 13.21 -13.48
C HIS B 31 -7.52 13.83 -12.14
N PRO B 32 -6.99 15.04 -11.84
CA PRO B 32 -7.30 15.74 -10.59
C PRO B 32 -8.71 16.32 -10.57
N ARG B 33 -9.23 16.63 -11.76
CA ARG B 33 -10.57 17.19 -11.89
C ARG B 33 -11.59 16.09 -12.15
N CYS A 1 -11.20 12.60 -8.72
CA CYS A 1 -12.33 11.79 -9.26
C CYS A 1 -12.45 11.96 -10.78
N GLY A 2 -11.68 11.15 -11.51
CA GLY A 2 -11.72 11.23 -12.96
C GLY A 2 -13.07 10.83 -13.53
N GLY A 3 -13.69 9.82 -12.93
CA GLY A 3 -14.98 9.36 -13.40
C GLY A 3 -15.01 9.14 -14.90
N ASP A 4 -14.00 8.43 -15.40
CA ASP A 4 -13.89 8.15 -16.83
C ASP A 4 -13.44 6.71 -17.07
N ASN A 5 -12.13 6.50 -17.02
CA ASN A 5 -11.55 5.19 -17.23
C ASN A 5 -10.32 5.02 -16.33
N ILE A 6 -9.49 6.07 -16.30
CA ILE A 6 -8.29 6.06 -15.48
C ILE A 6 -8.68 5.98 -14.02
N GLU A 7 -9.62 6.84 -13.62
CA GLU A 7 -10.10 6.89 -12.25
C GLU A 7 -10.46 5.50 -11.74
N GLN A 8 -10.91 4.64 -12.66
CA GLN A 8 -11.28 3.28 -12.30
C GLN A 8 -10.03 2.42 -12.10
N LYS A 9 -9.01 2.68 -12.91
CA LYS A 9 -7.76 1.95 -12.83
C LYS A 9 -7.13 2.11 -11.44
N ILE A 10 -7.17 3.32 -10.92
CA ILE A 10 -6.61 3.60 -9.59
C ILE A 10 -7.41 2.91 -8.51
N ASP A 11 -8.74 2.98 -8.61
CA ASP A 11 -9.61 2.35 -7.62
C ASP A 11 -9.16 0.92 -7.35
N ASP A 12 -8.66 0.28 -8.40
CA ASP A 12 -8.16 -1.08 -8.30
C ASP A 12 -6.91 -1.09 -7.45
N ILE A 13 -6.00 -0.16 -7.75
CA ILE A 13 -4.76 -0.04 -7.00
C ILE A 13 -5.05 0.25 -5.53
N ASP A 14 -5.94 1.21 -5.28
CA ASP A 14 -6.31 1.58 -3.91
C ASP A 14 -6.66 0.35 -3.10
N HIS A 15 -7.21 -0.66 -3.76
CA HIS A 15 -7.57 -1.90 -3.09
C HIS A 15 -6.34 -2.73 -2.79
N GLU A 16 -5.31 -2.58 -3.62
CA GLU A 16 -4.07 -3.30 -3.46
C GLU A 16 -3.14 -2.58 -2.48
N ILE A 17 -3.18 -1.27 -2.51
CA ILE A 17 -2.34 -0.45 -1.62
C ILE A 17 -2.72 -0.69 -0.17
N ALA A 18 -4.01 -0.93 0.07
CA ALA A 18 -4.51 -1.16 1.41
C ALA A 18 -4.24 -2.59 1.86
N ASP A 19 -4.36 -3.54 0.94
CA ASP A 19 -4.12 -4.95 1.24
C ASP A 19 -2.76 -5.13 1.90
N LEU A 20 -1.74 -4.47 1.34
CA LEU A 20 -0.40 -4.57 1.88
C LEU A 20 -0.29 -3.90 3.23
N GLN A 21 -0.78 -2.67 3.31
CA GLN A 21 -0.74 -1.90 4.57
C GLN A 21 -1.34 -2.71 5.72
N ALA A 22 -2.35 -3.52 5.41
CA ALA A 22 -3.00 -4.34 6.43
C ALA A 22 -2.07 -5.47 6.88
N LYS A 23 -1.29 -6.00 5.95
CA LYS A 23 -0.36 -7.07 6.26
C LYS A 23 0.74 -6.60 7.20
N ARG A 24 1.10 -5.32 7.09
CA ARG A 24 2.15 -4.75 7.94
C ARG A 24 1.63 -4.52 9.37
N THR A 25 0.44 -3.95 9.47
CA THR A 25 -0.16 -3.67 10.78
C THR A 25 -0.35 -4.95 11.57
N ARG A 26 -1.07 -5.90 10.99
CA ARG A 26 -1.33 -7.18 11.65
C ARG A 26 -0.03 -7.78 12.18
N LEU A 27 1.02 -7.70 11.36
CA LEU A 27 2.31 -8.21 11.75
C LEU A 27 2.85 -7.44 12.94
N VAL A 28 2.58 -6.13 12.96
CA VAL A 28 3.04 -5.29 14.06
C VAL A 28 2.35 -5.70 15.36
N GLN A 29 1.04 -5.90 15.28
CA GLN A 29 0.26 -6.31 16.44
C GLN A 29 0.91 -7.53 17.10
N GLN A 30 1.56 -8.36 16.27
CA GLN A 30 2.24 -9.55 16.75
C GLN A 30 3.53 -9.17 17.46
N HIS A 31 4.15 -8.07 17.04
CA HIS A 31 5.39 -7.62 17.65
C HIS A 31 5.45 -6.09 17.70
N PRO A 32 4.52 -5.46 18.45
CA PRO A 32 4.48 -4.00 18.57
C PRO A 32 5.59 -3.46 19.46
N ARG A 33 6.03 -4.28 20.41
CA ARG A 33 7.09 -3.88 21.33
C ARG A 33 8.46 -4.14 20.72
N CYS B 1 9.88 -9.16 20.22
CA CYS B 1 10.40 -7.84 19.86
C CYS B 1 10.74 -7.77 18.38
N GLY B 2 11.13 -6.58 17.92
CA GLY B 2 11.48 -6.41 16.52
C GLY B 2 12.91 -6.82 16.22
N GLY B 3 13.43 -6.37 15.09
CA GLY B 3 14.79 -6.70 14.70
C GLY B 3 15.09 -8.18 14.87
N ASP B 4 14.14 -9.02 14.48
CA ASP B 4 14.29 -10.47 14.60
C ASP B 4 13.99 -11.16 13.28
N ASN B 5 12.70 -11.43 13.05
CA ASN B 5 12.25 -12.08 11.83
C ASN B 5 10.94 -11.45 11.38
N ILE B 6 10.04 -11.26 12.33
CA ILE B 6 8.75 -10.64 12.05
C ILE B 6 8.97 -9.22 11.56
N GLU B 7 9.78 -8.47 12.33
CA GLU B 7 10.09 -7.09 11.99
C GLU B 7 10.68 -6.98 10.59
N GLN B 8 11.42 -8.01 10.18
CA GLN B 8 12.04 -8.02 8.86
C GLN B 8 11.00 -8.33 7.79
N LYS B 9 10.03 -9.17 8.15
CA LYS B 9 8.97 -9.56 7.23
C LYS B 9 8.12 -8.35 6.85
N ILE B 10 7.87 -7.48 7.83
CA ILE B 10 7.07 -6.29 7.60
C ILE B 10 7.83 -5.27 6.76
N ASP B 11 9.10 -5.07 7.09
CA ASP B 11 9.93 -4.12 6.35
C ASP B 11 9.81 -4.39 4.84
N ASP B 12 9.67 -5.66 4.50
CA ASP B 12 9.52 -6.06 3.12
C ASP B 12 8.21 -5.54 2.58
N ILE B 13 7.15 -5.77 3.35
CA ILE B 13 5.82 -5.31 2.98
C ILE B 13 5.82 -3.79 2.83
N ASP B 14 6.39 -3.10 3.82
CA ASP B 14 6.45 -1.64 3.80
C ASP B 14 6.95 -1.14 2.45
N HIS B 15 7.82 -1.90 1.81
CA HIS B 15 8.36 -1.53 0.52
C HIS B 15 7.33 -1.76 -0.57
N GLU B 16 6.45 -2.74 -0.35
CA GLU B 16 5.42 -3.07 -1.31
C GLU B 16 4.19 -2.18 -1.13
N ILE B 17 3.91 -1.82 0.13
CA ILE B 17 2.77 -0.97 0.44
C ILE B 17 2.94 0.41 -0.19
N ALA B 18 4.19 0.87 -0.24
CA ALA B 18 4.51 2.18 -0.81
C ALA B 18 4.52 2.14 -2.32
N ASP B 19 4.99 1.02 -2.88
CA ASP B 19 5.05 0.87 -4.33
C ASP B 19 3.68 1.09 -4.95
N LEU B 20 2.67 0.45 -4.40
CA LEU B 20 1.30 0.59 -4.90
C LEU B 20 0.81 2.03 -4.76
N GLN B 21 0.94 2.57 -3.55
CA GLN B 21 0.51 3.94 -3.29
C GLN B 21 1.06 4.91 -4.33
N ALA B 22 2.23 4.58 -4.87
CA ALA B 22 2.87 5.42 -5.88
C ALA B 22 2.16 5.27 -7.22
N LYS B 23 1.64 4.08 -7.48
CA LYS B 23 0.92 3.81 -8.73
C LYS B 23 -0.38 4.60 -8.80
N ARG B 24 -1.02 4.80 -7.65
CA ARG B 24 -2.28 5.53 -7.58
C ARG B 24 -2.06 7.02 -7.86
N THR B 25 -1.06 7.59 -7.22
CA THR B 25 -0.75 9.01 -7.38
C THR B 25 -0.41 9.34 -8.83
N ARG B 26 0.56 8.62 -9.38
CA ARG B 26 0.98 8.83 -10.75
C ARG B 26 -0.22 8.83 -11.70
N LEU B 27 -1.10 7.85 -11.49
CA LEU B 27 -2.30 7.75 -12.31
C LEU B 27 -3.18 8.98 -12.12
N VAL B 28 -3.20 9.52 -10.90
CA VAL B 28 -3.98 10.71 -10.61
C VAL B 28 -3.45 11.89 -11.39
N GLN B 29 -2.12 12.04 -11.39
CA GLN B 29 -1.48 13.13 -12.11
C GLN B 29 -1.96 13.15 -13.56
N GLN B 30 -2.29 11.96 -14.08
CA GLN B 30 -2.78 11.82 -15.43
C GLN B 30 -4.23 12.31 -15.54
N HIS B 31 -4.97 12.17 -14.44
CA HIS B 31 -6.37 12.59 -14.40
C HIS B 31 -6.71 13.22 -13.06
N PRO B 32 -6.08 14.34 -12.71
CA PRO B 32 -6.33 15.03 -11.44
C PRO B 32 -7.70 15.68 -11.40
N ARG B 33 -8.22 16.03 -12.58
CA ARG B 33 -9.53 16.67 -12.67
C ARG B 33 -10.40 15.97 -13.72
N CYS A 1 -10.93 7.86 -25.72
CA CYS A 1 -11.98 8.27 -24.74
C CYS A 1 -11.78 7.58 -23.39
N GLY A 2 -12.56 8.00 -22.41
CA GLY A 2 -12.45 7.42 -21.08
C GLY A 2 -13.03 8.32 -20.00
N GLY A 3 -14.28 8.06 -19.62
CA GLY A 3 -14.92 8.87 -18.60
C GLY A 3 -14.58 8.40 -17.20
N ASP A 4 -13.62 9.05 -16.58
CA ASP A 4 -13.19 8.70 -15.23
C ASP A 4 -12.62 7.28 -15.17
N ASN A 5 -12.28 6.74 -16.33
CA ASN A 5 -11.72 5.39 -16.40
C ASN A 5 -10.48 5.29 -15.52
N ILE A 6 -9.83 6.43 -15.30
CA ILE A 6 -8.65 6.49 -14.47
C ILE A 6 -9.04 6.48 -12.99
N GLU A 7 -10.04 7.29 -12.66
CA GLU A 7 -10.53 7.39 -11.29
C GLU A 7 -10.97 6.02 -10.78
N GLN A 8 -11.44 5.18 -11.69
CA GLN A 8 -11.87 3.83 -11.33
C GLN A 8 -10.67 2.91 -11.16
N LYS A 9 -9.68 3.10 -12.02
CA LYS A 9 -8.46 2.29 -11.97
C LYS A 9 -7.73 2.50 -10.66
N ILE A 10 -7.75 3.73 -10.17
CA ILE A 10 -7.09 4.05 -8.91
C ILE A 10 -7.82 3.43 -7.73
N ASP A 11 -9.15 3.53 -7.73
CA ASP A 11 -9.95 2.97 -6.66
C ASP A 11 -9.54 1.52 -6.40
N ASP A 12 -9.17 0.84 -7.48
CA ASP A 12 -8.73 -0.54 -7.39
C ASP A 12 -7.42 -0.60 -6.63
N ILE A 13 -6.50 0.29 -6.99
CA ILE A 13 -5.21 0.37 -6.34
C ILE A 13 -5.39 0.70 -4.86
N ASP A 14 -6.23 1.70 -4.58
CA ASP A 14 -6.51 2.12 -3.22
C ASP A 14 -6.82 0.91 -2.33
N HIS A 15 -7.43 -0.10 -2.92
CA HIS A 15 -7.78 -1.31 -2.19
C HIS A 15 -6.54 -2.16 -1.97
N GLU A 16 -5.59 -2.06 -2.89
CA GLU A 16 -4.36 -2.83 -2.81
C GLU A 16 -3.33 -2.12 -1.93
N ILE A 17 -3.37 -0.79 -1.95
CA ILE A 17 -2.45 0.01 -1.16
C ILE A 17 -2.70 -0.19 0.33
N ALA A 18 -3.97 -0.37 0.68
CA ALA A 18 -4.37 -0.57 2.06
C ALA A 18 -4.10 -2.00 2.51
N ASP A 19 -4.28 -2.95 1.60
CA ASP A 19 -4.07 -4.36 1.91
C ASP A 19 -2.67 -4.58 2.47
N LEU A 20 -1.67 -3.94 1.85
CA LEU A 20 -0.30 -4.06 2.29
C LEU A 20 -0.09 -3.38 3.63
N GLN A 21 -0.54 -2.14 3.73
CA GLN A 21 -0.40 -1.37 4.97
C GLN A 21 -0.94 -2.15 6.16
N ALA A 22 -2.00 -2.93 5.92
CA ALA A 22 -2.61 -3.74 6.97
C ALA A 22 -1.70 -4.89 7.37
N LYS A 23 -0.95 -5.42 6.39
CA LYS A 23 -0.05 -6.52 6.63
C LYS A 23 1.12 -6.09 7.53
N ARG A 24 1.56 -4.86 7.36
CA ARG A 24 2.67 -4.32 8.15
C ARG A 24 2.26 -4.18 9.61
N THR A 25 1.09 -3.61 9.85
CA THR A 25 0.59 -3.39 11.21
C THR A 25 0.41 -4.72 11.94
N ARG A 26 -0.36 -5.62 11.33
CA ARG A 26 -0.62 -6.93 11.93
C ARG A 26 0.69 -7.58 12.35
N LEU A 27 1.68 -7.52 11.47
CA LEU A 27 2.99 -8.09 11.76
C LEU A 27 3.59 -7.41 12.97
N VAL A 28 3.36 -6.11 13.10
CA VAL A 28 3.87 -5.34 14.23
C VAL A 28 3.21 -5.82 15.52
N GLN A 29 1.90 -6.02 15.46
CA GLN A 29 1.15 -6.49 16.61
C GLN A 29 1.81 -7.74 17.20
N GLN A 30 2.48 -8.49 16.32
CA GLN A 30 3.18 -9.70 16.73
C GLN A 30 4.50 -9.35 17.43
N HIS A 31 5.13 -8.27 16.98
CA HIS A 31 6.38 -7.83 17.57
C HIS A 31 6.36 -6.33 17.87
N PRO A 32 5.43 -5.88 18.71
CA PRO A 32 5.30 -4.46 19.07
C PRO A 32 6.34 -4.03 20.10
N ARG A 33 6.36 -2.74 20.40
CA ARG A 33 7.31 -2.19 21.38
C ARG A 33 8.71 -2.76 21.19
N CYS B 1 8.51 -15.81 19.31
CA CYS B 1 9.85 -16.22 19.70
C CYS B 1 10.79 -16.24 18.50
N GLY B 2 11.76 -15.34 18.49
CA GLY B 2 12.71 -15.28 17.39
C GLY B 2 13.55 -14.01 17.42
N GLY B 3 12.88 -12.86 17.48
CA GLY B 3 13.58 -11.59 17.51
C GLY B 3 12.95 -10.56 16.60
N ASP B 4 13.78 -9.88 15.82
CA ASP B 4 13.29 -8.86 14.90
C ASP B 4 13.05 -9.43 13.50
N ASN B 5 13.01 -10.76 13.41
CA ASN B 5 12.78 -11.42 12.14
C ASN B 5 11.50 -10.88 11.49
N ILE B 6 10.58 -10.43 12.32
CA ILE B 6 9.34 -9.86 11.86
C ILE B 6 9.54 -8.42 11.41
N GLU B 7 10.26 -7.67 12.22
CA GLU B 7 10.56 -6.27 11.91
C GLU B 7 11.21 -6.14 10.54
N GLN B 8 11.92 -7.18 10.13
CA GLN B 8 12.59 -7.20 8.84
C GLN B 8 11.59 -7.52 7.74
N LYS B 9 10.69 -8.46 8.03
CA LYS B 9 9.68 -8.87 7.07
C LYS B 9 8.74 -7.71 6.76
N ILE B 10 8.47 -6.89 7.76
CA ILE B 10 7.59 -5.74 7.57
C ILE B 10 8.26 -4.67 6.73
N ASP B 11 9.53 -4.39 7.02
CA ASP B 11 10.28 -3.39 6.26
C ASP B 11 10.13 -3.65 4.77
N ASP B 12 10.06 -4.93 4.43
CA ASP B 12 9.89 -5.33 3.03
C ASP B 12 8.51 -4.88 2.55
N ILE B 13 7.51 -5.12 3.37
CA ILE B 13 6.15 -4.72 3.06
C ILE B 13 6.07 -3.21 2.91
N ASP B 14 6.67 -2.49 3.86
CA ASP B 14 6.67 -1.03 3.84
C ASP B 14 7.08 -0.51 2.46
N HIS B 15 7.94 -1.26 1.78
CA HIS B 15 8.40 -0.88 0.46
C HIS B 15 7.33 -1.18 -0.59
N GLU B 16 6.51 -2.19 -0.30
CA GLU B 16 5.44 -2.57 -1.21
C GLU B 16 4.20 -1.73 -0.98
N ILE B 17 3.99 -1.32 0.26
CA ILE B 17 2.83 -0.51 0.63
C ILE B 17 2.93 0.87 -0.03
N ALA B 18 4.15 1.37 -0.14
CA ALA B 18 4.40 2.67 -0.74
C ALA B 18 4.34 2.61 -2.26
N ASP B 19 4.82 1.51 -2.82
CA ASP B 19 4.82 1.32 -4.27
C ASP B 19 3.41 1.52 -4.84
N LEU B 20 2.43 0.92 -4.18
CA LEU B 20 1.05 1.03 -4.62
C LEU B 20 0.54 2.47 -4.48
N GLN B 21 0.72 3.03 -3.28
CA GLN B 21 0.28 4.40 -3.02
C GLN B 21 0.78 5.36 -4.10
N ALA B 22 1.97 5.11 -4.62
CA ALA B 22 2.54 5.95 -5.66
C ALA B 22 1.79 5.78 -6.97
N LYS B 23 1.31 4.56 -7.22
CA LYS B 23 0.57 4.26 -8.44
C LYS B 23 -0.75 5.02 -8.47
N ARG B 24 -1.34 5.23 -7.30
CA ARG B 24 -2.62 5.93 -7.20
C ARG B 24 -2.44 7.43 -7.48
N THR B 25 -1.40 8.02 -6.90
CA THR B 25 -1.12 9.44 -7.08
C THR B 25 -0.85 9.76 -8.55
N ARG B 26 0.11 9.07 -9.13
CA ARG B 26 0.47 9.28 -10.53
C ARG B 26 -0.77 9.25 -11.41
N LEU B 27 -1.67 8.31 -11.12
CA LEU B 27 -2.91 8.19 -11.87
C LEU B 27 -3.77 9.43 -11.65
N VAL B 28 -3.77 9.93 -10.41
CA VAL B 28 -4.55 11.12 -10.08
C VAL B 28 -4.05 12.31 -10.89
N GLN B 29 -2.73 12.43 -11.00
CA GLN B 29 -2.13 13.50 -11.76
C GLN B 29 -2.72 13.54 -13.17
N GLN B 30 -3.01 12.35 -13.69
CA GLN B 30 -3.60 12.24 -15.02
C GLN B 30 -5.02 12.80 -15.02
N HIS B 31 -5.70 12.68 -13.88
CA HIS B 31 -7.06 13.20 -13.76
C HIS B 31 -7.26 13.90 -12.42
N PRO B 32 -6.84 15.16 -12.32
CA PRO B 32 -6.97 15.95 -11.09
C PRO B 32 -8.43 16.30 -10.79
N ARG B 33 -8.63 17.21 -9.84
CA ARG B 33 -9.98 17.63 -9.45
C ARG B 33 -10.78 16.45 -8.92
N CYS A 1 -12.86 14.21 -14.28
CA CYS A 1 -13.62 13.72 -13.10
C CYS A 1 -13.30 12.26 -12.81
N GLY A 2 -13.44 11.42 -13.82
CA GLY A 2 -13.16 10.01 -13.65
C GLY A 2 -14.28 9.12 -14.17
N GLY A 3 -14.54 8.03 -13.47
CA GLY A 3 -15.60 7.11 -13.88
C GLY A 3 -15.47 6.74 -15.34
N ASP A 4 -14.25 6.65 -15.83
CA ASP A 4 -13.99 6.31 -17.22
C ASP A 4 -13.17 5.03 -17.34
N ASN A 5 -11.85 5.18 -17.24
CA ASN A 5 -10.94 4.05 -17.31
C ASN A 5 -9.76 4.27 -16.38
N ILE A 6 -9.23 5.50 -16.41
CA ILE A 6 -8.12 5.86 -15.55
C ILE A 6 -8.58 5.85 -14.10
N GLU A 7 -9.66 6.56 -13.85
CA GLU A 7 -10.23 6.64 -12.51
C GLU A 7 -10.55 5.26 -11.96
N GLN A 8 -10.92 4.34 -12.85
CA GLN A 8 -11.25 2.98 -12.44
C GLN A 8 -9.97 2.17 -12.21
N LYS A 9 -8.96 2.44 -13.02
CA LYS A 9 -7.68 1.73 -12.89
C LYS A 9 -7.07 1.97 -11.52
N ILE A 10 -7.18 3.20 -11.04
CA ILE A 10 -6.63 3.56 -9.73
C ILE A 10 -7.41 2.90 -8.60
N ASP A 11 -8.74 2.91 -8.71
CA ASP A 11 -9.60 2.31 -7.69
C ASP A 11 -9.12 0.90 -7.39
N ASP A 12 -8.62 0.23 -8.42
CA ASP A 12 -8.11 -1.12 -8.27
C ASP A 12 -6.85 -1.10 -7.42
N ILE A 13 -5.96 -0.17 -7.75
CA ILE A 13 -4.72 -0.01 -7.00
C ILE A 13 -5.02 0.34 -5.55
N ASP A 14 -5.94 1.28 -5.35
CA ASP A 14 -6.33 1.71 -4.00
C ASP A 14 -6.63 0.49 -3.12
N HIS A 15 -7.17 -0.55 -3.74
CA HIS A 15 -7.51 -1.77 -3.00
C HIS A 15 -6.24 -2.56 -2.68
N GLU A 16 -5.24 -2.41 -3.53
CA GLU A 16 -3.97 -3.09 -3.34
C GLU A 16 -3.06 -2.33 -2.40
N ILE A 17 -3.12 -1.00 -2.48
CA ILE A 17 -2.30 -0.14 -1.63
C ILE A 17 -2.67 -0.32 -0.17
N ALA A 18 -3.94 -0.61 0.09
CA ALA A 18 -4.43 -0.80 1.45
C ALA A 18 -4.10 -2.21 1.95
N ASP A 19 -4.20 -3.19 1.06
CA ASP A 19 -3.92 -4.58 1.42
C ASP A 19 -2.54 -4.70 2.05
N LEU A 20 -1.55 -4.02 1.46
CA LEU A 20 -0.19 -4.06 1.97
C LEU A 20 -0.09 -3.32 3.30
N GLN A 21 -0.54 -2.07 3.31
CA GLN A 21 -0.49 -1.24 4.51
C GLN A 21 -1.12 -1.97 5.70
N ALA A 22 -2.14 -2.76 5.43
CA ALA A 22 -2.83 -3.51 6.48
C ALA A 22 -1.98 -4.66 6.97
N LYS A 23 -1.15 -5.22 6.08
CA LYS A 23 -0.28 -6.33 6.43
C LYS A 23 0.89 -5.87 7.28
N ARG A 24 1.35 -4.64 7.04
CA ARG A 24 2.46 -4.08 7.79
C ARG A 24 2.07 -3.73 9.22
N THR A 25 0.88 -3.17 9.38
CA THR A 25 0.37 -2.79 10.69
C THR A 25 0.15 -4.00 11.58
N ARG A 26 -0.65 -4.95 11.10
CA ARG A 26 -0.95 -6.16 11.86
C ARG A 26 0.34 -6.80 12.37
N LEU A 27 1.35 -6.83 11.52
CA LEU A 27 2.65 -7.38 11.90
C LEU A 27 3.24 -6.56 13.04
N VAL A 28 3.06 -5.25 12.97
CA VAL A 28 3.56 -4.35 14.01
C VAL A 28 2.90 -4.67 15.34
N GLN A 29 1.58 -4.83 15.29
CA GLN A 29 0.81 -5.16 16.50
C GLN A 29 1.42 -6.37 17.19
N GLN A 30 2.07 -7.22 16.39
CA GLN A 30 2.71 -8.42 16.92
C GLN A 30 4.02 -8.06 17.61
N HIS A 31 4.67 -6.99 17.13
CA HIS A 31 5.93 -6.54 17.72
C HIS A 31 5.97 -5.02 17.83
N PRO A 32 5.06 -4.44 18.64
CA PRO A 32 5.00 -2.99 18.84
C PRO A 32 6.12 -2.47 19.73
N ARG A 33 6.60 -3.33 20.63
CA ARG A 33 7.67 -2.97 21.55
C ARG A 33 8.74 -4.05 21.59
N CYS B 1 11.13 -18.78 20.26
CA CYS B 1 12.02 -18.20 19.27
C CYS B 1 11.36 -16.99 18.59
N GLY B 2 11.81 -15.80 18.96
CA GLY B 2 11.25 -14.59 18.38
C GLY B 2 12.30 -13.51 18.17
N GLY B 3 11.86 -12.25 18.13
CA GLY B 3 12.77 -11.15 17.93
C GLY B 3 12.24 -10.12 16.95
N ASP B 4 13.13 -9.56 16.14
CA ASP B 4 12.74 -8.56 15.15
C ASP B 4 12.45 -9.20 13.80
N ASN B 5 12.31 -10.52 13.78
CA ASN B 5 12.01 -11.24 12.55
C ASN B 5 10.79 -10.64 11.87
N ILE B 6 9.92 -10.06 12.68
CA ILE B 6 8.71 -9.42 12.19
C ILE B 6 9.04 -8.05 11.63
N GLU B 7 9.84 -7.30 12.37
CA GLU B 7 10.26 -5.97 11.96
C GLU B 7 10.92 -5.99 10.59
N GLN B 8 11.55 -7.12 10.28
CA GLN B 8 12.23 -7.29 9.00
C GLN B 8 11.21 -7.59 7.91
N LYS B 9 10.28 -8.49 8.23
CA LYS B 9 9.25 -8.88 7.29
C LYS B 9 8.40 -7.68 6.88
N ILE B 10 8.18 -6.77 7.82
CA ILE B 10 7.39 -5.58 7.53
C ILE B 10 8.15 -4.61 6.64
N ASP B 11 9.43 -4.41 6.92
CA ASP B 11 10.25 -3.51 6.12
C ASP B 11 10.08 -3.83 4.63
N ASP B 12 9.90 -5.13 4.36
CA ASP B 12 9.69 -5.58 3.00
C ASP B 12 8.35 -5.07 2.48
N ILE B 13 7.32 -5.25 3.31
CA ILE B 13 5.98 -4.80 2.95
C ILE B 13 5.98 -3.28 2.74
N ASP B 14 6.59 -2.56 3.68
CA ASP B 14 6.67 -1.09 3.59
C ASP B 14 7.12 -0.64 2.20
N HIS B 15 7.99 -1.45 1.58
CA HIS B 15 8.48 -1.13 0.26
C HIS B 15 7.41 -1.41 -0.80
N GLU B 16 6.55 -2.37 -0.50
CA GLU B 16 5.48 -2.74 -1.42
C GLU B 16 4.27 -1.83 -1.24
N ILE B 17 4.04 -1.40 0.00
CA ILE B 17 2.92 -0.51 0.30
C ILE B 17 3.09 0.83 -0.39
N ALA B 18 4.34 1.26 -0.53
CA ALA B 18 4.65 2.53 -1.17
C ALA B 18 4.59 2.42 -2.69
N ASP B 19 5.05 1.29 -3.22
CA ASP B 19 5.04 1.08 -4.66
C ASP B 19 3.64 1.28 -5.25
N LEU B 20 2.65 0.71 -4.58
CA LEU B 20 1.26 0.83 -5.02
C LEU B 20 0.77 2.27 -4.91
N GLN B 21 0.94 2.86 -3.73
CA GLN B 21 0.52 4.24 -3.49
C GLN B 21 1.03 5.17 -4.59
N ALA B 22 2.22 4.89 -5.10
CA ALA B 22 2.81 5.69 -6.16
C ALA B 22 2.07 5.51 -7.48
N LYS B 23 1.59 4.28 -7.70
CA LYS B 23 0.86 3.97 -8.93
C LYS B 23 -0.47 4.72 -8.98
N ARG B 24 -1.07 4.94 -7.82
CA ARG B 24 -2.36 5.64 -7.75
C ARG B 24 -2.17 7.13 -7.97
N THR B 25 -1.20 7.72 -7.27
CA THR B 25 -0.94 9.15 -7.39
C THR B 25 -0.62 9.55 -8.82
N ARG B 26 0.35 8.85 -9.41
CA ARG B 26 0.76 9.14 -10.79
C ARG B 26 -0.46 9.13 -11.71
N LEU B 27 -1.30 8.13 -11.55
CA LEU B 27 -2.51 8.02 -12.36
C LEU B 27 -3.42 9.22 -12.11
N VAL B 28 -3.43 9.70 -10.86
CA VAL B 28 -4.26 10.84 -10.50
C VAL B 28 -3.77 12.08 -11.22
N GLN B 29 -2.45 12.29 -11.21
CA GLN B 29 -1.84 13.43 -11.88
C GLN B 29 -2.34 13.52 -13.32
N GLN B 30 -2.63 12.36 -13.89
CA GLN B 30 -3.13 12.29 -15.26
C GLN B 30 -4.59 12.74 -15.32
N HIS B 31 -5.33 12.49 -14.24
CA HIS B 31 -6.73 12.88 -14.17
C HIS B 31 -7.10 13.35 -12.77
N PRO B 32 -6.50 14.46 -12.31
CA PRO B 32 -6.76 15.01 -10.97
C PRO B 32 -8.10 15.74 -10.90
N ARG B 33 -8.42 16.46 -11.97
CA ARG B 33 -9.68 17.21 -12.03
C ARG B 33 -10.39 16.97 -13.36
N CYS A 1 -11.58 6.77 -24.11
CA CYS A 1 -10.86 7.56 -23.07
C CYS A 1 -11.77 8.58 -22.42
N GLY A 2 -11.46 8.95 -21.17
CA GLY A 2 -12.27 9.92 -20.46
C GLY A 2 -13.43 9.28 -19.72
N GLY A 3 -14.13 10.08 -18.93
CA GLY A 3 -15.26 9.56 -18.18
C GLY A 3 -14.84 8.92 -16.86
N ASP A 4 -13.85 9.51 -16.21
CA ASP A 4 -13.34 8.99 -14.93
C ASP A 4 -12.76 7.59 -15.10
N ASN A 5 -12.46 7.21 -16.34
CA ASN A 5 -11.89 5.90 -16.62
C ASN A 5 -10.64 5.69 -15.79
N ILE A 6 -9.97 6.79 -15.46
CA ILE A 6 -8.76 6.75 -14.67
C ILE A 6 -9.11 6.58 -13.19
N GLU A 7 -10.09 7.35 -12.73
CA GLU A 7 -10.53 7.29 -11.35
C GLU A 7 -10.94 5.87 -10.97
N GLN A 8 -11.32 5.09 -11.97
CA GLN A 8 -11.73 3.70 -11.74
C GLN A 8 -10.51 2.82 -11.55
N LYS A 9 -9.49 3.04 -12.37
CA LYS A 9 -8.26 2.27 -12.29
C LYS A 9 -7.59 2.45 -10.93
N ILE A 10 -7.66 3.66 -10.40
CA ILE A 10 -7.06 3.95 -9.10
C ILE A 10 -7.82 3.28 -7.98
N ASP A 11 -9.15 3.35 -8.04
CA ASP A 11 -9.98 2.73 -7.01
C ASP A 11 -9.55 1.29 -6.78
N ASP A 12 -9.12 0.64 -7.86
CA ASP A 12 -8.65 -0.72 -7.79
C ASP A 12 -7.36 -0.78 -6.97
N ILE A 13 -6.45 0.13 -7.30
CA ILE A 13 -5.18 0.21 -6.59
C ILE A 13 -5.42 0.51 -5.12
N ASP A 14 -6.28 1.48 -4.85
CA ASP A 14 -6.61 1.86 -3.47
C ASP A 14 -6.94 0.63 -2.63
N HIS A 15 -7.52 -0.37 -3.26
CA HIS A 15 -7.87 -1.61 -2.57
C HIS A 15 -6.63 -2.45 -2.32
N GLU A 16 -5.64 -2.31 -3.22
CA GLU A 16 -4.40 -3.06 -3.10
C GLU A 16 -3.43 -2.36 -2.16
N ILE A 17 -3.46 -1.04 -2.17
CA ILE A 17 -2.58 -0.24 -1.32
C ILE A 17 -2.89 -0.47 0.15
N ALA A 18 -4.17 -0.67 0.44
CA ALA A 18 -4.62 -0.90 1.81
C ALA A 18 -4.33 -2.32 2.26
N ASP A 19 -4.48 -3.28 1.34
CA ASP A 19 -4.25 -4.69 1.65
C ASP A 19 -2.85 -4.88 2.24
N LEU A 20 -1.86 -4.24 1.62
CA LEU A 20 -0.48 -4.35 2.09
C LEU A 20 -0.32 -3.69 3.46
N GLN A 21 -0.79 -2.45 3.56
CA GLN A 21 -0.69 -1.70 4.82
C GLN A 21 -1.19 -2.53 6.00
N ALA A 22 -2.24 -3.33 5.75
CA ALA A 22 -2.81 -4.17 6.80
C ALA A 22 -1.83 -5.27 7.20
N LYS A 23 -1.11 -5.79 6.21
CA LYS A 23 -0.14 -6.86 6.45
C LYS A 23 0.97 -6.38 7.38
N ARG A 24 1.35 -5.12 7.24
CA ARG A 24 2.42 -4.54 8.07
C ARG A 24 1.96 -4.36 9.51
N THR A 25 0.77 -3.80 9.68
CA THR A 25 0.22 -3.56 11.02
C THR A 25 0.04 -4.86 11.78
N ARG A 26 -0.69 -5.79 11.20
CA ARG A 26 -0.94 -7.08 11.84
C ARG A 26 0.37 -7.70 12.32
N LEU A 27 1.39 -7.64 11.45
CA LEU A 27 2.69 -8.18 11.80
C LEU A 27 3.26 -7.42 13.00
N VAL A 28 3.02 -6.11 13.04
CA VAL A 28 3.51 -5.30 14.14
C VAL A 28 2.89 -5.76 15.45
N GLN A 29 1.59 -6.02 15.42
CA GLN A 29 0.88 -6.49 16.60
C GLN A 29 1.60 -7.71 17.19
N GLN A 30 2.22 -8.48 16.30
CA GLN A 30 2.96 -9.67 16.71
C GLN A 30 4.24 -9.25 17.43
N HIS A 31 4.81 -8.12 17.03
CA HIS A 31 6.04 -7.62 17.66
C HIS A 31 5.95 -6.12 17.90
N PRO A 32 5.13 -5.69 18.87
CA PRO A 32 4.95 -4.28 19.21
C PRO A 32 6.15 -3.72 20.00
N ARG A 33 7.33 -3.77 19.39
CA ARG A 33 8.54 -3.27 20.03
C ARG A 33 9.59 -2.91 19.00
N CYS B 1 13.63 -15.37 22.55
CA CYS B 1 13.15 -15.43 21.17
C CYS B 1 12.58 -14.08 20.73
N GLY B 2 12.83 -13.73 19.48
CA GLY B 2 12.33 -12.48 18.95
C GLY B 2 13.44 -11.54 18.53
N GLY B 3 14.13 -11.89 17.44
CA GLY B 3 15.22 -11.07 16.96
C GLY B 3 14.78 -10.14 15.84
N ASP B 4 13.61 -9.52 16.01
CA ASP B 4 13.08 -8.60 15.01
C ASP B 4 12.83 -9.31 13.68
N ASN B 5 12.78 -10.63 13.72
CA ASN B 5 12.53 -11.43 12.52
C ASN B 5 11.26 -10.95 11.82
N ILE B 6 10.33 -10.44 12.62
CA ILE B 6 9.07 -9.93 12.10
C ILE B 6 9.26 -8.52 11.56
N GLU B 7 9.98 -7.70 12.32
CA GLU B 7 10.25 -6.32 11.93
C GLU B 7 10.91 -6.26 10.56
N GLN B 8 11.60 -7.33 10.20
CA GLN B 8 12.28 -7.41 8.92
C GLN B 8 11.27 -7.74 7.81
N LYS B 9 10.39 -8.69 8.10
CA LYS B 9 9.37 -9.10 7.15
C LYS B 9 8.47 -7.93 6.78
N ILE B 10 8.19 -7.08 7.76
CA ILE B 10 7.33 -5.92 7.52
C ILE B 10 8.03 -4.89 6.64
N ASP B 11 9.31 -4.64 6.93
CA ASP B 11 10.09 -3.68 6.15
C ASP B 11 9.92 -3.96 4.67
N ASP B 12 9.81 -5.24 4.34
CA ASP B 12 9.61 -5.66 2.96
C ASP B 12 8.26 -5.18 2.48
N ILE B 13 7.23 -5.43 3.29
CA ILE B 13 5.88 -5.01 2.96
C ILE B 13 5.82 -3.49 2.82
N ASP B 14 6.43 -2.78 3.76
CA ASP B 14 6.45 -1.33 3.73
C ASP B 14 6.88 -0.81 2.36
N HIS B 15 7.74 -1.57 1.69
CA HIS B 15 8.22 -1.22 0.37
C HIS B 15 7.15 -1.48 -0.68
N GLU B 16 6.30 -2.46 -0.40
CA GLU B 16 5.22 -2.83 -1.31
C GLU B 16 3.99 -1.95 -1.08
N ILE B 17 3.77 -1.58 0.17
CA ILE B 17 2.63 -0.74 0.53
C ILE B 17 2.75 0.64 -0.11
N ALA B 18 3.99 1.11 -0.22
CA ALA B 18 4.26 2.41 -0.82
C ALA B 18 4.23 2.35 -2.33
N ASP B 19 4.69 1.24 -2.89
CA ASP B 19 4.70 1.07 -4.34
C ASP B 19 3.31 1.28 -4.92
N LEU B 20 2.31 0.69 -4.29
CA LEU B 20 0.94 0.82 -4.74
C LEU B 20 0.44 2.25 -4.57
N GLN B 21 0.65 2.80 -3.37
CA GLN B 21 0.23 4.17 -3.07
C GLN B 21 0.74 5.14 -4.12
N ALA B 22 1.93 4.86 -4.64
CA ALA B 22 2.54 5.72 -5.67
C ALA B 22 1.79 5.61 -6.98
N LYS B 23 1.30 4.42 -7.28
CA LYS B 23 0.56 4.18 -8.51
C LYS B 23 -0.76 4.95 -8.52
N ARG B 24 -1.35 5.09 -7.34
CA ARG B 24 -2.62 5.81 -7.21
C ARG B 24 -2.41 7.31 -7.39
N THR B 25 -1.38 7.85 -6.77
CA THR B 25 -1.08 9.27 -6.86
C THR B 25 -0.81 9.68 -8.30
N ARG B 26 0.15 9.01 -8.92
CA ARG B 26 0.51 9.31 -10.30
C ARG B 26 -0.74 9.34 -11.17
N LEU B 27 -1.62 8.37 -10.96
CA LEU B 27 -2.87 8.30 -11.70
C LEU B 27 -3.72 9.53 -11.42
N VAL B 28 -3.71 9.97 -10.16
CA VAL B 28 -4.48 11.14 -9.76
C VAL B 28 -3.96 12.37 -10.49
N GLN B 29 -2.63 12.51 -10.52
CA GLN B 29 -2.00 13.64 -11.20
C GLN B 29 -2.52 13.74 -12.63
N GLN B 30 -2.91 12.60 -13.18
CA GLN B 30 -3.45 12.55 -14.53
C GLN B 30 -4.87 13.09 -14.56
N HIS B 31 -5.60 12.89 -13.46
CA HIS B 31 -6.98 13.37 -13.36
C HIS B 31 -7.27 13.90 -11.96
N PRO B 32 -6.55 14.96 -11.54
CA PRO B 32 -6.73 15.57 -10.22
C PRO B 32 -7.93 16.51 -10.18
N ARG B 33 -8.15 17.23 -11.26
CA ARG B 33 -9.26 18.17 -11.36
C ARG B 33 -9.63 18.43 -12.81
N CYS A 1 -10.34 12.98 -9.73
CA CYS A 1 -11.30 11.98 -10.28
C CYS A 1 -11.17 11.87 -11.80
N GLY A 2 -12.03 11.06 -12.40
CA GLY A 2 -12.00 10.88 -13.84
C GLY A 2 -13.30 10.32 -14.39
N GLY A 3 -13.86 9.34 -13.70
CA GLY A 3 -15.11 8.73 -14.14
C GLY A 3 -15.08 8.36 -15.61
N ASP A 4 -13.97 7.75 -16.04
CA ASP A 4 -13.81 7.35 -17.42
C ASP A 4 -13.30 5.91 -17.53
N ASN A 5 -11.99 5.75 -17.42
CA ASN A 5 -11.35 4.45 -17.49
C ASN A 5 -10.17 4.42 -16.53
N ILE A 6 -9.38 5.48 -16.56
CA ILE A 6 -8.22 5.59 -15.69
C ILE A 6 -8.67 5.63 -14.24
N GLU A 7 -9.64 6.49 -13.97
CA GLU A 7 -10.19 6.64 -12.62
C GLU A 7 -10.62 5.29 -12.06
N GLN A 8 -10.96 4.36 -12.94
CA GLN A 8 -11.37 3.03 -12.52
C GLN A 8 -10.16 2.17 -12.20
N LYS A 9 -9.12 2.32 -13.01
CA LYS A 9 -7.89 1.57 -12.81
C LYS A 9 -7.27 1.89 -11.46
N ILE A 10 -7.40 3.15 -11.03
CA ILE A 10 -6.85 3.57 -9.76
C ILE A 10 -7.63 2.97 -8.59
N ASP A 11 -8.96 3.00 -8.69
CA ASP A 11 -9.81 2.46 -7.65
C ASP A 11 -9.35 1.05 -7.29
N ASP A 12 -8.86 0.33 -8.30
CA ASP A 12 -8.35 -1.01 -8.10
C ASP A 12 -7.09 -0.97 -7.26
N ILE A 13 -6.21 -0.03 -7.61
CA ILE A 13 -4.96 0.14 -6.89
C ILE A 13 -5.24 0.53 -5.44
N ASP A 14 -6.08 1.52 -5.24
CA ASP A 14 -6.43 1.98 -3.90
C ASP A 14 -6.80 0.80 -3.00
N HIS A 15 -7.37 -0.24 -3.60
CA HIS A 15 -7.76 -1.43 -2.84
C HIS A 15 -6.52 -2.26 -2.52
N GLU A 16 -5.52 -2.16 -3.37
CA GLU A 16 -4.28 -2.90 -3.18
C GLU A 16 -3.33 -2.14 -2.27
N ILE A 17 -3.32 -0.83 -2.38
CA ILE A 17 -2.46 0.02 -1.56
C ILE A 17 -2.80 -0.16 -0.08
N ALA A 18 -4.08 -0.37 0.19
CA ALA A 18 -4.56 -0.54 1.55
C ALA A 18 -4.31 -1.97 2.05
N ASP A 19 -4.46 -2.93 1.14
CA ASP A 19 -4.25 -4.34 1.48
C ASP A 19 -2.88 -4.54 2.11
N LEU A 20 -1.86 -3.95 1.50
CA LEU A 20 -0.49 -4.06 1.99
C LEU A 20 -0.34 -3.37 3.33
N GLN A 21 -0.78 -2.11 3.40
CA GLN A 21 -0.69 -1.33 4.62
C GLN A 21 -1.27 -2.11 5.81
N ALA A 22 -2.26 -2.95 5.54
CA ALA A 22 -2.89 -3.75 6.57
C ALA A 22 -1.98 -4.89 7.00
N LYS A 23 -1.21 -5.42 6.06
CA LYS A 23 -0.28 -6.51 6.33
C LYS A 23 0.86 -6.05 7.22
N ARG A 24 1.30 -4.81 7.00
CA ARG A 24 2.39 -4.24 7.79
C ARG A 24 1.97 -4.00 9.23
N THR A 25 0.76 -3.47 9.41
CA THR A 25 0.24 -3.18 10.74
C THR A 25 0.07 -4.47 11.55
N ARG A 26 -0.68 -5.42 10.99
CA ARG A 26 -0.93 -6.70 11.65
C ARG A 26 0.38 -7.28 12.17
N LEU A 27 1.40 -7.23 11.32
CA LEU A 27 2.71 -7.75 11.71
C LEU A 27 3.26 -6.97 12.89
N VAL A 28 3.02 -5.67 12.90
CA VAL A 28 3.47 -4.81 13.98
C VAL A 28 2.81 -5.23 15.29
N GLN A 29 1.50 -5.50 15.22
CA GLN A 29 0.75 -5.93 16.39
C GLN A 29 1.45 -7.12 17.03
N GLN A 30 2.11 -7.92 16.20
CA GLN A 30 2.83 -9.08 16.68
C GLN A 30 4.09 -8.66 17.42
N HIS A 31 4.68 -7.54 16.99
CA HIS A 31 5.89 -7.02 17.63
C HIS A 31 5.81 -5.50 17.80
N PRO A 32 4.93 -5.03 18.69
CA PRO A 32 4.76 -3.59 18.96
C PRO A 32 6.04 -2.94 19.46
N ARG A 33 6.90 -3.73 20.09
CA ARG A 33 8.17 -3.23 20.62
C ARG A 33 9.25 -4.30 20.55
N CYS B 1 13.75 -16.94 20.50
CA CYS B 1 12.42 -16.73 19.94
C CYS B 1 12.05 -15.25 19.94
N GLY B 2 11.39 -14.81 18.87
CA GLY B 2 10.99 -13.42 18.77
C GLY B 2 12.05 -12.56 18.10
N GLY B 3 12.35 -11.41 18.69
CA GLY B 3 13.35 -10.52 18.14
C GLY B 3 12.75 -9.51 17.17
N ASP B 4 13.44 -9.29 16.06
CA ASP B 4 12.98 -8.35 15.05
C ASP B 4 12.71 -9.04 13.72
N ASN B 5 12.64 -10.37 13.75
CA ASN B 5 12.38 -11.15 12.54
C ASN B 5 11.13 -10.63 11.84
N ILE B 6 10.21 -10.10 12.63
CA ILE B 6 8.98 -9.53 12.12
C ILE B 6 9.21 -8.14 11.56
N GLU B 7 9.96 -7.34 12.33
CA GLU B 7 10.29 -5.98 11.92
C GLU B 7 10.95 -5.96 10.55
N GLN B 8 11.61 -7.06 10.21
CA GLN B 8 12.28 -7.17 8.92
C GLN B 8 11.27 -7.52 7.83
N LYS B 9 10.37 -8.45 8.16
CA LYS B 9 9.33 -8.87 7.23
C LYS B 9 8.45 -7.69 6.83
N ILE B 10 8.19 -6.80 7.79
CA ILE B 10 7.36 -5.64 7.52
C ILE B 10 8.08 -4.64 6.62
N ASP B 11 9.36 -4.40 6.91
CA ASP B 11 10.14 -3.47 6.11
C ASP B 11 9.96 -3.78 4.62
N ASP B 12 9.81 -5.06 4.33
CA ASP B 12 9.61 -5.51 2.96
C ASP B 12 8.25 -5.03 2.47
N ILE B 13 7.23 -5.25 3.31
CA ILE B 13 5.87 -4.83 2.98
C ILE B 13 5.82 -3.32 2.79
N ASP B 14 6.39 -2.58 3.74
CA ASP B 14 6.42 -1.13 3.68
C ASP B 14 6.88 -0.65 2.31
N HIS B 15 7.75 -1.42 1.68
CA HIS B 15 8.26 -1.07 0.36
C HIS B 15 7.21 -1.36 -0.70
N GLU B 16 6.36 -2.34 -0.42
CA GLU B 16 5.30 -2.71 -1.35
C GLU B 16 4.08 -1.82 -1.18
N ILE B 17 3.83 -1.42 0.06
CA ILE B 17 2.69 -0.55 0.38
C ILE B 17 2.84 0.80 -0.32
N ALA B 18 4.08 1.26 -0.41
CA ALA B 18 4.37 2.54 -1.05
C ALA B 18 4.37 2.41 -2.57
N ASP B 19 4.81 1.26 -3.07
CA ASP B 19 4.86 1.01 -4.50
C ASP B 19 3.48 1.23 -5.14
N LEU B 20 2.44 0.71 -4.48
CA LEU B 20 1.08 0.85 -4.97
C LEU B 20 0.62 2.29 -4.90
N GLN B 21 0.79 2.91 -3.71
CA GLN B 21 0.38 4.29 -3.51
C GLN B 21 0.95 5.20 -4.60
N ALA B 22 2.12 4.84 -5.11
CA ALA B 22 2.76 5.62 -6.16
C ALA B 22 1.97 5.54 -7.46
N LYS B 23 1.64 4.33 -7.86
CA LYS B 23 0.89 4.10 -9.09
C LYS B 23 -0.49 4.78 -9.02
N ARG B 24 -1.05 4.82 -7.82
CA ARG B 24 -2.36 5.44 -7.61
C ARG B 24 -2.32 6.94 -7.89
N THR B 25 -1.27 7.60 -7.39
CA THR B 25 -1.12 9.05 -7.59
C THR B 25 -0.78 9.38 -9.04
N ARG B 26 0.33 8.84 -9.53
CA ARG B 26 0.76 9.09 -10.90
C ARG B 26 -0.40 8.91 -11.86
N LEU B 27 -1.29 7.97 -11.54
CA LEU B 27 -2.45 7.72 -12.37
C LEU B 27 -3.42 8.89 -12.27
N VAL B 28 -3.58 9.40 -11.05
CA VAL B 28 -4.47 10.53 -10.81
C VAL B 28 -4.00 11.74 -11.60
N GLN B 29 -2.71 12.06 -11.47
CA GLN B 29 -2.13 13.18 -12.19
C GLN B 29 -2.44 13.06 -13.68
N GLN B 30 -2.56 11.83 -14.14
CA GLN B 30 -2.88 11.56 -15.54
C GLN B 30 -4.32 11.99 -15.85
N HIS B 31 -5.18 11.90 -14.84
CA HIS B 31 -6.58 12.28 -15.01
C HIS B 31 -7.11 13.04 -13.80
N PRO B 32 -6.65 14.30 -13.62
CA PRO B 32 -7.07 15.14 -12.49
C PRO B 32 -8.47 15.72 -12.70
N ARG B 33 -8.83 16.68 -11.86
CA ARG B 33 -10.13 17.33 -11.94
C ARG B 33 -11.25 16.32 -11.75
N CYS A 1 -13.54 14.79 -15.22
CA CYS A 1 -13.51 14.03 -13.94
C CYS A 1 -13.30 12.53 -14.21
N GLY A 2 -13.09 11.78 -13.14
CA GLY A 2 -12.88 10.35 -13.27
C GLY A 2 -14.09 9.63 -13.83
N GLY A 3 -14.50 8.56 -13.16
CA GLY A 3 -15.67 7.80 -13.60
C GLY A 3 -15.61 7.49 -15.09
N ASP A 4 -14.41 7.25 -15.59
CA ASP A 4 -14.21 6.95 -17.01
C ASP A 4 -13.53 5.60 -17.19
N ASN A 5 -12.21 5.60 -17.11
CA ASN A 5 -11.41 4.39 -17.26
C ASN A 5 -10.19 4.47 -16.35
N ILE A 6 -9.53 5.62 -16.36
CA ILE A 6 -8.37 5.84 -15.52
C ILE A 6 -8.77 5.80 -14.06
N GLU A 7 -9.80 6.57 -13.74
CA GLU A 7 -10.32 6.63 -12.37
C GLU A 7 -10.61 5.23 -11.82
N GLN A 8 -11.03 4.34 -12.71
CA GLN A 8 -11.34 2.96 -12.31
C GLN A 8 -10.05 2.17 -12.09
N LYS A 9 -9.05 2.47 -12.92
CA LYS A 9 -7.77 1.79 -12.82
C LYS A 9 -7.12 2.04 -11.46
N ILE A 10 -7.23 3.27 -10.99
CA ILE A 10 -6.65 3.63 -9.69
C ILE A 10 -7.43 2.99 -8.55
N ASP A 11 -8.76 3.01 -8.64
CA ASP A 11 -9.60 2.42 -7.60
C ASP A 11 -9.11 1.02 -7.29
N ASP A 12 -8.62 0.33 -8.31
CA ASP A 12 -8.09 -1.01 -8.14
C ASP A 12 -6.82 -0.97 -7.31
N ILE A 13 -5.94 -0.05 -7.68
CA ILE A 13 -4.69 0.13 -6.95
C ILE A 13 -4.96 0.49 -5.50
N ASP A 14 -5.86 1.45 -5.28
CA ASP A 14 -6.22 1.88 -3.93
C ASP A 14 -6.53 0.68 -3.05
N HIS A 15 -7.09 -0.36 -3.65
CA HIS A 15 -7.43 -1.58 -2.92
C HIS A 15 -6.17 -2.37 -2.59
N GLU A 16 -5.17 -2.23 -3.44
CA GLU A 16 -3.91 -2.94 -3.26
C GLU A 16 -2.97 -2.17 -2.33
N ILE A 17 -3.01 -0.84 -2.43
CA ILE A 17 -2.19 0.02 -1.60
C ILE A 17 -2.53 -0.14 -0.13
N ALA A 18 -3.81 -0.41 0.14
CA ALA A 18 -4.29 -0.59 1.50
C ALA A 18 -4.00 -1.99 2.01
N ASP A 19 -4.14 -2.98 1.14
CA ASP A 19 -3.89 -4.37 1.50
C ASP A 19 -2.50 -4.53 2.13
N LEU A 20 -1.51 -3.89 1.52
CA LEU A 20 -0.14 -3.95 2.01
C LEU A 20 -0.01 -3.21 3.33
N GLN A 21 -0.48 -1.96 3.37
CA GLN A 21 -0.40 -1.15 4.57
C GLN A 21 -0.97 -1.89 5.78
N ALA A 22 -2.03 -2.66 5.54
CA ALA A 22 -2.67 -3.43 6.60
C ALA A 22 -1.77 -4.57 7.06
N LYS A 23 -0.98 -5.11 6.13
CA LYS A 23 -0.07 -6.21 6.44
C LYS A 23 1.04 -5.76 7.38
N ARG A 24 1.49 -4.51 7.20
CA ARG A 24 2.56 -3.96 8.03
C ARG A 24 2.08 -3.75 9.47
N THR A 25 0.90 -3.15 9.61
CA THR A 25 0.33 -2.88 10.93
C THR A 25 0.07 -4.18 11.70
N ARG A 26 -0.72 -5.07 11.09
CA ARG A 26 -1.04 -6.34 11.73
C ARG A 26 0.22 -7.02 12.22
N LEU A 27 1.25 -7.01 11.39
CA LEU A 27 2.52 -7.60 11.75
C LEU A 27 3.11 -6.91 12.97
N VAL A 28 2.94 -5.58 13.02
CA VAL A 28 3.44 -4.80 14.15
C VAL A 28 2.80 -5.27 15.44
N GLN A 29 1.48 -5.45 15.41
CA GLN A 29 0.75 -5.92 16.57
C GLN A 29 1.40 -7.18 17.11
N GLN A 30 1.97 -7.96 16.19
CA GLN A 30 2.65 -9.20 16.56
C GLN A 30 3.94 -8.90 17.30
N HIS A 31 4.57 -7.77 16.97
CA HIS A 31 5.82 -7.38 17.62
C HIS A 31 5.80 -5.90 17.97
N PRO A 32 5.01 -5.49 18.97
CA PRO A 32 4.92 -4.09 19.38
C PRO A 32 6.13 -3.64 20.18
N ARG A 33 6.36 -2.32 20.22
CA ARG A 33 7.49 -1.75 20.95
C ARG A 33 8.77 -2.58 20.76
N CYS B 1 11.91 -18.30 20.93
CA CYS B 1 12.25 -17.45 19.80
C CYS B 1 11.19 -16.38 19.58
N GLY B 2 11.48 -15.45 18.67
CA GLY B 2 10.53 -14.39 18.38
C GLY B 2 11.11 -13.01 18.65
N GLY B 3 12.04 -12.59 17.80
CA GLY B 3 12.66 -11.29 17.97
C GLY B 3 12.12 -10.26 16.99
N ASP B 4 13.02 -9.63 16.25
CA ASP B 4 12.62 -8.62 15.26
C ASP B 4 12.42 -9.24 13.87
N ASN B 5 12.35 -10.56 13.83
CA ASN B 5 12.15 -11.27 12.56
C ASN B 5 10.94 -10.70 11.83
N ILE B 6 10.00 -10.20 12.61
CA ILE B 6 8.78 -9.61 12.07
C ILE B 6 9.06 -8.18 11.58
N GLU B 7 9.78 -7.43 12.41
CA GLU B 7 10.13 -6.06 12.09
C GLU B 7 10.87 -5.98 10.75
N GLN B 8 11.54 -7.07 10.39
CA GLN B 8 12.26 -7.13 9.13
C GLN B 8 11.30 -7.46 7.98
N LYS B 9 10.39 -8.38 8.24
CA LYS B 9 9.40 -8.78 7.25
C LYS B 9 8.52 -7.60 6.86
N ILE B 10 8.24 -6.72 7.82
CA ILE B 10 7.40 -5.56 7.56
C ILE B 10 8.14 -4.54 6.71
N ASP B 11 9.41 -4.29 7.03
CA ASP B 11 10.22 -3.34 6.27
C ASP B 11 10.10 -3.65 4.78
N ASP B 12 10.00 -4.93 4.48
CA ASP B 12 9.85 -5.38 3.10
C ASP B 12 8.52 -4.89 2.56
N ILE B 13 7.48 -5.08 3.37
CA ILE B 13 6.14 -4.65 2.99
C ILE B 13 6.11 -3.14 2.79
N ASP B 14 6.70 -2.41 3.74
CA ASP B 14 6.75 -0.95 3.66
C ASP B 14 7.21 -0.50 2.27
N HIS B 15 8.08 -1.29 1.65
CA HIS B 15 8.58 -0.97 0.32
C HIS B 15 7.53 -1.26 -0.74
N GLU B 16 6.67 -2.24 -0.45
CA GLU B 16 5.61 -2.63 -1.37
C GLU B 16 4.39 -1.74 -1.20
N ILE B 17 4.15 -1.30 0.03
CA ILE B 17 3.02 -0.44 0.33
C ILE B 17 3.16 0.91 -0.36
N ALA B 18 4.40 1.37 -0.46
CA ALA B 18 4.71 2.65 -1.09
C ALA B 18 4.67 2.54 -2.61
N ASP B 19 5.12 1.40 -3.13
CA ASP B 19 5.13 1.17 -4.57
C ASP B 19 3.74 1.38 -5.17
N LEU B 20 2.75 0.77 -4.54
CA LEU B 20 1.37 0.89 -5.01
C LEU B 20 0.89 2.34 -4.93
N GLN B 21 1.06 2.95 -3.76
CA GLN B 21 0.64 4.33 -3.56
C GLN B 21 1.16 5.23 -4.69
N ALA B 22 2.31 4.87 -5.24
CA ALA B 22 2.89 5.64 -6.34
C ALA B 22 2.13 5.41 -7.63
N LYS B 23 1.60 4.20 -7.80
CA LYS B 23 0.84 3.86 -8.99
C LYS B 23 -0.46 4.64 -9.06
N ARG B 24 -1.04 4.94 -7.90
CA ARG B 24 -2.29 5.69 -7.85
C ARG B 24 -2.07 7.15 -8.17
N THR B 25 -1.04 7.75 -7.56
CA THR B 25 -0.73 9.16 -7.77
C THR B 25 -0.45 9.44 -9.24
N ARG B 26 0.46 8.66 -9.82
CA ARG B 26 0.82 8.84 -11.23
C ARG B 26 -0.43 8.86 -12.11
N LEU B 27 -1.32 7.91 -11.86
CA LEU B 27 -2.56 7.82 -12.62
C LEU B 27 -3.41 9.07 -12.38
N VAL B 28 -3.35 9.59 -11.15
CA VAL B 28 -4.12 10.78 -10.82
C VAL B 28 -3.65 11.96 -11.65
N GLN B 29 -2.33 12.12 -11.73
CA GLN B 29 -1.74 13.20 -12.51
C GLN B 29 -2.30 13.18 -13.92
N GLN B 30 -2.63 11.98 -14.40
CA GLN B 30 -3.20 11.82 -15.73
C GLN B 30 -4.63 12.33 -15.76
N HIS B 31 -5.32 12.24 -14.62
CA HIS B 31 -6.70 12.71 -14.53
C HIS B 31 -6.99 13.30 -13.15
N PRO B 32 -6.36 14.43 -12.82
CA PRO B 32 -6.56 15.10 -11.53
C PRO B 32 -7.90 15.81 -11.44
N ARG B 33 -8.98 15.05 -11.56
CA ARG B 33 -10.32 15.61 -11.49
C ARG B 33 -11.36 14.53 -11.20
N CYS A 1 -13.91 15.57 -12.31
CA CYS A 1 -13.16 14.35 -11.92
C CYS A 1 -12.92 13.44 -13.11
N GLY A 2 -12.50 12.21 -12.85
CA GLY A 2 -12.25 11.26 -13.91
C GLY A 2 -13.50 10.52 -14.35
N GLY A 3 -13.90 9.51 -13.57
CA GLY A 3 -15.09 8.74 -13.90
C GLY A 3 -15.10 8.29 -15.35
N ASP A 4 -14.05 7.59 -15.76
CA ASP A 4 -13.93 7.12 -17.13
C ASP A 4 -13.34 5.71 -17.18
N ASN A 5 -12.02 5.64 -17.13
CA ASN A 5 -11.30 4.38 -17.16
C ASN A 5 -10.09 4.46 -16.25
N ILE A 6 -9.39 5.59 -16.32
CA ILE A 6 -8.22 5.83 -15.49
C ILE A 6 -8.64 5.90 -14.04
N GLU A 7 -9.64 6.73 -13.77
CA GLU A 7 -10.17 6.91 -12.42
C GLU A 7 -10.51 5.56 -11.79
N GLN A 8 -11.00 4.64 -12.60
CA GLN A 8 -11.36 3.31 -12.11
C GLN A 8 -10.12 2.46 -11.89
N LYS A 9 -9.09 2.70 -12.71
CA LYS A 9 -7.85 1.96 -12.60
C LYS A 9 -7.21 2.17 -11.23
N ILE A 10 -7.26 3.41 -10.75
CA ILE A 10 -6.68 3.73 -9.45
C ILE A 10 -7.48 3.10 -8.31
N ASP A 11 -8.81 3.19 -8.41
CA ASP A 11 -9.68 2.62 -7.38
C ASP A 11 -9.25 1.18 -7.07
N ASP A 12 -8.79 0.50 -8.12
CA ASP A 12 -8.32 -0.87 -7.96
C ASP A 12 -7.05 -0.89 -7.14
N ILE A 13 -6.14 0.02 -7.48
CA ILE A 13 -4.88 0.13 -6.76
C ILE A 13 -5.13 0.47 -5.30
N ASP A 14 -5.97 1.47 -5.06
CA ASP A 14 -6.31 1.89 -3.70
C ASP A 14 -6.67 0.68 -2.84
N HIS A 15 -7.27 -0.33 -3.46
CA HIS A 15 -7.66 -1.54 -2.75
C HIS A 15 -6.44 -2.40 -2.46
N GLU A 16 -5.43 -2.29 -3.32
CA GLU A 16 -4.21 -3.06 -3.17
C GLU A 16 -3.24 -2.36 -2.23
N ILE A 17 -3.22 -1.03 -2.29
CA ILE A 17 -2.34 -0.22 -1.45
C ILE A 17 -2.68 -0.41 0.02
N ALA A 18 -3.97 -0.61 0.30
CA ALA A 18 -4.45 -0.81 1.66
C ALA A 18 -4.22 -2.24 2.13
N ASP A 19 -4.39 -3.18 1.20
CA ASP A 19 -4.20 -4.59 1.52
C ASP A 19 -2.83 -4.84 2.15
N LEU A 20 -1.80 -4.24 1.54
CA LEU A 20 -0.45 -4.38 2.04
C LEU A 20 -0.28 -3.71 3.40
N GLN A 21 -0.71 -2.45 3.48
CA GLN A 21 -0.61 -1.69 4.72
C GLN A 21 -1.18 -2.48 5.89
N ALA A 22 -2.22 -3.26 5.62
CA ALA A 22 -2.85 -4.08 6.66
C ALA A 22 -1.97 -5.25 7.04
N LYS A 23 -1.20 -5.74 6.07
CA LYS A 23 -0.30 -6.87 6.29
C LYS A 23 0.84 -6.48 7.21
N ARG A 24 1.25 -5.22 7.15
CA ARG A 24 2.34 -4.73 7.99
C ARG A 24 1.90 -4.60 9.45
N THR A 25 0.69 -4.09 9.65
CA THR A 25 0.16 -3.90 10.99
C THR A 25 -0.05 -5.23 11.70
N ARG A 26 -0.84 -6.11 11.09
CA ARG A 26 -1.11 -7.42 11.67
C ARG A 26 0.17 -8.10 12.11
N LEU A 27 1.21 -7.96 11.29
CA LEU A 27 2.50 -8.54 11.62
C LEU A 27 3.05 -7.89 12.87
N VAL A 28 2.87 -6.57 12.97
CA VAL A 28 3.33 -5.82 14.13
C VAL A 28 2.63 -6.31 15.38
N GLN A 29 1.33 -6.53 15.28
CA GLN A 29 0.54 -7.03 16.40
C GLN A 29 1.18 -8.30 16.96
N GLN A 30 1.85 -9.03 16.08
CA GLN A 30 2.54 -10.26 16.48
C GLN A 30 3.83 -9.94 17.23
N HIS A 31 4.43 -8.80 16.88
CA HIS A 31 5.69 -8.38 17.53
C HIS A 31 5.68 -6.88 17.80
N PRO A 32 4.71 -6.41 18.61
CA PRO A 32 4.60 -4.98 18.94
C PRO A 32 5.53 -4.58 20.07
N ARG A 33 5.75 -5.49 21.01
CA ARG A 33 6.63 -5.23 22.15
C ARG A 33 7.61 -6.39 22.36
N CYS B 1 9.86 -4.54 20.84
CA CYS B 1 10.62 -4.37 19.61
C CYS B 1 10.70 -5.68 18.83
N GLY B 2 11.05 -5.57 17.55
CA GLY B 2 11.15 -6.75 16.71
C GLY B 2 12.59 -7.20 16.50
N GLY B 3 13.21 -6.71 15.43
CA GLY B 3 14.59 -7.08 15.14
C GLY B 3 14.82 -8.57 15.25
N ASP B 4 13.84 -9.35 14.83
CA ASP B 4 13.91 -10.80 14.90
C ASP B 4 13.72 -11.42 13.52
N ASN B 5 12.46 -11.61 13.14
CA ASN B 5 12.11 -12.19 11.86
C ASN B 5 10.88 -11.49 11.31
N ILE B 6 9.89 -11.29 12.16
CA ILE B 6 8.67 -10.61 11.78
C ILE B 6 8.99 -9.18 11.36
N GLU B 7 9.77 -8.51 12.20
CA GLU B 7 10.17 -7.13 11.94
C GLU B 7 10.80 -6.99 10.56
N GLN B 8 11.49 -8.04 10.13
CA GLN B 8 12.14 -8.04 8.82
C GLN B 8 11.12 -8.32 7.73
N LYS B 9 10.19 -9.22 8.04
CA LYS B 9 9.15 -9.59 7.09
C LYS B 9 8.28 -8.38 6.75
N ILE B 10 8.02 -7.53 7.73
CA ILE B 10 7.22 -6.35 7.52
C ILE B 10 7.96 -5.31 6.68
N ASP B 11 9.24 -5.12 6.99
CA ASP B 11 10.06 -4.16 6.25
C ASP B 11 9.91 -4.41 4.77
N ASP B 12 9.76 -5.67 4.40
CA ASP B 12 9.59 -6.06 3.01
C ASP B 12 8.24 -5.54 2.53
N ILE B 13 7.22 -5.74 3.34
CA ILE B 13 5.88 -5.27 3.01
C ILE B 13 5.88 -3.76 2.85
N ASP B 14 6.49 -3.06 3.81
CA ASP B 14 6.56 -1.60 3.78
C ASP B 14 7.03 -1.12 2.41
N HIS B 15 7.87 -1.91 1.76
CA HIS B 15 8.39 -1.57 0.44
C HIS B 15 7.32 -1.80 -0.62
N GLU B 16 6.44 -2.76 -0.36
CA GLU B 16 5.37 -3.09 -1.30
C GLU B 16 4.17 -2.17 -1.09
N ILE B 17 3.93 -1.79 0.15
CA ILE B 17 2.82 -0.91 0.49
C ILE B 17 3.00 0.46 -0.16
N ALA B 18 4.25 0.90 -0.24
CA ALA B 18 4.57 2.19 -0.82
C ALA B 18 4.56 2.12 -2.34
N ASP B 19 4.99 0.99 -2.89
CA ASP B 19 5.02 0.80 -4.34
C ASP B 19 3.65 1.06 -4.94
N LEU B 20 2.62 0.47 -4.34
CA LEU B 20 1.26 0.64 -4.83
C LEU B 20 0.82 2.08 -4.71
N GLN B 21 1.00 2.67 -3.52
CA GLN B 21 0.62 4.06 -3.28
C GLN B 21 1.16 4.96 -4.38
N ALA B 22 2.31 4.60 -4.94
CA ALA B 22 2.93 5.38 -6.00
C ALA B 22 2.17 5.20 -7.31
N LYS B 23 1.61 4.01 -7.51
CA LYS B 23 0.86 3.71 -8.72
C LYS B 23 -0.42 4.53 -8.78
N ARG B 24 -1.00 4.82 -7.62
CA ARG B 24 -2.23 5.59 -7.55
C ARG B 24 -1.97 7.06 -7.87
N THR B 25 -0.93 7.63 -7.26
CA THR B 25 -0.59 9.03 -7.47
C THR B 25 -0.29 9.30 -8.95
N ARG B 26 0.61 8.50 -9.52
CA ARG B 26 0.99 8.66 -10.91
C ARG B 26 -0.24 8.68 -11.80
N LEU B 27 -1.17 7.76 -11.55
CA LEU B 27 -2.40 7.69 -12.31
C LEU B 27 -3.22 8.96 -12.11
N VAL B 28 -3.15 9.51 -10.91
CA VAL B 28 -3.89 10.73 -10.61
C VAL B 28 -3.36 11.89 -11.45
N GLN B 29 -2.02 12.01 -11.49
CA GLN B 29 -1.38 13.06 -12.27
C GLN B 29 -1.90 13.03 -13.70
N GLN B 30 -2.27 11.84 -14.16
CA GLN B 30 -2.81 11.68 -15.50
C GLN B 30 -4.22 12.22 -15.59
N HIS B 31 -4.94 12.15 -14.47
CA HIS B 31 -6.32 12.65 -14.42
C HIS B 31 -6.63 13.27 -13.05
N PRO B 32 -5.95 14.37 -12.70
CA PRO B 32 -6.15 15.05 -11.42
C PRO B 32 -7.48 15.81 -11.38
N ARG B 33 -7.92 16.26 -12.55
CA ARG B 33 -9.17 17.02 -12.64
C ARG B 33 -10.36 16.07 -12.80
N CYS A 1 -7.66 5.16 -22.16
CA CYS A 1 -7.63 6.35 -21.26
C CYS A 1 -8.67 7.39 -21.69
N GLY A 2 -9.79 7.43 -20.98
CA GLY A 2 -10.83 8.38 -21.30
C GLY A 2 -11.87 8.51 -20.19
N GLY A 3 -12.21 9.74 -19.84
CA GLY A 3 -13.18 9.97 -18.78
C GLY A 3 -12.66 9.59 -17.42
N ASP A 4 -13.46 8.83 -16.68
CA ASP A 4 -13.07 8.38 -15.35
C ASP A 4 -12.41 7.02 -15.38
N ASN A 5 -12.02 6.58 -16.58
CA ASN A 5 -11.36 5.29 -16.74
C ASN A 5 -10.16 5.20 -15.80
N ILE A 6 -9.59 6.35 -15.49
CA ILE A 6 -8.45 6.43 -14.59
C ILE A 6 -8.90 6.31 -13.15
N GLU A 7 -9.96 7.05 -12.82
CA GLU A 7 -10.53 7.04 -11.48
C GLU A 7 -10.93 5.63 -11.06
N GLN A 8 -11.32 4.83 -12.04
CA GLN A 8 -11.73 3.45 -11.77
C GLN A 8 -10.51 2.58 -11.52
N LYS A 9 -9.46 2.81 -12.32
CA LYS A 9 -8.22 2.05 -12.20
C LYS A 9 -7.60 2.26 -10.82
N ILE A 10 -7.67 3.49 -10.32
CA ILE A 10 -7.12 3.80 -9.01
C ILE A 10 -7.93 3.16 -7.90
N ASP A 11 -9.25 3.23 -8.01
CA ASP A 11 -10.13 2.64 -7.00
C ASP A 11 -9.69 1.22 -6.70
N ASP A 12 -9.21 0.54 -7.73
CA ASP A 12 -8.73 -0.82 -7.59
C ASP A 12 -7.46 -0.82 -6.75
N ILE A 13 -6.57 0.12 -7.06
CA ILE A 13 -5.33 0.28 -6.33
C ILE A 13 -5.61 0.57 -4.86
N ASP A 14 -6.50 1.53 -4.62
CA ASP A 14 -6.87 1.92 -3.26
C ASP A 14 -7.18 0.70 -2.41
N HIS A 15 -7.74 -0.33 -3.03
CA HIS A 15 -8.07 -1.55 -2.32
C HIS A 15 -6.82 -2.37 -2.04
N GLU A 16 -5.82 -2.21 -2.90
CA GLU A 16 -4.56 -2.92 -2.75
C GLU A 16 -3.61 -2.17 -1.83
N ILE A 17 -3.66 -0.84 -1.88
CA ILE A 17 -2.81 0.00 -1.05
C ILE A 17 -3.14 -0.21 0.43
N ALA A 18 -4.41 -0.49 0.71
CA ALA A 18 -4.86 -0.70 2.07
C ALA A 18 -4.53 -2.12 2.55
N ASP A 19 -4.69 -3.09 1.67
CA ASP A 19 -4.42 -4.48 2.00
C ASP A 19 -3.01 -4.64 2.57
N LEU A 20 -2.05 -3.97 1.95
CA LEU A 20 -0.66 -4.04 2.40
C LEU A 20 -0.48 -3.32 3.73
N GLN A 21 -0.93 -2.07 3.79
CA GLN A 21 -0.83 -1.27 5.00
C GLN A 21 -1.39 -2.01 6.22
N ALA A 22 -2.42 -2.81 5.98
CA ALA A 22 -3.05 -3.58 7.05
C ALA A 22 -2.16 -4.73 7.49
N LYS A 23 -1.40 -5.29 6.55
CA LYS A 23 -0.51 -6.40 6.85
C LYS A 23 0.68 -5.95 7.69
N ARG A 24 1.11 -4.72 7.48
CA ARG A 24 2.24 -4.17 8.22
C ARG A 24 1.87 -3.92 9.69
N THR A 25 0.73 -3.29 9.91
CA THR A 25 0.27 -2.99 11.26
C THR A 25 0.10 -4.26 12.08
N ARG A 26 -0.69 -5.19 11.55
CA ARG A 26 -0.93 -6.46 12.23
C ARG A 26 0.38 -7.10 12.65
N LEU A 27 1.34 -7.08 11.75
CA LEU A 27 2.66 -7.63 12.04
C LEU A 27 3.32 -6.87 13.19
N VAL A 28 3.10 -5.56 13.21
CA VAL A 28 3.66 -4.73 14.27
C VAL A 28 3.04 -5.09 15.61
N GLN A 29 1.72 -5.25 15.62
CA GLN A 29 1.00 -5.62 16.83
C GLN A 29 1.65 -6.84 17.47
N GLN A 30 2.25 -7.69 16.63
CA GLN A 30 2.93 -8.88 17.11
C GLN A 30 4.26 -8.51 17.74
N HIS A 31 4.91 -7.47 17.22
CA HIS A 31 6.19 -7.03 17.76
C HIS A 31 6.24 -5.50 17.87
N PRO A 32 5.38 -4.92 18.70
CA PRO A 32 5.32 -3.46 18.89
C PRO A 32 6.54 -2.93 19.67
N ARG A 33 6.63 -1.62 19.78
CA ARG A 33 7.73 -0.98 20.49
C ARG A 33 9.07 -1.35 19.85
N CYS B 1 15.76 -17.62 17.69
CA CYS B 1 16.18 -17.03 16.42
C CYS B 1 15.00 -16.35 15.73
N GLY B 2 14.12 -15.74 16.52
CA GLY B 2 12.96 -15.06 15.95
C GLY B 2 12.66 -13.76 16.66
N GLY B 3 13.65 -12.87 16.73
CA GLY B 3 13.46 -11.59 17.39
C GLY B 3 12.82 -10.57 16.47
N ASP B 4 13.63 -9.99 15.58
CA ASP B 4 13.14 -8.99 14.64
C ASP B 4 12.73 -9.63 13.32
N ASN B 5 12.58 -10.95 13.31
CA ASN B 5 12.17 -11.67 12.11
C ASN B 5 10.90 -11.06 11.53
N ILE B 6 10.09 -10.49 12.42
CA ILE B 6 8.85 -9.85 12.03
C ILE B 6 9.12 -8.45 11.47
N GLU B 7 9.97 -7.72 12.18
CA GLU B 7 10.34 -6.37 11.78
C GLU B 7 10.91 -6.36 10.36
N GLN B 8 11.53 -7.47 9.98
CA GLN B 8 12.11 -7.59 8.65
C GLN B 8 11.02 -7.90 7.64
N LYS B 9 10.08 -8.74 8.04
CA LYS B 9 8.96 -9.11 7.17
C LYS B 9 8.11 -7.90 6.83
N ILE B 10 7.93 -7.02 7.81
CA ILE B 10 7.14 -5.82 7.61
C ILE B 10 7.86 -4.82 6.71
N ASP B 11 9.16 -4.65 6.93
CA ASP B 11 9.95 -3.73 6.13
C ASP B 11 9.73 -4.02 4.64
N ASP B 12 9.53 -5.30 4.33
CA ASP B 12 9.28 -5.71 2.97
C ASP B 12 7.93 -5.19 2.51
N ILE B 13 6.94 -5.36 3.38
CA ILE B 13 5.60 -4.88 3.10
C ILE B 13 5.60 -3.37 2.91
N ASP B 14 6.27 -2.66 3.82
CA ASP B 14 6.35 -1.21 3.76
C ASP B 14 6.75 -0.75 2.36
N HIS B 15 7.58 -1.54 1.70
CA HIS B 15 8.04 -1.22 0.36
C HIS B 15 6.92 -1.47 -0.65
N GLU B 16 6.04 -2.41 -0.33
CA GLU B 16 4.94 -2.75 -1.21
C GLU B 16 3.75 -1.83 -0.96
N ILE B 17 3.57 -1.42 0.28
CA ILE B 17 2.47 -0.53 0.66
C ILE B 17 2.62 0.83 -0.02
N ALA B 18 3.86 1.25 -0.20
CA ALA B 18 4.16 2.52 -0.84
C ALA B 18 4.04 2.43 -2.36
N ASP B 19 4.50 1.31 -2.91
CA ASP B 19 4.45 1.09 -4.35
C ASP B 19 3.04 1.28 -4.90
N LEU B 20 2.04 0.82 -4.13
CA LEU B 20 0.66 0.95 -4.55
C LEU B 20 0.17 2.39 -4.42
N GLN B 21 0.31 2.97 -3.24
CA GLN B 21 -0.12 4.34 -2.99
C GLN B 21 0.43 5.28 -4.06
N ALA B 22 1.72 5.15 -4.34
CA ALA B 22 2.37 6.00 -5.34
C ALA B 22 1.71 5.82 -6.70
N LYS B 23 1.29 4.60 -7.00
CA LYS B 23 0.66 4.29 -8.27
C LYS B 23 -0.72 4.96 -8.36
N ARG B 24 -1.40 5.05 -7.23
CA ARG B 24 -2.73 5.66 -7.19
C ARG B 24 -2.63 7.18 -7.28
N THR B 25 -1.67 7.75 -6.55
CA THR B 25 -1.48 9.20 -6.54
C THR B 25 -1.14 9.71 -7.93
N ARG B 26 -0.09 9.16 -8.52
CA ARG B 26 0.34 9.56 -9.86
C ARG B 26 -0.85 9.54 -10.82
N LEU B 27 -1.66 8.49 -10.72
CA LEU B 27 -2.84 8.36 -11.56
C LEU B 27 -3.79 9.52 -11.30
N VAL B 28 -3.90 9.92 -10.03
CA VAL B 28 -4.76 11.02 -9.64
C VAL B 28 -4.28 12.31 -10.27
N GLN B 29 -2.98 12.55 -10.19
CA GLN B 29 -2.38 13.74 -10.77
C GLN B 29 -2.80 13.88 -12.23
N GLN B 30 -3.07 12.73 -12.86
CA GLN B 30 -3.50 12.72 -14.25
C GLN B 30 -4.96 13.14 -14.36
N HIS B 31 -5.75 12.83 -13.33
CA HIS B 31 -7.16 13.20 -13.33
C HIS B 31 -7.59 13.72 -11.95
N PRO B 32 -6.98 14.81 -11.49
CA PRO B 32 -7.30 15.41 -10.19
C PRO B 32 -8.58 16.24 -10.23
N ARG B 33 -8.90 16.76 -11.41
CA ARG B 33 -10.10 17.57 -11.57
C ARG B 33 -11.28 16.72 -12.03
N CYS A 1 -11.97 15.07 -16.08
CA CYS A 1 -12.42 14.69 -14.71
C CYS A 1 -11.88 13.31 -14.32
N GLY A 2 -12.18 12.89 -13.10
CA GLY A 2 -11.73 11.59 -12.64
C GLY A 2 -12.64 10.47 -13.09
N GLY A 3 -13.86 10.45 -12.58
CA GLY A 3 -14.81 9.41 -12.96
C GLY A 3 -14.87 9.20 -14.46
N ASP A 4 -14.10 8.24 -14.95
CA ASP A 4 -14.06 7.95 -16.38
C ASP A 4 -13.48 6.57 -16.64
N ASN A 5 -12.17 6.47 -16.59
CA ASN A 5 -11.46 5.22 -16.81
C ASN A 5 -10.20 5.19 -15.95
N ILE A 6 -9.48 6.31 -15.94
CA ILE A 6 -8.27 6.44 -15.15
C ILE A 6 -8.63 6.36 -13.67
N GLU A 7 -9.60 7.15 -13.28
CA GLU A 7 -10.07 7.19 -11.90
C GLU A 7 -10.49 5.81 -11.43
N GLN A 8 -10.97 4.99 -12.35
CA GLN A 8 -11.41 3.63 -12.01
C GLN A 8 -10.20 2.71 -11.86
N LYS A 9 -9.20 2.93 -12.71
CA LYS A 9 -7.99 2.12 -12.68
C LYS A 9 -7.30 2.20 -11.31
N ILE A 10 -7.28 3.42 -10.76
CA ILE A 10 -6.66 3.62 -9.46
C ILE A 10 -7.45 2.95 -8.35
N ASP A 11 -8.78 3.06 -8.41
CA ASP A 11 -9.64 2.45 -7.40
C ASP A 11 -9.25 0.98 -7.20
N ASP A 12 -8.82 0.35 -8.30
CA ASP A 12 -8.39 -1.03 -8.24
C ASP A 12 -7.12 -1.13 -7.43
N ILE A 13 -6.16 -0.27 -7.74
CA ILE A 13 -4.90 -0.23 -7.02
C ILE A 13 -5.14 0.04 -5.54
N ASP A 14 -5.97 1.04 -5.26
CA ASP A 14 -6.30 1.41 -3.88
C ASP A 14 -6.67 0.18 -3.06
N HIS A 15 -7.28 -0.80 -3.73
CA HIS A 15 -7.68 -2.03 -3.06
C HIS A 15 -6.47 -2.92 -2.80
N GLU A 16 -5.48 -2.79 -3.68
CA GLU A 16 -4.26 -3.59 -3.56
C GLU A 16 -3.27 -2.91 -2.61
N ILE A 17 -3.27 -1.59 -2.59
CA ILE A 17 -2.38 -0.83 -1.73
C ILE A 17 -2.71 -1.06 -0.26
N ALA A 18 -3.99 -1.26 0.01
CA ALA A 18 -4.47 -1.48 1.37
C ALA A 18 -4.24 -2.94 1.79
N ASP A 19 -4.41 -3.86 0.85
CA ASP A 19 -4.23 -5.28 1.13
C ASP A 19 -2.86 -5.53 1.76
N LEU A 20 -1.83 -4.90 1.20
CA LEU A 20 -0.47 -5.05 1.71
C LEU A 20 -0.32 -4.38 3.07
N GLN A 21 -0.80 -3.14 3.16
CA GLN A 21 -0.72 -2.37 4.40
C GLN A 21 -1.31 -3.17 5.56
N ALA A 22 -2.37 -3.93 5.28
CA ALA A 22 -3.03 -4.74 6.29
C ALA A 22 -2.11 -5.84 6.79
N LYS A 23 -1.39 -6.47 5.86
CA LYS A 23 -0.46 -7.54 6.20
C LYS A 23 0.68 -7.03 7.06
N ARG A 24 1.08 -5.78 6.83
CA ARG A 24 2.16 -5.18 7.59
C ARG A 24 1.73 -4.86 9.02
N THR A 25 0.50 -4.36 9.17
CA THR A 25 -0.03 -4.02 10.48
C THR A 25 -0.21 -5.26 11.34
N ARG A 26 -0.99 -6.22 10.84
CA ARG A 26 -1.24 -7.46 11.59
C ARG A 26 0.07 -8.06 12.09
N LEU A 27 1.11 -7.94 11.29
CA LEU A 27 2.42 -8.45 11.67
C LEU A 27 2.97 -7.63 12.83
N VAL A 28 2.72 -6.33 12.78
CA VAL A 28 3.17 -5.43 13.85
C VAL A 28 2.46 -5.77 15.14
N GLN A 29 1.15 -6.00 15.05
CA GLN A 29 0.35 -6.35 16.22
C GLN A 29 0.98 -7.55 16.93
N GLN A 30 1.65 -8.39 16.15
CA GLN A 30 2.30 -9.57 16.69
C GLN A 30 3.60 -9.18 17.41
N HIS A 31 4.23 -8.09 16.95
CA HIS A 31 5.47 -7.62 17.56
C HIS A 31 5.50 -6.09 17.61
N PRO A 32 4.54 -5.47 18.33
CA PRO A 32 4.46 -4.02 18.46
C PRO A 32 5.46 -3.47 19.47
N ARG A 33 5.76 -4.27 20.49
CA ARG A 33 6.71 -3.87 21.52
C ARG A 33 8.12 -4.34 21.19
N CYS B 1 11.10 -1.89 17.78
CA CYS B 1 9.94 -2.62 18.26
C CYS B 1 10.13 -4.13 18.08
N GLY B 2 10.68 -4.52 16.94
CA GLY B 2 10.91 -5.92 16.67
C GLY B 2 12.38 -6.27 16.59
N GLY B 3 13.03 -5.86 15.50
CA GLY B 3 14.45 -6.14 15.32
C GLY B 3 14.80 -7.59 15.63
N ASP B 4 13.95 -8.51 15.17
CA ASP B 4 14.17 -9.93 15.40
C ASP B 4 14.05 -10.72 14.10
N ASN B 5 12.82 -11.06 13.74
CA ASN B 5 12.54 -11.82 12.53
C ASN B 5 11.26 -11.31 11.90
N ILE B 6 10.24 -11.11 12.73
CA ILE B 6 8.97 -10.59 12.28
C ILE B 6 9.15 -9.20 11.70
N GLU B 7 9.85 -8.36 12.45
CA GLU B 7 10.11 -6.99 12.03
C GLU B 7 10.73 -6.95 10.64
N GLN B 8 11.48 -8.00 10.29
CA GLN B 8 12.11 -8.07 8.98
C GLN B 8 11.09 -8.46 7.91
N LYS B 9 10.18 -9.36 8.27
CA LYS B 9 9.14 -9.80 7.35
C LYS B 9 8.28 -8.63 6.89
N ILE B 10 7.95 -7.75 7.82
CA ILE B 10 7.13 -6.58 7.50
C ILE B 10 7.90 -5.61 6.61
N ASP B 11 9.16 -5.37 6.93
CA ASP B 11 9.99 -4.46 6.14
C ASP B 11 9.85 -4.79 4.65
N ASP B 12 9.69 -6.07 4.36
CA ASP B 12 9.51 -6.52 3.00
C ASP B 12 8.18 -6.02 2.46
N ILE B 13 7.13 -6.24 3.24
CA ILE B 13 5.80 -5.80 2.87
C ILE B 13 5.78 -4.28 2.69
N ASP B 14 6.36 -3.56 3.65
CA ASP B 14 6.42 -2.11 3.59
C ASP B 14 6.91 -1.63 2.23
N HIS B 15 7.78 -2.42 1.61
CA HIS B 15 8.31 -2.08 0.29
C HIS B 15 7.27 -2.34 -0.79
N GLU B 16 6.40 -3.31 -0.53
CA GLU B 16 5.35 -3.67 -1.48
C GLU B 16 4.13 -2.77 -1.30
N ILE B 17 3.88 -2.36 -0.06
CA ILE B 17 2.74 -1.50 0.25
C ILE B 17 2.92 -0.13 -0.40
N ALA B 18 4.17 0.31 -0.48
CA ALA B 18 4.49 1.61 -1.07
C ALA B 18 4.49 1.54 -2.59
N ASP B 19 4.94 0.42 -3.14
CA ASP B 19 5.00 0.25 -4.58
C ASP B 19 3.62 0.51 -5.20
N LEU B 20 2.59 -0.05 -4.59
CA LEU B 20 1.22 0.13 -5.08
C LEU B 20 0.78 1.57 -4.90
N GLN B 21 0.99 2.11 -3.70
CA GLN B 21 0.60 3.49 -3.40
C GLN B 21 1.14 4.44 -4.46
N ALA B 22 2.33 4.16 -4.96
CA ALA B 22 2.96 4.98 -5.99
C ALA B 22 2.19 4.89 -7.30
N LYS B 23 1.70 3.69 -7.60
CA LYS B 23 0.94 3.46 -8.83
C LYS B 23 -0.34 4.29 -8.84
N ARG B 24 -0.92 4.48 -7.67
CA ARG B 24 -2.16 5.25 -7.55
C ARG B 24 -1.89 6.74 -7.73
N THR B 25 -0.84 7.23 -7.08
CA THR B 25 -0.48 8.64 -7.15
C THR B 25 -0.19 9.04 -8.60
N ARG B 26 0.70 8.30 -9.25
CA ARG B 26 1.06 8.59 -10.63
C ARG B 26 -0.18 8.71 -11.50
N LEU B 27 -1.12 7.80 -11.31
CA LEU B 27 -2.36 7.82 -12.07
C LEU B 27 -3.15 9.07 -11.73
N VAL B 28 -3.08 9.49 -10.47
CA VAL B 28 -3.79 10.68 -10.02
C VAL B 28 -3.24 11.91 -10.73
N GLN B 29 -1.91 11.99 -10.82
CA GLN B 29 -1.26 13.11 -11.48
C GLN B 29 -1.84 13.28 -12.88
N GLN B 30 -2.20 12.16 -13.49
CA GLN B 30 -2.79 12.17 -14.83
C GLN B 30 -4.20 12.75 -14.78
N HIS B 31 -4.88 12.56 -13.66
CA HIS B 31 -6.23 13.08 -13.49
C HIS B 31 -6.47 13.56 -12.06
N PRO B 32 -5.84 14.69 -11.68
CA PRO B 32 -5.98 15.25 -10.32
C PRO B 32 -7.41 15.69 -10.03
N ARG B 33 -8.14 16.05 -11.08
CA ARG B 33 -9.53 16.49 -10.93
C ARG B 33 -10.48 15.54 -11.65
N CYS A 1 -13.02 8.81 -25.37
CA CYS A 1 -12.14 9.88 -24.83
C CYS A 1 -11.47 9.45 -23.52
N GLY A 2 -12.22 8.67 -22.73
CA GLY A 2 -11.69 8.20 -21.47
C GLY A 2 -12.67 8.41 -20.31
N GLY A 3 -12.69 9.63 -19.79
CA GLY A 3 -13.59 9.95 -18.69
C GLY A 3 -13.00 9.58 -17.34
N ASP A 4 -13.79 8.88 -16.53
CA ASP A 4 -13.34 8.46 -15.20
C ASP A 4 -12.77 7.05 -15.23
N ASN A 5 -12.46 6.56 -16.44
CA ASN A 5 -11.90 5.23 -16.60
C ASN A 5 -10.66 5.08 -15.72
N ILE A 6 -9.99 6.20 -15.49
CA ILE A 6 -8.80 6.23 -14.67
C ILE A 6 -9.17 6.20 -13.19
N GLU A 7 -10.16 7.02 -12.84
CA GLU A 7 -10.64 7.10 -11.47
C GLU A 7 -11.08 5.74 -10.96
N GLN A 8 -11.42 4.85 -11.89
CA GLN A 8 -11.83 3.50 -11.54
C GLN A 8 -10.61 2.63 -11.26
N LYS A 9 -9.60 2.79 -12.11
CA LYS A 9 -8.36 2.03 -11.97
C LYS A 9 -7.69 2.33 -10.63
N ILE A 10 -7.79 3.59 -10.19
CA ILE A 10 -7.20 3.99 -8.93
C ILE A 10 -7.93 3.36 -7.75
N ASP A 11 -9.26 3.38 -7.80
CA ASP A 11 -10.06 2.79 -6.73
C ASP A 11 -9.57 1.38 -6.44
N ASP A 12 -9.10 0.71 -7.47
CA ASP A 12 -8.57 -0.63 -7.34
C ASP A 12 -7.27 -0.59 -6.55
N ILE A 13 -6.41 0.35 -6.93
CA ILE A 13 -5.13 0.53 -6.26
C ILE A 13 -5.34 0.85 -4.79
N ASP A 14 -6.19 1.84 -4.53
CA ASP A 14 -6.50 2.26 -3.16
C ASP A 14 -6.82 1.05 -2.28
N HIS A 15 -7.41 0.03 -2.89
CA HIS A 15 -7.77 -1.18 -2.16
C HIS A 15 -6.52 -2.01 -1.88
N GLU A 16 -5.53 -1.87 -2.76
CA GLU A 16 -4.29 -2.61 -2.62
C GLU A 16 -3.32 -1.87 -1.71
N ILE A 17 -3.32 -0.55 -1.80
CA ILE A 17 -2.45 0.28 -0.97
C ILE A 17 -2.77 0.07 0.51
N ALA A 18 -4.04 -0.18 0.79
CA ALA A 18 -4.49 -0.40 2.17
C ALA A 18 -4.22 -1.83 2.62
N ASP A 19 -4.37 -2.78 1.70
CA ASP A 19 -4.14 -4.18 2.01
C ASP A 19 -2.75 -4.39 2.59
N LEU A 20 -1.75 -3.79 1.96
CA LEU A 20 -0.38 -3.90 2.42
C LEU A 20 -0.19 -3.20 3.76
N GLN A 21 -0.63 -1.95 3.83
CA GLN A 21 -0.51 -1.17 5.06
C GLN A 21 -1.06 -1.95 6.26
N ALA A 22 -2.09 -2.74 6.02
CA ALA A 22 -2.71 -3.54 7.07
C ALA A 22 -1.81 -4.71 7.46
N LYS A 23 -1.03 -5.21 6.50
CA LYS A 23 -0.13 -6.32 6.74
C LYS A 23 1.03 -5.89 7.65
N ARG A 24 1.43 -4.64 7.53
CA ARG A 24 2.53 -4.11 8.34
C ARG A 24 2.11 -3.94 9.80
N THR A 25 0.93 -3.36 10.00
CA THR A 25 0.41 -3.13 11.34
C THR A 25 0.22 -4.44 12.10
N ARG A 26 -0.52 -5.37 11.49
CA ARG A 26 -0.77 -6.67 12.11
C ARG A 26 0.54 -7.30 12.56
N LEU A 27 1.53 -7.27 11.68
CA LEU A 27 2.84 -7.83 12.01
C LEU A 27 3.42 -7.12 13.22
N VAL A 28 3.18 -5.80 13.30
CA VAL A 28 3.68 -5.01 14.41
C VAL A 28 3.04 -5.48 15.71
N GLN A 29 1.73 -5.72 15.66
CA GLN A 29 0.99 -6.20 16.82
C GLN A 29 1.68 -7.43 17.41
N GLN A 30 2.35 -8.17 16.53
CA GLN A 30 3.07 -9.36 16.95
C GLN A 30 4.37 -8.98 17.65
N HIS A 31 4.96 -7.86 17.23
CA HIS A 31 6.21 -7.39 17.83
C HIS A 31 6.18 -5.87 18.04
N PRO A 32 5.23 -5.38 18.85
CA PRO A 32 5.09 -3.96 19.13
C PRO A 32 6.09 -3.46 20.17
N ARG A 33 6.40 -4.32 21.14
CA ARG A 33 7.34 -3.97 22.20
C ARG A 33 7.57 -5.17 23.13
N CYS B 1 14.41 -17.89 17.36
CA CYS B 1 12.95 -17.93 17.26
C CYS B 1 12.36 -16.53 17.22
N GLY B 2 12.90 -15.65 18.05
CA GLY B 2 12.41 -14.28 18.10
C GLY B 2 13.53 -13.26 18.02
N GLY B 3 13.91 -12.90 16.81
CA GLY B 3 14.98 -11.92 16.63
C GLY B 3 14.63 -10.86 15.61
N ASP B 4 13.52 -10.16 15.84
CA ASP B 4 13.08 -9.11 14.94
C ASP B 4 12.73 -9.66 13.56
N ASN B 5 12.54 -10.97 13.49
CA ASN B 5 12.20 -11.63 12.24
C ASN B 5 10.97 -11.00 11.63
N ILE B 6 10.12 -10.45 12.49
CA ILE B 6 8.90 -9.79 12.07
C ILE B 6 9.20 -8.38 11.58
N GLU B 7 10.03 -7.67 12.34
CA GLU B 7 10.41 -6.31 12.00
C GLU B 7 11.02 -6.26 10.61
N GLN B 8 11.71 -7.33 10.24
CA GLN B 8 12.33 -7.41 8.92
C GLN B 8 11.29 -7.72 7.86
N LYS B 9 10.35 -8.59 8.20
CA LYS B 9 9.29 -8.97 7.28
C LYS B 9 8.41 -7.77 6.94
N ILE B 10 8.19 -6.90 7.93
CA ILE B 10 7.38 -5.71 7.71
C ILE B 10 8.10 -4.70 6.85
N ASP B 11 9.39 -4.48 7.12
CA ASP B 11 10.18 -3.53 6.35
C ASP B 11 10.00 -3.81 4.86
N ASP B 12 9.85 -5.08 4.53
CA ASP B 12 9.64 -5.50 3.15
C ASP B 12 8.29 -4.99 2.68
N ILE B 13 7.28 -5.17 3.51
CA ILE B 13 5.94 -4.71 3.20
C ILE B 13 5.93 -3.20 3.03
N ASP B 14 6.55 -2.50 3.97
CA ASP B 14 6.62 -1.04 3.92
C ASP B 14 7.05 -0.56 2.54
N HIS B 15 7.87 -1.36 1.87
CA HIS B 15 8.34 -1.02 0.54
C HIS B 15 7.25 -1.27 -0.49
N GLU B 16 6.39 -2.25 -0.21
CA GLU B 16 5.30 -2.59 -1.10
C GLU B 16 4.09 -1.68 -0.88
N ILE B 17 3.90 -1.28 0.38
CA ILE B 17 2.79 -0.41 0.73
C ILE B 17 2.93 0.96 0.06
N ALA B 18 4.18 1.40 -0.06
CA ALA B 18 4.48 2.70 -0.68
C ALA B 18 4.39 2.61 -2.19
N ASP B 19 4.81 1.47 -2.74
CA ASP B 19 4.77 1.26 -4.18
C ASP B 19 3.38 1.51 -4.74
N LEU B 20 2.37 0.97 -4.07
CA LEU B 20 0.99 1.13 -4.50
C LEU B 20 0.55 2.59 -4.37
N GLN B 21 0.79 3.17 -3.19
CA GLN B 21 0.42 4.56 -2.94
C GLN B 21 0.93 5.47 -4.06
N ALA B 22 2.05 5.10 -4.67
CA ALA B 22 2.64 5.87 -5.75
C ALA B 22 1.79 5.76 -7.02
N LYS B 23 1.32 4.57 -7.30
CA LYS B 23 0.50 4.32 -8.48
C LYS B 23 -0.82 5.07 -8.39
N ARG B 24 -1.36 5.16 -7.17
CA ARG B 24 -2.62 5.86 -6.93
C ARG B 24 -2.51 7.34 -7.26
N THR B 25 -1.46 7.98 -6.73
CA THR B 25 -1.26 9.41 -6.96
C THR B 25 -0.96 9.70 -8.43
N ARG B 26 0.07 9.04 -8.97
CA ARG B 26 0.44 9.24 -10.37
C ARG B 26 -0.78 9.16 -11.26
N LEU B 27 -1.65 8.20 -10.96
CA LEU B 27 -2.88 8.01 -11.74
C LEU B 27 -3.76 9.24 -11.58
N VAL B 28 -3.82 9.77 -10.37
CA VAL B 28 -4.63 10.96 -10.10
C VAL B 28 -4.13 12.14 -10.92
N GLN B 29 -2.81 12.28 -10.98
CA GLN B 29 -2.20 13.37 -11.75
C GLN B 29 -2.72 13.34 -13.18
N GLN B 30 -2.98 12.14 -13.68
CA GLN B 30 -3.51 11.98 -15.03
C GLN B 30 -4.93 12.51 -15.11
N HIS B 31 -5.66 12.41 -13.99
CA HIS B 31 -7.03 12.90 -13.95
C HIS B 31 -7.33 13.59 -12.62
N PRO B 32 -6.83 14.83 -12.45
CA PRO B 32 -7.04 15.60 -11.22
C PRO B 32 -8.48 16.04 -11.06
N ARG B 33 -9.20 16.16 -12.17
CA ARG B 33 -10.60 16.58 -12.15
C ARG B 33 -11.44 15.63 -11.31
N CYS A 1 -8.29 11.31 -23.58
CA CYS A 1 -9.61 11.40 -22.89
C CYS A 1 -9.98 10.08 -22.23
N GLY A 2 -11.13 10.04 -21.59
CA GLY A 2 -11.58 8.82 -20.94
C GLY A 2 -12.55 9.09 -19.80
N GLY A 3 -12.42 10.27 -19.19
CA GLY A 3 -13.29 10.63 -18.08
C GLY A 3 -12.76 10.14 -16.75
N ASP A 4 -13.59 9.41 -16.02
CA ASP A 4 -13.20 8.89 -14.71
C ASP A 4 -12.62 7.49 -14.82
N ASN A 5 -12.29 7.08 -16.05
CA ASN A 5 -11.71 5.76 -16.28
C ASN A 5 -10.50 5.56 -15.39
N ILE A 6 -9.84 6.67 -15.06
CA ILE A 6 -8.67 6.65 -14.21
C ILE A 6 -9.09 6.52 -12.75
N GLU A 7 -10.09 7.28 -12.36
CA GLU A 7 -10.60 7.27 -11.01
C GLU A 7 -11.04 5.85 -10.60
N GLN A 8 -11.48 5.09 -11.58
CA GLN A 8 -11.90 3.71 -11.33
C GLN A 8 -10.69 2.80 -11.18
N LYS A 9 -9.69 3.03 -12.01
CA LYS A 9 -8.47 2.23 -11.98
C LYS A 9 -7.76 2.40 -10.65
N ILE A 10 -7.80 3.62 -10.11
CA ILE A 10 -7.14 3.91 -8.84
C ILE A 10 -7.89 3.26 -7.68
N ASP A 11 -9.21 3.36 -7.70
CA ASP A 11 -10.03 2.76 -6.64
C ASP A 11 -9.63 1.31 -6.43
N ASP A 12 -9.25 0.67 -7.52
CA ASP A 12 -8.82 -0.72 -7.46
C ASP A 12 -7.51 -0.81 -6.70
N ILE A 13 -6.59 0.09 -7.03
CA ILE A 13 -5.30 0.15 -6.37
C ILE A 13 -5.49 0.43 -4.88
N ASP A 14 -6.33 1.42 -4.57
CA ASP A 14 -6.60 1.79 -3.18
C ASP A 14 -6.93 0.56 -2.35
N HIS A 15 -7.55 -0.43 -2.99
CA HIS A 15 -7.91 -1.67 -2.30
C HIS A 15 -6.68 -2.53 -2.10
N GLU A 16 -5.72 -2.40 -3.00
CA GLU A 16 -4.48 -3.17 -2.92
C GLU A 16 -3.47 -2.50 -2.01
N ILE A 17 -3.48 -1.17 -1.99
CA ILE A 17 -2.56 -0.40 -1.17
C ILE A 17 -2.86 -0.63 0.32
N ALA A 18 -4.13 -0.85 0.62
CA ALA A 18 -4.57 -1.09 2.00
C ALA A 18 -4.30 -2.54 2.42
N ASP A 19 -4.49 -3.46 1.48
CA ASP A 19 -4.27 -4.88 1.75
C ASP A 19 -2.87 -5.11 2.32
N LEU A 20 -1.88 -4.47 1.72
CA LEU A 20 -0.50 -4.62 2.16
C LEU A 20 -0.31 -3.96 3.52
N GLN A 21 -0.76 -2.71 3.65
CA GLN A 21 -0.63 -1.97 4.90
C GLN A 21 -1.20 -2.76 6.07
N ALA A 22 -2.21 -3.58 5.79
CA ALA A 22 -2.84 -4.41 6.81
C ALA A 22 -1.93 -5.57 7.20
N LYS A 23 -1.18 -6.08 6.23
CA LYS A 23 -0.27 -7.18 6.47
C LYS A 23 0.90 -6.77 7.36
N ARG A 24 1.28 -5.50 7.26
CA ARG A 24 2.38 -4.98 8.06
C ARG A 24 1.96 -4.78 9.52
N THR A 25 0.80 -4.17 9.71
CA THR A 25 0.28 -3.92 11.05
C THR A 25 0.06 -5.21 11.81
N ARG A 26 -0.71 -6.12 11.21
CA ARG A 26 -1.01 -7.40 11.84
C ARG A 26 0.28 -8.07 12.31
N LEU A 27 1.28 -8.06 11.45
CA LEU A 27 2.57 -8.65 11.78
C LEU A 27 3.17 -7.94 12.98
N VAL A 28 2.97 -6.62 13.04
CA VAL A 28 3.49 -5.82 14.16
C VAL A 28 2.84 -6.27 15.46
N GLN A 29 1.52 -6.46 15.42
CA GLN A 29 0.78 -6.90 16.59
C GLN A 29 1.44 -8.14 17.18
N GLN A 30 2.05 -8.95 16.32
CA GLN A 30 2.73 -10.16 16.74
C GLN A 30 4.06 -9.82 17.41
N HIS A 31 4.67 -8.71 16.98
CA HIS A 31 5.95 -8.28 17.54
C HIS A 31 6.00 -6.75 17.67
N PRO A 32 5.11 -6.18 18.50
CA PRO A 32 5.06 -4.73 18.72
C PRO A 32 6.19 -4.24 19.61
N ARG A 33 6.67 -5.11 20.49
CA ARG A 33 7.75 -4.76 21.40
C ARG A 33 9.09 -5.30 20.89
N CYS B 1 12.51 -6.67 20.68
CA CYS B 1 12.60 -5.39 20.01
C CYS B 1 12.29 -5.52 18.51
N GLY B 2 11.43 -6.47 18.18
CA GLY B 2 11.07 -6.68 16.79
C GLY B 2 12.20 -7.27 15.98
N GLY B 3 13.29 -6.51 15.84
CA GLY B 3 14.44 -6.98 15.07
C GLY B 3 14.76 -8.44 15.33
N ASP B 4 14.26 -9.31 14.46
CA ASP B 4 14.48 -10.74 14.60
C ASP B 4 14.25 -11.46 13.28
N ASN B 5 12.98 -11.70 12.98
CA ASN B 5 12.59 -12.37 11.74
C ASN B 5 11.28 -11.78 11.24
N ILE B 6 10.35 -11.57 12.17
CA ILE B 6 9.07 -10.98 11.85
C ILE B 6 9.27 -9.55 11.36
N GLU B 7 10.04 -8.80 12.13
CA GLU B 7 10.33 -7.41 11.79
C GLU B 7 10.89 -7.28 10.38
N GLN B 8 11.59 -8.31 9.94
CA GLN B 8 12.18 -8.32 8.60
C GLN B 8 11.10 -8.59 7.54
N LYS B 9 10.18 -9.49 7.88
CA LYS B 9 9.11 -9.85 6.98
C LYS B 9 8.26 -8.63 6.62
N ILE B 10 8.01 -7.79 7.63
CA ILE B 10 7.21 -6.58 7.41
C ILE B 10 7.95 -5.57 6.56
N ASP B 11 9.25 -5.39 6.84
CA ASP B 11 10.05 -4.44 6.08
C ASP B 11 9.87 -4.68 4.59
N ASP B 12 9.68 -5.94 4.23
CA ASP B 12 9.46 -6.31 2.85
C ASP B 12 8.12 -5.76 2.39
N ILE B 13 7.11 -5.98 3.20
CA ILE B 13 5.77 -5.50 2.91
C ILE B 13 5.77 -3.98 2.79
N ASP B 14 6.42 -3.31 3.75
CA ASP B 14 6.51 -1.86 3.74
C ASP B 14 6.93 -1.33 2.37
N HIS B 15 7.76 -2.11 1.69
CA HIS B 15 8.24 -1.73 0.37
C HIS B 15 7.14 -1.94 -0.67
N GLU B 16 6.26 -2.90 -0.41
CA GLU B 16 5.16 -3.20 -1.31
C GLU B 16 3.97 -2.30 -1.06
N ILE B 17 3.77 -1.94 0.21
CA ILE B 17 2.67 -1.06 0.60
C ILE B 17 2.83 0.32 -0.02
N ALA B 18 4.08 0.75 -0.15
CA ALA B 18 4.39 2.05 -0.72
C ALA B 18 4.31 2.02 -2.24
N ASP B 19 4.73 0.91 -2.83
CA ASP B 19 4.71 0.76 -4.28
C ASP B 19 3.32 1.02 -4.84
N LEU B 20 2.31 0.44 -4.20
CA LEU B 20 0.92 0.61 -4.62
C LEU B 20 0.48 2.06 -4.42
N GLN B 21 0.69 2.58 -3.22
CA GLN B 21 0.30 3.95 -2.91
C GLN B 21 0.83 4.94 -3.95
N ALA B 22 1.99 4.63 -4.51
CA ALA B 22 2.61 5.48 -5.53
C ALA B 22 1.84 5.41 -6.84
N LYS B 23 1.32 4.22 -7.14
CA LYS B 23 0.57 4.02 -8.38
C LYS B 23 -0.75 4.80 -8.35
N ARG B 24 -1.34 4.91 -7.17
CA ARG B 24 -2.59 5.64 -7.01
C ARG B 24 -2.41 7.13 -7.23
N THR B 25 -1.37 7.68 -6.62
CA THR B 25 -1.08 9.11 -6.74
C THR B 25 -0.81 9.50 -8.19
N ARG B 26 0.13 8.82 -8.81
CA ARG B 26 0.47 9.11 -10.20
C ARG B 26 -0.78 9.13 -11.07
N LEU B 27 -1.67 8.18 -10.84
CA LEU B 27 -2.91 8.11 -11.58
C LEU B 27 -3.77 9.34 -11.28
N VAL B 28 -3.73 9.80 -10.04
CA VAL B 28 -4.49 10.97 -9.64
C VAL B 28 -3.97 12.20 -10.37
N GLN B 29 -2.65 12.31 -10.45
CA GLN B 29 -2.02 13.42 -11.14
C GLN B 29 -2.60 13.56 -12.54
N GLN B 30 -2.95 12.42 -13.14
CA GLN B 30 -3.54 12.40 -14.46
C GLN B 30 -4.95 12.96 -14.42
N HIS B 31 -5.65 12.75 -13.32
CA HIS B 31 -7.01 13.24 -13.16
C HIS B 31 -7.23 13.83 -11.76
N PRO B 32 -6.62 14.99 -11.48
CA PRO B 32 -6.74 15.65 -10.18
C PRO B 32 -8.11 16.29 -9.98
N ARG B 33 -8.74 16.68 -11.08
CA ARG B 33 -10.06 17.31 -11.03
C ARG B 33 -11.03 16.59 -11.96
N CYS A 1 -13.87 13.54 -16.49
CA CYS A 1 -12.40 13.59 -16.30
C CYS A 1 -11.94 12.58 -15.24
N GLY A 2 -12.70 11.49 -15.11
CA GLY A 2 -12.36 10.47 -14.14
C GLY A 2 -13.02 9.14 -14.45
N GLY A 3 -14.24 8.95 -13.97
CA GLY A 3 -14.95 7.71 -14.22
C GLY A 3 -14.90 7.29 -15.67
N ASP A 4 -13.93 6.42 -15.99
CA ASP A 4 -13.76 5.96 -17.36
C ASP A 4 -12.93 4.68 -17.40
N ASN A 5 -11.61 4.85 -17.30
CA ASN A 5 -10.69 3.74 -17.32
C ASN A 5 -9.53 4.04 -16.37
N ILE A 6 -9.04 5.28 -16.45
CA ILE A 6 -7.95 5.71 -15.59
C ILE A 6 -8.43 5.74 -14.15
N GLU A 7 -9.55 6.40 -13.94
CA GLU A 7 -10.15 6.51 -12.61
C GLU A 7 -10.45 5.13 -12.03
N GLN A 8 -10.77 4.18 -12.90
CA GLN A 8 -11.08 2.82 -12.47
C GLN A 8 -9.79 2.06 -12.17
N LYS A 9 -8.75 2.35 -12.93
CA LYS A 9 -7.46 1.69 -12.75
C LYS A 9 -6.91 1.97 -11.35
N ILE A 10 -7.09 3.19 -10.87
CA ILE A 10 -6.62 3.56 -9.54
C ILE A 10 -7.43 2.89 -8.45
N ASP A 11 -8.75 2.86 -8.62
CA ASP A 11 -9.62 2.24 -7.63
C ASP A 11 -9.12 0.84 -7.30
N ASP A 12 -8.55 0.19 -8.30
CA ASP A 12 -7.99 -1.15 -8.12
C ASP A 12 -6.77 -1.07 -7.23
N ILE A 13 -5.90 -0.13 -7.54
CA ILE A 13 -4.69 0.08 -6.76
C ILE A 13 -5.03 0.41 -5.31
N ASP A 14 -5.95 1.37 -5.13
CA ASP A 14 -6.37 1.77 -3.80
C ASP A 14 -6.71 0.57 -2.94
N HIS A 15 -7.23 -0.48 -3.56
CA HIS A 15 -7.59 -1.69 -2.85
C HIS A 15 -6.33 -2.47 -2.48
N GLU A 16 -5.29 -2.32 -3.29
CA GLU A 16 -4.03 -3.00 -3.05
C GLU A 16 -3.15 -2.22 -2.08
N ILE A 17 -3.18 -0.90 -2.21
CA ILE A 17 -2.38 -0.03 -1.35
C ILE A 17 -2.79 -0.20 0.12
N ALA A 18 -4.07 -0.49 0.33
CA ALA A 18 -4.59 -0.69 1.68
C ALA A 18 -4.28 -2.09 2.19
N ASP A 19 -4.40 -3.08 1.31
CA ASP A 19 -4.14 -4.46 1.68
C ASP A 19 -2.74 -4.61 2.28
N LEU A 20 -1.76 -3.97 1.65
CA LEU A 20 -0.38 -4.03 2.12
C LEU A 20 -0.24 -3.34 3.47
N GLN A 21 -0.70 -2.09 3.55
CA GLN A 21 -0.61 -1.32 4.78
C GLN A 21 -1.13 -2.12 5.97
N ALA A 22 -2.19 -2.88 5.75
CA ALA A 22 -2.77 -3.69 6.81
C ALA A 22 -1.80 -4.76 7.28
N LYS A 23 -1.17 -5.44 6.34
CA LYS A 23 -0.21 -6.49 6.65
C LYS A 23 0.94 -5.95 7.50
N ARG A 24 1.31 -4.70 7.25
CA ARG A 24 2.41 -4.07 8.00
C ARG A 24 1.96 -3.73 9.42
N THR A 25 0.75 -3.19 9.55
CA THR A 25 0.23 -2.80 10.85
C THR A 25 0.03 -4.02 11.75
N ARG A 26 -0.75 -4.99 11.26
CA ARG A 26 -1.02 -6.20 12.02
C ARG A 26 0.27 -6.80 12.55
N LEU A 27 1.30 -6.80 11.71
CA LEU A 27 2.60 -7.33 12.09
C LEU A 27 3.19 -6.49 13.22
N VAL A 28 2.97 -5.18 13.15
CA VAL A 28 3.47 -4.27 14.16
C VAL A 28 2.86 -4.61 15.51
N GLN A 29 1.55 -4.83 15.51
CA GLN A 29 0.84 -5.18 16.73
C GLN A 29 1.53 -6.37 17.41
N GLN A 30 2.10 -7.24 16.58
CA GLN A 30 2.81 -8.41 17.07
C GLN A 30 4.11 -7.99 17.75
N HIS A 31 4.68 -6.88 17.28
CA HIS A 31 5.93 -6.37 17.86
C HIS A 31 5.94 -4.85 17.86
N PRO A 32 5.14 -4.21 18.73
CA PRO A 32 5.06 -2.74 18.82
C PRO A 32 6.35 -2.14 19.37
N ARG A 33 7.07 -2.91 20.17
CA ARG A 33 8.32 -2.44 20.76
C ARG A 33 9.35 -3.56 20.78
N CYS B 1 8.89 -16.92 16.94
CA CYS B 1 10.10 -17.16 17.72
C CYS B 1 10.66 -15.85 18.26
N GLY B 2 11.14 -14.99 17.35
CA GLY B 2 11.71 -13.72 17.75
C GLY B 2 12.87 -13.29 16.88
N GLY B 3 13.73 -12.43 17.42
CA GLY B 3 14.88 -11.97 16.67
C GLY B 3 14.52 -10.92 15.63
N ASP B 4 13.45 -10.17 15.90
CA ASP B 4 12.99 -9.13 14.99
C ASP B 4 12.58 -9.72 13.64
N ASN B 5 12.35 -11.02 13.61
CA ASN B 5 11.94 -11.71 12.39
C ASN B 5 10.69 -11.05 11.82
N ILE B 6 9.92 -10.43 12.69
CA ILE B 6 8.69 -9.75 12.30
C ILE B 6 9.01 -8.38 11.72
N GLU B 7 9.89 -7.65 12.41
CA GLU B 7 10.30 -6.31 11.98
C GLU B 7 10.89 -6.35 10.58
N GLN B 8 11.50 -7.48 10.23
CA GLN B 8 12.11 -7.63 8.92
C GLN B 8 11.03 -7.91 7.87
N LYS B 9 10.07 -8.74 8.24
CA LYS B 9 8.97 -9.08 7.34
C LYS B 9 8.18 -7.84 6.95
N ILE B 10 8.05 -6.90 7.88
CA ILE B 10 7.30 -5.68 7.61
C ILE B 10 8.10 -4.75 6.70
N ASP B 11 9.39 -4.60 6.98
CA ASP B 11 10.24 -3.73 6.16
C ASP B 11 10.01 -4.03 4.69
N ASP B 12 9.78 -5.29 4.39
CA ASP B 12 9.53 -5.73 3.03
C ASP B 12 8.19 -5.17 2.55
N ILE B 13 7.17 -5.36 3.38
CA ILE B 13 5.84 -4.86 3.06
C ILE B 13 5.86 -3.35 2.88
N ASP B 14 6.47 -2.64 3.83
CA ASP B 14 6.56 -1.19 3.78
C ASP B 14 7.03 -0.72 2.41
N HIS B 15 7.89 -1.51 1.78
CA HIS B 15 8.41 -1.17 0.46
C HIS B 15 7.34 -1.40 -0.61
N GLU B 16 6.45 -2.34 -0.33
CA GLU B 16 5.37 -2.67 -1.26
C GLU B 16 4.18 -1.75 -1.06
N ILE B 17 3.93 -1.37 0.19
CA ILE B 17 2.82 -0.49 0.54
C ILE B 17 3.00 0.88 -0.10
N ALA B 18 4.25 1.28 -0.26
CA ALA B 18 4.57 2.59 -0.84
C ALA B 18 4.48 2.53 -2.37
N ASP B 19 5.06 1.48 -2.95
CA ASP B 19 5.04 1.31 -4.41
C ASP B 19 3.62 1.46 -4.97
N LEU B 20 2.66 0.93 -4.23
CA LEU B 20 1.27 1.01 -4.65
C LEU B 20 0.73 2.43 -4.55
N GLN B 21 0.86 3.03 -3.36
CA GLN B 21 0.39 4.38 -3.13
C GLN B 21 0.93 5.35 -4.19
N ALA B 22 2.13 5.06 -4.68
CA ALA B 22 2.75 5.90 -5.69
C ALA B 22 2.07 5.72 -7.05
N LYS B 23 1.60 4.51 -7.31
CA LYS B 23 0.93 4.20 -8.57
C LYS B 23 -0.42 4.89 -8.66
N ARG B 24 -1.06 5.09 -7.51
CA ARG B 24 -2.37 5.74 -7.47
C ARG B 24 -2.24 7.24 -7.73
N THR B 25 -1.29 7.88 -7.06
CA THR B 25 -1.08 9.31 -7.21
C THR B 25 -0.75 9.67 -8.66
N ARG B 26 0.25 9.00 -9.21
CA ARG B 26 0.66 9.25 -10.59
C ARG B 26 -0.54 9.20 -11.52
N LEU B 27 -1.39 8.21 -11.31
CA LEU B 27 -2.58 8.04 -12.13
C LEU B 27 -3.53 9.22 -11.90
N VAL B 28 -3.58 9.72 -10.68
CA VAL B 28 -4.44 10.85 -10.35
C VAL B 28 -3.96 12.09 -11.09
N GLN B 29 -2.66 12.32 -11.08
CA GLN B 29 -2.07 13.47 -11.76
C GLN B 29 -2.56 13.51 -13.21
N GLN B 30 -2.76 12.33 -13.78
CA GLN B 30 -3.24 12.22 -15.15
C GLN B 30 -4.69 12.66 -15.24
N HIS B 31 -5.44 12.42 -14.16
CA HIS B 31 -6.86 12.79 -14.13
C HIS B 31 -7.25 13.28 -12.73
N PRO B 32 -6.82 14.49 -12.36
CA PRO B 32 -7.14 15.07 -11.04
C PRO B 32 -8.62 15.40 -10.89
N ARG B 33 -9.23 15.85 -11.98
CA ARG B 33 -10.65 16.20 -11.97
C ARG B 33 -11.11 16.62 -13.36
N CYS A 1 -15.34 13.65 -13.40
CA CYS A 1 -14.18 13.24 -12.56
C CYS A 1 -13.86 11.76 -12.75
N GLY A 2 -13.02 11.46 -13.73
CA GLY A 2 -12.64 10.09 -14.00
C GLY A 2 -13.80 9.25 -14.52
N GLY A 3 -14.17 8.22 -13.78
CA GLY A 3 -15.27 7.36 -14.19
C GLY A 3 -15.17 6.95 -15.66
N ASP A 4 -13.95 6.62 -16.08
CA ASP A 4 -13.72 6.22 -17.46
C ASP A 4 -13.00 4.87 -17.52
N ASN A 5 -11.68 4.91 -17.40
CA ASN A 5 -10.85 3.72 -17.44
C ASN A 5 -9.68 3.88 -16.48
N ILE A 6 -9.07 5.06 -16.52
CA ILE A 6 -7.95 5.36 -15.65
C ILE A 6 -8.41 5.39 -14.20
N GLU A 7 -9.48 6.14 -13.96
CA GLU A 7 -10.06 6.27 -12.63
C GLU A 7 -10.33 4.89 -12.02
N GLN A 8 -10.71 3.95 -12.87
CA GLN A 8 -11.00 2.59 -12.42
C GLN A 8 -9.71 1.85 -12.10
N LYS A 9 -8.67 2.15 -12.87
CA LYS A 9 -7.37 1.51 -12.68
C LYS A 9 -6.80 1.85 -11.31
N ILE A 10 -6.96 3.10 -10.90
CA ILE A 10 -6.46 3.54 -9.61
C ILE A 10 -7.27 2.93 -8.46
N ASP A 11 -8.59 2.91 -8.62
CA ASP A 11 -9.47 2.35 -7.60
C ASP A 11 -8.98 0.96 -7.20
N ASP A 12 -8.43 0.25 -8.17
CA ASP A 12 -7.89 -1.08 -7.93
C ASP A 12 -6.64 -0.97 -7.06
N ILE A 13 -5.80 -0.01 -7.41
CA ILE A 13 -4.57 0.22 -6.66
C ILE A 13 -4.90 0.60 -5.22
N ASP A 14 -5.82 1.55 -5.06
CA ASP A 14 -6.23 1.99 -3.73
C ASP A 14 -6.55 0.80 -2.82
N HIS A 15 -7.08 -0.26 -3.41
CA HIS A 15 -7.42 -1.46 -2.66
C HIS A 15 -6.15 -2.23 -2.30
N GLU A 16 -5.12 -2.07 -3.11
CA GLU A 16 -3.86 -2.74 -2.89
C GLU A 16 -2.96 -1.94 -1.96
N ILE A 17 -3.01 -0.62 -2.09
CA ILE A 17 -2.21 0.27 -1.26
C ILE A 17 -2.58 0.11 0.21
N ALA A 18 -3.85 -0.19 0.46
CA ALA A 18 -4.35 -0.37 1.81
C ALA A 18 -4.05 -1.78 2.33
N ASP A 19 -4.20 -2.76 1.44
CA ASP A 19 -3.94 -4.15 1.80
C ASP A 19 -2.54 -4.32 2.36
N LEU A 20 -1.60 -3.53 1.83
CA LEU A 20 -0.21 -3.59 2.28
C LEU A 20 -0.05 -2.91 3.63
N GLN A 21 -0.45 -1.65 3.70
CA GLN A 21 -0.36 -0.88 4.94
C GLN A 21 -1.01 -1.61 6.10
N ALA A 22 -2.18 -2.18 5.85
CA ALA A 22 -2.90 -2.93 6.87
C ALA A 22 -2.15 -4.19 7.27
N LYS A 23 -1.40 -4.74 6.32
CA LYS A 23 -0.61 -5.94 6.57
C LYS A 23 0.61 -5.63 7.43
N ARG A 24 1.18 -4.45 7.23
CA ARG A 24 2.35 -4.04 7.99
C ARG A 24 1.99 -3.73 9.43
N THR A 25 0.86 -3.06 9.63
CA THR A 25 0.40 -2.70 10.96
C THR A 25 0.12 -3.94 11.80
N ARG A 26 -0.75 -4.81 11.28
CA ARG A 26 -1.10 -6.04 12.00
C ARG A 26 0.15 -6.77 12.44
N LEU A 27 1.18 -6.75 11.59
CA LEU A 27 2.44 -7.39 11.92
C LEU A 27 3.11 -6.66 13.07
N VAL A 28 3.02 -5.33 13.05
CA VAL A 28 3.61 -4.53 14.11
C VAL A 28 2.94 -4.83 15.44
N GLN A 29 1.61 -4.92 15.40
CA GLN A 29 0.84 -5.23 16.61
C GLN A 29 1.37 -6.51 17.25
N GLN A 30 1.89 -7.40 16.41
CA GLN A 30 2.44 -8.67 16.88
C GLN A 30 3.79 -8.43 17.58
N HIS A 31 4.51 -7.40 17.13
CA HIS A 31 5.80 -7.06 17.72
C HIS A 31 5.95 -5.55 17.90
N PRO A 32 5.14 -4.96 18.80
CA PRO A 32 5.18 -3.52 19.07
C PRO A 32 6.35 -3.12 19.95
N ARG A 33 6.97 -4.11 20.60
CA ARG A 33 8.11 -3.85 21.47
C ARG A 33 9.31 -3.36 20.67
N CYS B 1 10.31 -17.98 19.62
CA CYS B 1 10.52 -18.35 18.22
C CYS B 1 10.80 -17.12 17.36
N GLY B 2 12.07 -16.75 17.28
CA GLY B 2 12.45 -15.59 16.49
C GLY B 2 12.31 -14.29 17.26
N GLY B 3 12.97 -13.24 16.77
CA GLY B 3 12.91 -11.96 17.44
C GLY B 3 12.34 -10.87 16.55
N ASP B 4 13.19 -10.28 15.72
CA ASP B 4 12.76 -9.22 14.81
C ASP B 4 12.40 -9.78 13.45
N ASN B 5 12.23 -11.09 13.36
CA ASN B 5 11.88 -11.75 12.11
C ASN B 5 10.63 -11.09 11.52
N ILE B 6 9.81 -10.53 12.40
CA ILE B 6 8.58 -9.85 11.99
C ILE B 6 8.89 -8.44 11.54
N GLU B 7 9.72 -7.75 12.33
CA GLU B 7 10.12 -6.38 12.02
C GLU B 7 10.77 -6.30 10.65
N GLN B 8 11.44 -7.37 10.24
CA GLN B 8 12.09 -7.42 8.94
C GLN B 8 11.07 -7.67 7.85
N LYS B 9 10.10 -8.52 8.14
CA LYS B 9 9.05 -8.85 7.19
C LYS B 9 8.24 -7.61 6.83
N ILE B 10 7.98 -6.77 7.82
CA ILE B 10 7.21 -5.54 7.59
C ILE B 10 8.02 -4.55 6.78
N ASP B 11 9.30 -4.40 7.10
CA ASP B 11 10.16 -3.48 6.38
C ASP B 11 10.01 -3.68 4.88
N ASP B 12 9.81 -4.95 4.51
CA ASP B 12 9.62 -5.30 3.11
C ASP B 12 8.28 -4.73 2.63
N ILE B 13 7.27 -4.89 3.47
CA ILE B 13 5.95 -4.38 3.15
C ILE B 13 5.98 -2.87 3.00
N ASP B 14 6.59 -2.18 3.96
CA ASP B 14 6.70 -0.73 3.92
C ASP B 14 7.17 -0.25 2.55
N HIS B 15 8.03 -1.04 1.92
CA HIS B 15 8.56 -0.69 0.60
C HIS B 15 7.49 -0.90 -0.45
N GLU B 16 6.59 -1.84 -0.19
CA GLU B 16 5.52 -2.14 -1.13
C GLU B 16 4.33 -1.21 -0.92
N ILE B 17 4.04 -0.89 0.34
CA ILE B 17 2.94 -0.02 0.68
C ILE B 17 3.11 1.34 0.03
N ALA B 18 4.36 1.76 -0.11
CA ALA B 18 4.68 3.05 -0.71
C ALA B 18 4.64 2.98 -2.24
N ASP B 19 5.16 1.89 -2.79
CA ASP B 19 5.18 1.70 -4.24
C ASP B 19 3.77 1.83 -4.82
N LEU B 20 2.80 1.25 -4.13
CA LEU B 20 1.41 1.30 -4.59
C LEU B 20 0.86 2.73 -4.51
N GLN B 21 0.98 3.34 -3.33
CA GLN B 21 0.49 4.69 -3.13
C GLN B 21 1.01 5.65 -4.20
N ALA B 22 2.23 5.40 -4.66
CA ALA B 22 2.84 6.23 -5.69
C ALA B 22 2.21 5.97 -7.05
N LYS B 23 1.73 4.75 -7.27
CA LYS B 23 1.10 4.38 -8.53
C LYS B 23 -0.26 5.03 -8.67
N ARG B 24 -0.96 5.21 -7.56
CA ARG B 24 -2.28 5.83 -7.57
C ARG B 24 -2.20 7.31 -7.92
N THR B 25 -1.25 8.01 -7.32
CA THR B 25 -1.07 9.44 -7.57
C THR B 25 -0.71 9.72 -9.02
N ARG B 26 0.35 9.07 -9.49
CA ARG B 26 0.80 9.25 -10.87
C ARG B 26 -0.37 9.09 -11.84
N LEU B 27 -1.21 8.10 -11.57
CA LEU B 27 -2.37 7.86 -12.40
C LEU B 27 -3.34 9.03 -12.31
N VAL B 28 -3.48 9.58 -11.11
CA VAL B 28 -4.37 10.72 -10.90
C VAL B 28 -3.92 11.91 -11.72
N GLN B 29 -2.62 12.20 -11.66
CA GLN B 29 -2.05 13.30 -12.42
C GLN B 29 -2.46 13.19 -13.89
N GLN B 30 -2.59 11.95 -14.34
CA GLN B 30 -2.99 11.69 -15.72
C GLN B 30 -4.45 12.08 -15.94
N HIS B 31 -5.25 11.96 -14.88
CA HIS B 31 -6.67 12.31 -14.96
C HIS B 31 -7.14 12.97 -13.67
N PRO B 32 -6.72 14.23 -13.44
CA PRO B 32 -7.11 14.98 -12.24
C PRO B 32 -8.57 15.42 -12.27
N ARG B 33 -9.09 15.61 -13.49
CA ARG B 33 -10.48 16.03 -13.67
C ARG B 33 -11.36 14.83 -14.02
N CYS A 1 -6.00 12.25 -21.69
CA CYS A 1 -6.86 11.47 -22.61
C CYS A 1 -7.60 10.36 -21.86
N GLY A 2 -8.90 10.55 -21.67
CA GLY A 2 -9.69 9.57 -20.96
C GLY A 2 -10.54 10.17 -19.86
N GLY A 3 -11.74 9.65 -19.68
CA GLY A 3 -12.64 10.16 -18.66
C GLY A 3 -12.22 9.75 -17.26
N ASP A 4 -13.11 9.04 -16.56
CA ASP A 4 -12.82 8.59 -15.21
C ASP A 4 -12.23 7.19 -15.21
N ASN A 5 -11.81 6.72 -16.38
CA ASN A 5 -11.21 5.39 -16.50
C ASN A 5 -10.07 5.24 -15.51
N ILE A 6 -9.45 6.37 -15.18
CA ILE A 6 -8.36 6.39 -14.23
C ILE A 6 -8.89 6.35 -12.80
N GLU A 7 -9.92 7.15 -12.55
CA GLU A 7 -10.54 7.21 -11.23
C GLU A 7 -11.03 5.83 -10.80
N GLN A 8 -11.39 5.00 -11.78
CA GLN A 8 -11.86 3.66 -11.50
C GLN A 8 -10.69 2.72 -11.27
N LYS A 9 -9.65 2.89 -12.08
CA LYS A 9 -8.45 2.07 -11.96
C LYS A 9 -7.79 2.27 -10.61
N ILE A 10 -7.88 3.49 -10.08
CA ILE A 10 -7.29 3.79 -8.78
C ILE A 10 -8.07 3.14 -7.65
N ASP A 11 -9.40 3.22 -7.73
CA ASP A 11 -10.25 2.63 -6.70
C ASP A 11 -9.83 1.17 -6.47
N ASP A 12 -9.41 0.53 -7.54
CA ASP A 12 -8.96 -0.86 -7.47
C ASP A 12 -7.68 -0.92 -6.64
N ILE A 13 -6.76 -0.03 -6.95
CA ILE A 13 -5.49 0.05 -6.24
C ILE A 13 -5.74 0.33 -4.76
N ASP A 14 -6.60 1.32 -4.49
CA ASP A 14 -6.93 1.70 -3.12
C ASP A 14 -7.25 0.48 -2.28
N HIS A 15 -7.85 -0.53 -2.92
CA HIS A 15 -8.21 -1.76 -2.22
C HIS A 15 -6.97 -2.62 -1.98
N GLU A 16 -6.00 -2.49 -2.88
CA GLU A 16 -4.76 -3.26 -2.77
C GLU A 16 -3.78 -2.57 -1.83
N ILE A 17 -3.80 -1.24 -1.83
CA ILE A 17 -2.92 -0.46 -0.98
C ILE A 17 -3.23 -0.70 0.50
N ALA A 18 -4.51 -0.91 0.79
CA ALA A 18 -4.95 -1.16 2.15
C ALA A 18 -4.67 -2.59 2.58
N ASP A 19 -4.81 -3.53 1.65
CA ASP A 19 -4.57 -4.93 1.93
C ASP A 19 -3.18 -5.14 2.51
N LEU A 20 -2.18 -4.56 1.84
CA LEU A 20 -0.80 -4.68 2.29
C LEU A 20 -0.61 -4.05 3.66
N GLN A 21 -1.05 -2.80 3.80
CA GLN A 21 -0.92 -2.08 5.06
C GLN A 21 -1.45 -2.92 6.23
N ALA A 22 -2.42 -3.77 5.95
CA ALA A 22 -3.01 -4.64 6.97
C ALA A 22 -2.06 -5.76 7.35
N LYS A 23 -1.30 -6.24 6.37
CA LYS A 23 -0.35 -7.31 6.60
C LYS A 23 0.79 -6.85 7.50
N ARG A 24 1.17 -5.58 7.38
CA ARG A 24 2.25 -5.03 8.19
C ARG A 24 1.84 -4.88 9.65
N THR A 25 0.65 -4.30 9.86
CA THR A 25 0.14 -4.07 11.21
C THR A 25 0.01 -5.39 11.97
N ARG A 26 -0.69 -6.34 11.37
CA ARG A 26 -0.88 -7.65 12.00
C ARG A 26 0.45 -8.23 12.47
N LEU A 27 1.46 -8.13 11.62
CA LEU A 27 2.79 -8.64 11.94
C LEU A 27 3.38 -7.85 13.10
N VAL A 28 3.08 -6.55 13.14
CA VAL A 28 3.58 -5.69 14.21
C VAL A 28 3.03 -6.14 15.55
N GLN A 29 1.72 -6.37 15.58
CA GLN A 29 1.05 -6.81 16.79
C GLN A 29 1.79 -8.02 17.36
N GLN A 30 2.32 -8.85 16.46
CA GLN A 30 3.06 -10.04 16.86
C GLN A 30 4.38 -9.64 17.53
N HIS A 31 4.93 -8.51 17.10
CA HIS A 31 6.19 -8.02 17.67
C HIS A 31 6.18 -6.50 17.77
N PRO A 32 5.46 -5.94 18.75
CA PRO A 32 5.37 -4.49 18.95
C PRO A 32 6.68 -3.90 19.48
N ARG A 33 6.65 -2.61 19.77
CA ARG A 33 7.83 -1.90 20.29
C ARG A 33 9.09 -2.30 19.54
N CYS B 1 11.58 -3.70 19.64
CA CYS B 1 12.33 -4.15 18.47
C CYS B 1 12.20 -5.67 18.29
N GLY B 2 12.15 -6.11 17.04
CA GLY B 2 12.02 -7.51 16.75
C GLY B 2 12.91 -7.97 15.61
N GLY B 3 13.96 -7.19 15.34
CA GLY B 3 14.89 -7.53 14.26
C GLY B 3 15.26 -9.01 14.27
N ASP B 4 14.56 -9.79 13.47
CA ASP B 4 14.82 -11.22 13.40
C ASP B 4 14.33 -11.80 12.07
N ASN B 5 13.04 -12.08 12.01
CA ASN B 5 12.40 -12.61 10.81
C ASN B 5 11.06 -11.93 10.62
N ILE B 6 10.32 -11.79 11.71
CA ILE B 6 9.02 -11.13 11.68
C ILE B 6 9.21 -9.67 11.31
N GLU B 7 10.12 -9.02 12.02
CA GLU B 7 10.41 -7.61 11.79
C GLU B 7 10.91 -7.39 10.36
N GLN B 8 11.60 -8.39 9.83
CA GLN B 8 12.13 -8.30 8.47
C GLN B 8 11.04 -8.59 7.46
N LYS B 9 10.12 -9.48 7.83
CA LYS B 9 9.01 -9.84 6.96
C LYS B 9 8.14 -8.63 6.65
N ILE B 10 7.95 -7.77 7.65
CA ILE B 10 7.14 -6.58 7.47
C ILE B 10 7.85 -5.56 6.59
N ASP B 11 9.16 -5.37 6.82
CA ASP B 11 9.94 -4.44 6.02
C ASP B 11 9.69 -4.67 4.54
N ASP B 12 9.49 -5.94 4.19
CA ASP B 12 9.22 -6.32 2.81
C ASP B 12 7.86 -5.78 2.40
N ILE B 13 6.88 -6.00 3.26
CA ILE B 13 5.54 -5.53 3.01
C ILE B 13 5.52 -4.01 2.87
N ASP B 14 6.18 -3.34 3.82
CA ASP B 14 6.25 -1.88 3.80
C ASP B 14 6.66 -1.36 2.42
N HIS B 15 7.47 -2.14 1.72
CA HIS B 15 7.93 -1.78 0.39
C HIS B 15 6.81 -1.98 -0.62
N GLU B 16 5.93 -2.93 -0.33
CA GLU B 16 4.81 -3.23 -1.22
C GLU B 16 3.63 -2.32 -0.94
N ILE B 17 3.44 -1.98 0.33
CA ILE B 17 2.35 -1.11 0.75
C ILE B 17 2.51 0.28 0.13
N ALA B 18 3.76 0.70 -0.04
CA ALA B 18 4.06 2.00 -0.61
C ALA B 18 3.95 1.98 -2.13
N ASP B 19 4.39 0.88 -2.73
CA ASP B 19 4.34 0.73 -4.19
C ASP B 19 2.94 0.99 -4.72
N LEU B 20 1.94 0.45 -4.02
CA LEU B 20 0.55 0.62 -4.43
C LEU B 20 0.09 2.06 -4.19
N GLN B 21 0.32 2.57 -2.98
CA GLN B 21 -0.07 3.92 -2.63
C GLN B 21 0.49 4.93 -3.62
N ALA B 22 1.68 4.65 -4.14
CA ALA B 22 2.32 5.53 -5.10
C ALA B 22 1.64 5.45 -6.46
N LYS B 23 1.08 4.29 -6.77
CA LYS B 23 0.39 4.08 -8.04
C LYS B 23 -0.94 4.84 -8.08
N ARG B 24 -1.58 4.94 -6.92
CA ARG B 24 -2.87 5.63 -6.83
C ARG B 24 -2.70 7.13 -7.03
N THR B 25 -1.70 7.70 -6.36
CA THR B 25 -1.44 9.14 -6.46
C THR B 25 -1.08 9.53 -7.88
N ARG B 26 -0.07 8.88 -8.45
CA ARG B 26 0.37 9.17 -9.81
C ARG B 26 -0.82 9.17 -10.76
N LEU B 27 -1.69 8.17 -10.60
CA LEU B 27 -2.88 8.07 -11.43
C LEU B 27 -3.77 9.28 -11.21
N VAL B 28 -3.85 9.74 -9.96
CA VAL B 28 -4.67 10.90 -9.64
C VAL B 28 -4.15 12.13 -10.36
N GLN B 29 -2.83 12.33 -10.30
CA GLN B 29 -2.22 13.47 -10.98
C GLN B 29 -2.66 13.51 -12.43
N GLN B 30 -2.97 12.34 -12.98
CA GLN B 30 -3.43 12.23 -14.35
C GLN B 30 -4.86 12.76 -14.48
N HIS B 31 -5.65 12.55 -13.43
CA HIS B 31 -7.03 13.02 -13.42
C HIS B 31 -7.37 13.73 -12.10
N PRO B 32 -6.78 14.91 -11.87
CA PRO B 32 -7.02 15.69 -10.66
C PRO B 32 -8.37 16.40 -10.67
N ARG B 33 -9.05 16.40 -9.53
CA ARG B 33 -10.36 17.05 -9.40
C ARG B 33 -11.26 16.72 -10.60
N CYS A 1 -17.04 3.25 -15.66
CA CYS A 1 -15.66 2.69 -15.69
C CYS A 1 -14.61 3.80 -15.59
N GLY A 2 -14.71 4.61 -14.55
CA GLY A 2 -13.76 5.70 -14.37
C GLY A 2 -14.32 7.03 -14.82
N GLY A 3 -14.42 7.97 -13.89
CA GLY A 3 -14.93 9.29 -14.23
C GLY A 3 -14.23 9.88 -15.44
N ASP A 4 -12.99 9.45 -15.65
CA ASP A 4 -12.19 9.93 -16.78
C ASP A 4 -11.44 8.77 -17.45
N ASN A 5 -11.84 7.54 -17.13
CA ASN A 5 -11.19 6.35 -17.66
C ASN A 5 -9.82 6.18 -17.03
N ILE A 6 -9.66 6.79 -15.87
CA ILE A 6 -8.42 6.74 -15.12
C ILE A 6 -8.75 6.61 -13.64
N GLU A 7 -9.66 7.46 -13.18
CA GLU A 7 -10.11 7.44 -11.80
C GLU A 7 -10.51 6.03 -11.38
N GLN A 8 -10.90 5.22 -12.36
CA GLN A 8 -11.29 3.83 -12.11
C GLN A 8 -10.05 2.97 -11.93
N LYS A 9 -9.04 3.22 -12.75
CA LYS A 9 -7.79 2.48 -12.69
C LYS A 9 -7.13 2.64 -11.32
N ILE A 10 -7.20 3.86 -10.78
CA ILE A 10 -6.61 4.13 -9.48
C ILE A 10 -7.39 3.44 -8.37
N ASP A 11 -8.72 3.49 -8.44
CA ASP A 11 -9.56 2.86 -7.44
C ASP A 11 -9.10 1.42 -7.21
N ASP A 12 -8.63 0.79 -8.27
CA ASP A 12 -8.14 -0.57 -8.20
C ASP A 12 -6.87 -0.60 -7.37
N ILE A 13 -5.95 0.31 -7.68
CA ILE A 13 -4.70 0.42 -6.96
C ILE A 13 -4.97 0.69 -5.48
N ASP A 14 -5.86 1.65 -5.21
CA ASP A 14 -6.21 2.02 -3.84
C ASP A 14 -6.54 0.76 -3.02
N HIS A 15 -7.10 -0.24 -3.67
CA HIS A 15 -7.45 -1.48 -3.01
C HIS A 15 -6.20 -2.31 -2.74
N GLU A 16 -5.20 -2.13 -3.60
CA GLU A 16 -3.95 -2.87 -3.46
C GLU A 16 -3.01 -2.16 -2.50
N ILE A 17 -3.06 -0.83 -2.49
CA ILE A 17 -2.22 -0.03 -1.62
C ILE A 17 -2.56 -0.28 -0.16
N ALA A 18 -3.84 -0.54 0.09
CA ALA A 18 -4.32 -0.80 1.45
C ALA A 18 -4.03 -2.24 1.88
N ASP A 19 -4.14 -3.16 0.93
CA ASP A 19 -3.89 -4.57 1.21
C ASP A 19 -2.52 -4.76 1.84
N LEU A 20 -1.51 -4.11 1.26
CA LEU A 20 -0.15 -4.21 1.76
C LEU A 20 -0.03 -3.55 3.12
N GLN A 21 -0.52 -2.31 3.22
CA GLN A 21 -0.47 -1.56 4.47
C GLN A 21 -1.04 -2.37 5.63
N ALA A 22 -2.03 -3.20 5.33
CA ALA A 22 -2.67 -4.04 6.34
C ALA A 22 -1.73 -5.15 6.78
N LYS A 23 -0.94 -5.66 5.84
CA LYS A 23 0.01 -6.73 6.15
C LYS A 23 1.10 -6.25 7.09
N ARG A 24 1.47 -4.98 6.96
CA ARG A 24 2.51 -4.41 7.80
C ARG A 24 2.01 -4.19 9.23
N THR A 25 0.80 -3.67 9.35
CA THR A 25 0.20 -3.42 10.66
C THR A 25 0.06 -4.71 11.45
N ARG A 26 -0.64 -5.69 10.86
CA ARG A 26 -0.85 -6.97 11.52
C ARG A 26 0.48 -7.53 12.01
N LEU A 27 1.51 -7.40 11.19
CA LEU A 27 2.84 -7.87 11.55
C LEU A 27 3.36 -7.09 12.74
N VAL A 28 3.07 -5.79 12.78
CA VAL A 28 3.49 -4.95 13.89
C VAL A 28 2.83 -5.39 15.17
N GLN A 29 1.53 -5.65 15.10
CA GLN A 29 0.77 -6.12 16.25
C GLN A 29 1.47 -7.31 16.88
N GLN A 30 2.16 -8.08 16.05
CA GLN A 30 2.89 -9.25 16.51
C GLN A 30 4.14 -8.83 17.27
N HIS A 31 4.74 -7.71 16.85
CA HIS A 31 5.93 -7.19 17.50
C HIS A 31 5.88 -5.67 17.64
N PRO A 32 4.93 -5.16 18.45
CA PRO A 32 4.77 -3.71 18.66
C PRO A 32 5.84 -3.14 19.59
N ARG A 33 6.31 -3.97 20.52
CA ARG A 33 7.33 -3.55 21.48
C ARG A 33 7.74 -4.70 22.37
N CYS B 1 7.34 -13.99 21.00
CA CYS B 1 8.23 -13.12 20.23
C CYS B 1 9.44 -13.89 19.70
N GLY B 2 9.88 -13.53 18.51
CA GLY B 2 11.03 -14.20 17.92
C GLY B 2 12.02 -13.23 17.33
N GLY B 3 12.45 -12.26 18.13
CA GLY B 3 13.40 -11.27 17.67
C GLY B 3 12.79 -10.29 16.69
N ASP B 4 13.63 -9.69 15.84
CA ASP B 4 13.16 -8.72 14.86
C ASP B 4 12.87 -9.40 13.51
N ASN B 5 12.77 -10.72 13.52
CA ASN B 5 12.49 -11.47 12.31
C ASN B 5 11.24 -10.93 11.64
N ILE B 6 10.35 -10.38 12.45
CA ILE B 6 9.10 -9.81 11.96
C ILE B 6 9.35 -8.40 11.41
N GLU B 7 10.12 -7.62 12.17
CA GLU B 7 10.45 -6.25 11.78
C GLU B 7 11.09 -6.23 10.40
N GLN B 8 11.77 -7.32 10.04
CA GLN B 8 12.43 -7.42 8.76
C GLN B 8 11.42 -7.74 7.66
N LYS B 9 10.49 -8.63 7.98
CA LYS B 9 9.45 -9.02 7.03
C LYS B 9 8.57 -7.84 6.67
N ILE B 10 8.31 -6.97 7.65
CA ILE B 10 7.49 -5.79 7.42
C ILE B 10 8.22 -4.77 6.56
N ASP B 11 9.49 -4.54 6.86
CA ASP B 11 10.29 -3.58 6.10
C ASP B 11 10.14 -3.86 4.61
N ASP B 12 10.03 -5.14 4.28
CA ASP B 12 9.86 -5.55 2.90
C ASP B 12 8.52 -5.06 2.38
N ILE B 13 7.47 -5.30 3.17
CA ILE B 13 6.14 -4.87 2.81
C ILE B 13 6.10 -3.36 2.67
N ASP B 14 6.67 -2.65 3.64
CA ASP B 14 6.70 -1.19 3.61
C ASP B 14 7.18 -0.67 2.26
N HIS B 15 8.05 -1.44 1.61
CA HIS B 15 8.56 -1.05 0.30
C HIS B 15 7.51 -1.31 -0.77
N GLU B 16 6.67 -2.30 -0.53
CA GLU B 16 5.62 -2.66 -1.47
C GLU B 16 4.39 -1.78 -1.27
N ILE B 17 4.12 -1.41 -0.03
CA ILE B 17 2.98 -0.57 0.31
C ILE B 17 3.12 0.81 -0.32
N ALA B 18 4.36 1.28 -0.40
CA ALA B 18 4.65 2.60 -0.97
C ALA B 18 4.61 2.57 -2.49
N ASP B 19 5.10 1.47 -3.07
CA ASP B 19 5.13 1.32 -4.52
C ASP B 19 3.75 1.54 -5.12
N LEU B 20 2.73 0.95 -4.49
CA LEU B 20 1.36 1.09 -4.95
C LEU B 20 0.86 2.52 -4.78
N GLN B 21 1.03 3.05 -3.56
CA GLN B 21 0.60 4.41 -3.26
C GLN B 21 1.12 5.40 -4.30
N ALA B 22 2.33 5.18 -4.78
CA ALA B 22 2.94 6.05 -5.77
C ALA B 22 2.24 5.91 -7.12
N LYS B 23 1.76 4.70 -7.41
CA LYS B 23 1.07 4.43 -8.67
C LYS B 23 -0.27 5.16 -8.72
N ARG B 24 -0.92 5.31 -7.57
CA ARG B 24 -2.21 5.98 -7.50
C ARG B 24 -2.05 7.48 -7.73
N THR B 25 -1.08 8.08 -7.07
CA THR B 25 -0.83 9.51 -7.20
C THR B 25 -0.50 9.89 -8.64
N ARG B 26 0.50 9.23 -9.19
CA ARG B 26 0.92 9.49 -10.58
C ARG B 26 -0.28 9.49 -11.51
N LEU B 27 -1.16 8.51 -11.30
CA LEU B 27 -2.36 8.40 -12.12
C LEU B 27 -3.27 9.61 -11.88
N VAL B 28 -3.33 10.06 -10.63
CA VAL B 28 -4.16 11.21 -10.29
C VAL B 28 -3.67 12.45 -11.02
N GLN B 29 -2.36 12.66 -11.00
CA GLN B 29 -1.76 13.80 -11.69
C GLN B 29 -2.23 13.85 -13.13
N GLN B 30 -2.45 12.68 -13.70
CA GLN B 30 -2.93 12.57 -15.08
C GLN B 30 -4.38 13.06 -15.17
N HIS B 31 -5.13 12.88 -14.10
CA HIS B 31 -6.52 13.31 -14.06
C HIS B 31 -6.88 13.95 -12.72
N PRO B 32 -6.39 15.17 -12.47
CA PRO B 32 -6.64 15.89 -11.22
C PRO B 32 -8.09 16.38 -11.12
N ARG B 33 -8.46 16.87 -9.95
CA ARG B 33 -9.81 17.37 -9.70
C ARG B 33 -10.87 16.41 -10.25
N CYS A 1 -12.00 14.93 -15.66
CA CYS A 1 -12.35 14.77 -14.22
C CYS A 1 -11.70 13.51 -13.63
N GLY A 2 -12.05 12.36 -14.20
CA GLY A 2 -11.50 11.11 -13.72
C GLY A 2 -12.32 9.91 -14.16
N GLY A 3 -13.61 9.92 -13.81
CA GLY A 3 -14.48 8.81 -14.19
C GLY A 3 -14.36 8.46 -15.65
N ASP A 4 -13.49 7.49 -15.96
CA ASP A 4 -13.27 7.08 -17.33
C ASP A 4 -12.68 5.67 -17.39
N ASN A 5 -11.37 5.60 -17.19
CA ASN A 5 -10.65 4.33 -17.19
C ASN A 5 -9.52 4.40 -16.19
N ILE A 6 -8.80 5.52 -16.18
CA ILE A 6 -7.71 5.72 -15.25
C ILE A 6 -8.25 5.79 -13.82
N GLU A 7 -9.24 6.65 -13.64
CA GLU A 7 -9.87 6.83 -12.34
C GLU A 7 -10.36 5.50 -11.78
N GLN A 8 -10.78 4.61 -12.66
CA GLN A 8 -11.26 3.29 -12.26
C GLN A 8 -10.08 2.37 -11.97
N LYS A 9 -9.02 2.51 -12.76
CA LYS A 9 -7.83 1.70 -12.59
C LYS A 9 -7.20 1.93 -11.23
N ILE A 10 -7.25 3.17 -10.75
CA ILE A 10 -6.68 3.51 -9.47
C ILE A 10 -7.51 2.93 -8.33
N ASP A 11 -8.83 3.04 -8.45
CA ASP A 11 -9.74 2.51 -7.43
C ASP A 11 -9.36 1.07 -7.11
N ASP A 12 -8.91 0.36 -8.13
CA ASP A 12 -8.50 -1.03 -7.98
C ASP A 12 -7.25 -1.07 -7.11
N ILE A 13 -6.31 -0.19 -7.42
CA ILE A 13 -5.07 -0.11 -6.67
C ILE A 13 -5.36 0.25 -5.22
N ASP A 14 -6.22 1.24 -5.02
CA ASP A 14 -6.59 1.68 -3.67
C ASP A 14 -6.98 0.49 -2.80
N HIS A 15 -7.55 -0.53 -3.42
CA HIS A 15 -7.96 -1.73 -2.71
C HIS A 15 -6.74 -2.58 -2.38
N GLU A 16 -5.72 -2.49 -3.23
CA GLU A 16 -4.50 -3.27 -3.04
C GLU A 16 -3.56 -2.55 -2.08
N ILE A 17 -3.57 -1.23 -2.12
CA ILE A 17 -2.72 -0.41 -1.26
C ILE A 17 -3.10 -0.60 0.21
N ALA A 18 -4.39 -0.80 0.45
CA ALA A 18 -4.90 -0.99 1.79
C ALA A 18 -4.65 -2.42 2.29
N ASP A 19 -4.76 -3.38 1.38
CA ASP A 19 -4.55 -4.78 1.72
C ASP A 19 -3.18 -4.98 2.38
N LEU A 20 -2.16 -4.35 1.80
CA LEU A 20 -0.80 -4.47 2.34
C LEU A 20 -0.69 -3.77 3.69
N GLN A 21 -1.11 -2.51 3.74
CA GLN A 21 -1.06 -1.73 4.98
C GLN A 21 -1.69 -2.50 6.14
N ALA A 22 -2.68 -3.33 5.83
CA ALA A 22 -3.36 -4.12 6.84
C ALA A 22 -2.49 -5.30 7.29
N LYS A 23 -1.68 -5.81 6.37
CA LYS A 23 -0.80 -6.92 6.66
C LYS A 23 0.37 -6.49 7.54
N ARG A 24 0.85 -5.27 7.31
CA ARG A 24 1.97 -4.75 8.08
C ARG A 24 1.57 -4.50 9.54
N THR A 25 0.38 -3.93 9.73
CA THR A 25 -0.12 -3.64 11.08
C THR A 25 -0.33 -4.92 11.87
N ARG A 26 -1.13 -5.83 11.31
CA ARG A 26 -1.42 -7.10 11.97
C ARG A 26 -0.14 -7.76 12.46
N LEU A 27 0.90 -7.71 11.64
CA LEU A 27 2.18 -8.28 11.99
C LEU A 27 2.78 -7.53 13.17
N VAL A 28 2.60 -6.21 13.19
CA VAL A 28 3.11 -5.37 14.27
C VAL A 28 2.45 -5.76 15.58
N GLN A 29 1.13 -5.89 15.55
CA GLN A 29 0.37 -6.29 16.73
C GLN A 29 0.97 -7.54 17.35
N GLN A 30 1.53 -8.39 16.49
CA GLN A 30 2.16 -9.63 16.93
C GLN A 30 3.47 -9.33 17.65
N HIS A 31 4.13 -8.24 17.26
CA HIS A 31 5.39 -7.85 17.88
C HIS A 31 5.45 -6.34 18.10
N PRO A 32 4.64 -5.82 19.03
CA PRO A 32 4.60 -4.39 19.34
C PRO A 32 5.85 -3.92 20.10
N ARG A 33 5.80 -2.71 20.63
CA ARG A 33 6.91 -2.15 21.37
C ARG A 33 8.15 -2.05 20.50
N CYS B 1 16.00 -4.43 11.61
CA CYS B 1 14.94 -5.27 11.05
C CYS B 1 15.03 -6.69 11.59
N GLY B 2 13.87 -7.33 11.77
CA GLY B 2 13.84 -8.69 12.28
C GLY B 2 14.23 -8.76 13.74
N GLY B 3 14.05 -7.67 14.47
CA GLY B 3 14.39 -7.65 15.88
C GLY B 3 13.69 -8.77 16.64
N ASP B 4 12.58 -9.24 16.09
CA ASP B 4 11.81 -10.31 16.71
C ASP B 4 11.47 -11.41 15.71
N ASN B 5 12.15 -11.38 14.56
CA ASN B 5 11.91 -12.36 13.49
C ASN B 5 10.55 -12.10 12.86
N ILE B 6 10.06 -10.89 13.05
CA ILE B 6 8.78 -10.45 12.52
C ILE B 6 8.93 -9.05 11.95
N GLU B 7 9.58 -8.20 12.73
CA GLU B 7 9.84 -6.83 12.33
C GLU B 7 10.48 -6.78 10.95
N GLN B 8 11.15 -7.88 10.58
CA GLN B 8 11.80 -7.98 9.28
C GLN B 8 10.76 -8.28 8.21
N LYS B 9 9.85 -9.20 8.53
CA LYS B 9 8.80 -9.60 7.61
C LYS B 9 7.96 -8.39 7.21
N ILE B 10 7.69 -7.51 8.16
CA ILE B 10 6.89 -6.32 7.90
C ILE B 10 7.66 -5.35 7.00
N ASP B 11 8.94 -5.16 7.29
CA ASP B 11 9.77 -4.26 6.49
C ASP B 11 9.57 -4.55 5.01
N ASP B 12 9.36 -5.82 4.70
CA ASP B 12 9.13 -6.24 3.32
C ASP B 12 7.79 -5.70 2.84
N ILE B 13 6.76 -5.89 3.66
CA ILE B 13 5.43 -5.41 3.34
C ILE B 13 5.45 -3.91 3.17
N ASP B 14 6.07 -3.20 4.12
CA ASP B 14 6.16 -1.75 4.06
C ASP B 14 6.64 -1.27 2.69
N HIS B 15 7.50 -2.08 2.06
CA HIS B 15 8.02 -1.75 0.75
C HIS B 15 6.95 -1.97 -0.32
N GLU B 16 6.04 -2.90 -0.03
CA GLU B 16 4.96 -3.21 -0.96
C GLU B 16 3.78 -2.27 -0.78
N ILE B 17 3.54 -1.89 0.47
CA ILE B 17 2.44 -0.99 0.80
C ILE B 17 2.65 0.38 0.13
N ALA B 18 3.91 0.76 0.00
CA ALA B 18 4.26 2.04 -0.61
C ALA B 18 4.25 1.94 -2.13
N ASP B 19 4.69 0.79 -2.65
CA ASP B 19 4.73 0.57 -4.09
C ASP B 19 3.36 0.82 -4.72
N LEU B 20 2.31 0.32 -4.06
CA LEU B 20 0.95 0.48 -4.55
C LEU B 20 0.50 1.94 -4.42
N GLN B 21 0.67 2.50 -3.23
CA GLN B 21 0.27 3.88 -2.97
C GLN B 21 0.85 4.83 -4.03
N ALA B 22 2.08 4.54 -4.45
CA ALA B 22 2.74 5.37 -5.46
C ALA B 22 2.10 5.16 -6.83
N LYS B 23 1.57 3.95 -7.05
CA LYS B 23 0.93 3.61 -8.32
C LYS B 23 -0.39 4.39 -8.48
N ARG B 24 -1.06 4.63 -7.36
CA ARG B 24 -2.33 5.35 -7.38
C ARG B 24 -2.12 6.83 -7.68
N THR B 25 -1.10 7.41 -7.07
CA THR B 25 -0.80 8.82 -7.25
C THR B 25 -0.40 9.13 -8.69
N ARG B 26 0.63 8.43 -9.17
CA ARG B 26 1.11 8.64 -10.54
C ARG B 26 -0.05 8.60 -11.52
N LEU B 27 -0.96 7.66 -11.31
CA LEU B 27 -2.12 7.53 -12.16
C LEU B 27 -2.98 8.78 -12.05
N VAL B 28 -3.09 9.31 -10.83
CA VAL B 28 -3.87 10.53 -10.61
C VAL B 28 -3.25 11.69 -11.36
N GLN B 29 -1.93 11.81 -11.28
CA GLN B 29 -1.22 12.87 -11.97
C GLN B 29 -1.61 12.90 -13.44
N GLN B 30 -1.98 11.73 -13.96
CA GLN B 30 -2.39 11.61 -15.35
C GLN B 30 -3.82 12.12 -15.53
N HIS B 31 -4.63 11.99 -14.47
CA HIS B 31 -6.02 12.45 -14.52
C HIS B 31 -6.42 13.14 -13.22
N PRO B 32 -5.72 14.22 -12.86
CA PRO B 32 -6.00 14.97 -11.63
C PRO B 32 -7.38 15.64 -11.66
N ARG B 33 -7.46 16.82 -12.25
CA ARG B 33 -8.72 17.56 -12.34
C ARG B 33 -9.40 17.65 -10.98
N CYS A 1 -10.45 9.75 -24.43
CA CYS A 1 -10.53 8.28 -24.19
C CYS A 1 -10.91 7.98 -22.74
N GLY A 2 -12.21 7.81 -22.49
CA GLY A 2 -12.68 7.51 -21.16
C GLY A 2 -12.56 8.71 -20.23
N GLY A 3 -13.59 8.91 -19.40
CA GLY A 3 -13.57 10.02 -18.47
C GLY A 3 -12.99 9.65 -17.12
N ASP A 4 -13.70 8.81 -16.38
CA ASP A 4 -13.25 8.37 -15.06
C ASP A 4 -12.68 6.96 -15.11
N ASN A 5 -12.41 6.48 -16.32
CA ASN A 5 -11.85 5.14 -16.50
C ASN A 5 -10.61 4.97 -15.64
N ILE A 6 -9.92 6.08 -15.42
CA ILE A 6 -8.71 6.09 -14.61
C ILE A 6 -9.08 6.07 -13.13
N GLU A 7 -10.05 6.89 -12.77
CA GLU A 7 -10.52 6.98 -11.39
C GLU A 7 -10.96 5.61 -10.88
N GLN A 8 -11.39 4.76 -11.81
CA GLN A 8 -11.81 3.40 -11.46
C GLN A 8 -10.61 2.52 -11.20
N LYS A 9 -9.60 2.65 -12.05
CA LYS A 9 -8.38 1.87 -11.93
C LYS A 9 -7.69 2.16 -10.60
N ILE A 10 -7.68 3.42 -10.19
CA ILE A 10 -7.07 3.81 -8.93
C ILE A 10 -7.84 3.26 -7.75
N ASP A 11 -9.17 3.30 -7.82
CA ASP A 11 -10.01 2.79 -6.76
C ASP A 11 -9.55 1.39 -6.38
N ASP A 12 -9.11 0.65 -7.39
CA ASP A 12 -8.62 -0.69 -7.18
C ASP A 12 -7.30 -0.62 -6.42
N ILE A 13 -6.49 0.36 -6.77
CA ILE A 13 -5.21 0.58 -6.13
C ILE A 13 -5.42 0.90 -4.64
N ASP A 14 -6.30 1.86 -4.37
CA ASP A 14 -6.58 2.26 -3.00
C ASP A 14 -6.89 1.04 -2.13
N HIS A 15 -7.47 0.02 -2.73
CA HIS A 15 -7.80 -1.20 -2.01
C HIS A 15 -6.54 -2.02 -1.76
N GLU A 16 -5.56 -1.86 -2.64
CA GLU A 16 -4.30 -2.58 -2.52
C GLU A 16 -3.33 -1.84 -1.61
N ILE A 17 -3.36 -0.51 -1.68
CA ILE A 17 -2.49 0.32 -0.86
C ILE A 17 -2.78 0.09 0.63
N ALA A 18 -4.05 -0.17 0.94
CA ALA A 18 -4.47 -0.41 2.31
C ALA A 18 -4.17 -1.84 2.74
N ASP A 19 -4.32 -2.78 1.82
CA ASP A 19 -4.08 -4.18 2.10
C ASP A 19 -2.67 -4.38 2.67
N LEU A 20 -1.69 -3.72 2.05
CA LEU A 20 -0.31 -3.83 2.49
C LEU A 20 -0.11 -3.15 3.84
N GLN A 21 -0.58 -1.91 3.94
CA GLN A 21 -0.45 -1.14 5.19
C GLN A 21 -0.94 -1.95 6.39
N ALA A 22 -2.04 -2.66 6.20
CA ALA A 22 -2.61 -3.49 7.27
C ALA A 22 -1.69 -4.65 7.59
N LYS A 23 -0.97 -5.14 6.57
CA LYS A 23 -0.05 -6.25 6.73
C LYS A 23 1.12 -5.87 7.63
N ARG A 24 1.53 -4.60 7.55
CA ARG A 24 2.65 -4.11 8.34
C ARG A 24 2.25 -3.93 9.80
N THR A 25 1.10 -3.31 10.04
CA THR A 25 0.61 -3.08 11.39
C THR A 25 0.41 -4.39 12.13
N ARG A 26 -0.36 -5.28 11.54
CA ARG A 26 -0.64 -6.58 12.15
C ARG A 26 0.66 -7.26 12.55
N LEU A 27 1.64 -7.23 11.64
CA LEU A 27 2.93 -7.82 11.92
C LEU A 27 3.58 -7.14 13.13
N VAL A 28 3.35 -5.85 13.25
CA VAL A 28 3.90 -5.08 14.37
C VAL A 28 3.26 -5.55 15.67
N GLN A 29 1.95 -5.74 15.64
CA GLN A 29 1.22 -6.21 16.82
C GLN A 29 1.89 -7.46 17.38
N GLN A 30 2.52 -8.23 16.49
CA GLN A 30 3.21 -9.45 16.88
C GLN A 30 4.54 -9.11 17.54
N HIS A 31 5.17 -8.02 17.09
CA HIS A 31 6.45 -7.61 17.65
C HIS A 31 6.47 -6.09 17.92
N PRO A 32 5.56 -5.62 18.79
CA PRO A 32 5.47 -4.19 19.13
C PRO A 32 6.61 -3.74 20.05
N ARG A 33 7.11 -4.68 20.85
CA ARG A 33 8.19 -4.39 21.78
C ARG A 33 9.24 -5.49 21.76
N CYS B 1 11.65 -19.18 17.84
CA CYS B 1 11.99 -18.29 16.73
C CYS B 1 11.19 -16.99 16.81
N GLY B 2 11.90 -15.88 16.97
CA GLY B 2 11.24 -14.59 17.07
C GLY B 2 12.17 -13.44 16.73
N GLY B 3 12.52 -12.65 17.73
CA GLY B 3 13.40 -11.52 17.52
C GLY B 3 12.80 -10.47 16.60
N ASP B 4 13.66 -9.82 15.82
CA ASP B 4 13.19 -8.79 14.89
C ASP B 4 12.91 -9.37 13.51
N ASN B 5 12.84 -10.70 13.43
CA ASN B 5 12.58 -11.36 12.16
C ASN B 5 11.32 -10.79 11.52
N ILE B 6 10.41 -10.35 12.37
CA ILE B 6 9.16 -9.76 11.91
C ILE B 6 9.41 -8.34 11.40
N GLU B 7 10.20 -7.58 12.16
CA GLU B 7 10.54 -6.21 11.80
C GLU B 7 11.14 -6.16 10.40
N GLN B 8 11.85 -7.22 10.03
CA GLN B 8 12.47 -7.30 8.72
C GLN B 8 11.41 -7.61 7.66
N LYS B 9 10.49 -8.48 8.00
CA LYS B 9 9.43 -8.87 7.10
C LYS B 9 8.53 -7.68 6.77
N ILE B 10 8.29 -6.84 7.78
CA ILE B 10 7.45 -5.66 7.59
C ILE B 10 8.16 -4.62 6.75
N ASP B 11 9.44 -4.38 7.04
CA ASP B 11 10.21 -3.41 6.30
C ASP B 11 10.04 -3.65 4.80
N ASP B 12 9.92 -4.91 4.43
CA ASP B 12 9.73 -5.29 3.05
C ASP B 12 8.37 -4.79 2.57
N ILE B 13 7.36 -5.03 3.40
CA ILE B 13 6.01 -4.59 3.10
C ILE B 13 5.98 -3.08 2.97
N ASP B 14 6.63 -2.39 3.91
CA ASP B 14 6.68 -0.92 3.88
C ASP B 14 7.06 -0.41 2.50
N HIS B 15 7.90 -1.17 1.82
CA HIS B 15 8.34 -0.79 0.47
C HIS B 15 7.23 -1.05 -0.54
N GLU B 16 6.38 -2.02 -0.24
CA GLU B 16 5.29 -2.38 -1.12
C GLU B 16 4.07 -1.49 -0.85
N ILE B 17 3.89 -1.11 0.41
CA ILE B 17 2.77 -0.26 0.80
C ILE B 17 2.88 1.11 0.14
N ALA B 18 4.12 1.57 -0.02
CA ALA B 18 4.39 2.86 -0.65
C ALA B 18 4.29 2.78 -2.16
N ASP B 19 4.72 1.65 -2.72
CA ASP B 19 4.68 1.45 -4.16
C ASP B 19 3.28 1.67 -4.71
N LEU B 20 2.28 1.17 -3.98
CA LEU B 20 0.89 1.30 -4.40
C LEU B 20 0.42 2.75 -4.24
N GLN B 21 0.58 3.30 -3.04
CA GLN B 21 0.17 4.66 -2.76
C GLN B 21 0.74 5.63 -3.80
N ALA B 22 1.95 5.35 -4.27
CA ALA B 22 2.60 6.20 -5.26
C ALA B 22 2.00 5.99 -6.65
N LYS B 23 1.46 4.81 -6.89
CA LYS B 23 0.85 4.49 -8.17
C LYS B 23 -0.57 5.05 -8.26
N ARG B 24 -1.26 5.10 -7.13
CA ARG B 24 -2.63 5.61 -7.09
C ARG B 24 -2.65 7.13 -7.31
N THR B 25 -1.63 7.81 -6.80
CA THR B 25 -1.54 9.26 -6.93
C THR B 25 -1.20 9.66 -8.37
N ARG B 26 -0.08 9.13 -8.87
CA ARG B 26 0.36 9.44 -10.23
C ARG B 26 -0.80 9.29 -11.21
N LEU B 27 -1.66 8.31 -10.94
CA LEU B 27 -2.82 8.08 -11.80
C LEU B 27 -3.81 9.23 -11.64
N VAL B 28 -3.97 9.70 -10.41
CA VAL B 28 -4.87 10.81 -10.12
C VAL B 28 -4.40 12.05 -10.86
N GLN B 29 -3.11 12.33 -10.76
CA GLN B 29 -2.53 13.48 -11.44
C GLN B 29 -2.91 13.46 -12.91
N GLN B 30 -3.06 12.25 -13.44
CA GLN B 30 -3.44 12.07 -14.84
C GLN B 30 -4.89 12.50 -15.06
N HIS B 31 -5.71 12.34 -14.02
CA HIS B 31 -7.12 12.72 -14.12
C HIS B 31 -7.57 13.47 -12.85
N PRO B 32 -7.10 14.72 -12.68
CA PRO B 32 -7.45 15.53 -11.52
C PRO B 32 -8.85 16.13 -11.64
N ARG B 33 -9.28 16.38 -12.87
CA ARG B 33 -10.59 16.96 -13.13
C ARG B 33 -11.33 16.17 -14.20
N CYS A 1 -8.00 9.99 -25.12
CA CYS A 1 -8.01 8.51 -24.91
C CYS A 1 -7.71 8.16 -23.46
N GLY A 2 -8.67 7.54 -22.80
CA GLY A 2 -8.49 7.17 -21.41
C GLY A 2 -9.80 7.13 -20.64
N GLY A 3 -10.51 8.25 -20.65
CA GLY A 3 -11.78 8.32 -19.93
C GLY A 3 -11.61 8.26 -18.43
N ASP A 4 -12.60 7.68 -17.74
CA ASP A 4 -12.55 7.56 -16.29
C ASP A 4 -11.92 6.24 -15.87
N ASN A 5 -11.28 5.55 -16.81
CA ASN A 5 -10.64 4.28 -16.50
C ASN A 5 -9.71 4.44 -15.29
N ILE A 6 -9.13 5.64 -15.19
CA ILE A 6 -8.24 5.96 -14.08
C ILE A 6 -9.04 6.03 -12.78
N GLU A 7 -10.18 6.72 -12.84
CA GLU A 7 -11.04 6.88 -11.69
C GLU A 7 -11.42 5.51 -11.12
N GLN A 8 -11.68 4.57 -12.01
CA GLN A 8 -12.03 3.21 -11.62
C GLN A 8 -10.78 2.41 -11.30
N LYS A 9 -9.73 2.64 -12.07
CA LYS A 9 -8.47 1.95 -11.87
C LYS A 9 -7.88 2.28 -10.50
N ILE A 10 -8.15 3.48 -10.01
CA ILE A 10 -7.63 3.89 -8.71
C ILE A 10 -8.42 3.25 -7.57
N ASP A 11 -9.75 3.28 -7.66
CA ASP A 11 -10.58 2.70 -6.62
C ASP A 11 -10.10 1.29 -6.31
N ASP A 12 -9.61 0.61 -7.35
CA ASP A 12 -9.09 -0.75 -7.21
C ASP A 12 -7.79 -0.72 -6.42
N ILE A 13 -6.88 0.15 -6.83
CA ILE A 13 -5.60 0.28 -6.17
C ILE A 13 -5.79 0.66 -4.70
N ASP A 14 -6.61 1.67 -4.46
CA ASP A 14 -6.90 2.12 -3.10
C ASP A 14 -7.22 0.96 -2.18
N HIS A 15 -7.89 -0.05 -2.72
CA HIS A 15 -8.26 -1.23 -1.95
C HIS A 15 -7.03 -2.09 -1.70
N GLU A 16 -6.07 -2.02 -2.61
CA GLU A 16 -4.85 -2.80 -2.49
C GLU A 16 -3.81 -2.07 -1.64
N ILE A 17 -3.79 -0.75 -1.75
CA ILE A 17 -2.86 0.07 -1.00
C ILE A 17 -3.11 -0.08 0.50
N ALA A 18 -4.37 -0.30 0.85
CA ALA A 18 -4.77 -0.46 2.25
C ALA A 18 -4.49 -1.88 2.73
N ASP A 19 -4.75 -2.86 1.89
CA ASP A 19 -4.53 -4.26 2.24
C ASP A 19 -3.10 -4.48 2.73
N LEU A 20 -2.14 -3.85 2.07
CA LEU A 20 -0.75 -3.98 2.44
C LEU A 20 -0.45 -3.25 3.75
N GLN A 21 -0.85 -1.98 3.82
CA GLN A 21 -0.63 -1.18 5.01
C GLN A 21 -1.11 -1.91 6.27
N ALA A 22 -2.20 -2.66 6.12
CA ALA A 22 -2.75 -3.41 7.24
C ALA A 22 -1.84 -4.57 7.62
N LYS A 23 -1.23 -5.18 6.61
CA LYS A 23 -0.34 -6.32 6.82
C LYS A 23 0.92 -5.88 7.57
N ARG A 24 1.38 -4.67 7.30
CA ARG A 24 2.57 -4.13 7.95
C ARG A 24 2.30 -3.82 9.42
N THR A 25 1.12 -3.25 9.69
CA THR A 25 0.75 -2.90 11.05
C THR A 25 0.58 -4.13 11.92
N ARG A 26 -0.29 -5.05 11.49
CA ARG A 26 -0.54 -6.27 12.25
C ARG A 26 0.77 -6.94 12.63
N LEU A 27 1.73 -6.90 11.72
CA LEU A 27 3.04 -7.48 11.99
C LEU A 27 3.73 -6.72 13.09
N VAL A 28 3.56 -5.39 13.06
CA VAL A 28 4.16 -4.53 14.08
C VAL A 28 3.57 -4.86 15.45
N GLN A 29 2.24 -5.03 15.47
CA GLN A 29 1.55 -5.37 16.71
C GLN A 29 2.20 -6.59 17.35
N GLN A 30 2.77 -7.44 16.50
CA GLN A 30 3.44 -8.64 16.97
C GLN A 30 4.79 -8.29 17.59
N HIS A 31 5.43 -7.24 17.07
CA HIS A 31 6.72 -6.80 17.58
C HIS A 31 6.79 -5.28 17.70
N PRO A 32 5.90 -4.68 18.51
CA PRO A 32 5.86 -3.23 18.71
C PRO A 32 6.90 -2.75 19.72
N ARG A 33 7.03 -3.49 20.81
CA ARG A 33 7.99 -3.14 21.85
C ARG A 33 9.30 -3.89 21.65
N CYS B 1 12.10 -18.55 17.89
CA CYS B 1 12.91 -17.68 17.05
C CYS B 1 12.19 -16.37 16.76
N GLY B 2 12.46 -15.36 17.58
CA GLY B 2 11.83 -14.06 17.40
C GLY B 2 12.80 -13.00 16.92
N GLY B 3 13.09 -12.04 17.78
CA GLY B 3 14.01 -10.97 17.42
C GLY B 3 13.38 -9.95 16.50
N ASP B 4 14.01 -9.72 15.35
CA ASP B 4 13.52 -8.77 14.37
C ASP B 4 13.08 -9.45 13.08
N ASN B 5 12.91 -10.77 13.14
CA ASN B 5 12.49 -11.54 11.99
C ASN B 5 11.21 -10.95 11.40
N ILE B 6 10.42 -10.34 12.28
CA ILE B 6 9.18 -9.71 11.87
C ILE B 6 9.45 -8.34 11.28
N GLU B 7 10.31 -7.58 11.96
CA GLU B 7 10.68 -6.24 11.51
C GLU B 7 11.22 -6.28 10.08
N GLN B 8 11.81 -7.41 9.71
CA GLN B 8 12.35 -7.58 8.37
C GLN B 8 11.24 -7.90 7.39
N LYS B 9 10.32 -8.77 7.80
CA LYS B 9 9.20 -9.16 6.97
C LYS B 9 8.34 -7.94 6.62
N ILE B 10 8.21 -7.03 7.58
CA ILE B 10 7.41 -5.83 7.35
C ILE B 10 8.10 -4.90 6.37
N ASP B 11 9.41 -4.73 6.52
CA ASP B 11 10.18 -3.86 5.64
C ASP B 11 9.86 -4.19 4.19
N ASP B 12 9.61 -5.48 3.94
CA ASP B 12 9.25 -5.94 2.61
C ASP B 12 7.89 -5.40 2.23
N ILE B 13 6.94 -5.52 3.15
CA ILE B 13 5.59 -5.03 2.92
C ILE B 13 5.61 -3.52 2.70
N ASP B 14 6.33 -2.80 3.55
CA ASP B 14 6.44 -1.35 3.45
C ASP B 14 6.80 -0.94 2.01
N HIS B 15 7.56 -1.79 1.33
CA HIS B 15 7.96 -1.51 -0.04
C HIS B 15 6.80 -1.77 -0.99
N GLU B 16 5.92 -2.68 -0.60
CA GLU B 16 4.76 -3.02 -1.42
C GLU B 16 3.61 -2.05 -1.16
N ILE B 17 3.51 -1.59 0.08
CA ILE B 17 2.46 -0.65 0.47
C ILE B 17 2.64 0.67 -0.26
N ALA B 18 3.89 1.05 -0.50
CA ALA B 18 4.20 2.29 -1.19
C ALA B 18 4.01 2.16 -2.70
N ASP B 19 4.35 0.99 -3.24
CA ASP B 19 4.21 0.74 -4.66
C ASP B 19 2.79 1.01 -5.13
N LEU B 20 1.82 0.52 -4.38
CA LEU B 20 0.42 0.72 -4.72
C LEU B 20 0.03 2.19 -4.60
N GLN B 21 0.39 2.80 -3.47
CA GLN B 21 0.08 4.20 -3.23
C GLN B 21 0.52 5.08 -4.41
N ALA B 22 1.70 4.78 -4.94
CA ALA B 22 2.24 5.53 -6.06
C ALA B 22 1.31 5.46 -7.27
N LYS B 23 0.81 4.26 -7.55
CA LYS B 23 -0.10 4.05 -8.67
C LYS B 23 -1.36 4.91 -8.52
N ARG B 24 -1.90 4.95 -7.31
CA ARG B 24 -3.10 5.73 -7.04
C ARG B 24 -2.81 7.23 -7.15
N THR B 25 -1.66 7.64 -6.64
CA THR B 25 -1.26 9.05 -6.67
C THR B 25 -1.14 9.55 -8.10
N ARG B 26 -0.34 8.87 -8.91
CA ARG B 26 -0.15 9.26 -10.30
C ARG B 26 -1.49 9.48 -11.00
N LEU B 27 -2.46 8.65 -10.66
CA LEU B 27 -3.81 8.76 -11.23
C LEU B 27 -4.58 9.88 -10.55
N VAL B 28 -4.31 10.10 -9.27
CA VAL B 28 -4.99 11.15 -8.52
C VAL B 28 -4.55 12.52 -9.03
N GLN B 29 -3.24 12.77 -8.99
CA GLN B 29 -2.69 14.03 -9.47
C GLN B 29 -3.19 14.31 -10.88
N GLN B 30 -3.33 13.25 -11.65
CA GLN B 30 -3.82 13.37 -13.03
C GLN B 30 -5.32 13.67 -13.02
N HIS B 31 -5.98 13.26 -11.94
CA HIS B 31 -7.42 13.47 -11.79
C HIS B 31 -7.72 14.54 -10.73
N PRO B 32 -7.27 15.79 -10.95
CA PRO B 32 -7.50 16.88 -10.00
C PRO B 32 -8.97 17.24 -9.88
N ARG B 33 -9.71 17.08 -10.98
CA ARG B 33 -11.13 17.38 -11.00
C ARG B 33 -11.74 17.04 -12.36
N CYS A 1 -10.05 12.46 -22.31
CA CYS A 1 -10.20 12.06 -20.87
C CYS A 1 -10.94 10.74 -20.75
N GLY A 2 -12.16 10.69 -21.27
CA GLY A 2 -12.95 9.48 -21.19
C GLY A 2 -13.92 9.48 -20.02
N GLY A 3 -13.53 10.15 -18.95
CA GLY A 3 -14.39 10.22 -17.77
C GLY A 3 -13.68 9.74 -16.52
N ASP A 4 -14.22 8.70 -15.90
CA ASP A 4 -13.64 8.16 -14.68
C ASP A 4 -12.98 6.80 -14.93
N ASN A 5 -12.76 6.48 -16.20
CA ASN A 5 -12.13 5.21 -16.57
C ASN A 5 -10.82 5.05 -15.81
N ILE A 6 -10.20 6.16 -15.49
CA ILE A 6 -8.95 6.17 -14.75
C ILE A 6 -9.21 5.99 -13.26
N GLU A 7 -10.19 6.72 -12.77
CA GLU A 7 -10.58 6.67 -11.36
C GLU A 7 -10.91 5.23 -10.96
N GLN A 8 -11.29 4.42 -11.94
CA GLN A 8 -11.64 3.03 -11.69
C GLN A 8 -10.38 2.19 -11.52
N LYS A 9 -9.38 2.46 -12.36
CA LYS A 9 -8.12 1.75 -12.31
C LYS A 9 -7.45 1.95 -10.95
N ILE A 10 -7.53 3.18 -10.43
CA ILE A 10 -6.92 3.49 -9.14
C ILE A 10 -7.64 2.78 -8.01
N ASP A 11 -8.97 2.79 -8.06
CA ASP A 11 -9.78 2.13 -7.03
C ASP A 11 -9.26 0.71 -6.80
N ASP A 12 -8.81 0.10 -7.88
CA ASP A 12 -8.26 -1.26 -7.81
C ASP A 12 -6.98 -1.24 -7.01
N ILE A 13 -6.12 -0.27 -7.32
CA ILE A 13 -4.87 -0.12 -6.61
C ILE A 13 -5.12 0.16 -5.14
N ASP A 14 -6.04 1.07 -4.86
CA ASP A 14 -6.39 1.41 -3.49
C ASP A 14 -6.64 0.16 -2.65
N HIS A 15 -7.15 -0.88 -3.30
CA HIS A 15 -7.43 -2.13 -2.62
C HIS A 15 -6.14 -2.90 -2.37
N GLU A 16 -5.16 -2.69 -3.26
CA GLU A 16 -3.88 -3.35 -3.15
C GLU A 16 -2.95 -2.59 -2.19
N ILE A 17 -3.08 -1.27 -2.18
CA ILE A 17 -2.26 -0.43 -1.32
C ILE A 17 -2.57 -0.70 0.15
N ALA A 18 -3.84 -1.01 0.42
CA ALA A 18 -4.26 -1.29 1.79
C ALA A 18 -3.90 -2.71 2.21
N ASP A 19 -3.96 -3.64 1.26
CA ASP A 19 -3.62 -5.04 1.54
C ASP A 19 -2.22 -5.14 2.15
N LEU A 20 -1.27 -4.43 1.54
CA LEU A 20 0.10 -4.44 2.03
C LEU A 20 0.19 -3.80 3.41
N GLN A 21 -0.39 -2.61 3.53
CA GLN A 21 -0.38 -1.88 4.80
C GLN A 21 -0.87 -2.76 5.95
N ALA A 22 -1.92 -3.51 5.69
CA ALA A 22 -2.50 -4.40 6.69
C ALA A 22 -1.46 -5.38 7.22
N LYS A 23 -0.70 -5.97 6.30
CA LYS A 23 0.35 -6.92 6.67
C LYS A 23 1.39 -6.27 7.57
N ARG A 24 1.75 -5.04 7.25
CA ARG A 24 2.75 -4.30 8.03
C ARG A 24 2.18 -3.93 9.39
N THR A 25 0.92 -3.50 9.42
CA THR A 25 0.27 -3.11 10.66
C THR A 25 0.21 -4.27 11.64
N ARG A 26 -0.33 -5.40 11.19
CA ARG A 26 -0.44 -6.58 12.05
C ARG A 26 0.89 -6.90 12.72
N LEU A 27 1.97 -6.75 11.96
CA LEU A 27 3.31 -7.00 12.48
C LEU A 27 3.73 -5.88 13.43
N VAL A 28 3.26 -4.66 13.14
CA VAL A 28 3.59 -3.52 13.98
C VAL A 28 2.92 -3.64 15.34
N GLN A 29 1.61 -3.86 15.32
CA GLN A 29 0.84 -4.03 16.55
C GLN A 29 1.47 -5.11 17.41
N GLN A 30 2.08 -6.08 16.74
CA GLN A 30 2.76 -7.18 17.42
C GLN A 30 4.06 -6.69 18.05
N HIS A 31 4.60 -5.60 17.49
CA HIS A 31 5.85 -5.02 17.99
C HIS A 31 5.60 -3.71 18.75
N PRO A 32 4.82 -3.74 19.83
CA PRO A 32 4.52 -2.54 20.62
C PRO A 32 5.75 -2.03 21.38
N ARG A 33 6.57 -2.96 21.84
CA ARG A 33 7.78 -2.61 22.58
C ARG A 33 8.64 -3.86 22.84
N CYS B 1 12.12 -17.37 19.47
CA CYS B 1 10.70 -17.28 19.14
C CYS B 1 10.49 -16.38 17.93
N GLY B 2 11.47 -16.35 17.03
CA GLY B 2 11.37 -15.52 15.85
C GLY B 2 12.68 -14.86 15.48
N GLY B 3 13.09 -13.89 16.29
CA GLY B 3 14.35 -13.19 16.04
C GLY B 3 14.15 -11.95 15.19
N ASP B 4 13.14 -11.16 15.54
CA ASP B 4 12.84 -9.92 14.80
C ASP B 4 12.41 -10.22 13.37
N ASN B 5 12.10 -11.48 13.08
CA ASN B 5 11.67 -11.88 11.75
C ASN B 5 10.57 -10.95 11.25
N ILE B 6 9.73 -10.51 12.18
CA ILE B 6 8.64 -9.61 11.88
C ILE B 6 9.17 -8.23 11.50
N GLU B 7 10.09 -7.71 12.32
CA GLU B 7 10.68 -6.40 12.08
C GLU B 7 11.27 -6.32 10.68
N GLN B 8 11.85 -7.42 10.23
CA GLN B 8 12.45 -7.49 8.91
C GLN B 8 11.38 -7.75 7.86
N LYS B 9 10.42 -8.61 8.19
CA LYS B 9 9.35 -8.94 7.28
C LYS B 9 8.53 -7.70 6.94
N ILE B 10 8.43 -6.77 7.87
CA ILE B 10 7.67 -5.54 7.64
C ILE B 10 8.43 -4.59 6.75
N ASP B 11 9.72 -4.40 7.02
CA ASP B 11 10.54 -3.50 6.20
C ASP B 11 10.32 -3.80 4.72
N ASP B 12 10.12 -5.08 4.42
CA ASP B 12 9.88 -5.51 3.06
C ASP B 12 8.54 -5.00 2.57
N ILE B 13 7.50 -5.27 3.35
CA ILE B 13 6.16 -4.83 3.01
C ILE B 13 6.12 -3.31 2.86
N ASP B 14 6.69 -2.61 3.83
CA ASP B 14 6.73 -1.15 3.82
C ASP B 14 7.17 -0.63 2.45
N HIS B 15 8.08 -1.36 1.81
CA HIS B 15 8.57 -0.96 0.49
C HIS B 15 7.51 -1.22 -0.57
N GLU B 16 6.68 -2.22 -0.32
CA GLU B 16 5.62 -2.57 -1.26
C GLU B 16 4.37 -1.73 -1.03
N ILE B 17 4.11 -1.40 0.23
CA ILE B 17 2.94 -0.60 0.59
C ILE B 17 3.04 0.80 -0.03
N ALA B 18 4.27 1.27 -0.18
CA ALA B 18 4.52 2.59 -0.76
C ALA B 18 4.46 2.55 -2.27
N ASP B 19 5.00 1.50 -2.86
CA ASP B 19 5.01 1.33 -4.32
C ASP B 19 3.60 1.48 -4.88
N LEU B 20 2.64 0.85 -4.22
CA LEU B 20 1.24 0.90 -4.66
C LEU B 20 0.67 2.31 -4.47
N GLN B 21 0.80 2.84 -3.27
CA GLN B 21 0.28 4.17 -2.96
C GLN B 21 0.75 5.19 -3.98
N ALA B 22 1.95 4.98 -4.52
CA ALA B 22 2.51 5.89 -5.52
C ALA B 22 1.81 5.72 -6.86
N LYS B 23 1.39 4.49 -7.15
CA LYS B 23 0.71 4.20 -8.40
C LYS B 23 -0.67 4.85 -8.44
N ARG B 24 -1.30 4.98 -7.28
CA ARG B 24 -2.62 5.59 -7.18
C ARG B 24 -2.55 7.09 -7.41
N THR B 25 -1.56 7.73 -6.79
CA THR B 25 -1.38 9.17 -6.92
C THR B 25 -1.10 9.58 -8.36
N ARG B 26 -0.07 8.97 -8.95
CA ARG B 26 0.30 9.28 -10.34
C ARG B 26 -0.93 9.21 -11.24
N LEU B 27 -1.76 8.20 -11.02
CA LEU B 27 -2.97 8.04 -11.81
C LEU B 27 -3.91 9.21 -11.55
N VAL B 28 -3.97 9.66 -10.30
CA VAL B 28 -4.83 10.78 -9.93
C VAL B 28 -4.38 12.03 -10.67
N GLN B 29 -3.08 12.23 -10.73
CA GLN B 29 -2.51 13.39 -11.43
C GLN B 29 -3.06 13.45 -12.84
N GLN B 30 -3.30 12.27 -13.42
CA GLN B 30 -3.83 12.18 -14.77
C GLN B 30 -5.30 12.64 -14.79
N HIS B 31 -6.00 12.43 -13.67
CA HIS B 31 -7.39 12.83 -13.57
C HIS B 31 -7.70 13.41 -12.19
N PRO B 32 -7.19 14.63 -11.90
CA PRO B 32 -7.40 15.29 -10.61
C PRO B 32 -8.79 15.91 -10.51
N ARG B 33 -9.34 16.31 -11.65
CA ARG B 33 -10.67 16.92 -11.69
C ARG B 33 -11.77 15.87 -11.59
N CYS A 1 -13.66 14.93 -12.28
CA CYS A 1 -12.73 14.23 -13.22
C CYS A 1 -12.75 12.73 -13.00
N GLY A 2 -12.17 11.98 -13.94
CA GLY A 2 -12.12 10.54 -13.84
C GLY A 2 -13.34 9.88 -14.46
N GLY A 3 -13.84 8.83 -13.81
CA GLY A 3 -15.00 8.13 -14.33
C GLY A 3 -14.85 7.78 -15.80
N ASP A 4 -13.67 7.31 -16.17
CA ASP A 4 -13.40 6.95 -17.56
C ASP A 4 -12.72 5.58 -17.65
N ASN A 5 -11.41 5.57 -17.48
CA ASN A 5 -10.63 4.35 -17.53
C ASN A 5 -9.48 4.44 -16.53
N ILE A 6 -8.81 5.58 -16.53
CA ILE A 6 -7.70 5.82 -15.61
C ILE A 6 -8.21 5.79 -14.17
N GLU A 7 -9.29 6.53 -13.94
CA GLU A 7 -9.90 6.61 -12.62
C GLU A 7 -10.21 5.21 -12.08
N GLN A 8 -10.61 4.32 -12.97
CA GLN A 8 -10.94 2.96 -12.57
C GLN A 8 -9.67 2.16 -12.29
N LYS A 9 -8.62 2.45 -13.05
CA LYS A 9 -7.34 1.76 -12.90
C LYS A 9 -6.80 1.96 -11.49
N ILE A 10 -6.93 3.17 -10.97
CA ILE A 10 -6.44 3.47 -9.63
C ILE A 10 -7.30 2.81 -8.56
N ASP A 11 -8.62 2.84 -8.75
CA ASP A 11 -9.54 2.23 -7.80
C ASP A 11 -9.07 0.81 -7.46
N ASP A 12 -8.50 0.16 -8.46
CA ASP A 12 -7.98 -1.20 -8.28
C ASP A 12 -6.76 -1.16 -7.37
N ILE A 13 -5.83 -0.28 -7.69
CA ILE A 13 -4.62 -0.13 -6.89
C ILE A 13 -4.96 0.24 -5.47
N ASP A 14 -5.84 1.23 -5.29
CA ASP A 14 -6.26 1.68 -3.98
C ASP A 14 -6.66 0.50 -3.10
N HIS A 15 -7.23 -0.53 -3.72
CA HIS A 15 -7.66 -1.72 -2.99
C HIS A 15 -6.44 -2.55 -2.61
N GLU A 16 -5.38 -2.46 -3.41
CA GLU A 16 -4.16 -3.21 -3.16
C GLU A 16 -3.26 -2.45 -2.19
N ILE A 17 -3.27 -1.13 -2.28
CA ILE A 17 -2.45 -0.29 -1.42
C ILE A 17 -2.88 -0.44 0.04
N ALA A 18 -4.16 -0.69 0.24
CA ALA A 18 -4.71 -0.87 1.58
C ALA A 18 -4.46 -2.26 2.11
N ASP A 19 -4.57 -3.26 1.25
CA ASP A 19 -4.35 -4.65 1.64
C ASP A 19 -2.98 -4.82 2.29
N LEU A 20 -1.97 -4.19 1.72
CA LEU A 20 -0.61 -4.28 2.26
C LEU A 20 -0.50 -3.53 3.58
N GLN A 21 -0.89 -2.25 3.57
CA GLN A 21 -0.82 -1.42 4.77
C GLN A 21 -1.51 -2.11 5.95
N ALA A 22 -2.58 -2.85 5.67
CA ALA A 22 -3.31 -3.55 6.70
C ALA A 22 -2.52 -4.74 7.23
N LYS A 23 -1.69 -5.33 6.37
CA LYS A 23 -0.88 -6.48 6.75
C LYS A 23 0.26 -6.07 7.68
N ARG A 24 0.81 -4.88 7.45
CA ARG A 24 1.90 -4.37 8.27
C ARG A 24 1.43 -4.05 9.68
N THR A 25 0.29 -3.37 9.78
CA THR A 25 -0.27 -2.99 11.07
C THR A 25 -0.57 -4.21 11.93
N ARG A 26 -1.37 -5.12 11.38
CA ARG A 26 -1.73 -6.34 12.09
C ARG A 26 -0.49 -7.02 12.66
N LEU A 27 0.56 -7.07 11.86
CA LEU A 27 1.82 -7.67 12.28
C LEU A 27 2.42 -6.87 13.43
N VAL A 28 2.31 -5.55 13.35
CA VAL A 28 2.84 -4.68 14.39
C VAL A 28 2.15 -4.95 15.72
N GLN A 29 0.82 -5.02 15.69
CA GLN A 29 0.03 -5.29 16.88
C GLN A 29 0.58 -6.53 17.59
N GLN A 30 1.07 -7.47 16.80
CA GLN A 30 1.64 -8.70 17.34
C GLN A 30 2.96 -8.42 18.04
N HIS A 31 3.68 -7.41 17.55
CA HIS A 31 4.96 -7.03 18.14
C HIS A 31 5.13 -5.51 18.17
N PRO A 32 4.40 -4.84 19.07
CA PRO A 32 4.47 -3.38 19.20
C PRO A 32 5.82 -2.90 19.71
N ARG A 33 6.50 -3.77 20.46
CA ARG A 33 7.82 -3.45 21.00
C ARG A 33 8.88 -3.44 19.90
N CYS B 1 16.22 -7.35 8.62
CA CYS B 1 16.19 -7.89 9.97
C CYS B 1 14.90 -7.48 10.69
N GLY B 2 14.46 -8.33 11.62
CA GLY B 2 13.25 -8.05 12.36
C GLY B 2 13.52 -7.80 13.83
N GLY B 3 14.36 -8.64 14.42
CA GLY B 3 14.68 -8.51 15.82
C GLY B 3 13.75 -9.33 16.69
N ASP B 4 12.53 -9.55 16.19
CA ASP B 4 11.53 -10.33 16.92
C ASP B 4 10.98 -11.46 16.04
N ASN B 5 11.50 -11.57 14.82
CA ASN B 5 11.03 -12.60 13.88
C ASN B 5 9.64 -12.22 13.38
N ILE B 6 9.43 -10.91 13.29
CA ILE B 6 8.17 -10.35 12.85
C ILE B 6 8.44 -9.02 12.18
N GLU B 7 9.16 -8.17 12.92
CA GLU B 7 9.55 -6.86 12.44
C GLU B 7 10.20 -6.98 11.06
N GLN B 8 10.75 -8.15 10.77
CA GLN B 8 11.39 -8.40 9.48
C GLN B 8 10.34 -8.60 8.39
N LYS B 9 9.35 -9.43 8.69
CA LYS B 9 8.28 -9.72 7.75
C LYS B 9 7.55 -8.45 7.32
N ILE B 10 7.39 -7.52 8.26
CA ILE B 10 6.72 -6.26 7.97
C ILE B 10 7.55 -5.37 7.08
N ASP B 11 8.85 -5.28 7.39
CA ASP B 11 9.75 -4.43 6.60
C ASP B 11 9.58 -4.75 5.11
N ASP B 12 9.31 -6.01 4.82
CA ASP B 12 9.11 -6.45 3.45
C ASP B 12 7.83 -5.85 2.92
N ILE B 13 6.77 -5.95 3.70
CA ILE B 13 5.48 -5.41 3.32
C ILE B 13 5.58 -3.90 3.12
N ASP B 14 6.23 -3.21 4.06
CA ASP B 14 6.41 -1.76 3.97
C ASP B 14 6.91 -1.36 2.60
N HIS B 15 7.74 -2.21 2.00
CA HIS B 15 8.29 -1.92 0.67
C HIS B 15 7.22 -2.13 -0.39
N GLU B 16 6.29 -3.03 -0.11
CA GLU B 16 5.21 -3.32 -1.05
C GLU B 16 4.06 -2.34 -0.89
N ILE B 17 3.83 -1.89 0.34
CA ILE B 17 2.77 -0.94 0.63
C ILE B 17 3.03 0.39 -0.06
N ALA B 18 4.31 0.73 -0.20
CA ALA B 18 4.71 1.98 -0.83
C ALA B 18 4.65 1.88 -2.35
N ASP B 19 5.05 0.72 -2.88
CA ASP B 19 5.05 0.50 -4.32
C ASP B 19 3.67 0.78 -4.92
N LEU B 20 2.63 0.29 -4.24
CA LEU B 20 1.26 0.49 -4.71
C LEU B 20 0.84 1.95 -4.60
N GLN B 21 1.02 2.53 -3.42
CA GLN B 21 0.66 3.93 -3.19
C GLN B 21 1.26 4.83 -4.27
N ALA B 22 2.44 4.46 -4.77
CA ALA B 22 3.11 5.24 -5.79
C ALA B 22 2.41 5.11 -7.14
N LYS B 23 1.86 3.92 -7.39
CA LYS B 23 1.16 3.66 -8.64
C LYS B 23 -0.16 4.43 -8.71
N ARG B 24 -0.81 4.57 -7.56
CA ARG B 24 -2.08 5.29 -7.49
C ARG B 24 -1.88 6.78 -7.72
N THR B 25 -0.86 7.35 -7.09
CA THR B 25 -0.57 8.76 -7.22
C THR B 25 -0.24 9.13 -8.67
N ARG B 26 0.74 8.42 -9.24
CA ARG B 26 1.16 8.67 -10.61
C ARG B 26 -0.05 8.70 -11.55
N LEU B 27 -0.96 7.76 -11.35
CA LEU B 27 -2.17 7.70 -12.16
C LEU B 27 -3.03 8.93 -11.93
N VAL B 28 -3.04 9.41 -10.70
CA VAL B 28 -3.81 10.60 -10.35
C VAL B 28 -3.28 11.81 -11.10
N GLN B 29 -1.96 11.96 -11.11
CA GLN B 29 -1.33 13.07 -11.81
C GLN B 29 -1.81 13.12 -13.25
N GLN B 30 -2.09 11.94 -13.79
CA GLN B 30 -2.59 11.83 -15.16
C GLN B 30 -4.02 12.36 -15.25
N HIS B 31 -4.77 12.22 -14.15
CA HIS B 31 -6.14 12.69 -14.11
C HIS B 31 -6.51 13.20 -12.72
N PRO B 32 -5.93 14.34 -12.30
CA PRO B 32 -6.19 14.93 -10.99
C PRO B 32 -7.62 15.47 -10.88
N ARG B 33 -7.96 15.97 -9.69
CA ARG B 33 -9.29 16.51 -9.45
C ARG B 33 -10.36 15.45 -9.63
N CYS A 1 -11.89 0.78 -17.67
CA CYS A 1 -13.00 1.77 -17.53
C CYS A 1 -12.51 3.04 -16.84
N GLY A 2 -13.43 3.98 -16.64
CA GLY A 2 -13.07 5.22 -15.98
C GLY A 2 -13.50 6.44 -16.77
N GLY A 3 -14.37 7.27 -16.19
CA GLY A 3 -14.81 8.47 -16.88
C GLY A 3 -13.64 9.26 -17.42
N ASP A 4 -12.50 9.13 -16.76
CA ASP A 4 -11.28 9.81 -17.16
C ASP A 4 -10.25 8.82 -17.71
N ASN A 5 -10.47 7.54 -17.40
CA ASN A 5 -9.56 6.47 -17.82
C ASN A 5 -8.30 6.53 -16.96
N ILE A 6 -8.50 6.97 -15.73
CA ILE A 6 -7.42 7.12 -14.76
C ILE A 6 -8.00 6.98 -13.36
N GLU A 7 -8.98 7.84 -13.09
CA GLU A 7 -9.67 7.84 -11.81
C GLU A 7 -10.16 6.43 -11.46
N GLN A 8 -10.40 5.63 -12.50
CA GLN A 8 -10.85 4.26 -12.32
C GLN A 8 -9.68 3.35 -12.00
N LYS A 9 -8.58 3.55 -12.72
CA LYS A 9 -7.38 2.75 -12.51
C LYS A 9 -6.86 2.89 -11.09
N ILE A 10 -7.05 4.09 -10.51
CA ILE A 10 -6.60 4.34 -9.15
C ILE A 10 -7.48 3.64 -8.14
N ASP A 11 -8.80 3.71 -8.34
CA ASP A 11 -9.74 3.06 -7.43
C ASP A 11 -9.31 1.62 -7.18
N ASP A 12 -8.76 1.02 -8.22
CA ASP A 12 -8.28 -0.36 -8.12
C ASP A 12 -7.07 -0.42 -7.20
N ILE A 13 -6.14 0.51 -7.41
CA ILE A 13 -4.94 0.58 -6.59
C ILE A 13 -5.31 0.84 -5.14
N ASP A 14 -6.17 1.81 -4.90
CA ASP A 14 -6.62 2.17 -3.55
C ASP A 14 -7.01 0.92 -2.76
N HIS A 15 -7.59 -0.05 -3.46
CA HIS A 15 -8.00 -1.29 -2.82
C HIS A 15 -6.80 -2.17 -2.51
N GLU A 16 -5.76 -2.02 -3.33
CA GLU A 16 -4.54 -2.80 -3.16
C GLU A 16 -3.61 -2.14 -2.14
N ILE A 17 -3.64 -0.81 -2.11
CA ILE A 17 -2.80 -0.06 -1.19
C ILE A 17 -3.20 -0.34 0.25
N ALA A 18 -4.49 -0.58 0.46
CA ALA A 18 -5.02 -0.87 1.79
C ALA A 18 -4.74 -2.31 2.21
N ASP A 19 -4.87 -3.24 1.26
CA ASP A 19 -4.64 -4.65 1.54
C ASP A 19 -3.26 -4.87 2.16
N LEU A 20 -2.26 -4.20 1.60
CA LEU A 20 -0.89 -4.33 2.10
C LEU A 20 -0.75 -3.71 3.49
N GLN A 21 -1.17 -2.46 3.63
CA GLN A 21 -1.08 -1.75 4.91
C GLN A 21 -1.69 -2.59 6.03
N ALA A 22 -2.70 -3.38 5.70
CA ALA A 22 -3.37 -4.22 6.69
C ALA A 22 -2.49 -5.42 7.08
N LYS A 23 -1.72 -5.91 6.13
CA LYS A 23 -0.83 -7.05 6.38
C LYS A 23 0.34 -6.65 7.26
N ARG A 24 0.80 -5.41 7.12
CA ARG A 24 1.92 -4.92 7.91
C ARG A 24 1.53 -4.70 9.36
N THR A 25 0.35 -4.10 9.57
CA THR A 25 -0.13 -3.82 10.92
C THR A 25 -0.34 -5.11 11.71
N ARG A 26 -1.11 -6.03 11.14
CA ARG A 26 -1.40 -7.31 11.79
C ARG A 26 -0.10 -7.95 12.27
N LEU A 27 0.91 -7.92 11.42
CA LEU A 27 2.21 -8.50 11.77
C LEU A 27 2.82 -7.73 12.94
N VAL A 28 2.62 -6.42 12.96
CA VAL A 28 3.15 -5.59 14.03
C VAL A 28 2.52 -5.99 15.37
N GLN A 29 1.21 -6.19 15.35
CA GLN A 29 0.49 -6.59 16.55
C GLN A 29 1.15 -7.82 17.16
N GLN A 30 1.69 -8.67 16.28
CA GLN A 30 2.37 -9.88 16.72
C GLN A 30 3.68 -9.53 17.41
N HIS A 31 4.30 -8.42 16.99
CA HIS A 31 5.56 -7.97 17.58
C HIS A 31 5.63 -6.45 17.62
N PRO A 32 5.01 -5.83 18.64
CA PRO A 32 5.01 -4.38 18.79
C PRO A 32 6.37 -3.83 19.24
N ARG A 33 7.38 -4.05 18.41
CA ARG A 33 8.73 -3.57 18.71
C ARG A 33 9.57 -3.51 17.44
N CYS B 1 13.07 -4.47 19.87
CA CYS B 1 12.84 -4.43 18.44
C CYS B 1 12.82 -5.82 17.83
N GLY B 2 12.04 -6.00 16.78
CA GLY B 2 11.94 -7.29 16.13
C GLY B 2 13.28 -7.78 15.62
N GLY B 3 13.65 -7.32 14.42
CA GLY B 3 14.92 -7.72 13.83
C GLY B 3 15.16 -9.22 13.95
N ASP B 4 14.11 -10.00 13.74
CA ASP B 4 14.20 -11.45 13.83
C ASP B 4 13.74 -12.11 12.54
N ASN B 5 12.44 -12.31 12.42
CA ASN B 5 11.84 -12.92 11.25
C ASN B 5 10.55 -12.21 10.91
N ILE B 6 9.74 -11.95 11.93
CA ILE B 6 8.48 -11.25 11.76
C ILE B 6 8.75 -9.84 11.26
N GLU B 7 9.65 -9.17 11.96
CA GLU B 7 10.03 -7.80 11.61
C GLU B 7 10.50 -7.71 10.16
N GLN B 8 11.17 -8.77 9.71
CA GLN B 8 11.67 -8.82 8.34
C GLN B 8 10.52 -9.04 7.35
N LYS B 9 9.54 -9.83 7.77
CA LYS B 9 8.38 -10.11 6.94
C LYS B 9 7.62 -8.83 6.62
N ILE B 10 7.48 -7.97 7.61
CA ILE B 10 6.77 -6.71 7.41
C ILE B 10 7.58 -5.76 6.55
N ASP B 11 8.88 -5.67 6.80
CA ASP B 11 9.75 -4.80 6.02
C ASP B 11 9.50 -4.99 4.54
N ASP B 12 9.18 -6.22 4.17
CA ASP B 12 8.89 -6.55 2.78
C ASP B 12 7.59 -5.91 2.37
N ILE B 13 6.55 -6.11 3.19
CA ILE B 13 5.25 -5.54 2.92
C ILE B 13 5.34 -4.02 2.85
N ASP B 14 6.01 -3.42 3.82
CA ASP B 14 6.17 -1.97 3.86
C ASP B 14 6.66 -1.42 2.52
N HIS B 15 7.46 -2.22 1.83
CA HIS B 15 7.98 -1.82 0.53
C HIS B 15 6.89 -1.92 -0.53
N GLU B 16 5.94 -2.83 -0.29
CA GLU B 16 4.84 -3.04 -1.23
C GLU B 16 3.70 -2.05 -0.94
N ILE B 17 3.51 -1.75 0.33
CA ILE B 17 2.45 -0.83 0.75
C ILE B 17 2.70 0.55 0.18
N ALA B 18 3.98 0.90 0.03
CA ALA B 18 4.37 2.20 -0.50
C ALA B 18 4.29 2.21 -2.02
N ASP B 19 4.68 1.10 -2.64
CA ASP B 19 4.66 0.98 -4.10
C ASP B 19 3.28 1.33 -4.65
N LEU B 20 2.23 0.81 -4.00
CA LEU B 20 0.86 1.06 -4.41
C LEU B 20 0.45 2.50 -4.14
N GLN B 21 0.65 2.94 -2.90
CA GLN B 21 0.29 4.30 -2.50
C GLN B 21 0.94 5.33 -3.43
N ALA B 22 2.14 5.02 -3.90
CA ALA B 22 2.85 5.93 -4.79
C ALA B 22 2.24 5.93 -6.18
N LYS B 23 1.66 4.80 -6.58
CA LYS B 23 1.02 4.66 -7.88
C LYS B 23 -0.32 5.38 -7.91
N ARG B 24 -1.03 5.35 -6.80
CA ARG B 24 -2.34 5.99 -6.70
C ARG B 24 -2.21 7.51 -6.75
N THR B 25 -1.23 8.05 -6.02
CA THR B 25 -1.02 9.50 -5.98
C THR B 25 -0.55 10.02 -7.34
N ARG B 26 0.59 9.49 -7.81
CA ARG B 26 1.14 9.91 -9.09
C ARG B 26 0.06 9.93 -10.16
N LEU B 27 -0.89 9.00 -10.05
CA LEU B 27 -2.00 8.93 -11.00
C LEU B 27 -2.93 10.10 -10.79
N VAL B 28 -3.19 10.42 -9.52
CA VAL B 28 -4.07 11.53 -9.17
C VAL B 28 -3.53 12.84 -9.74
N GLN B 29 -2.24 13.08 -9.50
CA GLN B 29 -1.60 14.29 -10.00
C GLN B 29 -1.84 14.43 -11.49
N GLN B 30 -1.90 13.28 -12.18
CA GLN B 30 -2.16 13.27 -13.61
C GLN B 30 -3.58 13.72 -13.90
N HIS B 31 -4.49 13.47 -12.96
CA HIS B 31 -5.87 13.86 -13.12
C HIS B 31 -6.46 14.38 -11.80
N PRO B 32 -6.13 15.63 -11.43
CA PRO B 32 -6.63 16.24 -10.20
C PRO B 32 -8.13 16.49 -10.23
N ARG B 33 -8.67 16.66 -11.43
CA ARG B 33 -10.10 16.90 -11.60
C ARG B 33 -10.82 15.62 -12.04
N CYS A 1 -12.86 4.84 -24.46
CA CYS A 1 -13.82 5.58 -23.61
C CYS A 1 -13.17 6.04 -22.31
N GLY A 2 -13.35 7.32 -21.98
CA GLY A 2 -12.78 7.85 -20.76
C GLY A 2 -13.80 7.99 -19.64
N GLY A 3 -13.99 9.21 -19.16
CA GLY A 3 -14.95 9.44 -18.09
C GLY A 3 -14.54 8.76 -16.79
N ASP A 4 -13.62 9.38 -16.06
CA ASP A 4 -13.15 8.83 -14.79
C ASP A 4 -12.47 7.49 -14.99
N ASN A 5 -12.09 7.19 -16.23
CA ASN A 5 -11.42 5.93 -16.55
C ASN A 5 -10.19 5.75 -15.67
N ILE A 6 -9.59 6.88 -15.29
CA ILE A 6 -8.42 6.88 -14.44
C ILE A 6 -8.81 6.58 -12.99
N GLU A 7 -9.87 7.24 -12.53
CA GLU A 7 -10.37 7.05 -11.18
C GLU A 7 -10.69 5.57 -10.92
N GLN A 8 -10.99 4.85 -11.99
CA GLN A 8 -11.30 3.44 -11.88
C GLN A 8 -10.03 2.62 -11.72
N LYS A 9 -9.02 2.98 -12.52
CA LYS A 9 -7.73 2.30 -12.46
C LYS A 9 -7.10 2.42 -11.08
N ILE A 10 -7.22 3.60 -10.49
CA ILE A 10 -6.65 3.85 -9.17
C ILE A 10 -7.41 3.06 -8.10
N ASP A 11 -8.75 3.05 -8.20
CA ASP A 11 -9.57 2.33 -7.25
C ASP A 11 -9.02 0.92 -7.05
N ASP A 12 -8.51 0.36 -8.14
CA ASP A 12 -7.92 -0.97 -8.10
C ASP A 12 -6.67 -0.95 -7.24
N ILE A 13 -5.80 0.02 -7.51
CA ILE A 13 -4.57 0.17 -6.75
C ILE A 13 -4.88 0.40 -5.28
N ASP A 14 -5.81 1.31 -5.01
CA ASP A 14 -6.21 1.63 -3.64
C ASP A 14 -6.48 0.37 -2.84
N HIS A 15 -6.97 -0.67 -3.52
CA HIS A 15 -7.26 -1.93 -2.88
C HIS A 15 -5.97 -2.70 -2.61
N GLU A 16 -4.98 -2.47 -3.46
CA GLU A 16 -3.70 -3.15 -3.32
C GLU A 16 -2.80 -2.41 -2.33
N ILE A 17 -2.91 -1.09 -2.31
CA ILE A 17 -2.13 -0.26 -1.42
C ILE A 17 -2.49 -0.53 0.03
N ALA A 18 -3.75 -0.85 0.26
CA ALA A 18 -4.24 -1.13 1.62
C ALA A 18 -3.87 -2.54 2.05
N ASP A 19 -3.91 -3.49 1.11
CA ASP A 19 -3.57 -4.88 1.41
C ASP A 19 -2.19 -4.97 2.05
N LEU A 20 -1.22 -4.27 1.46
CA LEU A 20 0.14 -4.28 1.96
C LEU A 20 0.22 -3.62 3.34
N GLN A 21 -0.36 -2.43 3.46
CA GLN A 21 -0.35 -1.70 4.71
C GLN A 21 -0.90 -2.55 5.85
N ALA A 22 -1.97 -3.28 5.58
CA ALA A 22 -2.59 -4.15 6.58
C ALA A 22 -1.60 -5.17 7.11
N LYS A 23 -0.78 -5.71 6.23
CA LYS A 23 0.21 -6.72 6.60
C LYS A 23 1.26 -6.12 7.54
N ARG A 24 1.62 -4.87 7.30
CA ARG A 24 2.61 -4.19 8.12
C ARG A 24 2.05 -3.85 9.49
N THR A 25 0.83 -3.30 9.50
CA THR A 25 0.18 -2.91 10.74
C THR A 25 0.05 -4.09 11.69
N ARG A 26 -0.46 -5.20 11.19
CA ARG A 26 -0.63 -6.40 12.00
C ARG A 26 0.69 -6.79 12.66
N LEU A 27 1.78 -6.70 11.89
CA LEU A 27 3.11 -7.03 12.40
C LEU A 27 3.60 -5.93 13.34
N VAL A 28 3.18 -4.70 13.08
CA VAL A 28 3.57 -3.57 13.91
C VAL A 28 2.94 -3.67 15.29
N GLN A 29 1.63 -3.89 15.31
CA GLN A 29 0.89 -4.03 16.57
C GLN A 29 1.56 -5.10 17.43
N GLN A 30 2.06 -6.13 16.76
CA GLN A 30 2.74 -7.22 17.43
C GLN A 30 4.08 -6.75 17.98
N HIS A 31 4.62 -5.70 17.35
CA HIS A 31 5.90 -5.12 17.76
C HIS A 31 5.72 -3.79 18.48
N PRO A 32 5.04 -3.77 19.65
CA PRO A 32 4.81 -2.55 20.42
C PRO A 32 6.12 -1.95 20.93
N ARG A 33 7.11 -2.80 21.14
CA ARG A 33 8.41 -2.34 21.63
C ARG A 33 9.54 -3.16 21.01
N CYS B 1 10.62 -17.33 20.24
CA CYS B 1 9.37 -16.67 19.86
C CYS B 1 9.56 -15.84 18.60
N GLY B 2 10.46 -16.28 17.73
CA GLY B 2 10.71 -15.56 16.50
C GLY B 2 11.98 -14.73 16.56
N GLY B 3 12.74 -14.72 15.47
CA GLY B 3 13.97 -13.95 15.43
C GLY B 3 13.83 -12.69 14.63
N ASP B 4 12.88 -11.82 15.02
CA ASP B 4 12.66 -10.57 14.33
C ASP B 4 12.13 -10.79 12.92
N ASN B 5 11.72 -12.01 12.62
CA ASN B 5 11.20 -12.35 11.30
C ASN B 5 10.13 -11.34 10.88
N ILE B 6 9.45 -10.80 11.87
CA ILE B 6 8.41 -9.80 11.64
C ILE B 6 9.03 -8.45 11.32
N GLU B 7 9.96 -8.01 12.15
CA GLU B 7 10.64 -6.74 11.97
C GLU B 7 11.23 -6.61 10.58
N GLN B 8 11.78 -7.72 10.09
CA GLN B 8 12.39 -7.75 8.76
C GLN B 8 11.32 -7.93 7.70
N LYS B 9 10.34 -8.77 8.00
CA LYS B 9 9.25 -9.03 7.05
C LYS B 9 8.48 -7.75 6.76
N ILE B 10 8.30 -6.92 7.78
CA ILE B 10 7.58 -5.67 7.61
C ILE B 10 8.36 -4.69 6.75
N ASP B 11 9.65 -4.53 7.03
CA ASP B 11 10.48 -3.61 6.25
C ASP B 11 10.31 -3.87 4.77
N ASP B 12 10.09 -5.13 4.43
CA ASP B 12 9.89 -5.53 3.05
C ASP B 12 8.55 -5.00 2.55
N ILE B 13 7.51 -5.25 3.32
CA ILE B 13 6.18 -4.78 2.97
C ILE B 13 6.17 -3.26 2.82
N ASP B 14 6.76 -2.58 3.81
CA ASP B 14 6.82 -1.12 3.80
C ASP B 14 7.28 -0.59 2.44
N HIS B 15 8.18 -1.33 1.81
CA HIS B 15 8.70 -0.94 0.50
C HIS B 15 7.64 -1.17 -0.57
N GLU B 16 6.78 -2.15 -0.33
CA GLU B 16 5.72 -2.48 -1.28
C GLU B 16 4.49 -1.63 -1.06
N ILE B 17 4.22 -1.29 0.20
CA ILE B 17 3.07 -0.47 0.56
C ILE B 17 3.20 0.92 -0.05
N ALA B 18 4.44 1.38 -0.19
CA ALA B 18 4.71 2.69 -0.75
C ALA B 18 4.66 2.66 -2.27
N ASP B 19 5.20 1.60 -2.87
CA ASP B 19 5.21 1.46 -4.32
C ASP B 19 3.81 1.62 -4.90
N LEU B 20 2.84 0.99 -4.25
CA LEU B 20 1.45 1.06 -4.69
C LEU B 20 0.88 2.46 -4.51
N GLN B 21 1.00 2.98 -3.29
CA GLN B 21 0.50 4.32 -2.97
C GLN B 21 1.00 5.35 -3.98
N ALA B 22 2.20 5.14 -4.49
CA ALA B 22 2.79 6.06 -5.47
C ALA B 22 2.07 5.98 -6.80
N LYS B 23 1.68 4.76 -7.19
CA LYS B 23 0.99 4.54 -8.44
C LYS B 23 -0.40 5.18 -8.44
N ARG B 24 -1.02 5.22 -7.26
CA ARG B 24 -2.35 5.79 -7.12
C ARG B 24 -2.30 7.32 -7.20
N THR B 25 -1.33 7.91 -6.53
CA THR B 25 -1.18 9.37 -6.52
C THR B 25 -0.91 9.89 -7.92
N ARG B 26 0.12 9.35 -8.57
CA ARG B 26 0.49 9.77 -9.92
C ARG B 26 -0.74 9.79 -10.82
N LEU B 27 -1.55 8.75 -10.73
CA LEU B 27 -2.77 8.65 -11.52
C LEU B 27 -3.73 9.77 -11.15
N VAL B 28 -3.78 10.10 -9.86
CA VAL B 28 -4.66 11.16 -9.39
C VAL B 28 -4.27 12.49 -10.02
N GLN B 29 -2.96 12.76 -10.02
CA GLN B 29 -2.45 13.99 -10.60
C GLN B 29 -2.98 14.15 -12.03
N GLN B 30 -3.17 13.01 -12.68
CA GLN B 30 -3.70 13.00 -14.05
C GLN B 30 -5.16 13.43 -14.05
N HIS B 31 -5.87 13.12 -12.99
CA HIS B 31 -7.28 13.50 -12.87
C HIS B 31 -7.61 13.97 -11.46
N PRO B 32 -7.20 15.21 -11.11
CA PRO B 32 -7.46 15.79 -9.80
C PRO B 32 -8.89 16.31 -9.65
N ARG B 33 -9.86 15.44 -9.89
CA ARG B 33 -11.27 15.82 -9.79
C ARG B 33 -12.06 14.75 -9.06
#